data_7D3F
#
_entry.id   7D3F
#
loop_
_entity.id
_entity.type
_entity.pdbx_description
1 polymer 'Dual oxidase 1'
2 polymer 'Isoform 2 of Dual oxidase maturation factor 1'
3 branched alpha-D-mannopyranose-(1-2)-alpha-D-mannopyranose-(1-2)-alpha-D-mannopyranose-(1-3)-[alpha-D-mannopyranose-(1-2)-alpha-D-mannopyranose-(1-6)-[alpha-D-mannopyranose-(1-3)]alpha-D-mannopyranose-(1-6)]beta-D-mannopyranose-(1-4)-2-acetamido-2-deoxy-beta-D-glucopyranose-(1-4)-2-acetamido-2-deoxy-beta-D-glucopyranose
4 non-polymer 'PROTOPORPHYRIN IX CONTAINING FE'
5 non-polymer 'NADPH DIHYDRO-NICOTINAMIDE-ADENINE-DINUCLEOTIDE PHOSPHATE'
6 non-polymer 'FLAVIN-ADENINE DINUCLEOTIDE'
7 non-polymer 'CALCIUM ION'
8 non-polymer 2-acetamido-2-deoxy-beta-D-glucopyranose
9 non-polymer 'SODIUM ION'
10 water water
#
loop_
_entity_poly.entity_id
_entity_poly.type
_entity_poly.pdbx_seq_one_letter_code
_entity_poly.pdbx_strand_id
1 'polypeptide(L)'
;MGFCLALAWTLLVGAWTPLGAQNPISWEVQRFDGWYNNLMEHRWGSKGSRLQRLVPASYADGVYQPLGEPHLPNPRDLSN
TISRGPAGLASLRNRTVLGVFFGYHVLSDLVSVETPGCPAEFLNIRIPPGDPMFDPDQRGDVVLPFQRSRWDPETGRSPS
NPRDPANQVTGWLDGSAIYGSSHSWSDALRSFSRGQLASGPDPAFPRDSQNPLLMWAAPDPATGQNGPRGLYAFGAERGN
REPFLQALGLLWFRYHNLWAQRLARQHPDWEDEELFQHARKRVIATYQNIAVYEWLPSFLQKTLPEYTGYRPFLDPSISS
EFVAASEQFLSTMVPPGVYMRNASCHFQGVINRNSSVSRALRVCNSYWSREHPSLQSAEDVDALLLGMASQIAEREDHVL
VEDVRDFWPGPLKFSRTDHLASCLQRGRDLGLPSYTKARAALGLSPITRWQDINPALSRSNDTVLEATAALYNQDLSWLE
LLPGGLLESHRDPGPLFSTIVLEQFVRLRDGDRYWFENTRNGLFSKKEIEEIRNTTLQDVLVAVINIDPSALQPNVFVWH
KGDPCPQPRQLSTEGLPACAPSVVRDYFEGSGFGFGVTIGTLCCFPLVSLLSAWIVARLRMRNFKRLQGQDRQSIVSEKL
VGGMEALEWQGHKEPCRPVLVYLQPGQIRVVDGRLTVLRTIQLQPPQKVNFVLSSNRGRRTLLLKIPKEYDLVLLFNLEE
ERQALVENLRGALKESGLSIQEWELREQELMRAAVTREQRRHLLETFFRHLFSQVLDINQADAGTLPLDSSQKVREALTC
ELSRAEFAESLGLKPQDMFVESMFSLADKDGNGYLSFREFLDILVVFMKGSPEEKSRLMFRMYDFDGNGLISKDEFIRML
RSFIEISNNCLSKAQLAEVVESMFRESGFQDKEELTWEDFHFMLRDHNSELRFTQLCVKGVEVPEVIKDLCRRASYISQD
MICPSPRVSARCSRSDIETELTPQRLQCPMDTDPPQEIRRRFGKKVTSFQPLLFTEAHREKFQRSCLHQTVQQFKRFIEN
YRRHIGCVAVFYAIAGGLFLERAYYYAFAAHHTGITDTTRVGIILSRGTAASISFMFSYILLTMCRNLITFLRETFLNRY
VPFDAAVDFHRLIASTAIVLTVLHSVGHVVNVYLFSISPLSVLSCLFPGLFHDDGSEFPQKYYWWFFQTVPGLTGVVLLL
ILAIMYVFASHHFRRRSFRGFWLTHHLYILLYVLLIIHGSFALIQLPRFHIFFLVPAIIYGGDKLVSLSRKKVEISVVKA
ELLPSGVTHLRFQRPQGFEYKSGQWVRIACLALGTTEYHPFTLTSAPHEDTLSLHIRAAGPWTTRLREIYSAPTGDRCAR
YPKLYLDGPFGEGHQEWHKFEVSVLVGGGIGVTPFASILKDLVFKSSVSCQVFCKKIYFIWVTRTQRQFEWLADIIREVE
ENDHQDLVSVHIYITQLAEKFDLRTTMLYICERHFQKVLNRSLFTGLRSITHFGRPPFEPFFNSLQEVHPQVRKIGVFSC
GPPGMTKNVEKACQLINRQDRTHFSHHYENF
;
A,C
2 'polypeptide(L)'
;MATLGHTFPFYAGPKPTFPMDTTLASIIMIFLTALATFIVILPGIRGKTRLFWLLRVVTSLFIGAAILAVNFSSEWSVGQ
VSTNTSYKAFSSEWISADIGLQVGLGGVNITLTGTPVQQLNETINYNEEFTWRLGENYAEEYAKALEKGLPDPVLYLAEK
FTPRSPCGLYRQYRLAGHYTSAMLWVAFLCWLLANVMLSMPVLVYGGYMLLATGIFQLLALLFFSMATSLTSPCPLHLGA
SVLHTHHGPAFWITLTTGLLCVLLGLAMAVAHRMQPHRLKAFFNQSVDEDPMLEWSPEEGGLLSPRYRSMADSPKSQDIP
LSEASSTKAYYRPRRLSLVPADVRGLAPAALSALPGALLAQAWRALLPGLRCPKAGKESRLGPPHSPWRFGPEGCEERWA
EHTGDSPRPLRGRGTGRLWRWGSKERRACGVRAMLPRLVSNSGLKRPSCLDLPKCWDYRRDARAFFHLLEPTPCVTSRHT
PLI
;
B,D
#
loop_
_chem_comp.id
_chem_comp.type
_chem_comp.name
_chem_comp.formula
BMA D-saccharide, beta linking beta-D-mannopyranose 'C6 H12 O6'
CA non-polymer 'CALCIUM ION' 'Ca 2'
FAD non-polymer 'FLAVIN-ADENINE DINUCLEOTIDE' 'C27 H33 N9 O15 P2'
HEM non-polymer 'PROTOPORPHYRIN IX CONTAINING FE' 'C34 H32 Fe N4 O4'
MAN D-saccharide, alpha linking alpha-D-mannopyranose 'C6 H12 O6'
NA non-polymer 'SODIUM ION' 'Na 1'
NAG D-saccharide, beta linking 2-acetamido-2-deoxy-beta-D-glucopyranose 'C8 H15 N O6'
NDP non-polymer 'NADPH DIHYDRO-NICOTINAMIDE-ADENINE-DINUCLEOTIDE PHOSPHATE' 'C21 H30 N7 O17 P3'
#
# COMPACT_ATOMS: atom_id res chain seq x y z
N GLN A 22 55.69 -10.11 14.68
CA GLN A 22 54.97 -8.86 14.52
C GLN A 22 54.38 -8.76 13.11
N ASN A 23 53.37 -7.89 12.95
CA ASN A 23 52.73 -7.72 11.65
C ASN A 23 53.66 -6.96 10.72
N PRO A 24 54.01 -7.52 9.55
CA PRO A 24 54.86 -6.78 8.61
C PRO A 24 54.22 -5.48 8.14
N ILE A 25 52.90 -5.42 8.04
CA ILE A 25 52.19 -4.21 7.62
C ILE A 25 51.96 -3.39 8.88
N SER A 26 52.88 -2.49 9.17
CA SER A 26 52.82 -1.65 10.37
C SER A 26 52.12 -0.32 10.14
N TRP A 27 51.72 -0.03 8.91
CA TRP A 27 51.08 1.23 8.57
C TRP A 27 49.64 0.99 8.12
N GLU A 28 48.88 2.08 8.04
CA GLU A 28 47.51 2.03 7.54
C GLU A 28 47.56 1.96 6.03
N VAL A 29 47.12 0.82 5.47
CA VAL A 29 47.18 0.62 4.02
C VAL A 29 46.30 1.65 3.32
N GLN A 30 46.85 2.31 2.32
CA GLN A 30 46.09 3.30 1.57
C GLN A 30 44.99 2.62 0.77
N ARG A 31 43.80 3.22 0.79
CA ARG A 31 42.67 2.66 0.07
C ARG A 31 42.81 2.91 -1.44
N PHE A 32 42.31 1.96 -2.22
CA PHE A 32 42.40 2.09 -3.67
C PHE A 32 41.42 3.11 -4.22
N ASP A 33 40.30 3.32 -3.53
CA ASP A 33 39.26 4.21 -4.01
C ASP A 33 39.46 5.66 -3.59
N GLY A 34 40.51 5.96 -2.83
CA GLY A 34 40.78 7.32 -2.39
C GLY A 34 39.93 7.79 -1.23
N TRP A 35 39.09 6.94 -0.66
CA TRP A 35 38.25 7.33 0.46
C TRP A 35 39.07 7.40 1.74
N TYR A 36 38.60 8.23 2.67
CA TYR A 36 39.18 8.38 4.01
C TYR A 36 40.64 8.83 3.97
N ASN A 37 41.07 9.48 2.89
CA ASN A 37 42.41 10.04 2.85
C ASN A 37 42.50 11.28 3.73
N ASN A 38 41.48 12.15 3.66
CA ASN A 38 41.40 13.31 4.53
C ASN A 38 40.58 12.98 5.76
N LEU A 39 40.98 13.57 6.90
CA LEU A 39 40.36 13.20 8.17
C LEU A 39 38.87 13.55 8.21
N MET A 40 38.51 14.74 7.72
CA MET A 40 37.14 15.22 7.81
C MET A 40 36.40 15.25 6.48
N GLU A 41 37.11 15.24 5.36
CA GLU A 41 36.51 15.22 4.03
C GLU A 41 36.85 13.87 3.40
N HIS A 42 35.99 12.88 3.66
CA HIS A 42 36.26 11.52 3.22
C HIS A 42 36.12 11.35 1.72
N ARG A 43 35.38 12.23 1.04
CA ARG A 43 35.17 12.13 -0.39
C ARG A 43 36.21 12.89 -1.21
N TRP A 44 37.15 13.57 -0.57
CA TRP A 44 38.19 14.28 -1.30
C TRP A 44 39.11 13.30 -2.02
N GLY A 45 39.32 13.53 -3.32
CA GLY A 45 40.18 12.67 -4.10
C GLY A 45 39.65 11.28 -4.35
N SER A 46 38.41 11.00 -3.97
CA SER A 46 37.86 9.67 -4.14
C SER A 46 37.28 9.49 -5.54
N LYS A 47 37.10 8.23 -5.93
CA LYS A 47 36.51 7.93 -7.22
C LYS A 47 35.06 8.38 -7.26
N GLY A 48 34.69 9.11 -8.32
CA GLY A 48 33.35 9.62 -8.47
C GLY A 48 33.10 10.98 -7.87
N SER A 49 34.07 11.55 -7.15
CA SER A 49 33.89 12.87 -6.55
C SER A 49 33.93 13.95 -7.62
N ARG A 50 33.29 15.07 -7.32
CA ARG A 50 33.22 16.17 -8.27
C ARG A 50 34.57 16.88 -8.38
N LEU A 51 34.76 17.56 -9.50
CA LEU A 51 35.97 18.33 -9.75
C LEU A 51 35.83 19.75 -9.19
N GLN A 52 36.96 20.33 -8.84
CA GLN A 52 36.99 21.70 -8.34
C GLN A 52 36.85 22.68 -9.50
N ARG A 53 36.60 23.95 -9.15
CA ARG A 53 36.48 25.01 -10.14
C ARG A 53 37.22 26.23 -9.64
N LEU A 54 38.13 26.76 -10.47
CA LEU A 54 38.79 28.02 -10.16
C LEU A 54 37.85 29.20 -10.38
N VAL A 55 36.94 29.10 -11.33
CA VAL A 55 35.98 30.15 -11.66
C VAL A 55 34.59 29.51 -11.63
N PRO A 56 33.53 30.24 -11.28
CA PRO A 56 32.18 29.67 -11.35
C PRO A 56 31.86 29.19 -12.76
N ALA A 57 31.06 28.12 -12.83
CA ALA A 57 30.78 27.46 -14.09
C ALA A 57 30.15 28.43 -15.08
N SER A 58 30.61 28.34 -16.33
CA SER A 58 30.14 29.20 -17.41
C SER A 58 29.26 28.37 -18.33
N TYR A 59 27.95 28.56 -18.21
CA TYR A 59 26.97 27.85 -19.04
C TYR A 59 26.03 28.84 -19.68
N ALA A 60 25.45 28.42 -20.81
CA ALA A 60 24.53 29.30 -21.54
C ALA A 60 23.30 29.64 -20.70
N ASP A 61 22.73 28.64 -20.03
CA ASP A 61 21.60 28.83 -19.13
C ASP A 61 22.02 29.08 -17.70
N GLY A 62 23.32 29.01 -17.40
CA GLY A 62 23.82 29.20 -16.07
C GLY A 62 23.78 27.99 -15.18
N VAL A 63 23.27 26.85 -15.67
CA VAL A 63 23.19 25.65 -14.85
C VAL A 63 23.96 24.51 -15.50
N TYR A 64 23.56 24.09 -16.70
CA TYR A 64 24.20 22.95 -17.33
C TYR A 64 24.33 23.06 -18.85
N GLN A 65 23.61 23.95 -19.50
CA GLN A 65 23.64 24.02 -20.96
C GLN A 65 24.93 24.68 -21.43
N PRO A 66 25.75 24.01 -22.22
CA PRO A 66 27.05 24.57 -22.61
C PRO A 66 26.90 25.78 -23.51
N LEU A 67 27.89 26.66 -23.43
CA LEU A 67 28.00 27.77 -24.36
C LEU A 67 28.48 27.26 -25.72
N GLY A 68 27.80 27.64 -26.78
CA GLY A 68 28.19 27.23 -28.12
C GLY A 68 27.88 28.23 -29.22
N GLU A 69 27.68 27.74 -30.44
CA GLU A 69 27.37 28.62 -31.54
C GLU A 69 26.00 29.28 -31.33
N PRO A 70 25.81 30.52 -31.82
CA PRO A 70 26.82 31.34 -32.51
C PRO A 70 27.66 32.19 -31.57
N HIS A 71 27.39 32.11 -30.27
CA HIS A 71 28.14 32.91 -29.31
C HIS A 71 29.62 32.55 -29.29
N LEU A 72 29.94 31.27 -29.51
CA LEU A 72 31.30 30.81 -29.62
C LEU A 72 31.56 30.26 -31.02
N PRO A 73 32.79 30.34 -31.51
CA PRO A 73 33.09 29.81 -32.85
C PRO A 73 32.95 28.29 -32.89
N ASN A 74 32.75 27.78 -34.09
CA ASN A 74 32.58 26.35 -34.29
C ASN A 74 33.86 25.63 -33.83
N PRO A 75 33.73 24.54 -33.07
CA PRO A 75 34.94 23.84 -32.59
C PRO A 75 35.86 23.38 -33.71
N ARG A 76 35.30 22.88 -34.81
CA ARG A 76 36.14 22.42 -35.90
C ARG A 76 36.82 23.58 -36.61
N ASP A 77 36.10 24.69 -36.82
CA ASP A 77 36.72 25.87 -37.40
C ASP A 77 37.84 26.41 -36.52
N LEU A 78 37.60 26.47 -35.21
CA LEU A 78 38.62 26.94 -34.29
C LEU A 78 39.85 26.02 -34.30
N SER A 79 39.62 24.70 -34.31
CA SER A 79 40.72 23.76 -34.34
C SER A 79 41.52 23.89 -35.63
N ASN A 80 40.84 24.03 -36.77
CA ASN A 80 41.54 24.20 -38.04
C ASN A 80 42.31 25.52 -38.07
N THR A 81 41.74 26.57 -37.49
CA THR A 81 42.40 27.87 -37.50
C THR A 81 43.65 27.87 -36.62
N ILE A 82 43.59 27.21 -35.46
CA ILE A 82 44.68 27.30 -34.49
C ILE A 82 45.73 26.22 -34.70
N SER A 83 45.31 24.96 -34.83
CA SER A 83 46.22 23.83 -34.74
C SER A 83 46.77 23.37 -36.09
N ARG A 84 46.36 23.98 -37.20
CA ARG A 84 46.89 23.58 -38.50
C ARG A 84 48.29 24.12 -38.68
N GLY A 85 49.22 23.24 -39.02
CA GLY A 85 50.61 23.62 -39.23
C GLY A 85 51.46 22.43 -39.63
N PRO A 86 52.73 22.69 -39.92
CA PRO A 86 53.62 21.60 -40.35
C PRO A 86 54.10 20.77 -39.17
N ALA A 87 54.15 19.47 -39.38
CA ALA A 87 54.69 18.56 -38.38
C ALA A 87 56.21 18.50 -38.49
N GLY A 88 56.84 18.01 -37.42
CA GLY A 88 58.28 17.89 -37.37
C GLY A 88 59.01 19.01 -36.66
N LEU A 89 58.30 19.89 -35.97
CA LEU A 89 58.93 20.97 -35.21
C LEU A 89 59.39 20.43 -33.86
N ALA A 90 60.71 20.43 -33.65
CA ALA A 90 61.26 19.87 -32.43
C ALA A 90 60.96 20.76 -31.23
N SER A 91 60.93 20.14 -30.05
CA SER A 91 60.71 20.89 -28.82
C SER A 91 61.88 21.85 -28.57
N LEU A 92 61.56 23.09 -28.19
CA LEU A 92 62.60 24.07 -27.93
C LEU A 92 63.39 23.75 -26.67
N ARG A 93 62.83 22.95 -25.76
CA ARG A 93 63.53 22.49 -24.58
C ARG A 93 64.08 21.08 -24.73
N ASN A 94 63.97 20.49 -25.94
CA ASN A 94 64.43 19.14 -26.21
C ASN A 94 63.78 18.11 -25.28
N ARG A 95 62.50 18.32 -24.97
CA ARG A 95 61.75 17.36 -24.19
C ARG A 95 61.48 16.11 -25.02
N THR A 96 61.48 14.96 -24.35
CA THR A 96 61.38 13.67 -25.03
C THR A 96 59.93 13.19 -25.09
N VAL A 97 59.68 12.30 -26.05
CA VAL A 97 58.36 11.70 -26.21
C VAL A 97 58.01 10.84 -25.00
N LEU A 98 59.01 10.17 -24.43
CA LEU A 98 58.80 9.42 -23.21
C LEU A 98 58.21 10.29 -22.11
N GLY A 99 58.69 11.54 -22.01
CA GLY A 99 58.10 12.46 -21.05
C GLY A 99 56.65 12.77 -21.35
N VAL A 100 56.31 12.96 -22.63
CA VAL A 100 54.94 13.27 -23.00
C VAL A 100 54.01 12.13 -22.60
N PHE A 101 54.40 10.89 -22.89
CA PHE A 101 53.51 9.78 -22.56
C PHE A 101 53.54 9.42 -21.08
N PHE A 102 54.65 9.72 -20.39
CA PHE A 102 54.63 9.60 -18.93
C PHE A 102 53.66 10.62 -18.32
N GLY A 103 53.63 11.83 -18.87
CA GLY A 103 52.64 12.79 -18.43
C GLY A 103 51.22 12.36 -18.73
N TYR A 104 51.03 11.71 -19.88
CA TYR A 104 49.72 11.14 -20.20
C TYR A 104 49.32 10.07 -19.18
N HIS A 105 50.27 9.23 -18.78
CA HIS A 105 50.01 8.23 -17.74
C HIS A 105 49.66 8.90 -16.42
N VAL A 106 50.39 9.97 -16.06
CA VAL A 106 50.09 10.70 -14.84
C VAL A 106 48.68 11.29 -14.89
N LEU A 107 48.30 11.85 -16.04
CA LEU A 107 46.96 12.40 -16.20
C LEU A 107 45.90 11.32 -16.05
N SER A 108 46.13 10.15 -16.66
CA SER A 108 45.20 9.04 -16.50
C SER A 108 45.12 8.62 -15.04
N ASP A 109 46.22 8.73 -14.30
CA ASP A 109 46.20 8.44 -12.87
C ASP A 109 45.39 9.48 -12.11
N LEU A 110 45.44 10.74 -12.54
CA LEU A 110 44.84 11.84 -11.77
C LEU A 110 43.36 12.02 -12.09
N VAL A 111 43.02 12.28 -13.35
CA VAL A 111 41.66 12.63 -13.72
C VAL A 111 41.21 11.79 -14.91
N SER A 112 39.90 11.60 -15.02
CA SER A 112 39.31 10.86 -16.13
C SER A 112 37.88 11.34 -16.31
N VAL A 113 37.63 12.15 -17.34
CA VAL A 113 36.32 12.71 -17.60
C VAL A 113 35.89 12.38 -19.02
N GLU A 114 36.35 11.24 -19.54
CA GLU A 114 36.10 10.88 -20.93
C GLU A 114 34.83 10.07 -21.11
N THR A 115 34.51 9.18 -20.17
CA THR A 115 33.35 8.32 -20.34
C THR A 115 32.07 9.12 -20.22
N PRO A 116 31.08 8.87 -21.08
CA PRO A 116 29.85 9.67 -21.05
C PRO A 116 29.01 9.38 -19.83
N GLY A 117 28.20 10.37 -19.45
CA GLY A 117 27.31 10.27 -18.32
C GLY A 117 25.89 9.89 -18.70
N CYS A 118 25.06 9.74 -17.66
CA CYS A 118 23.66 9.40 -17.84
C CYS A 118 22.77 10.46 -17.22
N PRO A 119 21.68 10.87 -17.91
CA PRO A 119 21.25 10.34 -19.20
C PRO A 119 22.13 10.81 -20.36
N ALA A 120 22.08 10.08 -21.47
CA ALA A 120 22.94 10.36 -22.62
C ALA A 120 22.65 11.73 -23.21
N GLU A 121 23.59 12.65 -23.08
CA GLU A 121 23.49 13.98 -23.64
C GLU A 121 24.55 14.14 -24.71
N PHE A 122 24.15 14.67 -25.88
CA PHE A 122 25.03 14.82 -27.01
C PHE A 122 25.24 16.30 -27.31
N LEU A 123 26.51 16.71 -27.37
CA LEU A 123 26.90 18.05 -27.76
C LEU A 123 27.68 17.90 -29.08
N ASN A 124 26.94 17.82 -30.18
CA ASN A 124 27.51 17.45 -31.46
C ASN A 124 28.36 18.57 -32.03
N ILE A 125 29.46 18.20 -32.67
CA ILE A 125 30.36 19.14 -33.33
C ILE A 125 29.93 19.25 -34.79
N ARG A 126 29.44 20.42 -35.18
CA ARG A 126 28.99 20.65 -36.55
C ARG A 126 30.20 20.84 -37.44
N ILE A 127 30.44 19.89 -38.34
CA ILE A 127 31.56 19.97 -39.28
C ILE A 127 31.21 20.99 -40.36
N PRO A 128 32.04 22.02 -40.55
CA PRO A 128 31.75 22.99 -41.61
C PRO A 128 31.79 22.32 -42.96
N PRO A 129 30.98 22.79 -43.92
CA PRO A 129 30.97 22.18 -45.25
C PRO A 129 32.34 22.31 -45.93
N GLY A 130 32.71 21.27 -46.66
CA GLY A 130 33.99 21.27 -47.36
C GLY A 130 35.21 21.06 -46.49
N ASP A 131 35.04 20.47 -45.31
CA ASP A 131 36.19 20.20 -44.46
C ASP A 131 37.09 19.15 -45.12
N PRO A 132 38.39 19.38 -45.21
CA PRO A 132 39.26 18.43 -45.94
C PRO A 132 39.24 17.03 -45.37
N MET A 133 39.05 16.87 -44.06
CA MET A 133 39.12 15.56 -43.41
C MET A 133 37.77 14.90 -43.23
N PHE A 134 36.77 15.63 -42.73
CA PHE A 134 35.51 15.02 -42.34
C PHE A 134 34.39 15.25 -43.34
N ASP A 135 34.45 16.30 -44.16
CA ASP A 135 33.44 16.57 -45.18
C ASP A 135 34.11 16.86 -46.50
N PRO A 136 34.77 15.85 -47.11
CA PRO A 136 35.45 16.11 -48.39
C PRO A 136 34.51 16.25 -49.56
N ASP A 137 33.27 15.79 -49.44
CA ASP A 137 32.31 15.80 -50.53
C ASP A 137 31.41 17.03 -50.52
N GLN A 138 31.66 17.99 -49.62
CA GLN A 138 30.88 19.22 -49.52
C GLN A 138 29.40 18.92 -49.27
N ARG A 139 29.13 17.86 -48.49
CA ARG A 139 27.76 17.52 -48.16
C ARG A 139 27.09 18.62 -47.32
N GLY A 140 27.83 19.18 -46.37
CA GLY A 140 27.32 20.25 -45.54
C GLY A 140 26.51 19.81 -44.34
N ASP A 141 26.29 18.51 -44.16
CA ASP A 141 25.53 18.00 -43.02
C ASP A 141 26.35 17.05 -42.16
N VAL A 142 27.66 16.97 -42.37
CA VAL A 142 28.50 16.09 -41.57
C VAL A 142 28.54 16.59 -40.14
N VAL A 143 28.28 15.68 -39.19
CA VAL A 143 28.23 16.01 -37.77
C VAL A 143 29.05 14.97 -37.02
N LEU A 144 30.05 15.43 -36.26
CA LEU A 144 30.82 14.54 -35.40
C LEU A 144 30.11 14.39 -34.07
N PRO A 145 29.66 13.20 -33.70
CA PRO A 145 28.96 13.04 -32.41
C PRO A 145 29.91 13.18 -31.24
N PHE A 146 29.45 13.85 -30.20
CA PHE A 146 30.21 14.07 -28.98
C PHE A 146 29.26 13.98 -27.81
N GLN A 147 29.66 13.25 -26.77
CA GLN A 147 28.80 12.98 -25.62
C GLN A 147 29.36 13.65 -24.37
N ARG A 148 28.46 14.20 -23.56
CA ARG A 148 28.87 14.85 -22.33
C ARG A 148 29.30 13.82 -21.28
N SER A 149 30.21 14.25 -20.40
CA SER A 149 30.81 13.35 -19.43
C SER A 149 29.92 13.21 -18.20
N ARG A 150 30.32 12.30 -17.30
CA ARG A 150 29.61 12.10 -16.05
C ARG A 150 29.73 13.34 -15.17
N TRP A 151 28.67 13.60 -14.40
CA TRP A 151 28.59 14.77 -13.55
C TRP A 151 28.06 14.37 -12.18
N ASP A 152 28.33 15.21 -11.20
CA ASP A 152 27.89 14.97 -9.83
C ASP A 152 26.37 14.97 -9.77
N PRO A 153 25.73 13.89 -9.31
CA PRO A 153 24.26 13.86 -9.29
C PRO A 153 23.63 14.93 -8.41
N GLU A 154 24.37 15.49 -7.45
CA GLU A 154 23.83 16.51 -6.57
C GLU A 154 23.84 17.90 -7.18
N THR A 155 24.39 18.07 -8.37
CA THR A 155 24.53 19.37 -9.02
C THR A 155 23.82 19.35 -10.37
N GLY A 156 23.83 20.51 -11.04
CA GLY A 156 23.32 20.60 -12.39
C GLY A 156 21.82 20.75 -12.52
N ARG A 157 21.17 21.37 -11.53
CA ARG A 157 19.73 21.58 -11.60
C ARG A 157 19.28 23.00 -11.27
N SER A 158 20.10 23.80 -10.59
CA SER A 158 19.71 25.13 -10.17
C SER A 158 20.89 26.08 -10.32
N PRO A 159 20.62 27.39 -10.50
CA PRO A 159 21.73 28.32 -10.82
C PRO A 159 22.80 28.41 -9.74
N SER A 160 22.44 28.33 -8.47
CA SER A 160 23.44 28.49 -7.41
C SER A 160 24.35 27.27 -7.30
N ASN A 161 23.95 26.13 -7.85
CA ASN A 161 24.76 24.91 -7.84
C ASN A 161 24.81 24.35 -9.26
N PRO A 162 25.62 24.94 -10.13
CA PRO A 162 25.71 24.46 -11.52
C PRO A 162 26.33 23.07 -11.59
N ARG A 163 26.27 22.50 -12.78
CA ARG A 163 26.77 21.15 -13.00
C ARG A 163 28.28 21.08 -12.80
N ASP A 164 28.74 20.02 -12.13
CA ASP A 164 30.15 19.80 -11.89
C ASP A 164 30.52 18.39 -12.36
N PRO A 165 31.56 18.24 -13.16
CA PRO A 165 31.96 16.90 -13.62
C PRO A 165 32.46 16.04 -12.48
N ALA A 166 32.28 14.73 -12.64
CA ALA A 166 32.71 13.74 -11.66
C ALA A 166 33.93 13.01 -12.17
N ASN A 167 34.98 12.97 -11.37
CA ASN A 167 36.22 12.28 -11.74
C ASN A 167 36.04 10.78 -11.59
N GLN A 168 36.30 10.04 -12.66
CA GLN A 168 36.09 8.60 -12.69
C GLN A 168 37.27 7.82 -12.14
N VAL A 169 38.37 8.48 -11.82
CA VAL A 169 39.49 7.86 -11.13
C VAL A 169 39.76 8.65 -9.86
N THR A 170 40.57 8.07 -8.98
CA THR A 170 40.92 8.76 -7.74
C THR A 170 41.79 9.97 -8.04
N GLY A 171 41.39 11.13 -7.50
CA GLY A 171 42.13 12.35 -7.75
C GLY A 171 43.52 12.35 -7.14
N TRP A 172 43.78 11.45 -6.19
CA TRP A 172 45.10 11.36 -5.59
C TRP A 172 46.12 10.84 -6.58
N LEU A 173 47.38 11.23 -6.36
CA LEU A 173 48.50 10.64 -7.08
C LEU A 173 48.96 9.40 -6.32
N ASP A 174 48.09 8.39 -6.32
CA ASP A 174 48.24 7.21 -5.48
C ASP A 174 48.42 5.95 -6.32
N GLY A 175 48.96 6.08 -7.52
CA GLY A 175 49.17 4.92 -8.38
C GLY A 175 47.89 4.24 -8.79
N SER A 176 46.79 4.99 -8.93
CA SER A 176 45.52 4.37 -9.34
C SER A 176 45.59 3.85 -10.77
N ALA A 177 46.39 4.49 -11.63
CA ALA A 177 46.60 3.98 -12.98
C ALA A 177 47.37 2.67 -13.01
N ILE A 178 47.99 2.28 -11.88
CA ILE A 178 48.73 1.04 -11.80
C ILE A 178 47.94 -0.05 -11.10
N TYR A 179 47.26 0.28 -10.00
CA TYR A 179 46.57 -0.71 -9.19
C TYR A 179 45.05 -0.62 -9.26
N GLY A 180 44.50 0.42 -9.88
CA GLY A 180 43.07 0.56 -10.00
C GLY A 180 42.49 1.56 -9.00
N SER A 181 41.25 1.97 -9.26
CA SER A 181 40.55 2.93 -8.43
C SER A 181 39.57 2.27 -7.47
N SER A 182 39.64 0.95 -7.30
CA SER A 182 38.80 0.25 -6.34
C SER A 182 39.53 -1.01 -5.89
N HIS A 183 39.12 -1.51 -4.72
CA HIS A 183 39.75 -2.71 -4.18
C HIS A 183 39.47 -3.93 -5.05
N SER A 184 38.24 -4.05 -5.55
CA SER A 184 37.92 -5.16 -6.46
C SER A 184 38.74 -5.08 -7.73
N TRP A 185 39.00 -3.87 -8.22
CA TRP A 185 39.88 -3.70 -9.38
C TRP A 185 41.28 -4.20 -9.07
N SER A 186 41.80 -3.87 -7.89
CA SER A 186 43.12 -4.35 -7.49
C SER A 186 43.15 -5.87 -7.42
N ASP A 187 42.10 -6.47 -6.84
CA ASP A 187 42.05 -7.93 -6.77
C ASP A 187 42.01 -8.55 -8.16
N ALA A 188 41.26 -7.92 -9.08
CA ALA A 188 41.26 -8.40 -10.46
C ALA A 188 42.63 -8.29 -11.11
N LEU A 189 43.40 -7.27 -10.74
CA LEU A 189 44.74 -7.08 -11.30
C LEU A 189 45.79 -7.96 -10.64
N ARG A 190 45.51 -8.55 -9.48
CA ARG A 190 46.49 -9.31 -8.72
C ARG A 190 46.41 -10.80 -9.01
N SER A 191 47.56 -11.47 -8.90
CA SER A 191 47.62 -12.92 -8.96
C SER A 191 47.55 -13.57 -7.59
N PHE A 192 47.67 -12.78 -6.51
CA PHE A 192 47.65 -13.30 -5.14
C PHE A 192 48.71 -14.37 -4.92
N SER A 193 49.89 -14.16 -5.49
CA SER A 193 51.02 -15.06 -5.31
C SER A 193 52.29 -14.25 -5.33
N ARG A 194 53.05 -14.27 -4.23
CA ARG A 194 54.30 -13.54 -4.07
C ARG A 194 54.11 -12.03 -4.18
N GLY A 195 52.90 -11.54 -3.95
CA GLY A 195 52.64 -10.11 -4.00
C GLY A 195 52.86 -9.48 -5.36
N GLN A 196 52.58 -10.22 -6.43
CA GLN A 196 52.81 -9.74 -7.79
C GLN A 196 51.49 -9.48 -8.49
N LEU A 197 51.49 -8.48 -9.38
CA LEU A 197 50.35 -8.28 -10.26
C LEU A 197 50.23 -9.44 -11.23
N ALA A 198 48.98 -9.81 -11.53
CA ALA A 198 48.74 -10.98 -12.37
C ALA A 198 49.34 -10.79 -13.76
N SER A 199 49.96 -11.84 -14.27
CA SER A 199 50.59 -11.84 -15.58
C SER A 199 50.11 -13.04 -16.39
N GLY A 200 50.11 -12.88 -17.71
CA GLY A 200 49.72 -13.95 -18.60
C GLY A 200 50.83 -14.96 -18.81
N PRO A 201 50.83 -15.63 -19.96
CA PRO A 201 51.93 -16.57 -20.25
C PRO A 201 53.29 -15.91 -20.23
N ASP A 202 53.40 -14.67 -20.70
CA ASP A 202 54.63 -13.92 -20.61
C ASP A 202 54.67 -13.16 -19.29
N PRO A 203 55.65 -13.41 -18.42
CA PRO A 203 55.67 -12.72 -17.12
C PRO A 203 55.82 -11.22 -17.23
N ALA A 204 56.27 -10.69 -18.36
CA ALA A 204 56.43 -9.26 -18.53
C ALA A 204 55.16 -8.55 -18.95
N PHE A 205 54.07 -9.28 -19.19
CA PHE A 205 52.81 -8.68 -19.57
C PHE A 205 51.71 -9.14 -18.61
N PRO A 206 50.82 -8.25 -18.21
CA PRO A 206 49.72 -8.65 -17.32
C PRO A 206 48.71 -9.53 -18.05
N ARG A 207 47.78 -10.07 -17.27
CA ARG A 207 46.75 -10.93 -17.83
C ARG A 207 45.88 -10.15 -18.80
N ASP A 208 45.44 -10.83 -19.86
CA ASP A 208 44.51 -10.23 -20.79
C ASP A 208 43.17 -9.96 -20.10
N SER A 209 42.59 -8.81 -20.40
CA SER A 209 41.25 -8.50 -19.92
C SER A 209 40.26 -9.48 -20.53
N GLN A 210 39.54 -10.22 -19.69
CA GLN A 210 38.54 -11.17 -20.14
C GLN A 210 37.12 -10.67 -19.92
N ASN A 211 36.77 -10.30 -18.69
CA ASN A 211 35.44 -9.77 -18.44
C ASN A 211 35.30 -8.39 -19.07
N PRO A 212 34.10 -8.05 -19.56
CA PRO A 212 33.90 -6.74 -20.20
C PRO A 212 33.88 -5.57 -19.22
N LEU A 213 33.93 -5.82 -17.92
CA LEU A 213 33.87 -4.76 -16.92
C LEU A 213 35.24 -4.26 -16.49
N LEU A 214 36.31 -4.71 -17.13
CA LEU A 214 37.67 -4.40 -16.69
C LEU A 214 38.33 -3.29 -17.52
N MET A 215 38.45 -3.48 -18.82
CA MET A 215 39.25 -2.59 -19.65
C MET A 215 38.42 -2.00 -20.79
N TRP A 216 38.68 -0.72 -21.08
CA TRP A 216 38.03 -0.06 -22.20
C TRP A 216 38.40 -0.76 -23.50
N ALA A 217 37.38 -1.03 -24.34
CA ALA A 217 37.58 -1.85 -25.53
C ALA A 217 37.21 -1.09 -26.80
N ALA A 218 37.68 0.14 -26.93
CA ALA A 218 37.39 0.91 -28.13
C ALA A 218 37.96 0.20 -29.36
N PRO A 219 37.19 0.06 -30.43
CA PRO A 219 37.68 -0.67 -31.60
C PRO A 219 38.85 0.05 -32.26
N ASP A 220 39.71 -0.73 -32.89
CA ASP A 220 40.89 -0.19 -33.55
C ASP A 220 40.45 0.69 -34.72
N PRO A 221 40.81 1.97 -34.75
CA PRO A 221 40.42 2.81 -35.89
C PRO A 221 41.00 2.34 -37.21
N ALA A 222 42.19 1.75 -37.20
CA ALA A 222 42.86 1.40 -38.46
C ALA A 222 42.30 0.10 -39.04
N THR A 223 42.25 -0.97 -38.24
CA THR A 223 41.87 -2.29 -38.73
C THR A 223 40.46 -2.71 -38.31
N GLY A 224 39.79 -1.94 -37.48
CA GLY A 224 38.46 -2.33 -37.03
C GLY A 224 38.44 -3.46 -36.03
N GLN A 225 39.59 -3.85 -35.49
CA GLN A 225 39.63 -4.94 -34.52
C GLN A 225 38.93 -4.53 -33.23
N ASN A 226 38.12 -5.43 -32.70
CA ASN A 226 37.43 -5.24 -31.43
C ASN A 226 37.73 -6.43 -30.52
N GLY A 227 37.21 -6.37 -29.30
CA GLY A 227 37.42 -7.42 -28.34
C GLY A 227 38.65 -7.19 -27.49
N PRO A 228 38.67 -7.76 -26.29
CA PRO A 228 39.81 -7.55 -25.39
C PRO A 228 40.93 -8.55 -25.61
N ARG A 229 40.94 -9.19 -26.78
CA ARG A 229 41.92 -10.23 -27.06
C ARG A 229 43.35 -9.71 -26.96
N GLY A 230 43.57 -8.43 -27.22
CA GLY A 230 44.91 -7.89 -27.20
C GLY A 230 45.08 -6.71 -26.25
N LEU A 231 44.11 -6.52 -25.35
CA LEU A 231 44.12 -5.41 -24.41
C LEU A 231 44.61 -5.91 -23.05
N TYR A 232 45.65 -5.28 -22.53
CA TYR A 232 46.18 -5.68 -21.23
C TYR A 232 45.42 -5.00 -20.11
N ALA A 233 45.39 -5.64 -18.94
CA ALA A 233 44.68 -5.12 -17.78
C ALA A 233 45.60 -4.21 -16.98
N PHE A 234 45.19 -2.95 -16.81
CA PHE A 234 45.93 -1.97 -16.04
C PHE A 234 45.02 -1.34 -15.00
N GLY A 235 45.62 -0.53 -14.12
CA GLY A 235 44.82 0.23 -13.17
C GLY A 235 43.94 1.26 -13.86
N ALA A 236 44.46 1.89 -14.91
CA ALA A 236 43.68 2.83 -15.69
C ALA A 236 42.83 2.09 -16.70
N GLU A 237 41.55 2.49 -16.80
CA GLU A 237 40.63 1.79 -17.70
C GLU A 237 41.00 2.00 -19.16
N ARG A 238 41.56 3.15 -19.51
CA ARG A 238 41.95 3.47 -20.88
C ARG A 238 43.45 3.33 -21.10
N GLY A 239 44.07 2.33 -20.46
CA GLY A 239 45.52 2.19 -20.55
C GLY A 239 46.02 1.65 -21.86
N ASN A 240 45.14 1.08 -22.69
CA ASN A 240 45.51 0.51 -23.97
C ASN A 240 45.16 1.44 -25.13
N ARG A 241 45.07 2.74 -24.88
CA ARG A 241 44.72 3.69 -25.93
C ARG A 241 45.75 3.70 -27.04
N GLU A 242 47.03 3.53 -26.70
CA GLU A 242 48.12 3.56 -27.66
C GLU A 242 49.26 2.71 -27.11
N PRO A 243 50.12 2.17 -27.97
CA PRO A 243 51.20 1.30 -27.48
C PRO A 243 52.23 2.00 -26.60
N PHE A 244 52.28 3.33 -26.60
CA PHE A 244 53.23 4.12 -25.80
C PHE A 244 52.71 4.35 -24.37
N LEU A 245 51.45 4.75 -24.23
CA LEU A 245 50.83 4.75 -22.92
C LEU A 245 50.77 3.33 -22.36
N GLN A 246 50.48 2.35 -23.23
CA GLN A 246 50.53 0.95 -22.82
C GLN A 246 51.94 0.56 -22.39
N ALA A 247 52.96 1.09 -23.07
CA ALA A 247 54.34 0.79 -22.69
C ALA A 247 54.66 1.35 -21.30
N LEU A 248 54.18 2.56 -21.01
CA LEU A 248 54.35 3.11 -19.67
C LEU A 248 53.65 2.25 -18.62
N GLY A 249 52.43 1.80 -18.93
CA GLY A 249 51.72 0.92 -18.00
C GLY A 249 52.46 -0.39 -17.76
N LEU A 250 53.00 -0.98 -18.84
CA LEU A 250 53.79 -2.19 -18.71
C LEU A 250 55.05 -1.95 -17.89
N LEU A 251 55.68 -0.78 -18.10
CA LEU A 251 56.85 -0.41 -17.31
C LEU A 251 56.54 -0.41 -15.83
N TRP A 252 55.43 0.22 -15.45
CA TRP A 252 55.10 0.28 -14.02
C TRP A 252 54.65 -1.07 -13.48
N PHE A 253 53.96 -1.86 -14.29
CA PHE A 253 53.58 -3.22 -13.89
C PHE A 253 54.81 -4.07 -13.60
N ARG A 254 55.79 -4.04 -14.52
CA ARG A 254 57.02 -4.77 -14.32
C ARG A 254 57.82 -4.23 -13.13
N TYR A 255 57.77 -2.91 -12.90
CA TYR A 255 58.45 -2.35 -11.74
C TYR A 255 57.84 -2.86 -10.44
N HIS A 256 56.51 -2.94 -10.39
CA HIS A 256 55.87 -3.50 -9.20
C HIS A 256 56.25 -4.96 -9.00
N ASN A 257 56.26 -5.74 -10.09
CA ASN A 257 56.65 -7.15 -9.96
C ASN A 257 58.09 -7.28 -9.49
N LEU A 258 58.99 -6.45 -10.02
CA LEU A 258 60.38 -6.49 -9.61
C LEU A 258 60.54 -6.13 -8.13
N TRP A 259 59.82 -5.11 -7.66
CA TRP A 259 59.90 -4.77 -6.25
C TRP A 259 59.33 -5.87 -5.37
N ALA A 260 58.26 -6.53 -5.83
CA ALA A 260 57.72 -7.67 -5.10
C ALA A 260 58.77 -8.79 -4.99
N GLN A 261 59.48 -9.06 -6.09
CA GLN A 261 60.53 -10.07 -6.04
C GLN A 261 61.66 -9.66 -5.11
N ARG A 262 62.04 -8.38 -5.12
CA ARG A 262 63.09 -7.90 -4.22
C ARG A 262 62.68 -8.08 -2.77
N LEU A 263 61.44 -7.73 -2.44
CA LEU A 263 60.97 -7.85 -1.06
C LEU A 263 60.83 -9.32 -0.66
N ALA A 264 60.45 -10.19 -1.60
CA ALA A 264 60.42 -11.62 -1.31
C ALA A 264 61.81 -12.14 -1.00
N ARG A 265 62.82 -11.69 -1.74
CA ARG A 265 64.19 -12.08 -1.44
C ARG A 265 64.64 -11.54 -0.08
N GLN A 266 64.30 -10.30 0.23
CA GLN A 266 64.70 -9.72 1.51
C GLN A 266 63.97 -10.38 2.68
N HIS A 267 62.68 -10.70 2.50
CA HIS A 267 61.85 -11.27 3.55
C HIS A 267 61.21 -12.55 3.03
N PRO A 268 61.93 -13.68 3.08
CA PRO A 268 61.35 -14.93 2.56
C PRO A 268 60.10 -15.39 3.29
N ASP A 269 59.90 -14.96 4.54
CA ASP A 269 58.76 -15.39 5.34
C ASP A 269 57.49 -14.58 5.09
N TRP A 270 57.58 -13.48 4.33
CA TRP A 270 56.41 -12.66 4.09
C TRP A 270 55.41 -13.36 3.17
N GLU A 271 54.13 -13.17 3.45
CA GLU A 271 53.06 -13.75 2.65
C GLU A 271 52.82 -12.91 1.40
N ASP A 272 51.82 -13.32 0.61
CA ASP A 272 51.48 -12.59 -0.60
C ASP A 272 50.98 -11.19 -0.29
N GLU A 273 50.12 -11.05 0.71
CA GLU A 273 49.51 -9.75 1.01
C GLU A 273 50.54 -8.74 1.46
N GLU A 274 51.45 -9.15 2.36
CA GLU A 274 52.46 -8.23 2.85
C GLU A 274 53.42 -7.81 1.74
N LEU A 275 53.84 -8.75 0.91
CA LEU A 275 54.72 -8.42 -0.21
C LEU A 275 54.03 -7.46 -1.16
N PHE A 276 52.77 -7.72 -1.49
CA PHE A 276 52.06 -6.83 -2.40
C PHE A 276 51.92 -5.44 -1.81
N GLN A 277 51.58 -5.34 -0.52
CA GLN A 277 51.38 -4.04 0.09
C GLN A 277 52.69 -3.24 0.15
N HIS A 278 53.79 -3.90 0.53
CA HIS A 278 55.07 -3.19 0.57
C HIS A 278 55.50 -2.76 -0.83
N ALA A 279 55.35 -3.64 -1.82
CA ALA A 279 55.71 -3.28 -3.18
C ALA A 279 54.85 -2.14 -3.70
N ARG A 280 53.55 -2.17 -3.41
CA ARG A 280 52.66 -1.09 -3.83
C ARG A 280 53.03 0.22 -3.17
N LYS A 281 53.37 0.19 -1.88
CA LYS A 281 53.79 1.40 -1.19
C LYS A 281 55.03 2.00 -1.84
N ARG A 282 56.04 1.15 -2.08
CA ARG A 282 57.27 1.65 -2.69
C ARG A 282 57.04 2.17 -4.10
N VAL A 283 56.22 1.47 -4.89
CA VAL A 283 55.95 1.90 -6.26
C VAL A 283 55.18 3.21 -6.28
N ILE A 284 54.20 3.37 -5.38
CA ILE A 284 53.45 4.62 -5.30
C ILE A 284 54.38 5.77 -4.92
N ALA A 285 55.28 5.54 -3.96
CA ALA A 285 56.22 6.59 -3.57
C ALA A 285 57.13 6.97 -4.73
N THR A 286 57.65 5.96 -5.46
CA THR A 286 58.51 6.25 -6.61
C THR A 286 57.76 7.00 -7.68
N TYR A 287 56.51 6.60 -7.95
CA TYR A 287 55.69 7.27 -8.95
C TYR A 287 55.46 8.72 -8.58
N GLN A 288 55.13 8.98 -7.31
CA GLN A 288 54.92 10.35 -6.86
C GLN A 288 56.19 11.18 -7.01
N ASN A 289 57.33 10.62 -6.59
CA ASN A 289 58.59 11.35 -6.68
C ASN A 289 58.94 11.69 -8.13
N ILE A 290 58.80 10.72 -9.02
CA ILE A 290 59.15 10.96 -10.42
C ILE A 290 58.18 11.97 -11.04
N ALA A 291 56.88 11.83 -10.78
CA ALA A 291 55.89 12.70 -11.40
C ALA A 291 56.03 14.14 -10.91
N VAL A 292 56.33 14.33 -9.63
CA VAL A 292 56.32 15.68 -9.06
C VAL A 292 57.68 16.36 -9.17
N TYR A 293 58.77 15.65 -8.88
CA TYR A 293 60.07 16.29 -8.80
C TYR A 293 60.95 16.07 -10.02
N GLU A 294 60.55 15.22 -10.96
CA GLU A 294 61.34 15.01 -12.17
C GLU A 294 60.59 15.40 -13.44
N TRP A 295 59.38 14.87 -13.66
CA TRP A 295 58.66 15.18 -14.89
C TRP A 295 58.13 16.60 -14.89
N LEU A 296 57.54 17.03 -13.77
CA LEU A 296 56.95 18.37 -13.72
C LEU A 296 57.99 19.47 -13.90
N PRO A 297 59.14 19.47 -13.21
CA PRO A 297 60.14 20.52 -13.50
C PRO A 297 60.65 20.51 -14.92
N SER A 298 60.76 19.33 -15.54
CA SER A 298 61.30 19.26 -16.89
C SER A 298 60.28 19.67 -17.95
N PHE A 299 58.99 19.47 -17.69
CA PHE A 299 57.97 19.74 -18.69
C PHE A 299 57.21 21.05 -18.47
N LEU A 300 57.29 21.64 -17.28
CA LEU A 300 56.70 22.94 -17.03
C LEU A 300 57.74 24.04 -16.85
N GLN A 301 59.01 23.69 -16.69
CA GLN A 301 60.08 24.63 -16.34
C GLN A 301 59.81 25.34 -15.02
N LYS A 302 58.94 24.74 -14.19
CA LYS A 302 58.63 25.26 -12.86
C LYS A 302 58.80 24.14 -11.85
N THR A 303 59.29 24.49 -10.67
CA THR A 303 59.52 23.53 -9.60
C THR A 303 58.58 23.81 -8.43
N LEU A 304 58.00 22.74 -7.88
CA LEU A 304 57.15 22.90 -6.72
C LEU A 304 57.97 23.44 -5.54
N PRO A 305 57.35 24.25 -4.68
CA PRO A 305 58.05 24.71 -3.48
C PRO A 305 58.41 23.55 -2.58
N GLU A 306 59.45 23.76 -1.76
CA GLU A 306 59.93 22.71 -0.87
C GLU A 306 58.81 22.21 0.03
N TYR A 307 58.73 20.89 0.18
CA TYR A 307 57.66 20.30 0.97
C TYR A 307 57.77 20.74 2.43
N THR A 308 56.68 21.27 2.97
CA THR A 308 56.66 21.79 4.33
C THR A 308 55.72 21.03 5.25
N GLY A 309 55.08 19.97 4.79
CA GLY A 309 54.21 19.17 5.61
C GLY A 309 52.85 18.94 4.96
N TYR A 310 52.07 18.09 5.62
CA TYR A 310 50.73 17.74 5.15
C TYR A 310 49.72 18.79 5.58
N ARG A 311 48.84 19.16 4.66
CA ARG A 311 47.82 20.18 4.91
C ARG A 311 46.45 19.52 4.94
N PRO A 312 45.92 19.18 6.11
CA PRO A 312 44.61 18.51 6.16
C PRO A 312 43.45 19.39 5.68
N PHE A 313 43.60 20.71 5.72
CA PHE A 313 42.51 21.63 5.39
C PHE A 313 42.57 22.15 3.96
N LEU A 314 43.50 21.64 3.15
CA LEU A 314 43.65 22.06 1.77
C LEU A 314 42.92 21.10 0.85
N ASP A 315 42.07 21.63 -0.01
CA ASP A 315 41.31 20.79 -0.93
C ASP A 315 42.18 20.42 -2.12
N PRO A 316 42.49 19.13 -2.33
CA PRO A 316 43.34 18.70 -3.45
C PRO A 316 42.58 18.26 -4.69
N SER A 317 41.26 18.42 -4.73
CA SER A 317 40.46 17.90 -5.84
C SER A 317 40.92 18.50 -7.16
N ILE A 318 40.95 17.67 -8.20
CA ILE A 318 41.36 18.14 -9.51
C ILE A 318 40.37 19.18 -10.00
N SER A 319 40.89 20.31 -10.48
CA SER A 319 40.02 21.35 -11.00
C SER A 319 39.61 21.03 -12.44
N SER A 320 38.47 21.59 -12.84
CA SER A 320 38.00 21.39 -14.21
C SER A 320 38.96 22.00 -15.22
N GLU A 321 39.56 23.14 -14.87
CA GLU A 321 40.51 23.78 -15.77
C GLU A 321 41.78 22.95 -15.94
N PHE A 322 42.21 22.23 -14.90
CA PHE A 322 43.43 21.45 -14.97
C PHE A 322 43.33 20.36 -16.02
N VAL A 323 42.15 19.74 -16.15
CA VAL A 323 41.95 18.70 -17.17
C VAL A 323 42.35 19.22 -18.54
N ALA A 324 41.69 20.30 -18.97
CA ALA A 324 41.96 20.87 -20.29
C ALA A 324 43.40 21.35 -20.41
N ALA A 325 43.90 22.04 -19.37
CA ALA A 325 45.24 22.59 -19.43
C ALA A 325 46.29 21.51 -19.64
N SER A 326 46.26 20.48 -18.79
CA SER A 326 47.23 19.39 -18.91
C SER A 326 47.05 18.63 -20.21
N GLU A 327 45.80 18.35 -20.59
CA GLU A 327 45.56 17.59 -21.80
C GLU A 327 46.11 18.30 -23.03
N GLN A 328 45.88 19.61 -23.14
CA GLN A 328 46.36 20.32 -24.32
C GLN A 328 47.86 20.56 -24.27
N PHE A 329 48.41 20.88 -23.09
CA PHE A 329 49.86 21.06 -23.00
C PHE A 329 50.62 19.78 -23.28
N LEU A 330 49.98 18.63 -23.10
CA LEU A 330 50.61 17.37 -23.52
C LEU A 330 50.33 17.03 -24.98
N SER A 331 49.12 17.30 -25.47
CA SER A 331 48.78 16.96 -26.84
C SER A 331 49.52 17.83 -27.84
N THR A 332 49.98 19.02 -27.43
CA THR A 332 50.74 19.85 -28.36
C THR A 332 52.13 19.29 -28.65
N MET A 333 52.55 18.25 -27.93
CA MET A 333 53.89 17.68 -28.11
C MET A 333 53.86 16.26 -28.65
N VAL A 334 52.69 15.75 -29.05
CA VAL A 334 52.59 14.38 -29.54
C VAL A 334 53.23 14.28 -30.92
N PRO A 335 54.20 13.39 -31.11
CA PRO A 335 54.87 13.29 -32.40
C PRO A 335 54.04 12.49 -33.39
N PRO A 336 54.23 12.71 -34.70
CA PRO A 336 53.54 11.86 -35.69
C PRO A 336 53.94 10.40 -35.60
N GLY A 337 55.19 10.10 -35.24
CA GLY A 337 55.65 8.74 -35.11
C GLY A 337 56.57 8.60 -33.91
N VAL A 338 56.84 7.34 -33.56
CA VAL A 338 57.66 7.01 -32.39
C VAL A 338 58.73 6.02 -32.82
N TYR A 339 59.98 6.33 -32.47
CA TYR A 339 61.09 5.43 -32.77
C TYR A 339 61.09 4.23 -31.81
N MET A 340 61.66 3.13 -32.29
CA MET A 340 61.99 1.98 -31.46
C MET A 340 63.50 1.82 -31.47
N ARG A 341 64.10 1.83 -30.29
CA ARG A 341 65.55 1.92 -30.15
C ARG A 341 66.12 0.69 -29.45
N ASN A 342 67.24 0.21 -29.97
CA ASN A 342 67.96 -0.91 -29.37
C ASN A 342 68.85 -0.41 -28.24
N ALA A 343 69.30 -1.36 -27.41
CA ALA A 343 70.16 -1.01 -26.29
C ALA A 343 71.51 -0.46 -26.76
N SER A 344 71.93 -0.81 -27.97
CA SER A 344 73.20 -0.37 -28.53
C SER A 344 73.05 0.84 -29.45
N CYS A 345 72.09 1.72 -29.16
CA CYS A 345 71.86 2.94 -29.94
C CYS A 345 71.53 2.63 -31.40
N HIS A 346 70.82 1.53 -31.63
CA HIS A 346 70.39 1.16 -32.97
C HIS A 346 68.89 1.36 -33.09
N PHE A 347 68.48 2.13 -34.09
CA PHE A 347 67.07 2.38 -34.35
C PHE A 347 66.58 1.37 -35.38
N GLN A 348 65.74 0.44 -34.93
CA GLN A 348 65.25 -0.63 -35.78
C GLN A 348 64.13 -0.13 -36.69
N GLY A 349 63.89 -0.89 -37.76
CA GLY A 349 62.76 -0.61 -38.63
C GLY A 349 61.47 -1.16 -38.04
N VAL A 350 60.39 -0.43 -38.26
CA VAL A 350 59.08 -0.78 -37.73
C VAL A 350 58.28 -1.42 -38.85
N ILE A 351 57.81 -2.64 -38.61
CA ILE A 351 57.01 -3.37 -39.59
C ILE A 351 55.56 -2.93 -39.45
N ASN A 352 55.01 -2.35 -40.50
CA ASN A 352 53.62 -1.93 -40.48
C ASN A 352 52.70 -3.13 -40.68
N ARG A 353 51.41 -2.92 -40.37
CA ARG A 353 50.42 -3.97 -40.61
C ARG A 353 50.22 -4.25 -42.09
N ASN A 354 50.69 -3.34 -42.95
CA ASN A 354 50.73 -3.55 -44.40
C ASN A 354 51.90 -4.42 -44.82
N SER A 355 52.76 -4.81 -43.87
CA SER A 355 53.99 -5.59 -44.03
C SER A 355 55.14 -4.73 -44.54
N SER A 356 54.93 -3.43 -44.74
CA SER A 356 56.01 -2.54 -45.11
C SER A 356 56.86 -2.21 -43.89
N VAL A 357 58.08 -1.74 -44.15
CA VAL A 357 59.04 -1.39 -43.10
C VAL A 357 59.21 0.12 -43.12
N SER A 358 58.91 0.76 -41.99
CA SER A 358 59.08 2.19 -41.81
C SER A 358 60.12 2.47 -40.74
N ARG A 359 60.51 3.74 -40.64
CA ARG A 359 61.52 4.15 -39.67
C ARG A 359 60.96 4.35 -38.27
N ALA A 360 59.63 4.41 -38.12
CA ALA A 360 59.02 4.68 -36.83
C ALA A 360 57.60 4.13 -36.83
N LEU A 361 57.04 4.02 -35.62
CA LEU A 361 55.69 3.53 -35.44
C LEU A 361 54.70 4.69 -35.56
N ARG A 362 53.82 4.62 -36.56
CA ARG A 362 52.88 5.69 -36.80
C ARG A 362 51.83 5.73 -35.68
N VAL A 363 51.59 6.93 -35.14
CA VAL A 363 50.71 7.08 -33.99
C VAL A 363 49.26 6.83 -34.38
N CYS A 364 48.82 7.42 -35.50
CA CYS A 364 47.42 7.33 -35.88
C CYS A 364 46.99 5.91 -36.24
N ASN A 365 47.93 5.06 -36.65
CA ASN A 365 47.62 3.68 -37.01
C ASN A 365 47.81 2.69 -35.87
N SER A 366 48.19 3.18 -34.68
CA SER A 366 48.44 2.31 -33.53
C SER A 366 47.44 2.53 -32.40
N TYR A 367 46.40 3.33 -32.63
CA TYR A 367 45.42 3.60 -31.58
C TYR A 367 44.62 2.34 -31.26
N TRP A 368 44.55 2.01 -29.96
CA TRP A 368 43.83 0.83 -29.48
C TRP A 368 44.27 -0.44 -30.22
N SER A 369 45.57 -0.57 -30.42
CA SER A 369 46.13 -1.68 -31.20
C SER A 369 46.06 -2.95 -30.38
N ARG A 370 45.23 -3.91 -30.82
CA ARG A 370 45.19 -5.21 -30.16
C ARG A 370 46.51 -5.95 -30.31
N GLU A 371 47.10 -5.91 -31.50
CA GLU A 371 48.38 -6.55 -31.76
C GLU A 371 49.09 -5.83 -32.90
N HIS A 372 50.42 -5.82 -32.82
CA HIS A 372 51.24 -5.20 -33.85
C HIS A 372 52.38 -6.13 -34.21
N PRO A 373 52.74 -6.21 -35.50
CA PRO A 373 53.82 -7.12 -35.90
C PRO A 373 55.17 -6.81 -35.27
N SER A 374 55.48 -5.53 -35.05
CA SER A 374 56.74 -5.16 -34.42
C SER A 374 56.63 -5.01 -32.91
N LEU A 375 55.47 -5.31 -32.33
CA LEU A 375 55.25 -5.27 -30.89
C LEU A 375 54.69 -6.63 -30.48
N GLN A 376 55.57 -7.58 -30.22
CA GLN A 376 55.16 -8.94 -29.89
C GLN A 376 55.79 -9.51 -28.62
N SER A 377 56.88 -8.94 -28.12
CA SER A 377 57.56 -9.46 -26.94
C SER A 377 57.90 -8.31 -26.01
N ALA A 378 58.46 -8.64 -24.84
CA ALA A 378 58.88 -7.63 -23.89
C ALA A 378 60.03 -6.79 -24.43
N GLU A 379 60.91 -7.40 -25.23
CA GLU A 379 62.02 -6.64 -25.81
C GLU A 379 61.51 -5.54 -26.73
N ASP A 380 60.38 -5.76 -27.39
CA ASP A 380 59.79 -4.70 -28.21
C ASP A 380 59.30 -3.55 -27.34
N VAL A 381 58.74 -3.85 -26.16
CA VAL A 381 58.33 -2.80 -25.24
C VAL A 381 59.54 -2.02 -24.74
N ASP A 382 60.63 -2.73 -24.44
CA ASP A 382 61.87 -2.06 -24.03
C ASP A 382 62.39 -1.16 -25.14
N ALA A 383 62.33 -1.64 -26.39
CA ALA A 383 62.76 -0.83 -27.52
C ALA A 383 61.89 0.41 -27.68
N LEU A 384 60.57 0.26 -27.49
CA LEU A 384 59.69 1.42 -27.54
C LEU A 384 60.05 2.44 -26.47
N LEU A 385 60.30 1.96 -25.25
CA LEU A 385 60.67 2.88 -24.17
C LEU A 385 61.98 3.60 -24.47
N LEU A 386 62.98 2.88 -24.97
CA LEU A 386 64.25 3.50 -25.30
C LEU A 386 64.10 4.51 -26.44
N GLY A 387 63.31 4.17 -27.46
CA GLY A 387 63.09 5.11 -28.55
C GLY A 387 62.38 6.36 -28.10
N MET A 388 61.37 6.21 -27.23
CA MET A 388 60.70 7.38 -26.68
C MET A 388 61.65 8.21 -25.83
N ALA A 389 62.55 7.57 -25.10
CA ALA A 389 63.53 8.31 -24.31
C ALA A 389 64.52 9.06 -25.20
N SER A 390 64.83 8.52 -26.38
CA SER A 390 65.80 9.16 -27.26
C SER A 390 65.18 10.10 -28.28
N GLN A 391 63.86 10.07 -28.47
CA GLN A 391 63.21 10.88 -29.47
C GLN A 391 62.75 12.22 -28.89
N ILE A 392 62.97 13.29 -29.64
CA ILE A 392 62.56 14.62 -29.23
C ILE A 392 61.08 14.82 -29.55
N ALA A 393 60.33 15.31 -28.59
CA ALA A 393 58.91 15.55 -28.78
C ALA A 393 58.68 16.76 -29.67
N GLU A 394 57.41 16.98 -30.02
CA GLU A 394 57.04 18.10 -30.87
C GLU A 394 57.19 19.42 -30.12
N ARG A 395 57.15 20.51 -30.88
CA ARG A 395 57.30 21.84 -30.30
C ARG A 395 56.09 22.20 -29.45
N GLU A 396 56.34 22.90 -28.35
CA GLU A 396 55.27 23.35 -27.45
C GLU A 396 54.67 24.63 -28.01
N ASP A 397 53.80 24.46 -29.01
CA ASP A 397 53.18 25.59 -29.69
C ASP A 397 51.72 25.24 -29.94
N HIS A 398 51.07 26.04 -30.79
CA HIS A 398 49.67 25.85 -31.12
C HIS A 398 49.43 24.78 -32.17
N VAL A 399 50.49 24.24 -32.78
CA VAL A 399 50.36 23.29 -33.88
C VAL A 399 50.21 21.89 -33.33
N LEU A 400 49.22 21.16 -33.83
CA LEU A 400 48.99 19.77 -33.49
C LEU A 400 49.24 18.89 -34.71
N VAL A 401 49.81 17.70 -34.49
CA VAL A 401 50.00 16.76 -35.57
C VAL A 401 48.65 16.21 -36.03
N GLU A 402 48.62 15.72 -37.28
CA GLU A 402 47.38 15.18 -37.83
C GLU A 402 46.93 13.91 -37.12
N ASP A 403 47.84 13.20 -36.47
CA ASP A 403 47.44 12.02 -35.70
C ASP A 403 46.52 12.40 -34.55
N VAL A 404 46.63 13.62 -34.05
CA VAL A 404 45.77 14.12 -32.99
C VAL A 404 44.67 15.01 -33.53
N ARG A 405 45.01 15.91 -34.45
CA ARG A 405 44.05 16.89 -34.94
C ARG A 405 43.01 16.26 -35.86
N ASP A 406 43.37 15.22 -36.62
CA ASP A 406 42.48 14.66 -37.60
C ASP A 406 42.19 13.17 -37.44
N PHE A 407 43.06 12.41 -36.77
CA PHE A 407 42.89 10.97 -36.72
C PHE A 407 42.86 10.45 -35.28
N TRP A 408 42.33 11.25 -34.36
CA TRP A 408 42.12 10.77 -33.00
C TRP A 408 41.00 9.72 -33.00
N PRO A 409 41.09 8.71 -32.15
CA PRO A 409 40.05 7.66 -32.13
C PRO A 409 38.67 8.25 -31.87
N GLY A 410 37.75 8.00 -32.80
CA GLY A 410 36.40 8.47 -32.68
C GLY A 410 35.57 7.58 -31.79
N PRO A 411 35.05 8.12 -30.69
CA PRO A 411 34.29 7.31 -29.74
C PRO A 411 32.91 6.91 -30.24
N LEU A 412 32.42 7.49 -31.32
CA LEU A 412 31.03 7.25 -31.71
C LEU A 412 30.87 7.42 -33.22
N LYS A 413 30.44 6.35 -33.89
CA LYS A 413 29.95 6.38 -35.26
C LYS A 413 31.03 6.75 -36.27
N PHE A 414 32.22 7.09 -35.80
CA PHE A 414 33.32 7.49 -36.66
C PHE A 414 34.60 6.87 -36.10
N SER A 415 35.40 6.27 -36.98
CA SER A 415 36.67 5.71 -36.54
C SER A 415 37.69 6.79 -36.22
N ARG A 416 37.51 8.01 -36.74
CA ARG A 416 38.42 9.11 -36.51
C ARG A 416 37.64 10.33 -36.06
N THR A 417 38.32 11.21 -35.32
CA THR A 417 37.71 12.44 -34.84
C THR A 417 38.82 13.45 -34.58
N ASP A 418 38.40 14.70 -34.34
CA ASP A 418 39.32 15.79 -34.03
C ASP A 418 39.48 15.86 -32.51
N HIS A 419 40.70 15.61 -32.03
CA HIS A 419 40.94 15.65 -30.59
C HIS A 419 40.87 17.07 -30.04
N LEU A 420 41.36 18.05 -30.81
CA LEU A 420 41.28 19.43 -30.33
C LEU A 420 39.84 19.93 -30.31
N ALA A 421 39.07 19.63 -31.36
CA ALA A 421 37.66 20.00 -31.35
C ALA A 421 36.92 19.28 -30.23
N SER A 422 37.25 18.01 -30.00
CA SER A 422 36.63 17.28 -28.89
C SER A 422 36.99 17.91 -27.55
N CYS A 423 38.23 18.36 -27.39
CA CYS A 423 38.63 19.00 -26.13
C CYS A 423 37.94 20.34 -25.95
N LEU A 424 37.79 21.11 -27.03
CA LEU A 424 37.05 22.37 -26.94
C LEU A 424 35.59 22.12 -26.55
N GLN A 425 34.96 21.12 -27.18
CA GLN A 425 33.58 20.78 -26.85
C GLN A 425 33.47 20.24 -25.43
N ARG A 426 34.52 19.57 -24.94
CA ARG A 426 34.54 19.12 -23.56
C ARG A 426 34.62 20.31 -22.60
N GLY A 427 35.50 21.26 -22.90
CA GLY A 427 35.61 22.45 -22.06
C GLY A 427 34.32 23.24 -22.01
N ARG A 428 33.63 23.33 -23.16
CA ARG A 428 32.30 23.94 -23.17
C ARG A 428 31.31 23.10 -22.37
N ASP A 429 31.41 21.76 -22.48
CA ASP A 429 30.54 20.87 -21.73
C ASP A 429 30.78 20.98 -20.23
N LEU A 430 32.04 21.10 -19.82
CA LEU A 430 32.38 21.23 -18.40
C LEU A 430 32.15 22.63 -17.88
N GLY A 431 31.73 23.57 -18.72
CA GLY A 431 31.53 24.94 -18.29
C GLY A 431 32.81 25.65 -17.91
N LEU A 432 33.88 25.45 -18.67
CA LEU A 432 35.14 26.09 -18.36
C LEU A 432 35.03 27.60 -18.55
N PRO A 433 35.75 28.38 -17.74
CA PRO A 433 35.67 29.84 -17.84
C PRO A 433 36.38 30.35 -19.09
N SER A 434 36.20 31.64 -19.34
CA SER A 434 36.89 32.29 -20.43
C SER A 434 38.37 32.49 -20.08
N TYR A 435 39.15 32.81 -21.11
CA TYR A 435 40.58 33.01 -20.92
C TYR A 435 40.86 34.17 -19.97
N THR A 436 40.14 35.29 -20.15
CA THR A 436 40.35 36.46 -19.30
C THR A 436 39.93 36.19 -17.86
N LYS A 437 38.76 35.57 -17.67
CA LYS A 437 38.32 35.25 -16.31
C LYS A 437 39.24 34.24 -15.64
N ALA A 438 39.72 33.26 -16.41
CA ALA A 438 40.66 32.28 -15.86
C ALA A 438 41.96 32.96 -15.42
N ARG A 439 42.46 33.91 -16.23
CA ARG A 439 43.65 34.65 -15.82
C ARG A 439 43.38 35.48 -14.57
N ALA A 440 42.20 36.13 -14.51
CA ALA A 440 41.89 36.99 -13.38
C ALA A 440 41.78 36.19 -12.09
N ALA A 441 41.18 34.99 -12.15
CA ALA A 441 41.02 34.19 -10.95
C ALA A 441 42.35 33.71 -10.39
N LEU A 442 43.36 33.55 -11.25
CA LEU A 442 44.67 33.09 -10.82
C LEU A 442 45.62 34.23 -10.44
N GLY A 443 45.15 35.48 -10.49
CA GLY A 443 46.01 36.60 -10.16
C GLY A 443 46.98 37.01 -11.23
N LEU A 444 46.83 36.50 -12.45
CA LEU A 444 47.71 36.88 -13.55
C LEU A 444 47.34 38.26 -14.07
N SER A 445 48.30 38.89 -14.75
CA SER A 445 48.07 40.21 -15.30
C SER A 445 47.00 40.14 -16.39
N PRO A 446 46.03 41.06 -16.39
CA PRO A 446 44.98 41.02 -17.41
C PRO A 446 45.54 41.29 -18.80
N ILE A 447 44.96 40.62 -19.79
CA ILE A 447 45.31 40.79 -21.20
C ILE A 447 44.17 41.54 -21.86
N THR A 448 44.50 42.67 -22.49
CA THR A 448 43.49 43.52 -23.11
C THR A 448 43.54 43.53 -24.63
N ARG A 449 44.67 43.17 -25.24
CA ARG A 449 44.80 43.13 -26.68
C ARG A 449 45.14 41.71 -27.12
N TRP A 450 44.72 41.37 -28.35
CA TRP A 450 44.93 40.03 -28.86
C TRP A 450 46.41 39.70 -29.05
N GLN A 451 47.22 40.70 -29.42
CA GLN A 451 48.63 40.46 -29.66
C GLN A 451 49.43 40.32 -28.37
N ASP A 452 48.87 40.71 -27.22
CA ASP A 452 49.55 40.51 -25.96
C ASP A 452 49.41 39.09 -25.42
N ILE A 453 48.58 38.25 -26.04
CA ILE A 453 48.47 36.86 -25.63
C ILE A 453 49.80 36.14 -25.79
N ASN A 454 50.47 36.38 -26.92
CA ASN A 454 51.78 35.79 -27.18
C ASN A 454 52.58 36.79 -28.01
N PRO A 455 53.34 37.67 -27.36
CA PRO A 455 54.11 38.67 -28.12
C PRO A 455 55.08 38.07 -29.12
N ALA A 456 55.72 36.95 -28.78
CA ALA A 456 56.62 36.30 -29.71
C ALA A 456 55.86 35.77 -30.93
N LEU A 457 54.68 35.20 -30.71
CA LEU A 457 53.88 34.68 -31.82
C LEU A 457 53.45 35.80 -32.76
N SER A 458 53.02 36.93 -32.21
CA SER A 458 52.66 38.07 -33.04
C SER A 458 53.87 38.74 -33.68
N ARG A 459 55.06 38.55 -33.11
CA ARG A 459 56.27 39.11 -33.71
C ARG A 459 56.55 38.49 -35.07
N SER A 460 56.38 37.18 -35.20
CA SER A 460 56.68 36.47 -36.43
C SER A 460 55.54 36.69 -37.44
N ASN A 461 55.62 35.96 -38.56
CA ASN A 461 54.64 36.08 -39.63
C ASN A 461 53.43 35.17 -39.43
N ASP A 462 53.37 34.43 -38.32
CA ASP A 462 52.22 33.58 -38.06
C ASP A 462 50.99 34.44 -37.79
N THR A 463 49.92 34.21 -38.57
CA THR A 463 48.70 34.99 -38.46
C THR A 463 47.61 34.25 -37.69
N VAL A 464 47.99 33.29 -36.84
CA VAL A 464 47.00 32.54 -36.08
C VAL A 464 46.28 33.43 -35.08
N LEU A 465 46.98 34.42 -34.51
CA LEU A 465 46.33 35.33 -33.56
C LEU A 465 45.24 36.15 -34.24
N GLU A 466 45.54 36.72 -35.41
CA GLU A 466 44.55 37.54 -36.11
C GLU A 466 43.35 36.70 -36.55
N ALA A 467 43.60 35.51 -37.08
CA ALA A 467 42.51 34.63 -37.50
C ALA A 467 41.66 34.19 -36.31
N THR A 468 42.30 33.87 -35.19
CA THR A 468 41.56 33.50 -33.98
C THR A 468 40.72 34.66 -33.48
N ALA A 469 41.26 35.87 -33.52
CA ALA A 469 40.47 37.05 -33.15
C ALA A 469 39.29 37.24 -34.09
N ALA A 470 39.49 37.00 -35.39
CA ALA A 470 38.40 37.11 -36.34
C ALA A 470 37.31 36.08 -36.05
N LEU A 471 37.71 34.86 -35.66
CA LEU A 471 36.73 33.84 -35.30
C LEU A 471 35.91 34.26 -34.08
N TYR A 472 36.51 34.98 -33.14
CA TYR A 472 35.84 35.44 -31.94
C TYR A 472 35.24 36.83 -32.10
N ASN A 473 35.19 37.36 -33.32
CA ASN A 473 34.64 38.69 -33.60
C ASN A 473 35.38 39.77 -32.81
N GLN A 474 36.70 39.60 -32.68
CA GLN A 474 37.60 40.53 -32.00
C GLN A 474 37.25 40.71 -30.53
N ASP A 475 36.39 39.86 -29.96
CA ASP A 475 35.98 39.97 -28.57
C ASP A 475 36.92 39.11 -27.73
N LEU A 476 37.89 39.76 -27.07
CA LEU A 476 38.85 39.03 -26.25
C LEU A 476 38.20 38.44 -25.00
N SER A 477 37.10 39.02 -24.53
CA SER A 477 36.42 38.49 -23.36
C SER A 477 35.76 37.14 -23.61
N TRP A 478 35.50 36.81 -24.87
CA TRP A 478 34.88 35.54 -25.22
C TRP A 478 35.87 34.44 -25.53
N LEU A 479 37.17 34.76 -25.58
CA LEU A 479 38.17 33.74 -25.84
C LEU A 479 38.15 32.69 -24.74
N GLU A 480 38.07 31.42 -25.14
CA GLU A 480 37.97 30.34 -24.19
C GLU A 480 39.34 30.01 -23.59
N LEU A 481 39.31 29.27 -22.49
CA LEU A 481 40.56 28.94 -21.79
C LEU A 481 41.49 28.10 -22.65
N LEU A 482 40.94 27.10 -23.35
CA LEU A 482 41.79 26.20 -24.13
C LEU A 482 42.48 26.91 -25.30
N PRO A 483 41.79 27.68 -26.15
CA PRO A 483 42.53 28.40 -27.21
C PRO A 483 43.54 29.39 -26.68
N GLY A 484 43.20 30.09 -25.59
CA GLY A 484 44.15 31.03 -25.01
C GLY A 484 45.40 30.35 -24.50
N GLY A 485 45.23 29.22 -23.82
CA GLY A 485 46.38 28.47 -23.36
C GLY A 485 47.21 27.90 -24.50
N LEU A 486 46.55 27.46 -25.56
CA LEU A 486 47.27 26.97 -26.74
C LEU A 486 48.10 28.09 -27.37
N LEU A 487 47.51 29.29 -27.47
CA LEU A 487 48.22 30.41 -28.08
C LEU A 487 49.31 30.98 -27.17
N GLU A 488 49.19 30.81 -25.85
CA GLU A 488 50.18 31.36 -24.93
C GLU A 488 51.49 30.59 -24.94
N SER A 489 51.50 29.35 -25.40
CA SER A 489 52.67 28.50 -25.27
C SER A 489 53.80 28.97 -26.19
N HIS A 490 55.01 29.10 -25.63
CA HIS A 490 56.19 29.45 -26.40
C HIS A 490 57.41 28.93 -25.64
N ARG A 491 57.95 27.80 -26.11
CA ARG A 491 59.11 27.12 -25.53
C ARG A 491 58.75 26.48 -24.19
N ASP A 492 57.55 26.79 -23.71
CA ASP A 492 57.03 26.30 -22.43
C ASP A 492 55.52 26.46 -22.44
N PRO A 493 54.81 25.76 -21.57
CA PRO A 493 53.38 26.03 -21.42
C PRO A 493 53.15 27.47 -20.97
N GLY A 494 52.06 28.06 -21.46
CA GLY A 494 51.75 29.44 -21.19
C GLY A 494 51.57 29.71 -19.71
N PRO A 495 51.63 30.98 -19.31
CA PRO A 495 51.51 31.30 -17.89
C PRO A 495 50.21 30.78 -17.27
N LEU A 496 49.11 30.83 -18.00
CA LEU A 496 47.84 30.32 -17.48
C LEU A 496 47.92 28.82 -17.23
N PHE A 497 48.33 28.05 -18.25
CA PHE A 497 48.40 26.60 -18.10
C PHE A 497 49.46 26.20 -17.07
N SER A 498 50.62 26.88 -17.10
CA SER A 498 51.67 26.56 -16.14
C SER A 498 51.19 26.83 -14.71
N THR A 499 50.52 27.95 -14.49
CA THR A 499 49.99 28.25 -13.15
C THR A 499 48.96 27.22 -12.73
N ILE A 500 48.05 26.85 -13.64
CA ILE A 500 47.01 25.88 -13.30
C ILE A 500 47.63 24.56 -12.88
N VAL A 501 48.55 24.04 -13.70
CA VAL A 501 49.14 22.73 -13.40
C VAL A 501 50.00 22.80 -12.15
N LEU A 502 50.75 23.89 -11.97
CA LEU A 502 51.61 24.02 -10.80
C LEU A 502 50.79 24.06 -9.52
N GLU A 503 49.72 24.86 -9.50
CA GLU A 503 48.91 24.95 -8.28
C GLU A 503 48.15 23.64 -8.04
N GLN A 504 47.72 22.96 -9.11
CA GLN A 504 47.04 21.68 -8.93
C GLN A 504 47.97 20.65 -8.31
N PHE A 505 49.23 20.59 -8.78
CA PHE A 505 50.16 19.63 -8.22
C PHE A 505 50.58 20.02 -6.81
N VAL A 506 50.69 21.32 -6.52
CA VAL A 506 50.99 21.76 -5.16
C VAL A 506 49.88 21.30 -4.21
N ARG A 507 48.62 21.49 -4.61
CA ARG A 507 47.50 21.07 -3.78
C ARG A 507 47.44 19.55 -3.67
N LEU A 508 47.78 18.83 -4.73
CA LEU A 508 47.80 17.37 -4.67
C LEU A 508 48.86 16.88 -3.69
N ARG A 509 50.05 17.47 -3.71
CA ARG A 509 51.11 17.03 -2.82
C ARG A 509 50.81 17.41 -1.37
N ASP A 510 50.41 18.67 -1.15
CA ASP A 510 50.21 19.14 0.22
C ASP A 510 48.96 18.55 0.85
N GLY A 511 47.92 18.31 0.05
CA GLY A 511 46.66 17.80 0.55
C GLY A 511 46.59 16.29 0.69
N ASP A 512 47.66 15.57 0.36
CA ASP A 512 47.66 14.11 0.39
C ASP A 512 48.27 13.63 1.70
N ARG A 513 47.49 12.89 2.48
CA ARG A 513 47.99 12.31 3.73
C ARG A 513 48.98 11.18 3.45
N TYR A 514 48.84 10.51 2.30
CA TYR A 514 49.69 9.39 1.95
C TYR A 514 50.88 9.79 1.09
N TRP A 515 51.21 11.08 1.04
CA TRP A 515 52.41 11.50 0.35
C TRP A 515 53.63 10.92 1.05
N PHE A 516 54.59 10.43 0.26
CA PHE A 516 55.72 9.71 0.82
C PHE A 516 56.61 10.59 1.69
N GLU A 517 56.60 11.91 1.47
CA GLU A 517 57.37 12.82 2.31
C GLU A 517 56.66 13.17 3.61
N ASN A 518 55.37 12.88 3.72
CA ASN A 518 54.63 13.14 4.96
C ASN A 518 55.06 12.11 6.00
N THR A 519 55.90 12.53 6.95
CA THR A 519 56.43 11.61 7.95
C THR A 519 55.38 11.16 8.96
N ARG A 520 54.23 11.84 9.04
CA ARG A 520 53.23 11.49 10.03
C ARG A 520 52.44 10.23 9.68
N ASN A 521 52.43 9.82 8.41
CA ASN A 521 51.68 8.64 8.02
C ASN A 521 52.40 7.34 8.32
N GLY A 522 53.70 7.40 8.62
CA GLY A 522 54.44 6.20 8.95
C GLY A 522 54.71 5.27 7.79
N LEU A 523 54.58 5.75 6.55
CA LEU A 523 54.81 4.90 5.40
C LEU A 523 56.28 4.57 5.23
N PHE A 524 57.16 5.57 5.37
CA PHE A 524 58.58 5.38 5.15
C PHE A 524 59.37 6.09 6.24
N SER A 525 60.57 5.57 6.50
CA SER A 525 61.52 6.23 7.37
C SER A 525 62.26 7.33 6.61
N LYS A 526 63.09 8.08 7.33
CA LYS A 526 63.85 9.16 6.70
C LYS A 526 64.78 8.61 5.62
N LYS A 527 65.48 7.52 5.92
CA LYS A 527 66.38 6.91 4.93
C LYS A 527 65.61 6.39 3.73
N GLU A 528 64.44 5.78 3.96
CA GLU A 528 63.61 5.33 2.85
C GLU A 528 63.12 6.51 2.01
N ILE A 529 62.76 7.61 2.66
CA ILE A 529 62.33 8.80 1.93
C ILE A 529 63.47 9.34 1.07
N GLU A 530 64.69 9.33 1.61
CA GLU A 530 65.85 9.76 0.81
C GLU A 530 66.07 8.83 -0.37
N GLU A 531 65.91 7.52 -0.16
CA GLU A 531 66.05 6.57 -1.26
C GLU A 531 65.02 6.87 -2.35
N ILE A 532 63.77 7.11 -1.96
CA ILE A 532 62.72 7.39 -2.93
C ILE A 532 63.00 8.69 -3.67
N ARG A 533 63.47 9.71 -2.97
CA ARG A 533 63.80 10.98 -3.62
C ARG A 533 64.94 10.79 -4.62
N ASN A 534 65.89 9.93 -4.31
CA ASN A 534 67.00 9.68 -5.24
C ASN A 534 66.57 8.92 -6.48
N THR A 535 65.41 8.26 -6.46
CA THR A 535 64.99 7.44 -7.58
C THR A 535 64.41 8.31 -8.69
N THR A 536 64.86 8.06 -9.92
CA THR A 536 64.37 8.74 -11.11
C THR A 536 63.77 7.71 -12.07
N LEU A 537 63.14 8.20 -13.14
CA LEU A 537 62.58 7.29 -14.13
C LEU A 537 63.65 6.49 -14.85
N GLN A 538 64.86 7.04 -14.95
CA GLN A 538 65.97 6.30 -15.53
C GLN A 538 66.28 5.07 -14.69
N ASP A 539 66.22 5.20 -13.36
CA ASP A 539 66.45 4.06 -12.48
C ASP A 539 65.39 2.98 -12.71
N VAL A 540 64.12 3.39 -12.85
CA VAL A 540 63.04 2.43 -13.08
C VAL A 540 63.25 1.73 -14.43
N LEU A 541 63.61 2.48 -15.46
CA LEU A 541 63.86 1.88 -16.77
C LEU A 541 65.01 0.89 -16.71
N VAL A 542 66.11 1.27 -16.05
CA VAL A 542 67.26 0.37 -15.93
C VAL A 542 66.87 -0.88 -15.16
N ALA A 543 66.04 -0.72 -14.12
CA ALA A 543 65.67 -1.85 -13.28
C ALA A 543 64.77 -2.84 -14.02
N VAL A 544 63.77 -2.34 -14.75
CA VAL A 544 62.83 -3.27 -15.35
C VAL A 544 63.31 -3.78 -16.72
N ILE A 545 64.06 -2.97 -17.46
CA ILE A 545 64.57 -3.41 -18.75
C ILE A 545 65.80 -4.30 -18.59
N ASN A 546 66.45 -4.25 -17.42
CA ASN A 546 67.70 -4.98 -17.17
C ASN A 546 68.75 -4.56 -18.19
N ILE A 547 69.08 -3.27 -18.16
CA ILE A 547 69.95 -2.63 -19.13
C ILE A 547 71.03 -1.86 -18.37
N ASP A 548 72.13 -1.59 -19.07
CA ASP A 548 73.21 -0.82 -18.48
C ASP A 548 72.77 0.63 -18.27
N PRO A 549 73.11 1.24 -17.15
CA PRO A 549 72.69 2.64 -16.90
C PRO A 549 73.19 3.62 -17.95
N SER A 550 74.36 3.37 -18.55
CA SER A 550 74.91 4.29 -19.53
C SER A 550 74.11 4.35 -20.82
N ALA A 551 73.20 3.39 -21.06
CA ALA A 551 72.39 3.41 -22.26
C ALA A 551 71.29 4.47 -22.23
N LEU A 552 71.05 5.09 -21.08
CA LEU A 552 70.04 6.12 -20.95
C LEU A 552 70.63 7.35 -20.26
N GLN A 553 70.15 8.52 -20.65
CA GLN A 553 70.58 9.75 -20.01
C GLN A 553 70.02 9.83 -18.59
N PRO A 554 70.68 10.57 -17.69
CA PRO A 554 70.19 10.62 -16.30
C PRO A 554 68.77 11.16 -16.17
N ASN A 555 68.36 12.09 -17.04
CA ASN A 555 67.01 12.62 -17.04
C ASN A 555 66.38 12.27 -18.38
N VAL A 556 65.64 11.15 -18.42
CA VAL A 556 65.06 10.65 -19.66
C VAL A 556 63.99 11.57 -20.23
N PHE A 557 63.52 12.55 -19.45
CA PHE A 557 62.50 13.47 -19.93
C PHE A 557 63.06 14.52 -20.89
N VAL A 558 64.36 14.80 -20.83
CA VAL A 558 65.00 15.78 -21.70
C VAL A 558 66.27 15.15 -22.27
N TRP A 559 66.47 15.30 -23.59
CA TRP A 559 67.67 14.81 -24.25
C TRP A 559 68.58 15.98 -24.58
N HIS A 560 69.82 15.91 -24.12
CA HIS A 560 70.81 16.95 -24.36
C HIS A 560 71.97 16.39 -25.19
N LYS A 561 72.72 17.30 -25.80
CA LYS A 561 73.86 16.89 -26.62
C LYS A 561 74.88 16.13 -25.78
N GLY A 562 75.32 14.99 -26.28
CA GLY A 562 76.19 14.10 -25.56
C GLY A 562 75.49 12.90 -24.92
N ASP A 563 74.17 12.95 -24.83
CA ASP A 563 73.42 11.84 -24.28
C ASP A 563 73.48 10.65 -25.26
N PRO A 564 73.35 9.42 -24.75
CA PRO A 564 73.46 8.26 -25.62
C PRO A 564 72.32 8.21 -26.65
N CYS A 565 72.63 7.63 -27.81
CA CYS A 565 71.69 7.34 -28.88
C CYS A 565 70.89 8.55 -29.32
N PRO A 566 71.48 9.51 -30.03
CA PRO A 566 70.69 10.58 -30.63
C PRO A 566 69.70 10.03 -31.65
N GLN A 567 68.55 10.68 -31.76
CA GLN A 567 67.57 10.29 -32.75
C GLN A 567 68.11 10.50 -34.16
N PRO A 568 67.76 9.62 -35.10
CA PRO A 568 68.27 9.78 -36.48
C PRO A 568 67.89 11.11 -37.10
N ARG A 569 66.68 11.59 -36.85
CA ARG A 569 66.19 12.86 -37.36
C ARG A 569 64.90 13.19 -36.64
N GLN A 570 64.50 14.46 -36.73
CA GLN A 570 63.22 14.87 -36.15
C GLN A 570 62.09 14.32 -37.00
N LEU A 571 61.25 13.48 -36.39
CA LEU A 571 60.22 12.78 -37.14
C LEU A 571 59.15 13.73 -37.67
N SER A 572 58.65 13.42 -38.86
CA SER A 572 57.56 14.17 -39.48
C SER A 572 56.65 13.17 -40.19
N THR A 573 55.63 13.69 -40.86
CA THR A 573 54.72 12.83 -41.61
C THR A 573 55.43 12.14 -42.77
N GLU A 574 56.47 12.77 -43.31
CA GLU A 574 57.21 12.19 -44.42
C GLU A 574 57.84 10.86 -44.04
N GLY A 575 57.68 9.86 -44.91
CA GLY A 575 58.26 8.55 -44.70
C GLY A 575 57.48 7.64 -43.78
N LEU A 576 56.36 8.09 -43.23
CA LEU A 576 55.55 7.27 -42.35
C LEU A 576 54.30 6.77 -43.09
N PRO A 577 53.74 5.64 -42.67
CA PRO A 577 52.51 5.16 -43.31
C PRO A 577 51.38 6.16 -43.18
N ALA A 578 50.58 6.27 -44.24
CA ALA A 578 49.45 7.18 -44.23
C ALA A 578 48.43 6.75 -43.19
N CYS A 579 47.83 7.74 -42.52
CA CYS A 579 46.83 7.44 -41.52
C CYS A 579 45.62 6.76 -42.15
N ALA A 580 45.07 5.79 -41.44
CA ALA A 580 43.93 5.03 -41.97
C ALA A 580 42.74 5.97 -42.15
N PRO A 581 42.07 5.93 -43.30
CA PRO A 581 40.93 6.83 -43.53
C PRO A 581 39.80 6.55 -42.55
N SER A 582 39.06 7.60 -42.22
CA SER A 582 37.95 7.47 -41.29
C SER A 582 36.86 6.57 -41.87
N VAL A 583 36.33 5.70 -41.03
CA VAL A 583 35.29 4.75 -41.42
C VAL A 583 34.08 4.94 -40.51
N VAL A 584 32.90 5.06 -41.11
CA VAL A 584 31.66 5.22 -40.36
C VAL A 584 31.15 3.85 -39.96
N ARG A 585 30.95 3.65 -38.66
CA ARG A 585 30.46 2.38 -38.14
C ARG A 585 28.93 2.35 -38.21
N ASP A 586 28.39 1.32 -38.85
CA ASP A 586 26.96 1.11 -38.96
C ASP A 586 26.57 -0.06 -38.08
N TYR A 587 25.69 0.18 -37.12
CA TYR A 587 25.30 -0.87 -36.17
C TYR A 587 24.31 -1.86 -36.80
N PHE A 588 23.47 -1.40 -37.72
CA PHE A 588 22.39 -2.21 -38.27
C PHE A 588 22.75 -2.84 -39.61
N GLU A 589 24.01 -2.76 -40.02
CA GLU A 589 24.41 -3.38 -41.28
C GLU A 589 24.32 -4.89 -41.18
N GLY A 590 23.75 -5.52 -42.21
CA GLY A 590 23.55 -6.95 -42.22
C GLY A 590 22.42 -7.45 -41.35
N SER A 591 21.54 -6.55 -40.88
CA SER A 591 20.44 -6.93 -40.02
C SER A 591 19.07 -6.51 -40.53
N GLY A 592 19.01 -5.73 -41.61
CA GLY A 592 17.72 -5.30 -42.12
C GLY A 592 16.87 -6.44 -42.64
N PHE A 593 17.47 -7.35 -43.42
CA PHE A 593 16.74 -8.48 -43.96
C PHE A 593 16.20 -9.37 -42.85
N GLY A 594 17.03 -9.69 -41.87
CA GLY A 594 16.58 -10.54 -40.78
C GLY A 594 15.53 -9.88 -39.91
N PHE A 595 15.68 -8.58 -39.67
CA PHE A 595 14.66 -7.85 -38.91
C PHE A 595 13.33 -7.86 -39.65
N GLY A 596 13.36 -7.65 -40.96
CA GLY A 596 12.14 -7.73 -41.76
C GLY A 596 11.53 -9.12 -41.73
N VAL A 597 12.37 -10.15 -41.76
CA VAL A 597 11.87 -11.52 -41.70
C VAL A 597 11.21 -11.79 -40.36
N THR A 598 11.82 -11.30 -39.26
CA THR A 598 11.23 -11.47 -37.95
C THR A 598 9.88 -10.77 -37.86
N ILE A 599 9.79 -9.54 -38.38
CA ILE A 599 8.52 -8.82 -38.39
C ILE A 599 7.49 -9.57 -39.22
N GLY A 600 7.92 -10.13 -40.36
CA GLY A 600 7.01 -10.89 -41.19
C GLY A 600 6.49 -12.14 -40.50
N THR A 601 7.34 -12.85 -39.76
CA THR A 601 6.90 -14.01 -39.00
C THR A 601 5.92 -13.61 -37.89
N LEU A 602 6.21 -12.51 -37.21
CA LEU A 602 5.29 -12.03 -36.18
C LEU A 602 3.93 -11.68 -36.78
N CYS A 603 3.92 -11.07 -37.97
CA CYS A 603 2.66 -10.74 -38.63
C CYS A 603 1.98 -11.96 -39.25
N CYS A 604 2.75 -13.02 -39.53
CA CYS A 604 2.19 -14.24 -40.10
C CYS A 604 1.74 -15.24 -39.05
N PHE A 605 2.06 -15.01 -37.78
CA PHE A 605 1.49 -15.83 -36.71
C PHE A 605 -0.03 -15.97 -36.81
N PRO A 606 -0.81 -14.90 -36.99
CA PRO A 606 -2.26 -15.09 -37.22
C PRO A 606 -2.55 -15.88 -38.49
N LEU A 607 -1.75 -15.71 -39.55
CA LEU A 607 -1.96 -16.48 -40.76
C LEU A 607 -1.71 -17.96 -40.54
N VAL A 608 -0.66 -18.30 -39.79
CA VAL A 608 -0.38 -19.70 -39.47
C VAL A 608 -1.51 -20.28 -38.63
N SER A 609 -1.99 -19.52 -37.64
CA SER A 609 -3.10 -20.00 -36.82
C SER A 609 -4.36 -20.20 -37.66
N LEU A 610 -4.62 -19.28 -38.59
CA LEU A 610 -5.78 -19.42 -39.47
C LEU A 610 -5.67 -20.64 -40.35
N LEU A 611 -4.48 -20.89 -40.90
CA LEU A 611 -4.27 -22.09 -41.71
C LEU A 611 -4.50 -23.35 -40.90
N SER A 612 -3.96 -23.39 -39.68
CA SER A 612 -4.17 -24.56 -38.82
C SER A 612 -5.64 -24.74 -38.47
N ALA A 613 -6.35 -23.64 -38.21
CA ALA A 613 -7.77 -23.71 -37.91
C ALA A 613 -8.57 -24.23 -39.09
N TRP A 614 -8.24 -23.77 -40.30
CA TRP A 614 -8.91 -24.29 -41.49
C TRP A 614 -8.64 -25.78 -41.67
N ILE A 615 -7.39 -26.20 -41.46
CA ILE A 615 -7.03 -27.61 -41.62
C ILE A 615 -7.80 -28.47 -40.63
N VAL A 616 -7.85 -28.04 -39.35
CA VAL A 616 -8.53 -28.84 -38.35
C VAL A 616 -10.04 -28.81 -38.57
N ALA A 617 -10.58 -27.72 -39.10
CA ALA A 617 -12.00 -27.67 -39.44
C ALA A 617 -12.32 -28.64 -40.56
N ARG A 618 -11.42 -28.76 -41.55
CA ARG A 618 -11.63 -29.72 -42.63
C ARG A 618 -11.66 -31.15 -42.09
N LEU A 619 -10.77 -31.49 -41.17
CA LEU A 619 -10.72 -32.82 -40.58
C LEU A 619 -11.71 -32.93 -39.42
N MET A 644 -25.70 -41.94 -51.76
CA MET A 644 -24.26 -41.91 -51.55
C MET A 644 -23.85 -40.62 -50.85
N GLU A 645 -22.61 -40.59 -50.34
CA GLU A 645 -22.12 -39.45 -49.59
C GLU A 645 -21.76 -38.29 -50.51
N ALA A 646 -21.93 -37.07 -49.99
CA ALA A 646 -21.60 -35.85 -50.70
C ALA A 646 -21.51 -34.72 -49.70
N LEU A 647 -21.13 -33.54 -50.18
CA LEU A 647 -21.04 -32.33 -49.37
C LEU A 647 -22.02 -31.30 -49.89
N GLU A 648 -22.80 -30.70 -48.99
CA GLU A 648 -23.83 -29.73 -49.35
C GLU A 648 -23.36 -28.34 -48.94
N TRP A 649 -23.45 -27.40 -49.87
CA TRP A 649 -22.97 -26.03 -49.71
C TRP A 649 -24.18 -25.10 -49.57
N GLN A 650 -24.16 -24.28 -48.53
CA GLN A 650 -25.28 -23.39 -48.20
C GLN A 650 -24.84 -21.93 -48.17
N GLY A 651 -23.95 -21.54 -49.07
CA GLY A 651 -23.47 -20.18 -49.10
C GLY A 651 -22.02 -20.08 -48.63
N HIS A 652 -21.41 -18.93 -48.93
CA HIS A 652 -20.04 -18.70 -48.52
C HIS A 652 -19.91 -18.62 -47.00
N LYS A 653 -20.88 -17.98 -46.35
CA LYS A 653 -20.82 -17.81 -44.89
C LYS A 653 -21.17 -19.09 -44.15
N GLU A 654 -22.13 -19.86 -44.66
CA GLU A 654 -22.57 -21.07 -43.95
C GLU A 654 -21.70 -22.25 -44.35
N PRO A 655 -21.16 -23.00 -43.39
CA PRO A 655 -20.30 -24.14 -43.73
C PRO A 655 -21.06 -25.25 -44.45
N CYS A 656 -20.33 -25.96 -45.30
CA CYS A 656 -20.86 -27.14 -45.96
C CYS A 656 -21.00 -28.29 -44.95
N ARG A 657 -21.87 -29.24 -45.26
CA ARG A 657 -22.08 -30.36 -44.36
C ARG A 657 -22.12 -31.68 -45.13
N PRO A 658 -21.71 -32.77 -44.49
CA PRO A 658 -21.79 -34.08 -45.17
C PRO A 658 -23.21 -34.62 -45.16
N VAL A 659 -23.69 -35.00 -46.34
CA VAL A 659 -25.06 -35.45 -46.55
C VAL A 659 -25.03 -36.71 -47.40
N LEU A 660 -26.17 -37.40 -47.47
CA LEU A 660 -26.35 -38.56 -48.31
C LEU A 660 -27.53 -38.31 -49.26
N VAL A 661 -27.38 -38.77 -50.50
CA VAL A 661 -28.37 -38.52 -51.54
C VAL A 661 -29.03 -39.85 -51.91
N TYR A 662 -30.36 -39.86 -51.87
CA TYR A 662 -31.15 -41.01 -52.30
C TYR A 662 -32.03 -40.61 -53.48
N LEU A 663 -32.25 -41.57 -54.38
CA LEU A 663 -32.98 -41.33 -55.63
C LEU A 663 -34.20 -42.23 -55.68
N GLN A 664 -35.35 -41.70 -55.26
CA GLN A 664 -36.62 -42.36 -55.46
C GLN A 664 -37.05 -42.23 -56.92
N PRO A 665 -38.01 -43.05 -57.36
CA PRO A 665 -38.38 -43.00 -58.79
C PRO A 665 -38.83 -41.63 -59.27
N GLY A 666 -39.55 -40.87 -58.45
CA GLY A 666 -40.00 -39.56 -58.85
C GLY A 666 -39.50 -38.44 -57.96
N GLN A 667 -38.98 -38.81 -56.79
CA GLN A 667 -38.50 -37.84 -55.81
C GLN A 667 -37.01 -38.04 -55.57
N ILE A 668 -36.34 -36.96 -55.20
CA ILE A 668 -34.93 -36.98 -54.82
C ILE A 668 -34.82 -36.51 -53.37
N ARG A 669 -34.08 -37.25 -52.55
CA ARG A 669 -33.98 -36.99 -51.12
C ARG A 669 -32.54 -36.64 -50.77
N VAL A 670 -32.37 -35.54 -50.04
CA VAL A 670 -31.10 -35.12 -49.50
C VAL A 670 -31.23 -35.22 -47.99
N VAL A 671 -30.58 -36.23 -47.39
CA VAL A 671 -30.81 -36.61 -46.01
C VAL A 671 -29.47 -36.64 -45.29
N ASP A 672 -29.41 -36.03 -44.11
CA ASP A 672 -28.17 -36.00 -43.34
C ASP A 672 -27.69 -37.41 -43.03
N GLY A 673 -26.38 -37.52 -42.76
CA GLY A 673 -25.78 -38.81 -42.46
C GLY A 673 -26.39 -39.50 -41.27
N ARG A 674 -27.02 -38.76 -40.36
CA ARG A 674 -27.76 -39.32 -39.23
C ARG A 674 -29.08 -39.95 -39.66
N LEU A 675 -29.40 -39.95 -40.96
CA LEU A 675 -30.68 -40.36 -41.53
C LEU A 675 -31.80 -39.40 -41.17
N THR A 676 -31.47 -38.18 -40.78
CA THR A 676 -32.46 -37.14 -40.55
C THR A 676 -32.76 -36.44 -41.87
N VAL A 677 -34.02 -36.47 -42.29
CA VAL A 677 -34.39 -35.93 -43.61
C VAL A 677 -34.19 -34.43 -43.61
N LEU A 678 -33.47 -33.93 -44.63
CA LEU A 678 -33.22 -32.51 -44.79
C LEU A 678 -34.04 -31.88 -45.91
N ARG A 679 -34.14 -32.53 -47.07
CA ARG A 679 -34.88 -31.96 -48.19
C ARG A 679 -35.41 -33.08 -49.08
N THR A 680 -36.61 -32.88 -49.62
CA THR A 680 -37.22 -33.79 -50.58
C THR A 680 -37.78 -32.98 -51.72
N ILE A 681 -37.38 -33.31 -52.95
CA ILE A 681 -37.79 -32.57 -54.14
C ILE A 681 -38.51 -33.52 -55.08
N GLN A 682 -39.57 -33.03 -55.72
CA GLN A 682 -40.36 -33.81 -56.65
C GLN A 682 -40.14 -33.31 -58.08
N LEU A 683 -40.09 -34.23 -59.03
CA LEU A 683 -39.91 -33.91 -60.44
C LEU A 683 -41.20 -34.18 -61.18
N GLN A 684 -41.67 -33.20 -61.96
CA GLN A 684 -42.91 -33.30 -62.71
C GLN A 684 -42.68 -32.80 -64.12
N PRO A 685 -43.10 -33.56 -65.16
CA PRO A 685 -42.95 -33.14 -66.56
C PRO A 685 -43.97 -32.08 -66.96
N VAL A 689 -35.47 -29.83 -64.97
CA VAL A 689 -34.38 -29.29 -64.17
C VAL A 689 -33.09 -29.25 -64.97
N ASN A 690 -32.17 -28.37 -64.55
CA ASN A 690 -30.91 -28.16 -65.24
C ASN A 690 -29.75 -28.53 -64.32
N PHE A 691 -28.61 -28.86 -64.93
CA PHE A 691 -27.44 -29.26 -64.19
C PHE A 691 -26.24 -28.43 -64.62
N VAL A 692 -25.35 -28.16 -63.67
CA VAL A 692 -24.09 -27.46 -63.92
C VAL A 692 -22.97 -28.31 -63.36
N LEU A 693 -21.93 -28.55 -64.17
CA LEU A 693 -20.81 -29.39 -63.80
C LEU A 693 -19.55 -28.53 -63.64
N SER A 694 -18.80 -28.81 -62.58
CA SER A 694 -17.54 -28.10 -62.34
C SER A 694 -16.46 -29.04 -61.82
N ARG A 700 -15.71 -31.23 -59.38
CA ARG A 700 -16.33 -32.03 -58.33
C ARG A 700 -17.55 -31.32 -57.76
N THR A 701 -18.11 -30.38 -58.53
CA THR A 701 -19.26 -29.60 -58.11
C THR A 701 -20.42 -29.89 -59.06
N LEU A 702 -21.58 -30.23 -58.49
CA LEU A 702 -22.79 -30.49 -59.26
C LEU A 702 -23.89 -29.57 -58.75
N LEU A 703 -24.33 -28.66 -59.62
CA LEU A 703 -25.38 -27.69 -59.28
C LEU A 703 -26.66 -28.09 -59.99
N LEU A 704 -27.60 -28.66 -59.24
CA LEU A 704 -28.92 -28.98 -59.76
C LEU A 704 -29.85 -27.80 -59.50
N LYS A 705 -30.33 -27.17 -60.56
CA LYS A 705 -31.15 -25.96 -60.46
C LYS A 705 -32.63 -26.35 -60.38
N ILE A 706 -33.24 -26.05 -59.24
CA ILE A 706 -34.67 -26.29 -59.04
C ILE A 706 -35.43 -25.08 -59.55
N PRO A 707 -36.36 -25.24 -60.50
CA PRO A 707 -37.05 -24.06 -61.06
C PRO A 707 -37.83 -23.26 -60.03
N LYS A 708 -38.40 -23.91 -59.02
CA LYS A 708 -39.23 -23.23 -58.03
C LYS A 708 -38.53 -23.00 -56.70
N GLU A 709 -37.82 -23.99 -56.17
CA GLU A 709 -37.13 -23.86 -54.90
C GLU A 709 -35.69 -23.43 -55.12
N TYR A 710 -34.94 -23.32 -54.03
CA TYR A 710 -33.54 -22.95 -54.12
C TYR A 710 -32.71 -24.11 -54.68
N ASP A 711 -31.66 -23.75 -55.41
CA ASP A 711 -30.84 -24.76 -56.09
C ASP A 711 -30.11 -25.64 -55.08
N LEU A 712 -29.86 -26.89 -55.48
CA LEU A 712 -29.17 -27.88 -54.67
C LEU A 712 -27.79 -28.12 -55.28
N VAL A 713 -26.75 -27.72 -54.56
CA VAL A 713 -25.39 -27.86 -55.05
C VAL A 713 -24.64 -28.85 -54.15
N LEU A 714 -23.82 -29.69 -54.77
CA LEU A 714 -23.10 -30.75 -54.09
C LEU A 714 -21.62 -30.67 -54.44
N LEU A 715 -20.78 -30.77 -53.41
CA LEU A 715 -19.34 -30.88 -53.58
C LEU A 715 -18.91 -32.33 -53.31
N PHE A 716 -17.84 -32.76 -53.97
CA PHE A 716 -17.41 -34.15 -53.90
C PHE A 716 -15.91 -34.24 -53.69
N ASN A 717 -15.49 -35.35 -53.09
CA ASN A 717 -14.07 -35.60 -52.87
C ASN A 717 -13.32 -35.72 -54.19
N LEU A 718 -13.89 -36.45 -55.15
CA LEU A 718 -13.27 -36.68 -56.44
C LEU A 718 -14.26 -36.40 -57.56
N GLU A 719 -13.72 -36.09 -58.73
CA GLU A 719 -14.57 -35.87 -59.91
C GLU A 719 -15.31 -37.13 -60.30
N GLU A 720 -14.71 -38.30 -60.04
CA GLU A 720 -15.34 -39.56 -60.43
C GLU A 720 -16.63 -39.81 -59.68
N GLU A 721 -16.68 -39.45 -58.39
CA GLU A 721 -17.91 -39.61 -57.62
C GLU A 721 -19.03 -38.74 -58.18
N ARG A 722 -18.70 -37.49 -58.53
CA ARG A 722 -19.69 -36.61 -59.14
C ARG A 722 -20.15 -37.15 -60.48
N GLN A 723 -19.22 -37.69 -61.28
CA GLN A 723 -19.59 -38.28 -62.57
C GLN A 723 -20.53 -39.47 -62.39
N ALA A 724 -20.24 -40.32 -61.39
CA ALA A 724 -21.11 -41.45 -61.12
C ALA A 724 -22.50 -40.99 -60.68
N LEU A 725 -22.56 -39.97 -59.81
CA LEU A 725 -23.85 -39.48 -59.36
C LEU A 725 -24.65 -38.88 -60.52
N VAL A 726 -24.01 -38.11 -61.38
CA VAL A 726 -24.74 -37.51 -62.49
C VAL A 726 -25.17 -38.58 -63.49
N GLU A 727 -24.34 -39.62 -63.69
CA GLU A 727 -24.72 -40.71 -64.58
C GLU A 727 -25.95 -41.45 -64.04
N ASN A 728 -25.98 -41.70 -62.73
CA ASN A 728 -27.14 -42.35 -62.14
C ASN A 728 -28.37 -41.45 -62.18
N LEU A 729 -28.18 -40.15 -61.91
CA LEU A 729 -29.30 -39.22 -61.84
C LEU A 729 -29.91 -38.98 -63.21
N ARG A 730 -29.11 -38.98 -64.27
CA ARG A 730 -29.65 -38.82 -65.61
C ARG A 730 -30.62 -39.94 -65.95
N GLY A 731 -30.24 -41.18 -65.64
CA GLY A 731 -31.13 -42.29 -65.85
C GLY A 731 -32.35 -42.26 -64.93
N ALA A 732 -32.15 -41.85 -63.68
CA ALA A 732 -33.26 -41.79 -62.74
C ALA A 732 -34.31 -40.77 -63.18
N LEU A 733 -33.86 -39.59 -63.63
CA LEU A 733 -34.79 -38.55 -64.07
C LEU A 733 -35.38 -38.85 -65.44
N LYS A 734 -34.62 -39.50 -66.33
CA LYS A 734 -35.14 -39.86 -67.64
C LYS A 734 -36.25 -40.89 -67.56
N GLU A 735 -36.35 -41.60 -66.44
CA GLU A 735 -37.41 -42.59 -66.31
C GLU A 735 -38.78 -41.94 -66.23
N SER A 736 -38.84 -40.68 -65.81
CA SER A 736 -40.10 -39.97 -65.72
C SER A 736 -40.02 -38.63 -66.45
N ILE A 740 -33.98 -31.97 -69.89
CA ILE A 740 -32.69 -32.34 -69.32
C ILE A 740 -31.56 -31.61 -70.04
N GLN A 741 -31.01 -30.60 -69.38
CA GLN A 741 -29.93 -29.79 -69.93
C GLN A 741 -28.79 -29.70 -68.93
N GLU A 742 -27.56 -29.72 -69.44
CA GLU A 742 -26.36 -29.67 -68.62
C GLU A 742 -25.39 -28.64 -69.19
N TRP A 743 -24.72 -27.93 -68.28
CA TRP A 743 -23.71 -26.93 -68.62
C TRP A 743 -22.39 -27.30 -67.98
N GLU A 744 -21.31 -26.76 -68.54
CA GLU A 744 -19.96 -26.93 -68.01
C GLU A 744 -19.42 -25.56 -67.62
N LEU A 745 -19.36 -25.29 -66.32
CA LEU A 745 -18.93 -23.99 -65.81
C LEU A 745 -17.88 -24.19 -64.73
N ARG A 746 -17.15 -23.12 -64.44
CA ARG A 746 -16.12 -23.15 -63.42
C ARG A 746 -16.75 -23.20 -62.03
N GLU A 747 -15.90 -23.45 -61.03
CA GLU A 747 -16.37 -23.52 -59.65
C GLU A 747 -16.95 -22.20 -59.19
N GLN A 748 -16.25 -21.09 -59.49
CA GLN A 748 -16.77 -19.78 -59.12
C GLN A 748 -18.06 -19.46 -59.88
N GLU A 749 -18.10 -19.77 -61.17
CA GLU A 749 -19.30 -19.50 -61.97
C GLU A 749 -20.48 -20.32 -61.47
N LEU A 750 -20.26 -21.61 -61.16
CA LEU A 750 -21.34 -22.43 -60.63
C LEU A 750 -21.79 -21.95 -59.26
N MET A 751 -20.84 -21.53 -58.41
CA MET A 751 -21.19 -21.02 -57.09
C MET A 751 -22.03 -19.75 -57.20
N ARG A 752 -21.66 -18.84 -58.11
CA ARG A 752 -22.40 -17.59 -58.26
C ARG A 752 -23.71 -17.76 -58.99
N ALA A 753 -23.87 -18.85 -59.76
CA ALA A 753 -25.09 -19.07 -60.53
C ALA A 753 -26.21 -19.68 -59.69
N ALA A 754 -25.96 -20.02 -58.43
CA ALA A 754 -26.94 -20.66 -57.57
C ALA A 754 -27.57 -19.65 -56.62
N VAL A 755 -28.84 -19.84 -56.33
CA VAL A 755 -29.56 -19.06 -55.32
C VAL A 755 -29.74 -19.96 -54.11
N THR A 756 -29.18 -19.55 -52.97
CA THR A 756 -29.16 -20.38 -51.77
C THR A 756 -30.35 -20.04 -50.88
N ARG A 757 -30.36 -20.60 -49.66
CA ARG A 757 -31.49 -20.41 -48.76
C ARG A 757 -31.61 -18.97 -48.29
N GLU A 758 -30.47 -18.32 -48.01
CA GLU A 758 -30.51 -16.93 -47.55
C GLU A 758 -31.05 -15.99 -48.62
N GLN A 759 -30.62 -16.18 -49.87
CA GLN A 759 -31.15 -15.37 -50.96
C GLN A 759 -32.63 -15.64 -51.17
N ARG A 760 -33.06 -16.88 -51.01
CA ARG A 760 -34.48 -17.19 -51.07
C ARG A 760 -35.24 -16.48 -49.95
N ARG A 761 -34.65 -16.43 -48.75
CA ARG A 761 -35.30 -15.72 -47.64
C ARG A 761 -35.43 -14.23 -47.92
N HIS A 762 -34.38 -13.62 -48.47
CA HIS A 762 -34.48 -12.20 -48.84
C HIS A 762 -35.53 -11.96 -49.92
N LEU A 763 -35.55 -12.84 -50.92
CA LEU A 763 -36.53 -12.73 -52.00
C LEU A 763 -37.95 -12.88 -51.46
N LEU A 764 -38.15 -13.82 -50.54
CA LEU A 764 -39.46 -13.98 -49.90
C LEU A 764 -39.79 -12.77 -49.04
N GLU A 765 -38.80 -12.16 -48.41
CA GLU A 765 -39.05 -10.97 -47.60
C GLU A 765 -39.59 -9.83 -48.45
N THR A 766 -38.93 -9.55 -49.59
CA THR A 766 -39.45 -8.49 -50.46
C THR A 766 -40.76 -8.90 -51.12
N PHE A 767 -40.94 -10.19 -51.41
CA PHE A 767 -42.21 -10.69 -51.91
C PHE A 767 -43.35 -10.37 -50.94
N PHE A 768 -43.17 -10.73 -49.67
CA PHE A 768 -44.19 -10.45 -48.67
C PHE A 768 -44.38 -8.96 -48.47
N ARG A 769 -43.29 -8.19 -48.53
CA ARG A 769 -43.41 -6.74 -48.38
C ARG A 769 -44.32 -6.16 -49.45
N HIS A 770 -44.09 -6.53 -50.71
CA HIS A 770 -44.94 -6.03 -51.79
C HIS A 770 -46.36 -6.55 -51.66
N LEU A 771 -46.53 -7.82 -51.29
CA LEU A 771 -47.86 -8.40 -51.16
C LEU A 771 -48.68 -7.66 -50.10
N PHE A 772 -48.08 -7.41 -48.94
CA PHE A 772 -48.80 -6.72 -47.87
C PHE A 772 -48.96 -5.24 -48.15
N SER A 773 -48.04 -4.65 -48.92
CA SER A 773 -48.25 -3.26 -49.35
C SER A 773 -49.44 -3.16 -50.29
N GLN A 774 -49.63 -4.15 -51.16
CA GLN A 774 -50.76 -4.12 -52.08
C GLN A 774 -52.07 -4.47 -51.37
N VAL A 775 -52.02 -5.33 -50.35
CA VAL A 775 -53.26 -5.77 -49.70
C VAL A 775 -53.91 -4.65 -48.89
N LEU A 776 -53.15 -3.63 -48.49
CA LEU A 776 -53.70 -2.55 -47.68
C LEU A 776 -53.28 -1.19 -48.21
N SER A 791 -37.01 -1.73 -60.11
CA SER A 791 -38.09 -2.69 -59.89
C SER A 791 -37.70 -4.08 -60.39
N GLN A 792 -36.42 -4.24 -60.75
CA GLN A 792 -35.94 -5.55 -61.21
C GLN A 792 -36.03 -6.58 -60.11
N LYS A 793 -35.56 -6.23 -58.90
CA LYS A 793 -35.67 -7.15 -57.77
C LYS A 793 -37.13 -7.41 -57.41
N VAL A 794 -37.97 -6.37 -57.51
CA VAL A 794 -39.40 -6.54 -57.22
C VAL A 794 -40.02 -7.54 -58.19
N ARG A 795 -39.73 -7.40 -59.48
CA ARG A 795 -40.28 -8.32 -60.47
C ARG A 795 -39.74 -9.73 -60.29
N GLU A 796 -38.44 -9.85 -59.96
CA GLU A 796 -37.85 -11.16 -59.72
C GLU A 796 -38.49 -11.85 -58.53
N ALA A 797 -38.75 -11.11 -57.46
CA ALA A 797 -39.37 -11.70 -56.27
C ALA A 797 -40.83 -12.04 -56.53
N LEU A 798 -41.56 -11.18 -57.24
CA LEU A 798 -42.97 -11.43 -57.50
C LEU A 798 -43.19 -12.62 -58.42
N THR A 799 -42.17 -13.05 -59.16
CA THR A 799 -42.27 -14.19 -60.07
C THR A 799 -41.87 -15.50 -59.42
N CYS A 800 -41.99 -15.61 -58.10
CA CYS A 800 -41.61 -16.80 -57.37
C CYS A 800 -42.83 -17.44 -56.73
N GLU A 801 -42.86 -18.77 -56.71
CA GLU A 801 -43.96 -19.53 -56.14
C GLU A 801 -43.52 -20.12 -54.80
N LEU A 802 -44.34 -19.94 -53.78
CA LEU A 802 -44.02 -20.40 -52.43
C LEU A 802 -44.43 -21.86 -52.27
N SER A 803 -43.51 -22.68 -51.79
CA SER A 803 -43.82 -24.07 -51.48
C SER A 803 -44.63 -24.16 -50.19
N ARG A 804 -45.17 -25.35 -49.94
CA ARG A 804 -45.96 -25.54 -48.72
C ARG A 804 -45.10 -25.38 -47.47
N ALA A 805 -43.87 -25.91 -47.51
CA ALA A 805 -42.98 -25.78 -46.36
C ALA A 805 -42.64 -24.32 -46.09
N GLU A 806 -42.35 -23.55 -47.13
CA GLU A 806 -42.06 -22.12 -46.95
C GLU A 806 -43.28 -21.38 -46.43
N PHE A 807 -44.46 -21.72 -46.93
CA PHE A 807 -45.70 -21.09 -46.46
C PHE A 807 -45.92 -21.38 -44.98
N ALA A 808 -45.73 -22.64 -44.57
CA ALA A 808 -45.90 -22.99 -43.16
C ALA A 808 -44.87 -22.30 -42.29
N GLU A 809 -43.61 -22.24 -42.73
CA GLU A 809 -42.56 -21.60 -41.95
C GLU A 809 -42.82 -20.11 -41.79
N SER A 810 -43.25 -19.45 -42.87
CA SER A 810 -43.59 -18.03 -42.77
C SER A 810 -44.82 -17.80 -41.91
N LEU A 811 -45.75 -18.78 -41.88
CA LEU A 811 -46.87 -18.70 -40.95
C LEU A 811 -46.47 -18.99 -39.51
N GLY A 812 -45.28 -19.52 -39.28
CA GLY A 812 -44.89 -19.90 -37.94
C GLY A 812 -45.54 -21.18 -37.44
N LEU A 813 -46.02 -22.02 -38.36
CA LEU A 813 -46.67 -23.27 -38.01
C LEU A 813 -45.97 -24.44 -38.68
N LYS A 814 -46.29 -25.64 -38.18
CA LYS A 814 -45.69 -26.84 -38.72
C LYS A 814 -46.25 -27.14 -40.11
N PRO A 815 -45.46 -27.81 -40.97
CA PRO A 815 -45.99 -28.16 -42.30
C PRO A 815 -47.22 -29.03 -42.25
N GLN A 816 -47.31 -29.93 -41.27
CA GLN A 816 -48.47 -30.80 -41.12
C GLN A 816 -49.42 -30.23 -40.06
N ASP A 817 -50.02 -29.10 -40.41
CA ASP A 817 -50.97 -28.43 -39.54
C ASP A 817 -52.26 -28.17 -40.31
N MET A 818 -53.38 -28.22 -39.60
CA MET A 818 -54.68 -28.12 -40.26
C MET A 818 -54.86 -26.77 -40.95
N PHE A 819 -54.49 -25.68 -40.28
CA PHE A 819 -54.68 -24.36 -40.86
C PHE A 819 -53.82 -24.19 -42.11
N VAL A 820 -52.55 -24.61 -42.05
CA VAL A 820 -51.66 -24.39 -43.18
C VAL A 820 -52.09 -25.24 -44.37
N GLU A 821 -52.50 -26.49 -44.13
CA GLU A 821 -52.94 -27.34 -45.22
C GLU A 821 -54.24 -26.81 -45.83
N SER A 822 -55.18 -26.41 -44.98
CA SER A 822 -56.45 -25.90 -45.48
C SER A 822 -56.24 -24.64 -46.32
N MET A 823 -55.47 -23.69 -45.81
CA MET A 823 -55.27 -22.43 -46.52
C MET A 823 -54.45 -22.63 -47.78
N PHE A 824 -53.45 -23.53 -47.75
CA PHE A 824 -52.64 -23.78 -48.93
C PHE A 824 -53.45 -24.46 -50.03
N SER A 825 -54.25 -25.46 -49.67
CA SER A 825 -55.07 -26.13 -50.69
C SER A 825 -56.16 -25.22 -51.21
N LEU A 826 -56.75 -24.39 -50.34
CA LEU A 826 -57.81 -23.48 -50.78
C LEU A 826 -57.26 -22.37 -51.65
N ALA A 827 -56.06 -21.87 -51.32
CA ALA A 827 -55.47 -20.77 -52.08
C ALA A 827 -54.82 -21.23 -53.37
N ASP A 828 -54.53 -22.52 -53.51
CA ASP A 828 -53.87 -23.03 -54.71
C ASP A 828 -54.94 -23.25 -55.78
N LYS A 829 -55.14 -22.22 -56.60
CA LYS A 829 -56.17 -22.29 -57.64
C LYS A 829 -55.85 -23.37 -58.67
N ASP A 830 -54.62 -23.37 -59.19
CA ASP A 830 -54.24 -24.36 -60.19
C ASP A 830 -53.83 -25.69 -59.58
N GLY A 831 -53.58 -25.74 -58.28
CA GLY A 831 -53.23 -26.99 -57.62
C GLY A 831 -51.95 -27.62 -58.12
N ASN A 832 -50.91 -26.82 -58.33
CA ASN A 832 -49.62 -27.30 -58.81
C ASN A 832 -48.66 -27.62 -57.68
N GLY A 833 -49.10 -27.52 -56.43
CA GLY A 833 -48.25 -27.75 -55.29
C GLY A 833 -47.44 -26.55 -54.83
N TYR A 834 -47.54 -25.43 -55.55
CA TYR A 834 -46.85 -24.20 -55.18
C TYR A 834 -47.82 -23.04 -55.26
N LEU A 835 -47.61 -22.04 -54.41
CA LEU A 835 -48.50 -20.88 -54.29
C LEU A 835 -47.80 -19.68 -54.90
N SER A 836 -48.44 -19.05 -55.89
CA SER A 836 -47.86 -17.94 -56.62
C SER A 836 -48.34 -16.61 -56.02
N PHE A 837 -47.83 -15.51 -56.58
CA PHE A 837 -48.19 -14.19 -56.10
C PHE A 837 -49.66 -13.88 -56.35
N ARG A 838 -50.19 -14.27 -57.51
CA ARG A 838 -51.55 -13.90 -57.88
C ARG A 838 -52.57 -14.53 -56.93
N GLU A 839 -52.43 -15.83 -56.66
CA GLU A 839 -53.37 -16.51 -55.79
C GLU A 839 -53.32 -15.94 -54.38
N PHE A 840 -52.11 -15.68 -53.87
CA PHE A 840 -51.97 -15.09 -52.54
C PHE A 840 -52.62 -13.71 -52.48
N LEU A 841 -52.40 -12.88 -53.50
CA LEU A 841 -53.00 -11.55 -53.53
C LEU A 841 -54.52 -11.63 -53.57
N ASP A 842 -55.06 -12.53 -54.39
CA ASP A 842 -56.51 -12.66 -54.49
C ASP A 842 -57.12 -13.13 -53.17
N ILE A 843 -56.52 -14.14 -52.54
CA ILE A 843 -57.08 -14.63 -51.29
C ILE A 843 -56.93 -13.58 -50.18
N LEU A 844 -55.84 -12.81 -50.20
CA LEU A 844 -55.66 -11.79 -49.16
C LEU A 844 -56.64 -10.64 -49.34
N VAL A 845 -56.90 -10.22 -50.57
CA VAL A 845 -57.89 -9.16 -50.77
C VAL A 845 -59.29 -9.68 -50.47
N VAL A 846 -59.54 -10.98 -50.68
CA VAL A 846 -60.81 -11.56 -50.24
C VAL A 846 -60.91 -11.50 -48.72
N PHE A 847 -59.82 -11.82 -48.02
CA PHE A 847 -59.83 -11.77 -46.56
C PHE A 847 -60.07 -10.36 -46.05
N MET A 848 -59.43 -9.37 -46.66
CA MET A 848 -59.47 -8.01 -46.12
C MET A 848 -60.73 -7.27 -46.55
N LYS A 849 -61.01 -7.20 -47.84
CA LYS A 849 -62.10 -6.40 -48.37
C LYS A 849 -63.35 -7.20 -48.72
N GLY A 850 -63.34 -8.51 -48.49
CA GLY A 850 -64.49 -9.32 -48.86
C GLY A 850 -65.71 -8.99 -48.02
N SER A 851 -66.87 -9.15 -48.63
CA SER A 851 -68.14 -8.96 -47.93
C SER A 851 -68.33 -10.08 -46.91
N PRO A 852 -69.14 -9.85 -45.87
CA PRO A 852 -69.37 -10.91 -44.88
C PRO A 852 -69.89 -12.20 -45.49
N GLU A 853 -70.76 -12.11 -46.51
CA GLU A 853 -71.17 -13.30 -47.23
C GLU A 853 -69.99 -13.96 -47.92
N GLU A 854 -69.13 -13.15 -48.55
CA GLU A 854 -67.95 -13.71 -49.21
C GLU A 854 -66.97 -14.29 -48.20
N LYS A 855 -66.82 -13.66 -47.03
CA LYS A 855 -65.98 -14.23 -45.99
C LYS A 855 -66.51 -15.56 -45.50
N SER A 856 -67.84 -15.65 -45.31
CA SER A 856 -68.44 -16.92 -44.92
C SER A 856 -68.24 -17.99 -45.99
N ARG A 857 -68.35 -17.59 -47.27
CA ARG A 857 -68.10 -18.53 -48.36
C ARG A 857 -66.65 -19.02 -48.34
N LEU A 858 -65.70 -18.12 -48.11
CA LEU A 858 -64.30 -18.51 -48.03
C LEU A 858 -64.06 -19.46 -46.88
N MET A 859 -64.66 -19.17 -45.72
CA MET A 859 -64.52 -20.07 -44.56
C MET A 859 -65.13 -21.43 -44.85
N PHE A 860 -66.29 -21.46 -45.51
CA PHE A 860 -66.92 -22.73 -45.87
C PHE A 860 -66.04 -23.52 -46.83
N ARG A 861 -65.43 -22.84 -47.80
CA ARG A 861 -64.54 -23.52 -48.74
C ARG A 861 -63.29 -24.05 -48.05
N MET A 862 -62.78 -23.32 -47.05
CA MET A 862 -61.61 -23.77 -46.33
C MET A 862 -61.91 -24.90 -45.35
N TYR A 863 -63.14 -24.95 -44.84
CA TYR A 863 -63.47 -25.90 -43.78
C TYR A 863 -63.62 -27.32 -44.30
N ASP A 864 -64.22 -27.50 -45.47
CA ASP A 864 -64.56 -28.83 -45.97
C ASP A 864 -63.36 -29.43 -46.71
N PHE A 865 -62.91 -30.60 -46.26
CA PHE A 865 -61.81 -31.28 -46.93
C PHE A 865 -62.21 -31.76 -48.31
N ASP A 866 -63.35 -32.45 -48.40
CA ASP A 866 -63.79 -32.97 -49.69
C ASP A 866 -64.30 -31.87 -50.60
N GLY A 867 -64.88 -30.81 -50.04
CA GLY A 867 -65.40 -29.72 -50.83
C GLY A 867 -66.58 -30.10 -51.70
N ASN A 868 -67.53 -30.86 -51.16
CA ASN A 868 -68.71 -31.29 -51.90
C ASN A 868 -69.91 -30.38 -51.69
N GLY A 869 -69.70 -29.19 -51.14
CA GLY A 869 -70.76 -28.25 -50.90
C GLY A 869 -71.50 -28.42 -49.59
N LEU A 870 -71.11 -29.38 -48.76
CA LEU A 870 -71.74 -29.60 -47.47
C LEU A 870 -70.69 -30.05 -46.47
N ILE A 871 -70.99 -29.82 -45.19
CA ILE A 871 -70.08 -30.15 -44.09
C ILE A 871 -70.67 -31.32 -43.34
N SER A 872 -69.92 -32.43 -43.28
CA SER A 872 -70.36 -33.58 -42.53
C SER A 872 -70.19 -33.35 -41.02
N LYS A 873 -70.98 -34.07 -40.23
CA LYS A 873 -70.86 -33.98 -38.79
C LYS A 873 -69.48 -34.41 -38.33
N ASP A 874 -68.97 -35.51 -38.87
CA ASP A 874 -67.58 -35.89 -38.61
C ASP A 874 -66.61 -34.85 -39.16
N GLU A 875 -66.88 -34.33 -40.36
CA GLU A 875 -66.02 -33.30 -40.94
C GLU A 875 -66.10 -32.00 -40.15
N PHE A 876 -67.30 -31.63 -39.68
CA PHE A 876 -67.43 -30.44 -38.86
C PHE A 876 -66.69 -30.60 -37.53
N ILE A 877 -66.77 -31.79 -36.94
CA ILE A 877 -66.03 -32.05 -35.70
C ILE A 877 -64.53 -32.01 -35.97
N ARG A 878 -64.11 -32.49 -37.14
CA ARG A 878 -62.70 -32.41 -37.51
C ARG A 878 -62.25 -30.96 -37.62
N MET A 879 -63.07 -30.11 -38.24
CA MET A 879 -62.75 -28.68 -38.32
C MET A 879 -62.69 -28.05 -36.94
N LEU A 880 -63.63 -28.42 -36.06
CA LEU A 880 -63.62 -27.90 -34.69
C LEU A 880 -62.36 -28.31 -33.95
N ARG A 881 -61.95 -29.57 -34.09
CA ARG A 881 -60.71 -30.02 -33.47
C ARG A 881 -59.50 -29.34 -34.10
N SER A 882 -59.57 -29.01 -35.39
CA SER A 882 -58.52 -28.22 -36.01
C SER A 882 -58.42 -26.85 -35.35
N PHE A 883 -59.56 -26.22 -35.05
CA PHE A 883 -59.55 -25.01 -34.24
C PHE A 883 -59.10 -25.30 -32.81
N ILE A 884 -59.30 -26.53 -32.34
CA ILE A 884 -58.90 -26.95 -31.00
C ILE A 884 -59.50 -26.05 -29.92
N LYS A 893 -63.19 -37.16 -28.05
CA LYS A 893 -64.03 -37.49 -29.20
C LYS A 893 -65.50 -37.22 -28.91
N ALA A 894 -65.97 -37.67 -27.74
CA ALA A 894 -67.36 -37.47 -27.37
C ALA A 894 -67.66 -35.99 -27.14
N GLN A 895 -66.71 -35.25 -26.57
CA GLN A 895 -66.93 -33.83 -26.32
C GLN A 895 -67.13 -33.06 -27.62
N LEU A 896 -66.30 -33.35 -28.63
CA LEU A 896 -66.45 -32.68 -29.91
C LEU A 896 -67.79 -33.02 -30.57
N ALA A 897 -68.20 -34.28 -30.50
CA ALA A 897 -69.49 -34.68 -31.06
C ALA A 897 -70.63 -33.98 -30.35
N GLU A 898 -70.56 -33.88 -29.02
CA GLU A 898 -71.61 -33.20 -28.27
C GLU A 898 -71.66 -31.72 -28.62
N VAL A 899 -70.49 -31.09 -28.77
CA VAL A 899 -70.44 -29.69 -29.15
C VAL A 899 -71.04 -29.48 -30.53
N VAL A 900 -70.72 -30.37 -31.47
CA VAL A 900 -71.25 -30.26 -32.83
C VAL A 900 -72.76 -30.48 -32.84
N GLU A 901 -73.26 -31.38 -31.97
CA GLU A 901 -74.69 -31.66 -31.94
C GLU A 901 -75.51 -30.44 -31.55
N SER A 902 -74.91 -29.52 -30.80
CA SER A 902 -75.61 -28.31 -30.38
C SER A 902 -74.80 -27.06 -30.74
N GLU A 914 -77.14 -32.50 -42.97
CA GLU A 914 -75.88 -31.76 -42.92
C GLU A 914 -76.13 -30.27 -42.76
N LEU A 915 -75.06 -29.49 -42.77
CA LEU A 915 -75.13 -28.03 -42.68
C LEU A 915 -74.53 -27.45 -43.95
N THR A 916 -75.40 -26.94 -44.82
CA THR A 916 -74.97 -26.42 -46.11
C THR A 916 -74.43 -25.00 -45.95
N TRP A 917 -74.24 -24.30 -47.08
CA TRP A 917 -73.71 -22.94 -47.05
C TRP A 917 -74.59 -22.04 -46.20
N GLU A 918 -75.90 -22.03 -46.47
CA GLU A 918 -76.82 -21.18 -45.72
C GLU A 918 -76.88 -21.58 -44.25
N ASP A 919 -76.90 -22.89 -43.97
CA ASP A 919 -76.93 -23.35 -42.59
C ASP A 919 -75.66 -22.95 -41.85
N PHE A 920 -74.50 -23.12 -42.49
CA PHE A 920 -73.25 -22.74 -41.85
C PHE A 920 -73.19 -21.24 -41.59
N HIS A 921 -73.67 -20.44 -42.54
CA HIS A 921 -73.72 -19.00 -42.33
C HIS A 921 -74.66 -18.65 -41.18
N PHE A 922 -75.79 -19.34 -41.08
CA PHE A 922 -76.74 -19.08 -40.00
C PHE A 922 -76.14 -19.45 -38.65
N MET A 923 -75.35 -20.52 -38.59
CA MET A 923 -74.74 -20.92 -37.33
C MET A 923 -73.76 -19.86 -36.82
N LEU A 924 -73.22 -19.04 -37.69
CA LEU A 924 -72.30 -17.98 -37.31
C LEU A 924 -72.98 -16.92 -36.45
N LEU A 1012 -65.28 -1.42 -17.34
CA LEU A 1012 -64.69 -2.50 -18.12
C LEU A 1012 -63.23 -2.18 -18.44
N LEU A 1013 -62.45 -3.22 -18.76
CA LEU A 1013 -61.05 -3.02 -19.10
C LEU A 1013 -60.91 -2.18 -20.36
N PHE A 1014 -60.03 -1.18 -20.32
CA PHE A 1014 -59.74 -0.35 -21.47
C PHE A 1014 -58.46 -0.85 -22.12
N THR A 1015 -58.59 -1.96 -22.84
CA THR A 1015 -57.47 -2.55 -23.57
C THR A 1015 -57.60 -2.15 -25.03
N GLU A 1016 -56.83 -1.13 -25.43
CA GLU A 1016 -56.88 -0.63 -26.80
C GLU A 1016 -55.52 -0.01 -27.12
N ALA A 1017 -54.77 -0.70 -27.98
CA ALA A 1017 -53.42 -0.24 -28.32
C ALA A 1017 -53.46 1.08 -29.08
N HIS A 1018 -52.39 1.85 -28.95
CA HIS A 1018 -52.28 3.14 -29.61
C HIS A 1018 -52.01 2.96 -31.10
N ARG A 1019 -52.34 3.99 -31.87
CA ARG A 1019 -52.06 3.99 -33.30
C ARG A 1019 -50.62 4.44 -33.55
N GLU A 1020 -50.21 4.39 -34.82
CA GLU A 1020 -48.87 4.78 -35.23
C GLU A 1020 -48.97 6.08 -36.04
N LYS A 1021 -48.29 7.12 -35.57
CA LYS A 1021 -48.31 8.41 -36.22
C LYS A 1021 -47.17 8.53 -37.24
N PHE A 1022 -47.37 9.42 -38.20
CA PHE A 1022 -46.36 9.66 -39.22
C PHE A 1022 -45.16 10.40 -38.63
N GLN A 1023 -43.99 10.14 -39.21
CA GLN A 1023 -42.75 10.77 -38.76
C GLN A 1023 -41.90 11.13 -39.97
N ARG A 1024 -40.90 11.98 -39.74
CA ARG A 1024 -40.00 12.38 -40.81
C ARG A 1024 -39.22 11.16 -41.31
N SER A 1025 -39.14 11.04 -42.64
CA SER A 1025 -38.50 9.88 -43.24
C SER A 1025 -37.00 9.81 -42.98
N CYS A 1026 -36.36 10.94 -42.68
CA CYS A 1026 -34.92 10.96 -42.48
C CYS A 1026 -34.48 11.65 -41.19
N LEU A 1027 -35.38 12.30 -40.45
CA LEU A 1027 -35.01 13.02 -39.24
C LEU A 1027 -35.62 12.41 -37.99
N HIS A 1028 -36.94 12.26 -37.94
CA HIS A 1028 -37.60 11.78 -36.74
C HIS A 1028 -37.25 10.32 -36.46
N GLN A 1029 -37.17 9.50 -37.50
CA GLN A 1029 -36.85 8.09 -37.32
C GLN A 1029 -35.46 7.91 -36.73
N THR A 1030 -34.49 8.71 -37.19
CA THR A 1030 -33.11 8.56 -36.72
C THR A 1030 -33.01 8.90 -35.24
N VAL A 1031 -33.58 10.03 -34.82
CA VAL A 1031 -33.50 10.43 -33.41
C VAL A 1031 -34.31 9.48 -32.55
N GLN A 1032 -35.44 8.98 -33.06
CA GLN A 1032 -36.23 8.02 -32.30
C GLN A 1032 -35.47 6.71 -32.09
N GLN A 1033 -34.78 6.23 -33.14
CA GLN A 1033 -33.96 5.02 -33.00
C GLN A 1033 -32.80 5.25 -32.04
N PHE A 1034 -32.19 6.43 -32.09
CA PHE A 1034 -31.12 6.77 -31.16
C PHE A 1034 -31.62 6.73 -29.72
N LYS A 1035 -32.77 7.35 -29.47
CA LYS A 1035 -33.34 7.34 -28.13
C LYS A 1035 -33.69 5.92 -27.68
N ARG A 1036 -34.25 5.12 -28.58
CA ARG A 1036 -34.58 3.73 -28.26
C ARG A 1036 -33.33 2.95 -27.87
N PHE A 1037 -32.26 3.09 -28.67
CA PHE A 1037 -31.03 2.37 -28.39
C PHE A 1037 -30.45 2.78 -27.04
N ILE A 1038 -30.44 4.08 -26.74
CA ILE A 1038 -29.88 4.50 -25.46
C ILE A 1038 -30.76 4.05 -24.30
N GLU A 1039 -32.08 4.18 -24.44
CA GLU A 1039 -32.98 3.78 -23.36
C GLU A 1039 -32.91 2.27 -23.12
N ASN A 1040 -32.56 1.49 -24.14
CA ASN A 1040 -32.46 0.05 -23.95
C ASN A 1040 -31.10 -0.36 -23.41
N TYR A 1041 -30.02 0.30 -23.82
CA TYR A 1041 -28.68 -0.12 -23.48
C TYR A 1041 -27.90 0.93 -22.68
N ARG A 1042 -28.60 1.72 -21.87
CA ARG A 1042 -27.89 2.68 -21.02
C ARG A 1042 -26.96 1.98 -20.04
N ARG A 1043 -27.39 0.85 -19.48
CA ARG A 1043 -26.52 0.10 -18.58
C ARG A 1043 -25.27 -0.38 -19.29
N HIS A 1044 -25.43 -0.92 -20.50
CA HIS A 1044 -24.28 -1.37 -21.28
C HIS A 1044 -23.35 -0.21 -21.61
N ILE A 1045 -23.92 0.93 -22.00
CA ILE A 1045 -23.11 2.10 -22.34
C ILE A 1045 -22.33 2.56 -21.12
N GLY A 1046 -22.99 2.62 -19.96
CA GLY A 1046 -22.30 3.05 -18.75
C GLY A 1046 -21.17 2.12 -18.34
N CYS A 1047 -21.43 0.80 -18.39
CA CYS A 1047 -20.39 -0.16 -18.01
C CYS A 1047 -19.21 -0.11 -18.97
N VAL A 1048 -19.49 -0.07 -20.28
CA VAL A 1048 -18.42 0.02 -21.27
C VAL A 1048 -17.64 1.32 -21.10
N ALA A 1049 -18.35 2.42 -20.84
CA ALA A 1049 -17.68 3.70 -20.65
C ALA A 1049 -16.76 3.67 -19.43
N VAL A 1050 -17.22 3.08 -18.33
CA VAL A 1050 -16.38 3.00 -17.13
C VAL A 1050 -15.15 2.13 -17.40
N PHE A 1051 -15.35 0.98 -18.06
CA PHE A 1051 -14.24 0.08 -18.33
C PHE A 1051 -13.20 0.74 -19.24
N TYR A 1052 -13.65 1.31 -20.35
CA TYR A 1052 -12.73 1.99 -21.26
C TYR A 1052 -12.13 3.24 -20.62
N ALA A 1053 -12.85 3.88 -19.71
CA ALA A 1053 -12.29 5.03 -19.00
C ALA A 1053 -11.15 4.62 -18.09
N ILE A 1054 -11.29 3.48 -17.39
CA ILE A 1054 -10.19 2.99 -16.57
C ILE A 1054 -8.99 2.62 -17.45
N ALA A 1055 -9.25 1.92 -18.56
CA ALA A 1055 -8.16 1.53 -19.45
C ALA A 1055 -7.44 2.77 -20.00
N GLY A 1056 -8.21 3.74 -20.48
CA GLY A 1056 -7.63 4.97 -20.99
C GLY A 1056 -6.92 5.78 -19.93
N GLY A 1057 -7.42 5.74 -18.69
CA GLY A 1057 -6.74 6.43 -17.62
C GLY A 1057 -5.38 5.84 -17.32
N LEU A 1058 -5.29 4.52 -17.31
CA LEU A 1058 -3.98 3.87 -17.14
C LEU A 1058 -3.05 4.20 -18.31
N PHE A 1059 -3.59 4.14 -19.54
CA PHE A 1059 -2.80 4.49 -20.72
C PHE A 1059 -2.28 5.91 -20.63
N LEU A 1060 -3.15 6.85 -20.23
CA LEU A 1060 -2.76 8.25 -20.13
C LEU A 1060 -1.79 8.48 -18.99
N GLU A 1061 -1.91 7.75 -17.89
CA GLU A 1061 -0.95 7.87 -16.81
C GLU A 1061 0.44 7.48 -17.27
N ARG A 1062 0.55 6.32 -17.94
CA ARG A 1062 1.87 5.92 -18.44
C ARG A 1062 2.38 6.87 -19.51
N ALA A 1063 1.51 7.32 -20.40
CA ALA A 1063 1.92 8.25 -21.45
C ALA A 1063 2.39 9.57 -20.86
N TYR A 1064 1.69 10.09 -19.86
CA TYR A 1064 2.14 11.31 -19.20
C TYR A 1064 3.47 11.11 -18.51
N TYR A 1065 3.64 9.97 -17.82
CA TYR A 1065 4.91 9.73 -17.12
C TYR A 1065 6.07 9.70 -18.11
N TYR A 1066 5.87 9.08 -19.26
CA TYR A 1066 6.96 9.00 -20.22
C TYR A 1066 7.07 10.21 -21.15
N ALA A 1067 6.09 11.11 -21.14
CA ALA A 1067 6.17 12.30 -21.98
C ALA A 1067 6.52 13.56 -21.21
N PHE A 1068 6.36 13.56 -19.88
CA PHE A 1068 6.60 14.78 -19.12
C PHE A 1068 7.48 14.54 -17.90
N ALA A 1069 7.49 13.31 -17.37
CA ALA A 1069 8.13 13.03 -16.09
C ALA A 1069 9.19 11.94 -16.18
N ALA A 1070 9.76 11.74 -17.37
CA ALA A 1070 10.79 10.72 -17.55
C ALA A 1070 12.02 11.29 -18.25
N HIS A 1071 12.27 12.60 -18.09
CA HIS A 1071 13.42 13.22 -18.75
C HIS A 1071 14.73 12.82 -18.11
N HIS A 1072 14.72 12.55 -16.80
CA HIS A 1072 15.95 12.19 -16.10
C HIS A 1072 16.52 10.86 -16.59
N THR A 1073 15.70 10.00 -17.19
CA THR A 1073 16.18 8.74 -17.72
C THR A 1073 16.67 8.84 -19.17
N GLY A 1074 16.20 9.85 -19.91
CA GLY A 1074 16.60 9.98 -21.30
C GLY A 1074 16.05 8.93 -22.22
N ILE A 1075 14.96 8.26 -21.82
CA ILE A 1075 14.38 7.21 -22.66
C ILE A 1075 13.78 7.80 -23.93
N THR A 1076 13.20 8.99 -23.84
CA THR A 1076 12.55 9.60 -24.99
C THR A 1076 13.53 10.20 -26.00
N ASP A 1077 14.78 10.40 -25.60
CA ASP A 1077 15.78 10.88 -26.56
C ASP A 1077 16.07 9.87 -27.64
N THR A 1078 15.79 8.58 -27.39
CA THR A 1078 15.99 7.53 -28.37
C THR A 1078 14.68 7.05 -28.98
N THR A 1079 13.67 6.79 -28.16
CA THR A 1079 12.34 6.41 -28.62
C THR A 1079 11.33 7.28 -27.89
N ARG A 1080 10.62 8.13 -28.63
CA ARG A 1080 9.61 9.01 -28.07
C ARG A 1080 8.19 8.51 -28.30
N VAL A 1081 7.91 7.95 -29.46
CA VAL A 1081 6.58 7.41 -29.76
C VAL A 1081 6.49 5.94 -29.37
N GLY A 1082 7.56 5.18 -29.60
CA GLY A 1082 7.51 3.76 -29.31
C GLY A 1082 7.35 3.44 -27.83
N ILE A 1083 8.10 4.13 -26.98
CA ILE A 1083 8.06 3.82 -25.55
C ILE A 1083 6.71 4.22 -24.94
N ILE A 1084 6.15 5.35 -25.37
CA ILE A 1084 4.86 5.79 -24.84
C ILE A 1084 3.78 4.79 -25.21
N LEU A 1085 3.73 4.40 -26.49
CA LEU A 1085 2.75 3.43 -26.94
C LEU A 1085 2.92 2.11 -26.21
N SER A 1086 4.17 1.63 -26.11
CA SER A 1086 4.42 0.35 -25.47
C SER A 1086 3.99 0.36 -24.01
N ARG A 1087 4.35 1.40 -23.26
CA ARG A 1087 4.05 1.42 -21.83
C ARG A 1087 2.56 1.62 -21.57
N GLY A 1088 1.92 2.55 -22.28
CA GLY A 1088 0.50 2.75 -22.08
C GLY A 1088 -0.32 1.52 -22.46
N THR A 1089 0.00 0.93 -23.61
CA THR A 1089 -0.67 -0.29 -24.02
C THR A 1089 -0.38 -1.44 -23.06
N ALA A 1090 0.83 -1.48 -22.48
CA ALA A 1090 1.13 -2.51 -21.50
C ALA A 1090 0.27 -2.37 -20.25
N ALA A 1091 0.11 -1.14 -19.76
CA ALA A 1091 -0.73 -0.93 -18.58
C ALA A 1091 -2.19 -1.30 -18.88
N SER A 1092 -2.72 -0.80 -20.00
CA SER A 1092 -4.11 -1.11 -20.34
C SER A 1092 -4.29 -2.61 -20.58
N ILE A 1093 -3.32 -3.25 -21.23
CA ILE A 1093 -3.38 -4.67 -21.52
C ILE A 1093 -3.35 -5.48 -20.23
N SER A 1094 -2.48 -5.11 -19.29
CA SER A 1094 -2.46 -5.81 -18.01
C SER A 1094 -3.80 -5.70 -17.31
N PHE A 1095 -4.36 -4.49 -17.25
CA PHE A 1095 -5.64 -4.31 -16.59
C PHE A 1095 -6.74 -5.15 -17.25
N MET A 1096 -6.81 -5.11 -18.58
CA MET A 1096 -7.92 -5.75 -19.28
C MET A 1096 -7.78 -7.27 -19.28
N PHE A 1097 -6.57 -7.79 -19.48
CA PHE A 1097 -6.37 -9.24 -19.39
C PHE A 1097 -6.60 -9.74 -17.97
N SER A 1098 -6.31 -8.91 -16.95
CA SER A 1098 -6.58 -9.33 -15.59
C SER A 1098 -8.08 -9.37 -15.31
N TYR A 1099 -8.79 -8.31 -15.71
CA TYR A 1099 -10.20 -8.18 -15.35
C TYR A 1099 -11.16 -8.82 -16.34
N ILE A 1100 -10.65 -9.44 -17.41
CA ILE A 1100 -11.52 -10.21 -18.29
C ILE A 1100 -12.03 -11.47 -17.58
N LEU A 1101 -11.36 -11.89 -16.50
CA LEU A 1101 -11.81 -13.07 -15.77
C LEU A 1101 -13.13 -12.83 -15.04
N LEU A 1102 -13.41 -11.58 -14.68
CA LEU A 1102 -14.65 -11.28 -13.97
C LEU A 1102 -15.88 -11.56 -14.83
N THR A 1103 -15.74 -11.51 -16.15
CA THR A 1103 -16.85 -11.81 -17.03
C THR A 1103 -17.19 -13.29 -17.08
N MET A 1104 -16.33 -14.15 -16.55
CA MET A 1104 -16.55 -15.59 -16.55
C MET A 1104 -16.82 -16.15 -15.16
N CYS A 1105 -17.07 -15.29 -14.18
CA CYS A 1105 -17.45 -15.73 -12.83
C CYS A 1105 -18.95 -16.05 -12.87
N ARG A 1106 -19.26 -17.28 -13.27
CA ARG A 1106 -20.65 -17.65 -13.49
C ARG A 1106 -21.47 -17.57 -12.20
N ASN A 1107 -20.91 -18.04 -11.08
CA ASN A 1107 -21.66 -18.05 -9.84
C ASN A 1107 -21.85 -16.64 -9.29
N LEU A 1108 -20.80 -15.80 -9.35
CA LEU A 1108 -20.94 -14.43 -8.87
C LEU A 1108 -21.92 -13.64 -9.74
N ILE A 1109 -21.86 -13.84 -11.05
CA ILE A 1109 -22.81 -13.17 -11.95
C ILE A 1109 -24.22 -13.65 -11.66
N THR A 1110 -24.39 -14.95 -11.41
CA THR A 1110 -25.71 -15.47 -11.07
C THR A 1110 -26.24 -14.86 -9.78
N PHE A 1111 -25.39 -14.73 -8.78
CA PHE A 1111 -25.80 -14.14 -7.51
C PHE A 1111 -26.17 -12.66 -7.68
N LEU A 1112 -25.38 -11.93 -8.47
CA LEU A 1112 -25.63 -10.51 -8.70
C LEU A 1112 -26.74 -10.26 -9.72
N ARG A 1113 -27.24 -11.30 -10.38
CA ARG A 1113 -28.22 -11.10 -11.44
C ARG A 1113 -29.54 -10.58 -10.89
N GLU A 1114 -29.95 -11.04 -9.72
CA GLU A 1114 -31.24 -10.67 -9.15
C GLU A 1114 -31.16 -9.47 -8.20
N THR A 1115 -29.97 -9.01 -7.85
CA THR A 1115 -29.83 -7.89 -6.93
C THR A 1115 -30.16 -6.57 -7.62
N PHE A 1116 -30.12 -5.48 -6.85
CA PHE A 1116 -30.38 -4.16 -7.43
C PHE A 1116 -29.32 -3.75 -8.44
N LEU A 1117 -28.11 -4.32 -8.34
CA LEU A 1117 -27.03 -3.97 -9.25
C LEU A 1117 -27.39 -4.27 -10.71
N ASN A 1118 -28.36 -5.16 -10.95
CA ASN A 1118 -28.79 -5.44 -12.31
C ASN A 1118 -29.43 -4.23 -12.97
N ARG A 1119 -29.95 -3.28 -12.19
CA ARG A 1119 -30.48 -2.06 -12.77
C ARG A 1119 -29.38 -1.11 -13.22
N TYR A 1120 -28.13 -1.38 -12.85
CA TYR A 1120 -26.99 -0.57 -13.28
C TYR A 1120 -26.01 -1.35 -14.15
N VAL A 1121 -25.90 -2.65 -13.96
CA VAL A 1121 -24.95 -3.49 -14.68
C VAL A 1121 -25.72 -4.59 -15.40
N PRO A 1122 -25.62 -4.69 -16.73
CA PRO A 1122 -26.30 -5.78 -17.44
C PRO A 1122 -25.52 -7.08 -17.41
N PHE A 1123 -25.70 -7.86 -16.33
CA PHE A 1123 -24.90 -9.07 -16.14
C PHE A 1123 -25.16 -10.10 -17.24
N ASP A 1124 -26.37 -10.14 -17.80
CA ASP A 1124 -26.68 -11.13 -18.82
C ASP A 1124 -25.85 -10.95 -20.08
N ALA A 1125 -25.28 -9.77 -20.30
CA ALA A 1125 -24.42 -9.50 -21.44
C ALA A 1125 -22.96 -9.80 -21.16
N ALA A 1126 -22.64 -10.35 -19.98
CA ALA A 1126 -21.25 -10.51 -19.56
C ALA A 1126 -20.44 -11.25 -20.62
N VAL A 1127 -20.95 -12.38 -21.10
CA VAL A 1127 -20.24 -13.15 -22.12
C VAL A 1127 -19.92 -12.27 -23.33
N ASP A 1128 -20.94 -11.55 -23.82
CA ASP A 1128 -20.69 -10.59 -24.90
C ASP A 1128 -19.62 -9.59 -24.51
N PHE A 1129 -19.75 -9.01 -23.31
CA PHE A 1129 -18.73 -8.10 -22.81
C PHE A 1129 -17.37 -8.76 -22.84
N HIS A 1130 -17.30 -10.03 -22.43
CA HIS A 1130 -16.08 -10.81 -22.54
C HIS A 1130 -15.45 -10.63 -23.91
N ARG A 1131 -16.19 -11.01 -24.96
CA ARG A 1131 -15.66 -10.88 -26.32
C ARG A 1131 -15.20 -9.45 -26.56
N LEU A 1132 -16.03 -8.48 -26.19
CA LEU A 1132 -15.68 -7.08 -26.40
C LEU A 1132 -14.31 -6.79 -25.80
N ILE A 1133 -14.12 -7.17 -24.52
CA ILE A 1133 -12.83 -6.92 -23.88
C ILE A 1133 -11.72 -7.55 -24.68
N ALA A 1134 -11.90 -8.83 -25.04
CA ALA A 1134 -10.88 -9.50 -25.85
C ALA A 1134 -10.67 -8.76 -27.17
N SER A 1135 -11.75 -8.36 -27.83
CA SER A 1135 -11.62 -7.66 -29.09
C SER A 1135 -10.83 -6.37 -28.92
N THR A 1136 -10.96 -5.72 -27.77
CA THR A 1136 -10.13 -4.55 -27.51
C THR A 1136 -8.69 -4.96 -27.24
N ALA A 1137 -8.50 -5.97 -26.38
CA ALA A 1137 -7.18 -6.29 -25.86
C ALA A 1137 -6.19 -6.55 -26.98
N ILE A 1138 -6.54 -7.47 -27.89
CA ILE A 1138 -5.64 -7.83 -28.97
C ILE A 1138 -5.24 -6.59 -29.75
N VAL A 1139 -6.20 -5.70 -30.02
CA VAL A 1139 -5.88 -4.45 -30.70
C VAL A 1139 -4.77 -3.72 -29.97
N LEU A 1140 -5.02 -3.38 -28.69
CA LEU A 1140 -3.98 -2.73 -27.90
C LEU A 1140 -2.72 -3.58 -27.88
N THR A 1141 -2.89 -4.90 -27.74
CA THR A 1141 -1.73 -5.79 -27.73
C THR A 1141 -0.89 -5.58 -28.97
N VAL A 1142 -1.54 -5.55 -30.14
CA VAL A 1142 -0.80 -5.33 -31.38
C VAL A 1142 -0.01 -4.04 -31.29
N LEU A 1143 -0.68 -2.95 -30.88
CA LEU A 1143 0.00 -1.68 -30.72
C LEU A 1143 1.20 -1.84 -29.80
N HIS A 1144 0.98 -2.48 -28.64
CA HIS A 1144 2.07 -2.79 -27.73
C HIS A 1144 3.24 -3.40 -28.49
N SER A 1145 2.98 -4.54 -29.15
CA SER A 1145 4.05 -5.21 -29.89
C SER A 1145 4.69 -4.24 -30.88
N VAL A 1146 3.85 -3.55 -31.66
CA VAL A 1146 4.36 -2.64 -32.67
C VAL A 1146 5.29 -1.62 -32.02
N GLY A 1147 4.86 -1.03 -30.91
CA GLY A 1147 5.71 -0.07 -30.23
C GLY A 1147 7.06 -0.65 -29.89
N HIS A 1148 7.07 -1.83 -29.26
CA HIS A 1148 8.33 -2.43 -28.88
C HIS A 1148 9.16 -2.74 -30.12
N VAL A 1149 8.51 -3.14 -31.21
CA VAL A 1149 9.23 -3.36 -32.46
C VAL A 1149 10.04 -2.11 -32.79
N VAL A 1150 9.38 -0.95 -32.82
CA VAL A 1150 10.10 0.29 -33.09
C VAL A 1150 11.22 0.45 -32.09
N ASN A 1151 10.91 0.27 -30.79
CA ASN A 1151 11.94 0.39 -29.77
C ASN A 1151 13.13 -0.50 -30.09
N VAL A 1152 12.85 -1.76 -30.43
CA VAL A 1152 13.93 -2.70 -30.72
C VAL A 1152 14.82 -2.14 -31.83
N TYR A 1153 14.19 -1.67 -32.91
CA TYR A 1153 14.98 -1.11 -34.01
C TYR A 1153 15.85 0.04 -33.53
N LEU A 1154 15.26 0.94 -32.74
CA LEU A 1154 16.05 2.03 -32.20
C LEU A 1154 17.12 1.50 -31.26
N PHE A 1155 16.77 0.52 -30.43
CA PHE A 1155 17.77 -0.10 -29.57
C PHE A 1155 18.83 -0.82 -30.38
N SER A 1156 18.53 -1.18 -31.63
CA SER A 1156 19.50 -1.81 -32.50
C SER A 1156 20.40 -0.80 -33.20
N ILE A 1157 20.07 0.49 -33.16
CA ILE A 1157 20.87 1.52 -33.80
C ILE A 1157 21.39 2.55 -32.80
N SER A 1158 21.13 2.37 -31.51
CA SER A 1158 21.66 3.25 -30.48
C SER A 1158 23.03 2.74 -30.01
N PRO A 1159 23.93 3.64 -29.63
CA PRO A 1159 25.27 3.20 -29.20
C PRO A 1159 25.23 2.52 -27.84
N LEU A 1160 26.35 1.90 -27.49
CA LEU A 1160 26.43 1.15 -26.25
C LEU A 1160 26.29 2.06 -25.03
N SER A 1161 26.83 3.28 -25.11
CA SER A 1161 26.71 4.21 -23.99
C SER A 1161 25.25 4.57 -23.72
N VAL A 1162 24.48 4.83 -24.79
CA VAL A 1162 23.08 5.17 -24.64
C VAL A 1162 22.30 4.00 -24.03
N LEU A 1163 22.55 2.78 -24.52
CA LEU A 1163 21.86 1.62 -23.98
C LEU A 1163 22.24 1.38 -22.52
N SER A 1164 23.53 1.60 -22.19
CA SER A 1164 23.96 1.46 -20.80
C SER A 1164 23.26 2.45 -19.89
N CYS A 1165 23.09 3.69 -20.36
CA CYS A 1165 22.35 4.67 -19.57
C CYS A 1165 20.87 4.28 -19.46
N LEU A 1166 20.28 3.75 -20.53
CA LEU A 1166 18.88 3.38 -20.50
C LEU A 1166 18.65 2.10 -19.69
N PHE A 1167 19.57 1.13 -19.81
CA PHE A 1167 19.45 -0.16 -19.14
C PHE A 1167 20.75 -0.43 -18.38
N PRO A 1168 20.93 0.21 -17.23
CA PRO A 1168 22.18 0.01 -16.48
C PRO A 1168 22.44 -1.43 -16.08
N GLY A 1169 21.40 -2.17 -15.71
CA GLY A 1169 21.55 -3.56 -15.33
C GLY A 1169 21.70 -4.53 -16.47
N LEU A 1170 21.57 -4.05 -17.71
CA LEU A 1170 21.62 -4.89 -18.90
C LEU A 1170 22.88 -4.67 -19.73
N PHE A 1171 23.37 -3.43 -19.83
CA PHE A 1171 24.53 -3.12 -20.64
C PHE A 1171 25.53 -2.32 -19.82
N HIS A 1172 26.80 -2.47 -20.17
CA HIS A 1172 27.88 -1.71 -19.57
C HIS A 1172 28.75 -1.13 -20.68
N ASP A 1173 29.00 0.17 -20.62
CA ASP A 1173 29.78 0.86 -21.65
C ASP A 1173 31.26 0.56 -21.41
N ASP A 1174 31.78 -0.42 -22.13
CA ASP A 1174 33.19 -0.78 -22.07
C ASP A 1174 33.98 -0.29 -23.28
N GLY A 1175 33.38 0.57 -24.10
CA GLY A 1175 34.05 1.12 -25.26
C GLY A 1175 33.85 0.35 -26.55
N SER A 1176 33.26 -0.85 -26.48
CA SER A 1176 33.03 -1.61 -27.71
C SER A 1176 32.09 -0.89 -28.66
N GLU A 1177 31.14 -0.10 -28.12
CA GLU A 1177 30.37 0.88 -28.87
C GLU A 1177 29.35 0.23 -29.79
N PHE A 1178 29.38 -1.10 -29.89
CA PHE A 1178 28.47 -1.83 -30.76
C PHE A 1178 27.32 -2.39 -29.95
N PRO A 1179 26.07 -2.03 -30.25
CA PRO A 1179 24.94 -2.54 -29.47
C PRO A 1179 24.64 -3.98 -29.80
N GLN A 1180 23.69 -4.54 -29.05
CA GLN A 1180 23.20 -5.87 -29.33
C GLN A 1180 22.31 -5.84 -30.58
N LYS A 1181 22.22 -7.01 -31.23
CA LYS A 1181 21.43 -7.13 -32.44
C LYS A 1181 19.95 -7.22 -32.10
N TYR A 1182 19.12 -7.09 -33.15
CA TYR A 1182 17.67 -7.17 -32.98
C TYR A 1182 17.25 -8.52 -32.43
N TYR A 1183 17.86 -9.60 -32.93
CA TYR A 1183 17.47 -10.94 -32.48
C TYR A 1183 17.86 -11.19 -31.03
N TRP A 1184 18.86 -10.45 -30.52
CA TRP A 1184 19.14 -10.52 -29.09
C TRP A 1184 17.97 -10.00 -28.27
N TRP A 1185 17.37 -8.88 -28.70
CA TRP A 1185 16.19 -8.36 -28.02
C TRP A 1185 15.00 -9.29 -28.19
N PHE A 1186 14.79 -9.81 -29.40
CA PHE A 1186 13.59 -10.58 -29.68
C PHE A 1186 13.62 -12.00 -29.11
N PHE A 1187 14.80 -12.62 -29.04
CA PHE A 1187 14.89 -14.03 -28.68
C PHE A 1187 15.90 -14.34 -27.58
N GLN A 1188 16.86 -13.46 -27.30
CA GLN A 1188 17.81 -13.65 -26.21
C GLN A 1188 17.49 -12.78 -25.01
N THR A 1189 16.26 -12.27 -24.93
CA THR A 1189 15.82 -11.42 -23.84
C THR A 1189 14.46 -11.93 -23.37
N VAL A 1190 14.28 -12.01 -22.04
CA VAL A 1190 13.07 -12.64 -21.49
C VAL A 1190 11.81 -11.92 -21.94
N PRO A 1191 11.69 -10.59 -21.84
CA PRO A 1191 10.50 -9.94 -22.43
C PRO A 1191 10.31 -10.24 -23.91
N GLY A 1192 11.39 -10.29 -24.69
CA GLY A 1192 11.22 -10.53 -26.12
C GLY A 1192 10.67 -11.91 -26.43
N LEU A 1193 11.29 -12.95 -25.86
CA LEU A 1193 10.82 -14.32 -26.10
C LEU A 1193 9.42 -14.52 -25.55
N THR A 1194 9.15 -14.01 -24.34
CA THR A 1194 7.82 -14.15 -23.77
C THR A 1194 6.78 -13.44 -24.62
N GLY A 1195 7.12 -12.27 -25.15
CA GLY A 1195 6.19 -11.57 -26.02
C GLY A 1195 5.92 -12.29 -27.32
N VAL A 1196 6.96 -12.90 -27.91
CA VAL A 1196 6.76 -13.65 -29.14
C VAL A 1196 5.84 -14.84 -28.89
N VAL A 1197 6.09 -15.59 -27.81
CA VAL A 1197 5.25 -16.75 -27.52
C VAL A 1197 3.84 -16.32 -27.16
N LEU A 1198 3.70 -15.19 -26.45
CA LEU A 1198 2.38 -14.65 -26.13
C LEU A 1198 1.63 -14.24 -27.38
N LEU A 1199 2.34 -13.65 -28.36
CA LEU A 1199 1.70 -13.30 -29.62
C LEU A 1199 1.21 -14.55 -30.35
N LEU A 1200 2.02 -15.61 -30.36
CA LEU A 1200 1.58 -16.85 -31.00
C LEU A 1200 0.35 -17.42 -30.29
N ILE A 1201 0.36 -17.44 -28.96
CA ILE A 1201 -0.77 -17.97 -28.19
C ILE A 1201 -2.02 -17.14 -28.43
N LEU A 1202 -1.87 -15.81 -28.46
CA LEU A 1202 -3.01 -14.94 -28.72
C LEU A 1202 -3.57 -15.17 -30.12
N ALA A 1203 -2.70 -15.33 -31.11
CA ALA A 1203 -3.17 -15.60 -32.46
C ALA A 1203 -3.98 -16.90 -32.49
N ILE A 1204 -3.45 -17.95 -31.86
CA ILE A 1204 -4.16 -19.23 -31.85
C ILE A 1204 -5.52 -19.08 -31.17
N MET A 1205 -5.53 -18.46 -29.99
CA MET A 1205 -6.78 -18.34 -29.23
C MET A 1205 -7.81 -17.51 -29.98
N TYR A 1206 -7.41 -16.37 -30.51
CA TYR A 1206 -8.36 -15.47 -31.17
C TYR A 1206 -8.87 -16.06 -32.47
N VAL A 1207 -8.01 -16.74 -33.24
CA VAL A 1207 -8.47 -17.35 -34.48
C VAL A 1207 -9.42 -18.50 -34.19
N PHE A 1208 -9.07 -19.37 -33.24
CA PHE A 1208 -9.92 -20.53 -32.96
C PHE A 1208 -11.20 -20.14 -32.23
N ALA A 1209 -11.17 -19.08 -31.43
CA ALA A 1209 -12.35 -18.67 -30.70
C ALA A 1209 -13.28 -17.78 -31.53
N SER A 1210 -12.93 -17.50 -32.77
CA SER A 1210 -13.79 -16.67 -33.61
C SER A 1210 -15.10 -17.37 -33.92
N HIS A 1211 -16.08 -16.58 -34.37
CA HIS A 1211 -17.40 -17.12 -34.66
C HIS A 1211 -17.35 -18.20 -35.74
N HIS A 1212 -16.56 -17.96 -36.80
CA HIS A 1212 -16.47 -18.90 -37.91
C HIS A 1212 -15.99 -20.27 -37.44
N PHE A 1213 -14.86 -20.31 -36.74
CA PHE A 1213 -14.30 -21.59 -36.31
C PHE A 1213 -14.97 -22.14 -35.08
N ARG A 1214 -15.73 -21.32 -34.33
CA ARG A 1214 -16.59 -21.86 -33.29
C ARG A 1214 -17.76 -22.62 -33.92
N ARG A 1215 -18.29 -22.10 -35.04
CA ARG A 1215 -19.25 -22.87 -35.81
C ARG A 1215 -18.63 -24.12 -36.40
N ARG A 1216 -17.40 -24.01 -36.90
CA ARG A 1216 -16.75 -25.15 -37.55
C ARG A 1216 -16.52 -26.29 -36.57
N SER A 1217 -16.02 -25.98 -35.38
CA SER A 1217 -15.69 -27.02 -34.41
C SER A 1217 -15.91 -26.51 -33.00
N PHE A 1218 -16.11 -27.45 -32.08
CA PHE A 1218 -16.27 -27.18 -30.66
C PHE A 1218 -15.10 -27.64 -29.82
N ARG A 1219 -14.58 -28.85 -30.06
CA ARG A 1219 -13.45 -29.35 -29.28
C ARG A 1219 -12.22 -28.49 -29.49
N GLY A 1220 -11.95 -28.08 -30.72
CA GLY A 1220 -10.82 -27.21 -30.98
C GLY A 1220 -10.94 -25.88 -30.29
N PHE A 1221 -12.16 -25.34 -30.23
CA PHE A 1221 -12.39 -24.06 -29.56
C PHE A 1221 -11.92 -24.12 -28.11
N TRP A 1222 -12.37 -25.13 -27.36
CA TRP A 1222 -11.99 -25.22 -25.95
C TRP A 1222 -10.54 -25.64 -25.79
N LEU A 1223 -10.04 -26.50 -26.67
CA LEU A 1223 -8.64 -26.89 -26.61
C LEU A 1223 -7.72 -25.68 -26.72
N THR A 1224 -8.05 -24.76 -27.64
CA THR A 1224 -7.26 -23.54 -27.76
C THR A 1224 -7.57 -22.52 -26.67
N HIS A 1225 -8.82 -22.45 -26.22
CA HIS A 1225 -9.20 -21.45 -25.23
C HIS A 1225 -8.65 -21.78 -23.85
N HIS A 1226 -8.32 -23.04 -23.58
CA HIS A 1226 -7.68 -23.38 -22.32
C HIS A 1226 -6.24 -22.92 -22.25
N LEU A 1227 -5.71 -22.33 -23.33
CA LEU A 1227 -4.37 -21.75 -23.32
C LEU A 1227 -4.27 -20.47 -22.51
N TYR A 1228 -5.37 -20.01 -21.90
CA TYR A 1228 -5.28 -18.79 -21.10
C TYR A 1228 -4.44 -19.00 -19.84
N ILE A 1229 -4.35 -20.24 -19.36
CA ILE A 1229 -3.46 -20.54 -18.25
C ILE A 1229 -2.02 -20.23 -18.64
N LEU A 1230 -1.58 -20.74 -19.79
CA LEU A 1230 -0.24 -20.46 -20.29
C LEU A 1230 -0.08 -18.98 -20.62
N LEU A 1231 -1.15 -18.34 -21.11
CA LEU A 1231 -1.10 -16.91 -21.39
C LEU A 1231 -0.81 -16.11 -20.13
N TYR A 1232 -1.50 -16.43 -19.03
CA TYR A 1232 -1.29 -15.70 -17.78
C TYR A 1232 0.07 -16.02 -17.18
N VAL A 1233 0.54 -17.28 -17.31
CA VAL A 1233 1.87 -17.62 -16.81
C VAL A 1233 2.93 -16.83 -17.56
N LEU A 1234 2.81 -16.76 -18.88
CA LEU A 1234 3.77 -16.01 -19.69
C LEU A 1234 3.61 -14.51 -19.53
N LEU A 1235 2.44 -14.04 -19.10
CA LEU A 1235 2.30 -12.62 -18.76
C LEU A 1235 3.01 -12.31 -17.45
N ILE A 1236 2.93 -13.22 -16.48
CA ILE A 1236 3.68 -13.06 -15.23
C ILE A 1236 5.18 -13.06 -15.53
N ILE A 1237 5.63 -13.99 -16.36
CA ILE A 1237 7.05 -14.07 -16.70
C ILE A 1237 7.48 -12.89 -17.58
N HIS A 1238 6.55 -12.35 -18.38
CA HIS A 1238 6.91 -11.40 -19.42
C HIS A 1238 7.51 -10.12 -18.84
N GLY A 1239 6.85 -9.53 -17.85
CA GLY A 1239 7.34 -8.32 -17.22
C GLY A 1239 8.20 -8.54 -16.00
N SER A 1240 8.53 -9.79 -15.67
CA SER A 1240 9.25 -10.07 -14.43
C SER A 1240 10.67 -9.51 -14.46
N PHE A 1241 11.31 -9.50 -15.63
CA PHE A 1241 12.71 -9.08 -15.71
C PHE A 1241 12.92 -7.63 -15.29
N ALA A 1242 11.86 -6.82 -15.33
CA ALA A 1242 11.93 -5.39 -14.98
C ALA A 1242 12.94 -4.66 -15.86
N LEU A 1243 12.78 -4.83 -17.18
CA LEU A 1243 13.69 -4.20 -18.14
C LEU A 1243 13.56 -2.68 -18.09
N ILE A 1244 12.33 -2.17 -18.12
CA ILE A 1244 12.06 -0.74 -18.14
C ILE A 1244 11.48 -0.27 -16.80
N GLN A 1245 10.46 -0.97 -16.31
CA GLN A 1245 9.79 -0.60 -15.08
C GLN A 1245 9.55 -1.84 -14.23
N LEU A 1246 9.10 -1.61 -13.00
CA LEU A 1246 8.75 -2.72 -12.12
C LEU A 1246 7.53 -3.46 -12.66
N PRO A 1247 7.49 -4.79 -12.53
CA PRO A 1247 6.32 -5.54 -13.01
C PRO A 1247 5.08 -5.19 -12.19
N ARG A 1248 4.03 -4.76 -12.88
CA ARG A 1248 2.76 -4.42 -12.26
C ARG A 1248 1.64 -5.37 -12.62
N PHE A 1249 1.88 -6.35 -13.51
CA PHE A 1249 0.81 -7.21 -13.97
C PHE A 1249 0.25 -8.08 -12.84
N HIS A 1250 1.09 -8.53 -11.92
CA HIS A 1250 0.60 -9.34 -10.81
C HIS A 1250 -0.35 -8.55 -9.92
N ILE A 1251 -0.10 -7.25 -9.75
CA ILE A 1251 -1.00 -6.41 -8.96
C ILE A 1251 -2.39 -6.37 -9.59
N PHE A 1252 -2.44 -6.17 -10.91
CA PHE A 1252 -3.72 -6.18 -11.60
C PHE A 1252 -4.37 -7.55 -11.56
N PHE A 1253 -3.57 -8.61 -11.66
CA PHE A 1253 -4.07 -9.97 -11.82
C PHE A 1253 -4.48 -10.62 -10.50
N LEU A 1254 -4.05 -10.08 -9.36
CA LEU A 1254 -4.25 -10.75 -8.08
C LEU A 1254 -5.72 -10.99 -7.75
N VAL A 1255 -6.48 -9.93 -7.52
CA VAL A 1255 -7.87 -10.04 -7.06
C VAL A 1255 -8.76 -10.69 -8.12
N PRO A 1256 -8.67 -10.35 -9.42
CA PRO A 1256 -9.56 -11.03 -10.39
C PRO A 1256 -9.29 -12.52 -10.50
N ALA A 1257 -8.02 -12.94 -10.43
CA ALA A 1257 -7.71 -14.35 -10.46
C ALA A 1257 -8.28 -15.07 -9.23
N ILE A 1258 -8.18 -14.43 -8.06
CA ILE A 1258 -8.73 -15.02 -6.85
C ILE A 1258 -10.25 -15.18 -6.96
N ILE A 1259 -10.93 -14.14 -7.47
CA ILE A 1259 -12.38 -14.22 -7.63
C ILE A 1259 -12.75 -15.31 -8.62
N TYR A 1260 -12.04 -15.38 -9.75
CA TYR A 1260 -12.33 -16.39 -10.75
C TYR A 1260 -12.10 -17.80 -10.21
N GLY A 1261 -11.01 -18.00 -9.46
CA GLY A 1261 -10.75 -19.30 -8.88
C GLY A 1261 -11.79 -19.69 -7.85
N GLY A 1262 -12.23 -18.73 -7.02
CA GLY A 1262 -13.28 -19.02 -6.07
C GLY A 1262 -14.58 -19.39 -6.76
N ASP A 1263 -14.92 -18.67 -7.83
CA ASP A 1263 -16.14 -19.00 -8.58
C ASP A 1263 -16.04 -20.38 -9.22
N LYS A 1264 -14.86 -20.71 -9.76
CA LYS A 1264 -14.66 -22.04 -10.34
C LYS A 1264 -14.80 -23.13 -9.29
N LEU A 1265 -14.24 -22.90 -8.10
CA LEU A 1265 -14.38 -23.87 -7.01
C LEU A 1265 -15.84 -24.03 -6.59
N VAL A 1266 -16.58 -22.91 -6.53
CA VAL A 1266 -17.99 -22.98 -6.18
C VAL A 1266 -18.76 -23.79 -7.23
N SER A 1267 -18.45 -23.56 -8.51
CA SER A 1267 -19.10 -24.33 -9.57
C SER A 1267 -18.77 -25.81 -9.47
N LEU A 1268 -17.51 -26.13 -9.17
CA LEU A 1268 -17.12 -27.52 -8.99
C LEU A 1268 -17.80 -28.16 -7.79
N SER A 1269 -18.12 -27.35 -6.77
CA SER A 1269 -18.76 -27.90 -5.57
C SER A 1269 -20.12 -28.49 -5.89
N ARG A 1270 -20.90 -27.83 -6.74
CA ARG A 1270 -22.20 -28.37 -7.14
C ARG A 1270 -22.01 -29.64 -7.94
N LYS A 1271 -22.92 -30.59 -7.74
CA LYS A 1271 -22.93 -31.83 -8.50
C LYS A 1271 -23.94 -31.71 -9.64
N LYS A 1272 -23.46 -31.89 -10.86
CA LYS A 1272 -24.31 -31.78 -12.04
C LYS A 1272 -25.02 -33.12 -12.26
N VAL A 1273 -26.35 -33.10 -12.19
CA VAL A 1273 -27.12 -34.31 -12.46
C VAL A 1273 -26.98 -34.69 -13.93
N GLU A 1274 -27.27 -35.95 -14.23
CA GLU A 1274 -27.25 -36.44 -15.61
C GLU A 1274 -28.58 -37.12 -15.88
N ILE A 1275 -29.29 -36.65 -16.91
CA ILE A 1275 -30.64 -37.11 -17.20
C ILE A 1275 -30.76 -37.41 -18.70
N SER A 1276 -31.91 -37.96 -19.07
CA SER A 1276 -32.21 -38.33 -20.44
C SER A 1276 -33.40 -37.52 -20.95
N VAL A 1277 -33.44 -37.31 -22.27
CA VAL A 1277 -34.49 -36.52 -22.89
C VAL A 1277 -35.65 -37.42 -23.27
N VAL A 1278 -36.85 -37.08 -22.80
CA VAL A 1278 -38.04 -37.86 -23.11
C VAL A 1278 -38.49 -37.61 -24.55
N LYS A 1279 -38.51 -36.34 -24.96
CA LYS A 1279 -39.06 -35.99 -26.26
C LYS A 1279 -38.35 -34.76 -26.81
N ALA A 1280 -38.18 -34.72 -28.13
CA ALA A 1280 -37.60 -33.58 -28.82
C ALA A 1280 -38.54 -33.15 -29.94
N GLU A 1281 -38.82 -31.85 -30.00
CA GLU A 1281 -39.70 -31.28 -31.02
C GLU A 1281 -38.97 -30.15 -31.74
N LEU A 1282 -39.02 -30.17 -33.07
CA LEU A 1282 -38.44 -29.09 -33.88
C LEU A 1282 -39.56 -28.11 -34.22
N LEU A 1283 -39.87 -27.24 -33.25
CA LEU A 1283 -40.91 -26.25 -33.45
C LEU A 1283 -40.45 -25.19 -34.44
N PRO A 1284 -41.37 -24.63 -35.23
CA PRO A 1284 -40.98 -23.69 -36.29
C PRO A 1284 -40.29 -22.45 -35.75
N SER A 1285 -39.81 -21.63 -36.68
CA SER A 1285 -38.98 -20.46 -36.38
C SER A 1285 -37.70 -20.87 -35.66
N GLY A 1286 -37.20 -22.07 -35.95
CA GLY A 1286 -35.95 -22.54 -35.40
C GLY A 1286 -35.95 -22.72 -33.89
N VAL A 1287 -36.99 -23.34 -33.34
CA VAL A 1287 -37.10 -23.55 -31.91
C VAL A 1287 -37.02 -25.05 -31.63
N THR A 1288 -36.37 -25.41 -30.51
CA THR A 1288 -36.26 -26.79 -30.09
C THR A 1288 -36.93 -26.94 -28.73
N HIS A 1289 -37.95 -27.78 -28.67
CA HIS A 1289 -38.64 -28.07 -27.42
C HIS A 1289 -38.13 -29.41 -26.88
N LEU A 1290 -37.50 -29.38 -25.72
CA LEU A 1290 -36.92 -30.58 -25.12
C LEU A 1290 -37.67 -30.90 -23.83
N ARG A 1291 -38.25 -32.09 -23.77
CA ARG A 1291 -38.82 -32.65 -22.56
C ARG A 1291 -37.86 -33.73 -22.05
N PHE A 1292 -37.39 -33.58 -20.82
CA PHE A 1292 -36.44 -34.52 -20.26
C PHE A 1292 -36.83 -34.91 -18.84
N GLN A 1293 -36.26 -36.01 -18.39
CA GLN A 1293 -36.58 -36.58 -17.09
C GLN A 1293 -36.25 -35.60 -15.97
N ARG A 1294 -37.18 -35.44 -15.05
CA ARG A 1294 -36.98 -34.58 -13.89
C ARG A 1294 -36.16 -35.34 -12.84
N PRO A 1295 -35.10 -34.74 -12.30
CA PRO A 1295 -34.37 -35.40 -11.21
C PRO A 1295 -35.27 -35.66 -10.02
N GLN A 1296 -34.94 -36.72 -9.27
CA GLN A 1296 -35.83 -37.21 -8.22
C GLN A 1296 -36.09 -36.13 -7.17
N GLY A 1297 -35.06 -35.40 -6.77
CA GLY A 1297 -35.21 -34.37 -5.76
C GLY A 1297 -35.23 -32.97 -6.32
N PHE A 1298 -35.61 -32.84 -7.60
CA PHE A 1298 -35.57 -31.55 -8.29
C PHE A 1298 -36.82 -30.75 -7.94
N GLU A 1299 -36.67 -29.74 -7.10
CA GLU A 1299 -37.74 -28.81 -6.75
C GLU A 1299 -37.36 -27.41 -7.21
N TYR A 1300 -38.29 -26.73 -7.88
CA TYR A 1300 -38.01 -25.41 -8.41
C TYR A 1300 -39.29 -24.59 -8.42
N LYS A 1301 -39.13 -23.27 -8.51
CA LYS A 1301 -40.24 -22.33 -8.58
C LYS A 1301 -40.35 -21.78 -10.00
N SER A 1302 -41.48 -21.12 -10.26
CA SER A 1302 -41.74 -20.57 -11.57
C SER A 1302 -40.77 -19.43 -11.89
N GLY A 1303 -40.32 -19.38 -13.14
CA GLY A 1303 -39.38 -18.38 -13.58
C GLY A 1303 -37.92 -18.74 -13.39
N GLN A 1304 -37.63 -19.82 -12.67
CA GLN A 1304 -36.25 -20.23 -12.48
C GLN A 1304 -35.68 -20.84 -13.75
N TRP A 1305 -34.36 -20.85 -13.84
CA TRP A 1305 -33.65 -21.36 -15.01
C TRP A 1305 -32.58 -22.34 -14.56
N VAL A 1306 -32.25 -23.27 -15.47
CA VAL A 1306 -31.23 -24.27 -15.20
C VAL A 1306 -30.11 -24.10 -16.22
N ARG A 1307 -29.07 -24.92 -16.10
CA ARG A 1307 -28.01 -24.98 -17.11
C ARG A 1307 -27.97 -26.38 -17.71
N ILE A 1308 -27.75 -26.46 -19.02
CA ILE A 1308 -27.67 -27.76 -19.67
C ILE A 1308 -26.39 -27.87 -20.48
N ALA A 1309 -25.89 -29.10 -20.56
CA ALA A 1309 -24.75 -29.44 -21.40
C ALA A 1309 -25.07 -30.73 -22.15
N CYS A 1310 -24.52 -30.86 -23.35
CA CYS A 1310 -24.76 -32.03 -24.20
C CYS A 1310 -23.42 -32.52 -24.72
N LEU A 1311 -22.98 -33.69 -24.24
CA LEU A 1311 -21.70 -34.24 -24.67
C LEU A 1311 -21.72 -34.75 -26.11
N ALA A 1312 -22.90 -34.85 -26.72
CA ALA A 1312 -22.97 -35.27 -28.12
C ALA A 1312 -22.25 -34.29 -29.04
N LEU A 1313 -22.20 -33.01 -28.67
CA LEU A 1313 -21.41 -32.04 -29.42
C LEU A 1313 -19.94 -32.08 -29.07
N GLY A 1314 -19.54 -32.85 -28.05
CA GLY A 1314 -18.15 -32.88 -27.61
C GLY A 1314 -17.65 -31.55 -27.09
N THR A 1315 -18.44 -30.89 -26.26
CA THR A 1315 -18.11 -29.55 -25.80
C THR A 1315 -18.10 -29.40 -24.29
N THR A 1316 -18.98 -30.12 -23.59
CA THR A 1316 -19.19 -30.00 -22.14
C THR A 1316 -19.55 -28.57 -21.73
N GLU A 1317 -20.07 -27.80 -22.67
CA GLU A 1317 -20.40 -26.40 -22.42
C GLU A 1317 -21.77 -26.29 -21.77
N TYR A 1318 -21.86 -25.50 -20.71
CA TYR A 1318 -23.12 -25.31 -19.99
C TYR A 1318 -23.76 -24.01 -20.43
N HIS A 1319 -25.03 -24.09 -20.85
CA HIS A 1319 -25.77 -22.92 -21.28
C HIS A 1319 -27.04 -22.75 -20.45
N PRO A 1320 -27.41 -21.53 -20.10
CA PRO A 1320 -28.59 -21.32 -19.27
C PRO A 1320 -29.87 -21.29 -20.10
N PHE A 1321 -30.91 -21.91 -19.56
CA PHE A 1321 -32.21 -21.93 -20.21
C PHE A 1321 -33.30 -21.91 -19.15
N THR A 1322 -34.32 -21.10 -19.39
CA THR A 1322 -35.43 -20.97 -18.45
C THR A 1322 -36.35 -22.20 -18.54
N LEU A 1323 -36.73 -22.73 -17.38
CA LEU A 1323 -37.62 -23.87 -17.32
C LEU A 1323 -39.03 -23.44 -17.75
N THR A 1324 -39.44 -23.89 -18.94
CA THR A 1324 -40.77 -23.59 -19.43
C THR A 1324 -41.85 -24.50 -18.85
N SER A 1325 -41.45 -25.53 -18.10
CA SER A 1325 -42.40 -26.45 -17.49
C SER A 1325 -42.82 -25.93 -16.11
N ALA A 1326 -44.07 -26.19 -15.76
CA ALA A 1326 -44.57 -25.82 -14.45
C ALA A 1326 -44.02 -26.78 -13.40
N PRO A 1327 -43.81 -26.30 -12.17
CA PRO A 1327 -43.26 -27.18 -11.13
C PRO A 1327 -44.14 -28.35 -10.77
N HIS A 1328 -45.44 -28.28 -11.05
CA HIS A 1328 -46.34 -29.40 -10.74
C HIS A 1328 -46.25 -30.54 -11.73
N GLU A 1329 -45.53 -30.37 -12.84
CA GLU A 1329 -45.41 -31.40 -13.85
C GLU A 1329 -44.36 -32.42 -13.44
N ASP A 1330 -44.31 -33.54 -14.18
CA ASP A 1330 -43.41 -34.63 -13.86
C ASP A 1330 -42.10 -34.58 -14.64
N THR A 1331 -42.04 -33.85 -15.75
CA THR A 1331 -40.85 -33.71 -16.56
C THR A 1331 -40.49 -32.24 -16.71
N LEU A 1332 -39.26 -31.99 -17.17
CA LEU A 1332 -38.77 -30.62 -17.34
C LEU A 1332 -38.70 -30.29 -18.82
N SER A 1333 -39.17 -29.09 -19.18
CA SER A 1333 -39.24 -28.68 -20.58
C SER A 1333 -38.44 -27.41 -20.80
N LEU A 1334 -37.77 -27.34 -21.94
CA LEU A 1334 -37.01 -26.16 -22.35
C LEU A 1334 -37.36 -25.81 -23.79
N HIS A 1335 -37.53 -24.52 -24.05
CA HIS A 1335 -37.74 -24.00 -25.40
C HIS A 1335 -36.51 -23.19 -25.79
N ILE A 1336 -35.64 -23.81 -26.58
CA ILE A 1336 -34.32 -23.26 -26.90
C ILE A 1336 -34.37 -22.68 -28.32
N ARG A 1337 -34.04 -21.40 -28.44
CA ARG A 1337 -34.02 -20.74 -29.73
C ARG A 1337 -32.67 -20.93 -30.41
N ALA A 1338 -32.70 -21.01 -31.73
CA ALA A 1338 -31.48 -21.15 -32.53
C ALA A 1338 -30.78 -19.79 -32.58
N ALA A 1339 -29.96 -19.51 -31.57
CA ALA A 1339 -29.29 -18.22 -31.46
C ALA A 1339 -27.88 -18.23 -32.06
N GLY A 1340 -27.16 -19.34 -31.99
CA GLY A 1340 -25.82 -19.41 -32.51
C GLY A 1340 -25.33 -20.82 -32.72
N PRO A 1341 -24.01 -21.02 -32.59
CA PRO A 1341 -23.44 -22.35 -32.86
C PRO A 1341 -23.98 -23.46 -31.96
N TRP A 1342 -23.92 -23.28 -30.64
CA TRP A 1342 -24.31 -24.35 -29.73
C TRP A 1342 -25.78 -24.71 -29.89
N THR A 1343 -26.65 -23.71 -29.98
CA THR A 1343 -28.08 -23.99 -30.12
C THR A 1343 -28.39 -24.67 -31.46
N THR A 1344 -27.75 -24.21 -32.54
CA THR A 1344 -27.97 -24.84 -33.84
C THR A 1344 -27.49 -26.29 -33.84
N ARG A 1345 -26.32 -26.54 -33.25
CA ARG A 1345 -25.83 -27.92 -33.16
C ARG A 1345 -26.75 -28.78 -32.31
N LEU A 1346 -27.29 -28.22 -31.22
CA LEU A 1346 -28.24 -28.95 -30.40
C LEU A 1346 -29.50 -29.30 -31.17
N ARG A 1347 -30.02 -28.35 -31.94
CA ARG A 1347 -31.19 -28.63 -32.77
C ARG A 1347 -30.89 -29.71 -33.79
N GLU A 1348 -29.70 -29.66 -34.40
CA GLU A 1348 -29.35 -30.66 -35.40
C GLU A 1348 -29.21 -32.06 -34.78
N ILE A 1349 -28.58 -32.17 -33.61
CA ILE A 1349 -28.41 -33.48 -33.00
C ILE A 1349 -29.75 -34.03 -32.52
N TYR A 1350 -30.63 -33.15 -32.00
CA TYR A 1350 -31.92 -33.61 -31.53
C TYR A 1350 -33.00 -33.65 -32.62
N SER A 1351 -32.63 -33.33 -33.86
CA SER A 1351 -33.60 -33.44 -34.95
C SER A 1351 -34.05 -34.88 -35.17
N ALA A 1352 -33.10 -35.84 -35.09
CA ALA A 1352 -33.43 -37.22 -35.41
C ALA A 1352 -33.65 -38.03 -34.13
N PRO A 1353 -34.51 -39.05 -34.18
CA PRO A 1353 -34.74 -39.90 -33.00
C PRO A 1353 -33.54 -40.80 -32.68
N THR A 1354 -33.69 -41.63 -31.67
CA THR A 1354 -32.64 -42.56 -31.23
C THR A 1354 -31.33 -41.84 -30.94
N TYR A 1361 -32.20 -40.35 -28.22
CA TYR A 1361 -31.79 -38.99 -27.86
C TYR A 1361 -30.58 -39.01 -26.93
N PRO A 1362 -29.62 -38.11 -27.19
CA PRO A 1362 -28.46 -38.01 -26.31
C PRO A 1362 -28.84 -37.55 -24.91
N LYS A 1363 -28.03 -37.95 -23.94
CA LYS A 1363 -28.25 -37.59 -22.54
C LYS A 1363 -27.70 -36.20 -22.26
N LEU A 1364 -28.36 -35.50 -21.34
CA LEU A 1364 -27.99 -34.14 -20.97
C LEU A 1364 -27.43 -34.10 -19.56
N TYR A 1365 -26.56 -33.11 -19.32
CA TYR A 1365 -26.07 -32.78 -17.99
C TYR A 1365 -26.80 -31.53 -17.51
N LEU A 1366 -27.43 -31.64 -16.35
CA LEU A 1366 -28.30 -30.61 -15.80
C LEU A 1366 -27.67 -30.00 -14.55
N ASP A 1367 -27.56 -28.67 -14.55
CA ASP A 1367 -27.20 -27.89 -13.38
C ASP A 1367 -28.46 -27.23 -12.85
N GLY A 1368 -28.75 -27.45 -11.57
CA GLY A 1368 -30.04 -27.16 -10.97
C GLY A 1368 -30.46 -25.71 -11.04
N PRO A 1369 -31.64 -25.41 -10.48
CA PRO A 1369 -32.24 -24.08 -10.66
C PRO A 1369 -31.40 -23.00 -9.97
N PHE A 1370 -31.07 -21.96 -10.74
CA PHE A 1370 -30.39 -20.78 -10.22
C PHE A 1370 -31.29 -19.57 -10.18
N GLY A 1371 -32.60 -19.76 -10.37
CA GLY A 1371 -33.49 -18.63 -10.59
C GLY A 1371 -33.63 -17.71 -9.38
N GLU A 1372 -33.76 -18.29 -8.19
CA GLU A 1372 -34.16 -17.53 -7.01
C GLU A 1372 -35.49 -16.83 -7.27
N GLY A 1373 -36.51 -17.66 -7.46
CA GLY A 1373 -37.76 -17.26 -8.08
C GLY A 1373 -38.76 -16.54 -7.19
N HIS A 1374 -38.55 -15.24 -7.00
CA HIS A 1374 -39.54 -14.40 -6.33
C HIS A 1374 -40.92 -14.62 -6.94
N GLN A 1375 -41.90 -14.88 -6.07
CA GLN A 1375 -43.28 -15.07 -6.51
C GLN A 1375 -44.17 -14.03 -5.85
N GLU A 1376 -43.75 -12.77 -5.90
CA GLU A 1376 -44.41 -11.69 -5.18
C GLU A 1376 -45.85 -11.50 -5.62
N TRP A 1377 -46.24 -12.01 -6.80
CA TRP A 1377 -47.61 -11.83 -7.25
C TRP A 1377 -48.60 -12.55 -6.35
N HIS A 1378 -48.18 -13.62 -5.69
CA HIS A 1378 -49.04 -14.28 -4.71
C HIS A 1378 -49.30 -13.40 -3.49
N LYS A 1379 -48.41 -12.42 -3.21
CA LYS A 1379 -48.63 -11.49 -2.12
C LYS A 1379 -49.75 -10.49 -2.40
N PHE A 1380 -50.17 -10.36 -3.66
CA PHE A 1380 -51.17 -9.39 -4.06
C PHE A 1380 -52.42 -10.11 -4.56
N GLU A 1381 -53.58 -9.55 -4.22
CA GLU A 1381 -54.85 -10.15 -4.67
C GLU A 1381 -55.02 -10.00 -6.18
N VAL A 1382 -54.60 -8.87 -6.74
CA VAL A 1382 -54.65 -8.63 -8.17
C VAL A 1382 -53.25 -8.26 -8.63
N SER A 1383 -52.76 -8.95 -9.65
CA SER A 1383 -51.42 -8.74 -10.17
C SER A 1383 -51.46 -8.62 -11.69
N VAL A 1384 -50.54 -7.81 -12.22
CA VAL A 1384 -50.40 -7.61 -13.65
C VAL A 1384 -49.01 -8.06 -14.06
N LEU A 1385 -48.93 -9.10 -14.87
CA LEU A 1385 -47.66 -9.64 -15.35
C LEU A 1385 -47.41 -9.14 -16.77
N VAL A 1386 -46.31 -8.41 -16.95
CA VAL A 1386 -45.96 -7.81 -18.23
C VAL A 1386 -44.72 -8.50 -18.78
N GLY A 1387 -44.82 -9.01 -20.00
CA GLY A 1387 -43.70 -9.66 -20.67
C GLY A 1387 -43.35 -8.95 -21.95
N GLY A 1388 -42.05 -8.86 -22.24
CA GLY A 1388 -41.59 -8.17 -23.42
C GLY A 1388 -40.39 -8.83 -24.08
N GLY A 1389 -40.50 -9.08 -25.38
CA GLY A 1389 -39.38 -9.68 -26.11
C GLY A 1389 -39.04 -11.05 -25.57
N ILE A 1390 -37.73 -11.29 -25.38
CA ILE A 1390 -37.27 -12.56 -24.84
C ILE A 1390 -37.60 -12.73 -23.37
N GLY A 1391 -38.00 -11.66 -22.69
CA GLY A 1391 -38.35 -11.75 -21.29
C GLY A 1391 -39.75 -12.24 -21.04
N VAL A 1392 -40.23 -13.12 -21.92
CA VAL A 1392 -41.57 -13.70 -21.79
C VAL A 1392 -41.52 -15.22 -21.65
N THR A 1393 -40.36 -15.85 -21.83
CA THR A 1393 -40.26 -17.30 -21.67
C THR A 1393 -40.66 -17.78 -20.28
N PRO A 1394 -40.19 -17.18 -19.17
CA PRO A 1394 -40.61 -17.68 -17.85
C PRO A 1394 -42.10 -17.57 -17.59
N PHE A 1395 -42.79 -16.65 -18.28
CA PHE A 1395 -44.21 -16.44 -18.01
C PHE A 1395 -45.05 -17.63 -18.42
N ALA A 1396 -44.58 -18.49 -19.33
CA ALA A 1396 -45.31 -19.71 -19.63
C ALA A 1396 -45.41 -20.61 -18.40
N SER A 1397 -44.27 -20.89 -17.77
CA SER A 1397 -44.27 -21.67 -16.53
C SER A 1397 -45.03 -20.94 -15.44
N ILE A 1398 -44.90 -19.62 -15.37
CA ILE A 1398 -45.59 -18.84 -14.33
C ILE A 1398 -47.11 -19.01 -14.48
N LEU A 1399 -47.62 -18.87 -15.70
CA LEU A 1399 -49.05 -18.98 -15.93
C LEU A 1399 -49.56 -20.40 -15.69
N LYS A 1400 -48.80 -21.41 -16.13
CA LYS A 1400 -49.22 -22.79 -15.88
C LYS A 1400 -49.26 -23.08 -14.38
N ASP A 1401 -48.25 -22.63 -13.64
CA ASP A 1401 -48.24 -22.82 -12.20
C ASP A 1401 -49.40 -22.09 -11.54
N LEU A 1402 -49.69 -20.86 -12.00
CA LEU A 1402 -50.78 -20.09 -11.41
C LEU A 1402 -52.12 -20.78 -11.63
N VAL A 1403 -52.37 -21.27 -12.85
CA VAL A 1403 -53.65 -21.91 -13.11
C VAL A 1403 -53.76 -23.23 -12.35
N PHE A 1404 -52.66 -23.98 -12.23
CA PHE A 1404 -52.70 -25.20 -11.43
C PHE A 1404 -52.95 -24.88 -9.96
N LYS A 1405 -52.31 -23.84 -9.44
CA LYS A 1405 -52.48 -23.48 -8.04
C LYS A 1405 -53.91 -23.05 -7.75
N SER A 1406 -54.51 -22.28 -8.67
CA SER A 1406 -55.90 -21.89 -8.49
C SER A 1406 -56.87 -23.04 -8.71
N SER A 1407 -56.47 -24.06 -9.49
CA SER A 1407 -57.34 -25.21 -9.68
C SER A 1407 -57.33 -26.11 -8.44
N VAL A 1408 -56.16 -26.33 -7.84
CA VAL A 1408 -56.10 -27.25 -6.71
C VAL A 1408 -56.52 -26.58 -5.42
N SER A 1409 -56.24 -25.29 -5.25
CA SER A 1409 -56.58 -24.56 -4.05
C SER A 1409 -57.80 -23.68 -4.28
N CYS A 1410 -58.58 -23.48 -3.22
CA CYS A 1410 -59.83 -22.74 -3.30
C CYS A 1410 -59.67 -21.28 -2.89
N GLN A 1411 -59.17 -21.04 -1.68
CA GLN A 1411 -59.06 -19.69 -1.15
C GLN A 1411 -57.64 -19.14 -1.39
N VAL A 1412 -57.34 -18.95 -2.67
CA VAL A 1412 -56.09 -18.32 -3.07
C VAL A 1412 -56.25 -16.81 -2.98
N PHE A 1413 -55.30 -16.15 -2.33
CA PHE A 1413 -55.40 -14.69 -2.16
C PHE A 1413 -55.34 -13.98 -3.50
N CYS A 1414 -54.62 -14.53 -4.47
CA CYS A 1414 -54.56 -13.94 -5.80
C CYS A 1414 -55.86 -14.24 -6.54
N LYS A 1415 -56.75 -13.25 -6.63
CA LYS A 1415 -58.04 -13.42 -7.26
C LYS A 1415 -58.01 -13.27 -8.78
N LYS A 1416 -57.10 -12.46 -9.31
CA LYS A 1416 -57.08 -12.20 -10.74
C LYS A 1416 -55.65 -11.93 -11.19
N ILE A 1417 -55.26 -12.52 -12.32
CA ILE A 1417 -53.95 -12.33 -12.92
C ILE A 1417 -54.16 -11.75 -14.32
N TYR A 1418 -53.44 -10.67 -14.63
CA TYR A 1418 -53.45 -10.09 -15.96
C TYR A 1418 -52.07 -10.29 -16.59
N PHE A 1419 -52.04 -10.97 -17.73
CA PHE A 1419 -50.79 -11.24 -18.44
C PHE A 1419 -50.77 -10.39 -19.71
N ILE A 1420 -49.97 -9.34 -19.70
CA ILE A 1420 -49.83 -8.44 -20.84
C ILE A 1420 -48.56 -8.84 -21.57
N TRP A 1421 -48.71 -9.59 -22.66
CA TRP A 1421 -47.60 -9.95 -23.52
C TRP A 1421 -47.40 -8.83 -24.54
N VAL A 1422 -46.17 -8.34 -24.65
CA VAL A 1422 -45.83 -7.27 -25.57
C VAL A 1422 -44.68 -7.74 -26.44
N THR A 1423 -44.90 -7.79 -27.75
CA THR A 1423 -43.84 -8.23 -28.66
C THR A 1423 -43.98 -7.52 -30.00
N ARG A 1424 -42.86 -7.44 -30.71
CA ARG A 1424 -42.89 -6.96 -32.09
C ARG A 1424 -43.55 -7.98 -33.00
N THR A 1425 -42.98 -9.18 -33.07
CA THR A 1425 -43.56 -10.31 -33.78
C THR A 1425 -43.49 -11.54 -32.89
N GLN A 1426 -44.39 -12.48 -33.14
CA GLN A 1426 -44.41 -13.73 -32.39
C GLN A 1426 -43.44 -14.77 -32.94
N ARG A 1427 -42.48 -14.35 -33.75
CA ARG A 1427 -41.48 -15.28 -34.27
C ARG A 1427 -40.61 -15.80 -33.13
N GLN A 1428 -40.29 -17.10 -33.19
CA GLN A 1428 -39.54 -17.85 -32.18
C GLN A 1428 -40.30 -17.97 -30.87
N PHE A 1429 -41.54 -17.48 -30.79
CA PHE A 1429 -42.36 -17.60 -29.59
C PHE A 1429 -43.77 -18.08 -29.95
N GLU A 1430 -43.91 -18.79 -31.07
CA GLU A 1430 -45.21 -19.33 -31.44
C GLU A 1430 -45.67 -20.41 -30.48
N TRP A 1431 -44.72 -21.11 -29.84
CA TRP A 1431 -45.08 -22.11 -28.83
C TRP A 1431 -45.77 -21.46 -27.63
N LEU A 1432 -45.44 -20.19 -27.35
CA LEU A 1432 -46.12 -19.48 -26.28
C LEU A 1432 -47.61 -19.33 -26.57
N ALA A 1433 -47.97 -19.23 -27.85
CA ALA A 1433 -49.39 -19.18 -28.20
C ALA A 1433 -50.11 -20.47 -27.80
N ASP A 1434 -49.49 -21.62 -28.05
CA ASP A 1434 -50.09 -22.89 -27.65
C ASP A 1434 -50.13 -23.02 -26.13
N ILE A 1435 -49.08 -22.55 -25.45
CA ILE A 1435 -49.07 -22.59 -23.99
C ILE A 1435 -50.20 -21.73 -23.42
N ILE A 1436 -50.39 -20.53 -23.98
CA ILE A 1436 -51.48 -19.67 -23.55
C ILE A 1436 -52.83 -20.29 -23.87
N ARG A 1437 -52.92 -21.00 -24.99
CA ARG A 1437 -54.16 -21.70 -25.34
C ARG A 1437 -54.50 -22.73 -24.28
N GLU A 1438 -53.54 -23.55 -23.89
CA GLU A 1438 -53.79 -24.57 -22.87
C GLU A 1438 -54.09 -23.92 -21.52
N VAL A 1439 -53.43 -22.80 -21.22
CA VAL A 1439 -53.66 -22.11 -19.95
C VAL A 1439 -55.09 -21.58 -19.89
N GLU A 1440 -55.54 -20.94 -20.97
CA GLU A 1440 -56.90 -20.40 -20.98
C GLU A 1440 -57.95 -21.50 -21.05
N GLU A 1441 -57.60 -22.65 -21.65
CA GLU A 1441 -58.53 -23.78 -21.62
C GLU A 1441 -58.66 -24.35 -20.21
N ASN A 1442 -57.56 -24.40 -19.45
CA ASN A 1442 -57.58 -24.92 -18.09
C ASN A 1442 -57.95 -23.87 -17.05
N ASP A 1443 -58.15 -22.62 -17.46
CA ASP A 1443 -58.53 -21.55 -16.53
C ASP A 1443 -60.02 -21.69 -16.23
N HIS A 1444 -60.35 -22.49 -15.23
CA HIS A 1444 -61.73 -22.74 -14.85
C HIS A 1444 -62.28 -21.70 -13.89
N GLN A 1445 -61.47 -20.73 -13.46
CA GLN A 1445 -61.92 -19.68 -12.55
C GLN A 1445 -61.72 -18.28 -13.12
N ASP A 1446 -61.39 -18.17 -14.41
CA ASP A 1446 -61.11 -16.88 -15.06
C ASP A 1446 -60.03 -16.13 -14.30
N LEU A 1447 -59.00 -16.86 -13.87
CA LEU A 1447 -57.92 -16.23 -13.11
C LEU A 1447 -57.01 -15.40 -14.01
N VAL A 1448 -56.70 -15.91 -15.20
CA VAL A 1448 -55.72 -15.30 -16.09
C VAL A 1448 -56.45 -14.65 -17.26
N SER A 1449 -56.19 -13.36 -17.45
CA SER A 1449 -56.67 -12.61 -18.61
C SER A 1449 -55.46 -12.21 -19.45
N VAL A 1450 -55.37 -12.75 -20.65
CA VAL A 1450 -54.21 -12.59 -21.51
C VAL A 1450 -54.49 -11.52 -22.56
N HIS A 1451 -53.55 -10.58 -22.71
CA HIS A 1451 -53.65 -9.53 -23.72
C HIS A 1451 -52.34 -9.46 -24.48
N ILE A 1452 -52.38 -9.74 -25.78
CA ILE A 1452 -51.21 -9.74 -26.63
C ILE A 1452 -51.16 -8.44 -27.41
N TYR A 1453 -49.99 -7.80 -27.44
CA TYR A 1453 -49.79 -6.54 -28.13
C TYR A 1453 -48.66 -6.71 -29.14
N ILE A 1454 -49.02 -6.76 -30.41
CA ILE A 1454 -48.05 -6.83 -31.50
C ILE A 1454 -47.70 -5.40 -31.90
N THR A 1455 -46.46 -4.99 -31.60
CA THR A 1455 -46.03 -3.62 -31.83
C THR A 1455 -45.33 -3.43 -33.18
N GLN A 1456 -45.30 -4.46 -34.02
CA GLN A 1456 -44.65 -4.34 -35.33
C GLN A 1456 -45.41 -3.34 -36.19
N LEU A 1457 -44.66 -2.55 -36.96
CA LEU A 1457 -45.27 -1.61 -37.90
C LEU A 1457 -45.99 -2.37 -39.01
N ALA A 1458 -47.08 -1.79 -39.50
CA ALA A 1458 -47.92 -2.47 -40.48
C ALA A 1458 -47.16 -2.76 -41.77
N GLU A 1459 -46.19 -1.92 -42.13
CA GLU A 1459 -45.42 -2.14 -43.35
C GLU A 1459 -44.44 -3.30 -43.22
N LYS A 1460 -44.01 -3.62 -42.00
CA LYS A 1460 -43.01 -4.65 -41.76
C LYS A 1460 -43.63 -5.97 -41.29
N PHE A 1461 -44.92 -6.16 -41.51
CA PHE A 1461 -45.57 -7.40 -41.12
C PHE A 1461 -45.03 -8.59 -41.90
N ASP A 1462 -44.92 -9.73 -41.23
CA ASP A 1462 -44.64 -10.98 -41.91
C ASP A 1462 -45.98 -11.66 -42.21
N LEU A 1463 -45.93 -12.92 -42.65
CA LEU A 1463 -47.17 -13.63 -42.96
C LEU A 1463 -47.97 -13.92 -41.69
N ARG A 1464 -47.29 -14.33 -40.62
CA ARG A 1464 -48.00 -14.66 -39.38
C ARG A 1464 -48.69 -13.43 -38.80
N THR A 1465 -48.03 -12.28 -38.82
CA THR A 1465 -48.64 -11.07 -38.25
C THR A 1465 -49.86 -10.65 -39.04
N THR A 1466 -49.79 -10.70 -40.37
CA THR A 1466 -50.96 -10.36 -41.18
C THR A 1466 -52.09 -11.35 -40.96
N MET A 1467 -51.77 -12.64 -40.83
CA MET A 1467 -52.80 -13.63 -40.55
C MET A 1467 -53.45 -13.38 -39.20
N LEU A 1468 -52.66 -13.04 -38.19
CA LEU A 1468 -53.22 -12.68 -36.88
C LEU A 1468 -54.13 -11.47 -37.00
N TYR A 1469 -53.68 -10.45 -37.73
CA TYR A 1469 -54.47 -9.23 -37.86
C TYR A 1469 -55.81 -9.50 -38.53
N ILE A 1470 -55.81 -10.27 -39.62
CA ILE A 1470 -57.05 -10.51 -40.35
C ILE A 1470 -57.97 -11.44 -39.55
N CYS A 1471 -57.40 -12.45 -38.88
CA CYS A 1471 -58.26 -13.34 -38.09
C CYS A 1471 -58.81 -12.64 -36.86
N GLU A 1472 -58.11 -11.63 -36.35
CA GLU A 1472 -58.61 -10.89 -35.19
C GLU A 1472 -59.66 -9.86 -35.59
N ARG A 1473 -59.47 -9.19 -36.73
CA ARG A 1473 -60.32 -8.05 -37.08
C ARG A 1473 -60.98 -8.13 -38.45
N HIS A 1474 -60.64 -9.12 -39.28
CA HIS A 1474 -61.27 -9.27 -40.59
C HIS A 1474 -61.83 -10.67 -40.80
N PHE A 1475 -62.13 -11.39 -39.72
CA PHE A 1475 -62.63 -12.75 -39.81
C PHE A 1475 -63.34 -13.10 -38.50
N GLN A 1476 -64.57 -13.58 -38.60
CA GLN A 1476 -65.33 -13.92 -37.42
C GLN A 1476 -64.74 -15.13 -36.71
N LYS A 1477 -64.96 -15.20 -35.40
CA LYS A 1477 -64.49 -16.32 -34.60
C LYS A 1477 -65.47 -17.49 -34.73
N VAL A 1478 -65.15 -18.59 -34.06
CA VAL A 1478 -66.00 -19.78 -34.05
C VAL A 1478 -66.64 -19.98 -32.68
N LEU A 1479 -65.82 -20.11 -31.64
CA LEU A 1479 -66.30 -20.16 -30.26
C LEU A 1479 -65.65 -19.03 -29.48
N ASN A 1480 -65.65 -17.83 -30.06
CA ASN A 1480 -64.89 -16.67 -29.58
C ASN A 1480 -63.39 -16.92 -29.64
N ARG A 1481 -62.95 -17.85 -30.47
CA ARG A 1481 -61.55 -18.18 -30.68
C ARG A 1481 -61.18 -17.88 -32.12
N SER A 1482 -60.04 -17.21 -32.31
CA SER A 1482 -59.58 -16.89 -33.65
C SER A 1482 -59.28 -18.17 -34.42
N LEU A 1483 -59.61 -18.17 -35.72
CA LEU A 1483 -59.40 -19.35 -36.54
C LEU A 1483 -57.92 -19.68 -36.71
N PHE A 1484 -57.06 -18.66 -36.65
CA PHE A 1484 -55.63 -18.90 -36.85
C PHE A 1484 -55.01 -19.57 -35.64
N THR A 1485 -55.06 -18.90 -34.48
CA THR A 1485 -54.41 -19.42 -33.29
C THR A 1485 -55.34 -20.29 -32.44
N GLY A 1486 -56.56 -19.82 -32.22
CA GLY A 1486 -57.47 -20.50 -31.32
C GLY A 1486 -57.54 -19.93 -29.92
N LEU A 1487 -57.12 -18.68 -29.73
CA LEU A 1487 -57.09 -18.05 -28.42
C LEU A 1487 -58.34 -17.21 -28.22
N ARG A 1488 -58.99 -17.39 -27.07
CA ARG A 1488 -60.06 -16.48 -26.67
C ARG A 1488 -59.52 -15.09 -26.34
N SER A 1489 -58.22 -14.98 -26.10
CA SER A 1489 -57.62 -13.70 -25.78
C SER A 1489 -57.65 -12.76 -26.99
N ILE A 1490 -57.72 -11.47 -26.72
CA ILE A 1490 -57.76 -10.45 -27.76
C ILE A 1490 -56.34 -9.98 -28.04
N THR A 1491 -55.97 -9.99 -29.31
CA THR A 1491 -54.64 -9.54 -29.75
C THR A 1491 -54.75 -8.14 -30.32
N HIS A 1492 -53.92 -7.23 -29.82
CA HIS A 1492 -53.92 -5.84 -30.24
C HIS A 1492 -52.68 -5.54 -31.08
N PHE A 1493 -52.72 -4.41 -31.77
CA PHE A 1493 -51.64 -3.98 -32.67
C PHE A 1493 -51.31 -2.53 -32.36
N GLY A 1494 -50.21 -2.31 -31.66
CA GLY A 1494 -49.80 -0.98 -31.26
C GLY A 1494 -49.19 -0.97 -29.87
N ARG A 1495 -48.87 0.21 -29.36
CA ARG A 1495 -48.26 0.30 -28.04
C ARG A 1495 -49.30 -0.01 -26.97
N PRO A 1496 -49.01 -0.86 -26.00
CA PRO A 1496 -49.98 -1.17 -24.95
C PRO A 1496 -50.23 0.05 -24.07
N PRO A 1497 -51.50 0.37 -23.81
CA PRO A 1497 -51.83 1.56 -22.97
C PRO A 1497 -51.75 1.25 -21.48
N PHE A 1498 -50.53 1.25 -20.95
CA PHE A 1498 -50.33 0.87 -19.56
C PHE A 1498 -51.04 1.82 -18.60
N GLU A 1499 -50.91 3.13 -18.84
CA GLU A 1499 -51.57 4.09 -17.96
C GLU A 1499 -53.09 3.97 -17.98
N PRO A 1500 -53.77 3.99 -19.14
CA PRO A 1500 -55.23 3.80 -19.11
C PRO A 1500 -55.65 2.44 -18.61
N PHE A 1501 -54.87 1.39 -18.90
CA PHE A 1501 -55.21 0.05 -18.40
C PHE A 1501 -55.16 0.02 -16.88
N PHE A 1502 -54.11 0.59 -16.28
CA PHE A 1502 -54.02 0.64 -14.84
C PHE A 1502 -55.12 1.51 -14.24
N ASN A 1503 -55.47 2.60 -14.92
CA ASN A 1503 -56.57 3.44 -14.44
C ASN A 1503 -57.90 2.68 -14.45
N SER A 1504 -58.16 1.92 -15.52
CA SER A 1504 -59.41 1.16 -15.62
C SER A 1504 -59.42 -0.05 -14.69
N LEU A 1505 -58.26 -0.54 -14.29
CA LEU A 1505 -58.21 -1.62 -13.30
C LEU A 1505 -58.88 -1.20 -11.99
N GLN A 1506 -58.80 0.09 -11.64
CA GLN A 1506 -59.47 0.57 -10.44
C GLN A 1506 -60.99 0.50 -10.57
N GLU A 1507 -61.51 0.66 -11.79
CA GLU A 1507 -62.96 0.59 -11.98
C GLU A 1507 -63.44 -0.85 -12.12
N VAL A 1508 -62.64 -1.71 -12.77
CA VAL A 1508 -63.01 -3.12 -12.89
C VAL A 1508 -63.05 -3.78 -11.52
N HIS A 1509 -62.01 -3.54 -10.71
CA HIS A 1509 -61.96 -4.04 -9.35
C HIS A 1509 -62.11 -2.87 -8.39
N PRO A 1510 -63.26 -2.70 -7.74
CA PRO A 1510 -63.46 -1.51 -6.90
C PRO A 1510 -62.87 -1.63 -5.50
N GLN A 1511 -62.74 -2.85 -4.99
CA GLN A 1511 -62.33 -3.06 -3.61
C GLN A 1511 -60.84 -3.30 -3.45
N VAL A 1512 -60.06 -3.23 -4.53
CA VAL A 1512 -58.62 -3.43 -4.44
C VAL A 1512 -57.97 -2.20 -3.83
N ARG A 1513 -56.99 -2.44 -2.96
CA ARG A 1513 -56.21 -1.36 -2.35
C ARG A 1513 -54.73 -1.41 -2.71
N LYS A 1514 -54.19 -2.59 -3.01
CA LYS A 1514 -52.82 -2.72 -3.50
C LYS A 1514 -52.82 -3.67 -4.68
N ILE A 1515 -52.20 -3.25 -5.78
CA ILE A 1515 -52.07 -4.08 -6.97
C ILE A 1515 -50.61 -4.11 -7.37
N GLY A 1516 -50.08 -5.31 -7.57
CA GLY A 1516 -48.70 -5.50 -7.98
C GLY A 1516 -48.57 -5.64 -9.48
N VAL A 1517 -47.60 -4.94 -10.06
CA VAL A 1517 -47.32 -5.00 -11.49
C VAL A 1517 -45.85 -5.38 -11.66
N PHE A 1518 -45.60 -6.51 -12.29
CA PHE A 1518 -44.26 -7.06 -12.45
C PHE A 1518 -43.87 -7.00 -13.92
N SER A 1519 -42.72 -6.39 -14.21
CA SER A 1519 -42.31 -6.14 -15.58
C SER A 1519 -41.01 -6.89 -15.87
N CYS A 1520 -41.06 -7.82 -16.80
CA CYS A 1520 -39.89 -8.54 -17.28
C CYS A 1520 -39.81 -8.32 -18.80
N GLY A 1521 -39.00 -7.35 -19.20
CA GLY A 1521 -38.86 -7.01 -20.60
C GLY A 1521 -37.71 -6.06 -20.84
N PRO A 1522 -37.70 -5.40 -21.99
CA PRO A 1522 -36.65 -4.42 -22.27
C PRO A 1522 -36.74 -3.26 -21.31
N PRO A 1523 -35.62 -2.59 -21.04
CA PRO A 1523 -35.64 -1.51 -20.04
C PRO A 1523 -36.63 -0.40 -20.37
N GLY A 1524 -36.82 -0.09 -21.64
CA GLY A 1524 -37.79 0.94 -22.00
C GLY A 1524 -39.22 0.55 -21.66
N MET A 1525 -39.58 -0.71 -21.93
CA MET A 1525 -40.94 -1.16 -21.63
C MET A 1525 -41.21 -1.15 -20.14
N THR A 1526 -40.27 -1.66 -19.35
CA THR A 1526 -40.43 -1.66 -17.90
C THR A 1526 -40.46 -0.23 -17.36
N LYS A 1527 -39.66 0.65 -17.95
CA LYS A 1527 -39.68 2.06 -17.56
C LYS A 1527 -41.05 2.68 -17.83
N ASN A 1528 -41.64 2.38 -18.99
CA ASN A 1528 -42.98 2.87 -19.29
C ASN A 1528 -44.00 2.32 -18.32
N VAL A 1529 -43.90 1.03 -17.97
CA VAL A 1529 -44.85 0.43 -17.04
C VAL A 1529 -44.75 1.09 -15.67
N GLU A 1530 -43.52 1.30 -15.18
CA GLU A 1530 -43.36 1.92 -13.87
C GLU A 1530 -43.80 3.38 -13.91
N LYS A 1531 -43.57 4.07 -15.02
CA LYS A 1531 -44.05 5.44 -15.16
C LYS A 1531 -45.57 5.50 -15.10
N ALA A 1532 -46.24 4.57 -15.78
CA ALA A 1532 -47.70 4.50 -15.71
C ALA A 1532 -48.16 4.21 -14.29
N CYS A 1533 -47.47 3.30 -13.60
CA CYS A 1533 -47.81 3.00 -12.22
C CYS A 1533 -47.68 4.23 -11.33
N GLN A 1534 -46.60 5.00 -11.51
CA GLN A 1534 -46.41 6.22 -10.73
C GLN A 1534 -47.50 7.25 -11.04
N LEU A 1535 -47.83 7.42 -12.33
CA LEU A 1535 -48.87 8.37 -12.70
C LEU A 1535 -50.21 7.98 -12.09
N ILE A 1536 -50.53 6.68 -12.08
CA ILE A 1536 -51.77 6.25 -11.45
C ILE A 1536 -51.70 6.42 -9.93
N ASN A 1537 -50.53 6.19 -9.34
CA ASN A 1537 -50.38 6.35 -7.90
C ASN A 1537 -50.41 7.81 -7.47
N ARG A 1538 -50.23 8.75 -8.40
CA ARG A 1538 -50.28 10.16 -8.03
C ARG A 1538 -51.65 10.53 -7.46
N GLN A 1539 -52.72 9.97 -8.01
CA GLN A 1539 -54.01 10.01 -7.33
C GLN A 1539 -54.05 8.91 -6.28
N ASP A 1540 -54.55 9.25 -5.09
CA ASP A 1540 -54.40 8.39 -3.92
C ASP A 1540 -55.56 7.43 -3.73
N ARG A 1541 -56.22 7.00 -4.80
CA ARG A 1541 -57.32 6.05 -4.66
C ARG A 1541 -56.79 4.66 -4.30
N THR A 1542 -55.98 4.08 -5.19
CA THR A 1542 -55.39 2.76 -4.95
C THR A 1542 -53.89 2.85 -5.22
N HIS A 1543 -53.15 1.90 -4.65
CA HIS A 1543 -51.71 1.85 -4.79
C HIS A 1543 -51.31 0.76 -5.79
N PHE A 1544 -50.40 1.11 -6.70
CA PHE A 1544 -49.83 0.19 -7.68
C PHE A 1544 -48.34 0.08 -7.40
N SER A 1545 -47.92 -1.08 -6.92
CA SER A 1545 -46.52 -1.34 -6.61
C SER A 1545 -45.87 -2.07 -7.78
N HIS A 1546 -44.82 -1.49 -8.34
CA HIS A 1546 -44.15 -2.03 -9.51
C HIS A 1546 -42.87 -2.75 -9.13
N HIS A 1547 -42.57 -3.83 -9.85
CA HIS A 1547 -41.37 -4.63 -9.61
C HIS A 1547 -40.64 -4.89 -10.93
N TYR A 1548 -39.32 -4.80 -10.86
CA TYR A 1548 -38.45 -5.19 -11.97
C TYR A 1548 -38.06 -6.65 -11.78
N GLU A 1549 -38.57 -7.52 -12.64
CA GLU A 1549 -38.30 -8.96 -12.56
C GLU A 1549 -37.36 -9.36 -13.68
N ASN A 1550 -36.40 -10.22 -13.34
CA ASN A 1550 -35.33 -10.64 -14.25
C ASN A 1550 -35.15 -12.15 -14.21
N PHE A 1551 -36.26 -12.88 -14.38
CA PHE A 1551 -36.19 -14.34 -14.46
C PHE A 1551 -35.27 -14.80 -15.59
N LEU B 4 10.48 6.99 39.27
CA LEU B 4 11.48 7.79 39.97
C LEU B 4 12.10 8.84 39.04
N GLY B 5 12.32 10.05 39.55
CA GLY B 5 12.90 11.12 38.78
C GLY B 5 14.14 11.71 39.43
N HIS B 6 14.32 13.01 39.25
CA HIS B 6 15.41 13.82 39.80
C HIS B 6 16.77 13.45 39.24
N THR B 7 16.85 12.48 38.34
CA THR B 7 18.11 12.12 37.69
C THR B 7 17.83 11.79 36.23
N PHE B 8 18.86 11.92 35.40
CA PHE B 8 18.69 11.71 33.98
C PHE B 8 19.80 10.81 33.45
N PRO B 9 19.47 9.85 32.57
CA PRO B 9 18.09 9.56 32.17
C PRO B 9 17.35 8.71 33.19
N PHE B 10 16.02 8.63 33.06
CA PHE B 10 15.24 7.82 33.98
C PHE B 10 15.61 6.34 33.87
N TYR B 11 15.85 5.88 32.64
CA TYR B 11 16.30 4.51 32.38
C TYR B 11 17.66 4.59 31.73
N ALA B 12 18.72 4.45 32.52
CA ALA B 12 20.09 4.61 32.05
C ALA B 12 20.72 3.28 31.61
N GLY B 13 19.99 2.18 31.68
CA GLY B 13 20.52 0.90 31.27
C GLY B 13 20.72 0.82 29.77
N PRO B 14 21.60 -0.07 29.33
CA PRO B 14 21.81 -0.24 27.89
C PRO B 14 20.55 -0.71 27.19
N LYS B 15 20.34 -0.20 25.98
CA LYS B 15 19.14 -0.54 25.22
C LYS B 15 19.31 -1.90 24.55
N PRO B 16 18.38 -2.82 24.71
CA PRO B 16 18.56 -4.18 24.21
C PRO B 16 18.55 -4.24 22.69
N THR B 17 19.21 -5.28 22.16
CA THR B 17 19.23 -5.56 20.73
C THR B 17 18.55 -6.90 20.49
N PHE B 18 17.75 -6.97 19.43
CA PHE B 18 17.03 -8.19 19.11
C PHE B 18 18.02 -9.29 18.73
N PRO B 19 17.90 -10.50 19.30
CA PRO B 19 18.96 -11.51 19.15
C PRO B 19 18.90 -12.31 17.85
N MET B 20 18.06 -11.94 16.89
CA MET B 20 17.96 -12.70 15.65
C MET B 20 17.31 -11.82 14.58
N ASP B 21 17.12 -12.41 13.41
CA ASP B 21 16.44 -11.71 12.32
C ASP B 21 14.96 -11.57 12.63
N THR B 22 14.41 -10.38 12.35
CA THR B 22 13.04 -10.09 12.77
C THR B 22 12.02 -10.79 11.88
N THR B 23 12.30 -10.89 10.59
CA THR B 23 11.37 -11.57 9.68
C THR B 23 11.26 -13.05 10.04
N LEU B 24 12.39 -13.71 10.24
CA LEU B 24 12.39 -15.12 10.63
C LEU B 24 11.71 -15.30 11.98
N ALA B 25 11.98 -14.40 12.93
CA ALA B 25 11.35 -14.48 14.24
C ALA B 25 9.84 -14.34 14.14
N SER B 26 9.37 -13.41 13.32
CA SER B 26 7.93 -13.22 13.15
C SER B 26 7.28 -14.44 12.50
N ILE B 27 7.93 -15.01 11.49
CA ILE B 27 7.39 -16.21 10.84
C ILE B 27 7.31 -17.35 11.84
N ILE B 28 8.38 -17.54 12.63
CA ILE B 28 8.40 -18.61 13.63
C ILE B 28 7.31 -18.39 14.66
N MET B 29 7.14 -17.14 15.12
CA MET B 29 6.11 -16.86 16.11
C MET B 29 4.72 -17.13 15.57
N ILE B 30 4.44 -16.71 14.34
CA ILE B 30 3.11 -16.91 13.76
C ILE B 30 2.81 -18.40 13.62
N PHE B 31 3.77 -19.16 13.08
CA PHE B 31 3.53 -20.58 12.88
C PHE B 31 3.47 -21.35 14.19
N LEU B 32 4.25 -20.92 15.20
CA LEU B 32 4.16 -21.54 16.51
C LEU B 32 2.81 -21.24 17.17
N THR B 33 2.29 -20.03 16.97
CA THR B 33 0.96 -19.71 17.48
C THR B 33 -0.11 -20.58 16.82
N ALA B 34 0.00 -20.77 15.50
CA ALA B 34 -0.94 -21.66 14.82
C ALA B 34 -0.82 -23.09 15.34
N LEU B 35 0.41 -23.57 15.54
CA LEU B 35 0.62 -24.91 16.06
C LEU B 35 0.05 -25.05 17.47
N ALA B 36 0.23 -24.03 18.30
CA ALA B 36 -0.31 -24.06 19.66
C ALA B 36 -1.83 -24.10 19.65
N THR B 37 -2.46 -23.30 18.76
CA THR B 37 -3.91 -23.35 18.65
C THR B 37 -4.38 -24.73 18.22
N PHE B 38 -3.71 -25.33 17.24
CA PHE B 38 -4.08 -26.66 16.79
C PHE B 38 -3.89 -27.70 17.89
N ILE B 39 -2.82 -27.59 18.68
CA ILE B 39 -2.61 -28.51 19.78
C ILE B 39 -3.68 -28.33 20.84
N VAL B 40 -4.11 -27.09 21.09
CA VAL B 40 -5.18 -26.84 22.04
C VAL B 40 -6.48 -27.50 21.56
N ILE B 41 -6.81 -27.36 20.28
CA ILE B 41 -8.04 -27.95 19.76
C ILE B 41 -7.89 -29.43 19.42
N LEU B 42 -6.70 -30.00 19.58
CA LEU B 42 -6.46 -31.40 19.25
C LEU B 42 -7.42 -32.38 19.91
N PRO B 43 -7.72 -32.29 21.21
CA PRO B 43 -8.73 -33.21 21.78
C PRO B 43 -10.10 -33.07 21.17
N GLY B 44 -10.42 -31.91 20.57
CA GLY B 44 -11.67 -31.75 19.85
C GLY B 44 -11.73 -32.56 18.57
N ILE B 45 -10.59 -32.88 17.98
CA ILE B 45 -10.55 -33.78 16.84
C ILE B 45 -11.01 -35.15 17.29
N ARG B 46 -12.17 -35.59 16.82
CA ARG B 46 -12.78 -36.81 17.31
C ARG B 46 -12.21 -38.04 16.62
N GLY B 47 -12.25 -39.17 17.32
CA GLY B 47 -11.78 -40.41 16.78
C GLY B 47 -10.28 -40.59 16.87
N LYS B 48 -9.80 -41.66 16.25
CA LYS B 48 -8.38 -41.96 16.20
C LYS B 48 -7.66 -41.24 15.07
N THR B 49 -8.38 -40.44 14.29
CA THR B 49 -7.76 -39.75 13.16
C THR B 49 -6.77 -38.69 13.62
N ARG B 50 -6.95 -38.21 14.86
CA ARG B 50 -6.24 -37.03 15.33
C ARG B 50 -4.73 -37.14 15.11
N LEU B 51 -4.15 -38.30 15.42
CA LEU B 51 -2.73 -38.52 15.21
C LEU B 51 -2.34 -38.18 13.77
N PHE B 52 -2.95 -38.87 12.80
CA PHE B 52 -2.73 -38.53 11.40
C PHE B 52 -2.98 -37.05 11.17
N TRP B 53 -4.12 -36.54 11.67
CA TRP B 53 -4.42 -35.13 11.56
C TRP B 53 -3.26 -34.30 12.07
N LEU B 54 -2.79 -34.60 13.28
CA LEU B 54 -1.66 -33.88 13.84
C LEU B 54 -0.51 -33.85 12.86
N LEU B 55 -0.11 -35.03 12.37
CA LEU B 55 0.99 -35.10 11.42
C LEU B 55 0.75 -34.16 10.26
N ARG B 56 -0.43 -34.29 9.63
CA ARG B 56 -0.73 -33.45 8.48
C ARG B 56 -0.55 -32.00 8.85
N VAL B 57 -1.20 -31.58 9.94
CA VAL B 57 -1.14 -30.18 10.34
C VAL B 57 0.31 -29.75 10.47
N VAL B 58 1.08 -30.51 11.25
CA VAL B 58 2.47 -30.14 11.49
C VAL B 58 3.18 -30.01 10.15
N THR B 59 3.07 -31.05 9.32
CA THR B 59 3.74 -31.03 8.03
C THR B 59 3.38 -29.78 7.27
N SER B 60 2.08 -29.51 7.14
CA SER B 60 1.63 -28.35 6.38
C SER B 60 2.30 -27.09 6.92
N LEU B 61 2.18 -26.87 8.23
CA LEU B 61 2.73 -25.66 8.81
C LEU B 61 4.22 -25.58 8.51
N PHE B 62 4.94 -26.68 8.78
CA PHE B 62 6.37 -26.68 8.55
C PHE B 62 6.67 -26.25 7.13
N ILE B 63 6.01 -26.89 6.16
CA ILE B 63 6.25 -26.58 4.76
C ILE B 63 6.10 -25.08 4.54
N GLY B 64 4.93 -24.55 4.93
CA GLY B 64 4.69 -23.13 4.76
C GLY B 64 5.80 -22.31 5.37
N ALA B 65 6.07 -22.56 6.66
CA ALA B 65 7.10 -21.80 7.35
C ALA B 65 8.40 -21.89 6.58
N ALA B 66 8.80 -23.12 6.24
CA ALA B 66 10.07 -23.31 5.55
C ALA B 66 10.14 -22.42 4.32
N ILE B 67 9.10 -22.50 3.47
CA ILE B 67 9.10 -21.72 2.24
C ILE B 67 9.33 -20.25 2.57
N LEU B 68 8.50 -19.70 3.45
CA LEU B 68 8.62 -18.29 3.78
C LEU B 68 10.01 -18.00 4.33
N ALA B 69 10.48 -18.82 5.27
CA ALA B 69 11.79 -18.60 5.84
C ALA B 69 12.85 -18.67 4.75
N VAL B 70 12.75 -19.69 3.89
CA VAL B 70 13.75 -19.86 2.84
C VAL B 70 13.67 -18.70 1.86
N ASN B 71 12.50 -18.09 1.71
CA ASN B 71 12.39 -16.95 0.81
C ASN B 71 12.99 -15.70 1.42
N PHE B 72 13.02 -15.60 2.75
CA PHE B 72 13.50 -14.39 3.41
C PHE B 72 14.85 -14.55 4.09
N SER B 73 15.38 -15.77 4.18
CA SER B 73 16.67 -15.99 4.82
C SER B 73 17.80 -15.71 3.84
N SER B 74 18.85 -15.06 4.35
CA SER B 74 20.07 -14.85 3.56
C SER B 74 21.07 -15.97 3.82
N GLU B 75 20.64 -17.21 3.64
CA GLU B 75 21.46 -18.38 3.92
C GLU B 75 21.63 -19.25 2.67
N TRP B 76 21.63 -18.63 1.49
CA TRP B 76 21.72 -19.38 0.24
C TRP B 76 23.17 -19.66 -0.16
N SER B 77 24.03 -18.64 -0.10
CA SER B 77 25.45 -18.80 -0.40
C SER B 77 26.23 -18.31 0.82
N VAL B 78 26.76 -19.24 1.61
CA VAL B 78 27.41 -18.88 2.86
C VAL B 78 28.90 -19.18 2.78
N GLY B 79 29.68 -18.35 3.45
CA GLY B 79 31.11 -18.57 3.59
C GLY B 79 31.61 -17.86 4.82
N GLN B 80 32.72 -18.37 5.36
CA GLN B 80 33.25 -17.81 6.59
C GLN B 80 34.74 -18.13 6.70
N VAL B 81 35.54 -17.12 7.06
CA VAL B 81 36.97 -17.28 7.30
C VAL B 81 37.33 -16.59 8.60
N SER B 82 38.47 -16.99 9.16
CA SER B 82 39.07 -16.34 10.32
C SER B 82 40.36 -15.67 9.86
N THR B 83 40.44 -14.35 10.01
CA THR B 83 41.54 -13.58 9.44
C THR B 83 42.00 -12.48 10.38
N ASN B 84 43.18 -11.95 10.09
CA ASN B 84 43.65 -10.68 10.64
C ASN B 84 43.56 -9.64 9.54
N THR B 85 42.82 -8.56 9.80
CA THR B 85 42.57 -7.56 8.77
C THR B 85 42.53 -6.17 9.39
N SER B 86 42.77 -5.16 8.54
CA SER B 86 42.61 -3.78 8.97
C SER B 86 41.16 -3.51 9.33
N TYR B 87 40.95 -2.69 10.36
CA TYR B 87 39.61 -2.50 10.92
C TYR B 87 38.99 -1.17 10.49
N LYS B 88 39.66 -0.05 10.73
CA LYS B 88 39.08 1.24 10.47
C LYS B 88 40.13 2.18 9.88
N ALA B 89 39.64 3.25 9.27
CA ALA B 89 40.53 4.25 8.69
C ALA B 89 41.21 5.07 9.79
N PHE B 90 42.32 5.71 9.42
CA PHE B 90 43.11 6.51 10.35
C PHE B 90 43.58 5.68 11.53
N SER B 91 43.87 4.41 11.28
CA SER B 91 44.31 3.49 12.32
C SER B 91 45.01 2.32 11.65
N SER B 92 46.25 2.06 12.05
CA SER B 92 47.03 0.96 11.48
C SER B 92 46.86 -0.34 12.25
N GLU B 93 46.05 -0.34 13.30
CA GLU B 93 45.84 -1.56 14.08
C GLU B 93 44.98 -2.56 13.31
N TRP B 94 45.32 -3.84 13.45
CA TRP B 94 44.57 -4.92 12.82
C TRP B 94 43.78 -5.68 13.87
N ILE B 95 42.69 -6.29 13.42
CA ILE B 95 41.81 -7.09 14.27
C ILE B 95 41.80 -8.52 13.77
N SER B 96 41.68 -9.46 14.71
CA SER B 96 41.45 -10.86 14.42
C SER B 96 39.96 -11.13 14.53
N ALA B 97 39.35 -11.55 13.42
CA ALA B 97 37.90 -11.70 13.40
C ALA B 97 37.49 -12.75 12.38
N ASP B 98 36.28 -13.27 12.57
CA ASP B 98 35.62 -14.11 11.59
C ASP B 98 34.82 -13.22 10.66
N ILE B 99 35.13 -13.29 9.36
CA ILE B 99 34.42 -12.56 8.33
C ILE B 99 33.59 -13.56 7.54
N GLY B 100 32.30 -13.28 7.45
CA GLY B 100 31.38 -14.20 6.80
C GLY B 100 30.50 -13.49 5.80
N LEU B 101 30.20 -14.21 4.73
CA LEU B 101 29.33 -13.74 3.65
C LEU B 101 28.09 -14.61 3.63
N GLN B 102 26.91 -13.99 3.56
CA GLN B 102 25.63 -14.69 3.55
C GLN B 102 24.80 -14.07 2.43
N VAL B 103 24.91 -14.64 1.24
CA VAL B 103 24.20 -14.15 0.07
C VAL B 103 22.83 -14.79 0.02
N GLY B 104 21.78 -13.97 0.08
CA GLY B 104 20.42 -14.42 -0.04
C GLY B 104 19.79 -14.04 -1.37
N LEU B 105 18.46 -14.15 -1.40
CA LEU B 105 17.74 -13.84 -2.64
C LEU B 105 17.66 -12.34 -2.89
N GLY B 106 17.39 -11.56 -1.84
CA GLY B 106 17.20 -10.14 -1.98
C GLY B 106 18.40 -9.27 -1.63
N GLY B 107 19.51 -9.87 -1.24
CA GLY B 107 20.68 -9.10 -0.88
C GLY B 107 21.73 -9.98 -0.24
N VAL B 108 22.75 -9.31 0.30
CA VAL B 108 23.88 -9.99 0.93
C VAL B 108 24.08 -9.43 2.34
N ASN B 109 24.27 -10.32 3.31
CA ASN B 109 24.58 -9.96 4.68
C ASN B 109 26.06 -10.25 4.94
N ILE B 110 26.79 -9.23 5.34
CA ILE B 110 28.21 -9.32 5.64
C ILE B 110 28.37 -9.27 7.15
N THR B 111 28.97 -10.31 7.72
CA THR B 111 29.17 -10.41 9.16
C THR B 111 30.65 -10.29 9.48
N LEU B 112 30.95 -9.50 10.50
CA LEU B 112 32.33 -9.30 10.98
C LEU B 112 32.27 -9.45 12.50
N THR B 113 32.66 -10.62 13.00
CA THR B 113 32.59 -10.92 14.42
C THR B 113 34.01 -11.02 14.97
N GLY B 114 34.35 -10.10 15.87
CA GLY B 114 35.69 -10.12 16.44
C GLY B 114 35.94 -11.36 17.27
N THR B 115 37.20 -11.81 17.28
CA THR B 115 37.63 -12.95 18.06
C THR B 115 38.86 -12.54 18.87
N PRO B 116 38.67 -12.05 20.10
CA PRO B 116 37.38 -11.88 20.80
C PRO B 116 36.58 -10.67 20.30
N VAL B 117 35.31 -10.59 20.69
CA VAL B 117 34.45 -9.51 20.23
C VAL B 117 35.01 -8.16 20.67
N GLN B 118 35.55 -8.08 21.89
CA GLN B 118 36.12 -6.84 22.41
C GLN B 118 37.58 -6.76 21.97
N GLN B 119 37.84 -6.04 20.89
CA GLN B 119 39.19 -5.78 20.40
C GLN B 119 39.38 -4.28 20.17
N LEU B 120 40.56 -3.78 20.51
CA LEU B 120 40.91 -2.36 20.35
C LEU B 120 39.90 -1.45 21.04
N ASN B 121 39.37 -1.88 22.20
CA ASN B 121 38.35 -1.13 22.94
C ASN B 121 37.09 -0.89 22.11
N GLU B 122 36.77 -1.82 21.21
CA GLU B 122 35.59 -1.70 20.37
C GLU B 122 34.85 -3.03 20.32
N THR B 123 33.54 -2.96 20.08
CA THR B 123 32.70 -4.14 19.96
C THR B 123 32.57 -4.48 18.49
N ILE B 124 33.09 -5.64 18.09
CA ILE B 124 33.08 -6.04 16.69
C ILE B 124 32.11 -7.20 16.50
N ASN B 125 30.85 -6.89 16.21
CA ASN B 125 29.82 -7.88 15.93
C ASN B 125 28.93 -7.39 14.79
N TYR B 126 29.55 -6.86 13.73
CA TYR B 126 28.78 -6.27 12.65
C TYR B 126 28.02 -7.32 11.86
N ASN B 127 26.78 -6.99 11.49
CA ASN B 127 25.99 -7.79 10.55
C ASN B 127 25.24 -6.80 9.66
N GLU B 128 25.87 -6.43 8.56
CA GLU B 128 25.34 -5.42 7.66
C GLU B 128 24.60 -6.08 6.50
N GLU B 129 23.63 -5.35 5.94
CA GLU B 129 22.84 -5.83 4.82
C GLU B 129 22.98 -4.87 3.64
N PHE B 130 23.15 -5.43 2.45
CA PHE B 130 23.19 -4.67 1.22
C PHE B 130 22.25 -5.35 0.24
N THR B 131 21.14 -4.69 -0.10
CA THR B 131 20.07 -5.29 -0.88
C THR B 131 20.15 -4.85 -2.33
N TRP B 132 19.97 -5.81 -3.24
CA TRP B 132 19.86 -5.53 -4.66
C TRP B 132 18.46 -5.82 -5.20
N ARG B 133 17.46 -5.79 -4.32
CA ARG B 133 16.09 -6.06 -4.76
C ARG B 133 15.63 -5.00 -5.75
N LEU B 134 14.68 -5.38 -6.60
CA LEU B 134 14.15 -4.47 -7.60
C LEU B 134 13.58 -3.22 -6.94
N GLY B 135 13.95 -2.05 -7.46
CA GLY B 135 13.62 -0.79 -6.84
C GLY B 135 14.62 -0.29 -5.83
N GLU B 136 15.59 -1.11 -5.44
CA GLU B 136 16.64 -0.72 -4.51
C GLU B 136 17.94 -0.58 -5.27
N ASN B 137 18.67 0.51 -4.99
CA ASN B 137 19.92 0.81 -5.68
C ASN B 137 21.07 0.32 -4.81
N TYR B 138 21.77 -0.72 -5.29
CA TYR B 138 22.89 -1.26 -4.52
C TYR B 138 24.03 -0.24 -4.42
N ALA B 139 24.28 0.50 -5.49
CA ALA B 139 25.35 1.49 -5.47
C ALA B 139 25.07 2.58 -4.44
N GLU B 140 23.81 3.01 -4.33
CA GLU B 140 23.44 4.00 -3.33
C GLU B 140 23.67 3.48 -1.93
N GLU B 141 23.30 2.21 -1.67
CA GLU B 141 23.52 1.64 -0.36
C GLU B 141 25.00 1.51 -0.03
N TYR B 142 25.81 1.13 -1.02
CA TYR B 142 27.26 1.06 -0.79
C TYR B 142 27.84 2.45 -0.52
N ALA B 143 27.37 3.47 -1.23
CA ALA B 143 27.82 4.83 -0.97
C ALA B 143 27.44 5.28 0.43
N LYS B 144 26.21 4.95 0.87
CA LYS B 144 25.78 5.28 2.21
C LYS B 144 26.62 4.55 3.26
N ALA B 145 26.99 3.30 2.98
CA ALA B 145 27.87 2.57 3.88
C ALA B 145 29.25 3.22 3.95
N LEU B 146 29.78 3.67 2.80
CA LEU B 146 31.06 4.37 2.80
C LEU B 146 30.99 5.65 3.61
N GLU B 147 29.90 6.41 3.46
CA GLU B 147 29.74 7.64 4.24
C GLU B 147 29.55 7.34 5.71
N LYS B 148 28.93 6.21 6.05
CA LYS B 148 28.75 5.86 7.46
C LYS B 148 30.07 5.48 8.12
N GLY B 149 31.00 4.91 7.36
CA GLY B 149 32.31 4.58 7.89
C GLY B 149 32.43 3.15 8.37
N LEU B 150 31.81 2.21 7.65
CA LEU B 150 31.82 0.81 8.06
C LEU B 150 33.25 0.26 8.04
N PRO B 151 33.52 -0.78 8.82
CA PRO B 151 34.87 -1.33 8.88
C PRO B 151 35.34 -1.85 7.53
N ASP B 152 36.66 -1.93 7.37
CA ASP B 152 37.25 -2.23 6.07
C ASP B 152 36.80 -3.57 5.49
N PRO B 153 36.77 -4.68 6.24
CA PRO B 153 36.28 -5.94 5.62
C PRO B 153 34.85 -5.84 5.10
N VAL B 154 33.97 -5.16 5.84
CA VAL B 154 32.58 -5.02 5.41
C VAL B 154 32.51 -4.21 4.12
N LEU B 155 33.24 -3.10 4.05
CA LEU B 155 33.25 -2.28 2.85
C LEU B 155 33.83 -3.06 1.67
N TYR B 156 34.88 -3.84 1.91
CA TYR B 156 35.49 -4.64 0.85
C TYR B 156 34.50 -5.66 0.28
N LEU B 157 33.85 -6.41 1.17
CA LEU B 157 32.89 -7.42 0.70
C LEU B 157 31.67 -6.77 0.05
N ALA B 158 31.28 -5.57 0.50
CA ALA B 158 30.16 -4.88 -0.13
C ALA B 158 30.54 -4.37 -1.51
N GLU B 159 31.75 -3.82 -1.66
CA GLU B 159 32.22 -3.35 -2.96
C GLU B 159 32.41 -4.52 -3.92
N LYS B 160 32.68 -5.71 -3.40
CA LYS B 160 32.77 -6.89 -4.26
C LYS B 160 31.46 -7.16 -4.98
N PHE B 161 30.33 -6.77 -4.40
CA PHE B 161 29.01 -7.02 -4.97
C PHE B 161 28.40 -5.78 -5.64
N THR B 162 29.19 -4.72 -5.81
CA THR B 162 28.67 -3.54 -6.48
C THR B 162 28.43 -3.84 -7.96
N PRO B 163 27.46 -3.17 -8.58
CA PRO B 163 27.18 -3.43 -10.01
C PRO B 163 28.37 -3.19 -10.92
N ARG B 164 29.21 -2.21 -10.60
CA ARG B 164 30.35 -1.86 -11.45
C ARG B 164 31.64 -2.56 -11.04
N SER B 165 31.61 -3.45 -10.05
CA SER B 165 32.81 -4.16 -9.67
C SER B 165 33.26 -5.07 -10.81
N PRO B 166 34.59 -5.26 -10.96
CA PRO B 166 35.09 -6.04 -12.10
C PRO B 166 34.51 -7.44 -12.21
N CYS B 167 34.29 -8.12 -11.10
CA CYS B 167 33.71 -9.46 -11.14
C CYS B 167 32.20 -9.37 -11.06
N GLY B 168 31.52 -10.07 -11.98
CA GLY B 168 30.10 -9.94 -12.15
C GLY B 168 29.25 -10.76 -11.20
N LEU B 169 29.53 -10.66 -9.90
CA LEU B 169 28.68 -11.32 -8.93
C LEU B 169 27.34 -10.62 -8.78
N TYR B 170 27.30 -9.29 -8.94
CA TYR B 170 26.08 -8.54 -8.70
C TYR B 170 24.97 -8.97 -9.64
N ARG B 171 25.23 -8.95 -10.95
CA ARG B 171 24.18 -9.22 -11.92
C ARG B 171 23.64 -10.64 -11.77
N GLN B 172 24.55 -11.63 -11.74
CA GLN B 172 24.12 -13.01 -11.66
C GLN B 172 23.40 -13.31 -10.35
N TYR B 173 23.93 -12.81 -9.23
CA TYR B 173 23.28 -13.06 -7.96
C TYR B 173 21.93 -12.37 -7.87
N ARG B 174 21.82 -11.15 -8.42
CA ARG B 174 20.54 -10.46 -8.43
C ARG B 174 19.50 -11.21 -9.25
N LEU B 175 19.89 -11.68 -10.44
CA LEU B 175 18.98 -12.45 -11.28
C LEU B 175 18.55 -13.74 -10.59
N ALA B 176 19.52 -14.47 -10.03
CA ALA B 176 19.22 -15.72 -9.36
C ALA B 176 18.28 -15.50 -8.18
N GLY B 177 18.59 -14.52 -7.34
CA GLY B 177 17.74 -14.26 -6.19
C GLY B 177 16.35 -13.82 -6.58
N HIS B 178 16.24 -12.96 -7.59
CA HIS B 178 14.92 -12.48 -8.02
C HIS B 178 14.06 -13.63 -8.52
N TYR B 179 14.59 -14.45 -9.43
CA TYR B 179 13.75 -15.51 -9.98
C TYR B 179 13.54 -16.65 -8.98
N THR B 180 14.50 -16.91 -8.10
CA THR B 180 14.29 -17.88 -7.04
C THR B 180 13.20 -17.42 -6.08
N SER B 181 13.18 -16.13 -5.75
CA SER B 181 12.14 -15.60 -4.89
C SER B 181 10.78 -15.66 -5.57
N ALA B 182 10.74 -15.39 -6.88
CA ALA B 182 9.48 -15.52 -7.62
C ALA B 182 8.97 -16.95 -7.59
N MET B 183 9.86 -17.91 -7.84
CA MET B 183 9.46 -19.32 -7.81
C MET B 183 9.02 -19.74 -6.41
N LEU B 184 9.68 -19.22 -5.37
CA LEU B 184 9.29 -19.57 -4.01
C LEU B 184 7.94 -18.96 -3.65
N TRP B 185 7.65 -17.75 -4.14
CA TRP B 185 6.32 -17.18 -3.93
C TRP B 185 5.25 -17.99 -4.65
N VAL B 186 5.56 -18.46 -5.86
CA VAL B 186 4.62 -19.34 -6.55
C VAL B 186 4.41 -20.62 -5.76
N ALA B 187 5.47 -21.17 -5.19
CA ALA B 187 5.36 -22.38 -4.37
C ALA B 187 4.52 -22.12 -3.13
N PHE B 188 4.68 -20.96 -2.50
CA PHE B 188 3.87 -20.61 -1.33
C PHE B 188 2.40 -20.47 -1.70
N LEU B 189 2.10 -19.85 -2.85
CA LEU B 189 0.72 -19.77 -3.31
C LEU B 189 0.15 -21.15 -3.57
N CYS B 190 0.95 -22.04 -4.18
CA CYS B 190 0.49 -23.40 -4.42
C CYS B 190 0.27 -24.15 -3.11
N TRP B 191 1.10 -23.87 -2.09
CA TRP B 191 0.88 -24.46 -0.78
C TRP B 191 -0.43 -23.99 -0.16
N LEU B 192 -0.72 -22.70 -0.28
CA LEU B 192 -1.99 -22.18 0.20
C LEU B 192 -3.16 -22.86 -0.51
N LEU B 193 -3.07 -22.97 -1.83
CA LEU B 193 -4.14 -23.62 -2.59
C LEU B 193 -4.29 -25.09 -2.23
N ALA B 194 -3.18 -25.78 -2.02
CA ALA B 194 -3.24 -27.19 -1.61
C ALA B 194 -3.89 -27.33 -0.25
N ASN B 195 -3.55 -26.46 0.70
CA ASN B 195 -4.19 -26.50 2.01
C ASN B 195 -5.68 -26.23 1.90
N VAL B 196 -6.08 -25.28 1.05
CA VAL B 196 -7.49 -24.98 0.87
C VAL B 196 -8.23 -26.18 0.26
N MET B 197 -7.64 -26.78 -0.77
CA MET B 197 -8.33 -27.83 -1.53
C MET B 197 -8.25 -29.20 -0.88
N LEU B 198 -7.36 -29.42 0.10
CA LEU B 198 -7.37 -30.68 0.81
C LEU B 198 -8.60 -30.83 1.70
N SER B 199 -9.20 -29.70 2.12
CA SER B 199 -10.46 -29.77 2.85
C SER B 199 -11.62 -30.10 1.94
N MET B 200 -11.53 -29.73 0.66
CA MET B 200 -12.57 -30.02 -0.29
C MET B 200 -12.65 -31.52 -0.58
N PRO B 201 -13.79 -32.00 -1.06
CA PRO B 201 -13.91 -33.45 -1.33
C PRO B 201 -12.92 -33.98 -2.34
N VAL B 202 -12.42 -33.15 -3.25
CA VAL B 202 -11.47 -33.58 -4.27
C VAL B 202 -10.07 -33.52 -3.66
N LEU B 203 -9.60 -34.66 -3.14
CA LEU B 203 -8.25 -34.74 -2.59
C LEU B 203 -7.19 -34.83 -3.69
N VAL B 204 -7.57 -35.26 -4.90
CA VAL B 204 -6.60 -35.43 -5.97
C VAL B 204 -5.99 -34.08 -6.35
N TYR B 205 -6.82 -33.05 -6.46
CA TYR B 205 -6.31 -31.74 -6.84
C TYR B 205 -5.42 -31.16 -5.74
N GLY B 206 -5.75 -31.43 -4.48
CA GLY B 206 -4.87 -31.01 -3.40
C GLY B 206 -3.52 -31.71 -3.46
N GLY B 207 -3.52 -33.01 -3.73
CA GLY B 207 -2.25 -33.71 -3.89
C GLY B 207 -1.44 -33.19 -5.06
N TYR B 208 -2.10 -32.91 -6.18
CA TYR B 208 -1.39 -32.35 -7.33
C TYR B 208 -0.85 -30.96 -7.02
N MET B 209 -1.58 -30.17 -6.24
CA MET B 209 -1.09 -28.85 -5.85
C MET B 209 0.12 -28.95 -4.93
N LEU B 210 0.11 -29.92 -4.02
CA LEU B 210 1.29 -30.15 -3.18
C LEU B 210 2.49 -30.57 -4.02
N LEU B 211 2.24 -31.46 -5.00
CA LEU B 211 3.31 -31.85 -5.92
C LEU B 211 3.84 -30.64 -6.70
N ALA B 212 2.94 -29.74 -7.11
CA ALA B 212 3.36 -28.53 -7.79
C ALA B 212 4.19 -27.63 -6.89
N THR B 213 3.83 -27.56 -5.59
CA THR B 213 4.63 -26.81 -4.64
C THR B 213 6.05 -27.37 -4.57
N GLY B 214 6.16 -28.70 -4.47
CA GLY B 214 7.48 -29.31 -4.46
C GLY B 214 8.24 -29.06 -5.75
N ILE B 215 7.54 -29.13 -6.89
CA ILE B 215 8.18 -28.89 -8.18
C ILE B 215 8.71 -27.47 -8.26
N PHE B 216 7.94 -26.50 -7.79
CA PHE B 216 8.38 -25.11 -7.84
C PHE B 216 9.55 -24.87 -6.89
N GLN B 217 9.56 -25.52 -5.72
CA GLN B 217 10.72 -25.42 -4.85
C GLN B 217 11.98 -25.97 -5.51
N LEU B 218 11.85 -27.14 -6.16
CA LEU B 218 13.00 -27.72 -6.85
C LEU B 218 13.44 -26.84 -8.03
N LEU B 219 12.47 -26.22 -8.72
CA LEU B 219 12.82 -25.31 -9.81
C LEU B 219 13.55 -24.09 -9.30
N ALA B 220 13.13 -23.55 -8.15
CA ALA B 220 13.86 -22.44 -7.55
C ALA B 220 15.29 -22.85 -7.21
N LEU B 221 15.45 -24.04 -6.64
CA LEU B 221 16.79 -24.57 -6.37
C LEU B 221 17.63 -24.64 -7.64
N LEU B 222 17.06 -25.22 -8.69
CA LEU B 222 17.81 -25.41 -9.93
C LEU B 222 18.18 -24.08 -10.56
N PHE B 223 17.24 -23.12 -10.57
CA PHE B 223 17.54 -21.81 -11.14
C PHE B 223 18.64 -21.11 -10.35
N PHE B 224 18.57 -21.15 -9.02
CA PHE B 224 19.60 -20.51 -8.22
C PHE B 224 20.96 -21.14 -8.49
N SER B 225 21.02 -22.48 -8.54
CA SER B 225 22.29 -23.14 -8.79
C SER B 225 22.85 -22.77 -10.16
N MET B 226 22.00 -22.83 -11.20
CA MET B 226 22.47 -22.57 -12.55
C MET B 226 22.91 -21.12 -12.72
N ALA B 227 22.16 -20.17 -12.13
CA ALA B 227 22.49 -18.77 -12.31
C ALA B 227 23.69 -18.34 -11.47
N THR B 228 23.90 -18.95 -10.30
CA THR B 228 25.06 -18.62 -9.49
C THR B 228 26.30 -19.42 -9.88
N SER B 229 26.16 -20.46 -10.69
CA SER B 229 27.30 -21.23 -11.17
C SER B 229 27.92 -20.65 -12.44
N LEU B 230 27.15 -19.90 -13.23
CA LEU B 230 27.65 -19.32 -14.46
C LEU B 230 28.64 -18.17 -14.23
N THR B 231 28.76 -17.69 -12.99
CA THR B 231 29.63 -16.56 -12.71
C THR B 231 31.09 -16.94 -12.89
N SER B 232 31.88 -16.00 -13.39
CA SER B 232 33.32 -16.19 -13.45
C SER B 232 33.89 -16.17 -12.02
N PRO B 233 35.01 -16.84 -11.79
CA PRO B 233 35.56 -16.90 -10.43
C PRO B 233 35.96 -15.51 -9.93
N CYS B 234 35.33 -15.09 -8.83
CA CYS B 234 35.66 -13.83 -8.19
C CYS B 234 36.45 -14.12 -6.92
N PRO B 235 37.77 -13.86 -6.90
CA PRO B 235 38.58 -14.19 -5.72
C PRO B 235 38.34 -13.19 -4.60
N LEU B 236 37.82 -13.68 -3.48
CA LEU B 236 37.65 -12.88 -2.28
C LEU B 236 38.83 -13.16 -1.36
N HIS B 237 39.73 -12.18 -1.23
CA HIS B 237 40.92 -12.33 -0.40
C HIS B 237 40.89 -11.30 0.71
N LEU B 238 40.87 -11.77 1.95
CA LEU B 238 40.91 -10.92 3.13
C LEU B 238 42.12 -11.31 3.97
N GLY B 239 42.93 -10.32 4.32
CA GLY B 239 44.14 -10.60 5.07
C GLY B 239 45.04 -11.56 4.31
N ALA B 240 45.33 -12.70 4.93
CA ALA B 240 46.12 -13.76 4.32
C ALA B 240 45.30 -15.00 4.02
N SER B 241 43.99 -14.84 3.82
CA SER B 241 43.11 -15.97 3.56
C SER B 241 42.12 -15.62 2.46
N VAL B 242 41.45 -16.66 1.97
CA VAL B 242 40.52 -16.56 0.85
C VAL B 242 39.16 -17.10 1.29
N LEU B 243 38.11 -16.37 0.95
CA LEU B 243 36.74 -16.74 1.32
C LEU B 243 36.13 -17.56 0.19
N HIS B 244 35.71 -18.78 0.52
CA HIS B 244 35.03 -19.67 -0.42
C HIS B 244 33.58 -19.82 0.00
N THR B 245 32.67 -19.60 -0.95
CA THR B 245 31.24 -19.70 -0.69
C THR B 245 30.71 -21.06 -1.10
N HIS B 246 29.61 -21.47 -0.47
CA HIS B 246 28.97 -22.74 -0.77
C HIS B 246 27.49 -22.62 -0.44
N HIS B 247 26.71 -23.58 -0.94
CA HIS B 247 25.27 -23.59 -0.70
C HIS B 247 25.01 -23.71 0.80
N GLY B 248 24.29 -22.74 1.35
CA GLY B 248 24.08 -22.66 2.77
C GLY B 248 22.87 -23.45 3.24
N PRO B 249 22.51 -23.27 4.51
CA PRO B 249 21.37 -24.01 5.07
C PRO B 249 20.06 -23.74 4.35
N ALA B 250 19.85 -22.55 3.81
CA ALA B 250 18.62 -22.27 3.08
C ALA B 250 18.48 -23.16 1.86
N PHE B 251 19.60 -23.37 1.13
CA PHE B 251 19.56 -24.22 -0.06
C PHE B 251 19.14 -25.65 0.29
N TRP B 252 19.73 -26.21 1.35
CA TRP B 252 19.43 -27.59 1.72
C TRP B 252 18.03 -27.71 2.34
N ILE B 253 17.59 -26.68 3.06
CA ILE B 253 16.22 -26.68 3.57
C ILE B 253 15.23 -26.66 2.42
N THR B 254 15.50 -25.83 1.40
CA THR B 254 14.65 -25.84 0.22
C THR B 254 14.66 -27.20 -0.46
N LEU B 255 15.84 -27.82 -0.55
CA LEU B 255 15.94 -29.14 -1.16
C LEU B 255 15.07 -30.16 -0.44
N THR B 256 15.24 -30.25 0.88
CA THR B 256 14.50 -31.26 1.63
C THR B 256 13.01 -30.97 1.64
N THR B 257 12.61 -29.70 1.73
CA THR B 257 11.19 -29.38 1.73
C THR B 257 10.55 -29.66 0.37
N GLY B 258 11.24 -29.32 -0.72
CA GLY B 258 10.72 -29.61 -2.04
C GLY B 258 10.63 -31.10 -2.31
N LEU B 259 11.65 -31.86 -1.89
CA LEU B 259 11.59 -33.31 -2.03
C LEU B 259 10.46 -33.89 -1.21
N LEU B 260 10.25 -33.38 0.01
CA LEU B 260 9.15 -33.86 0.84
C LEU B 260 7.80 -33.58 0.19
N CYS B 261 7.62 -32.38 -0.35
CA CYS B 261 6.36 -32.06 -1.02
C CYS B 261 6.15 -32.92 -2.26
N VAL B 262 7.20 -33.13 -3.05
CA VAL B 262 7.08 -33.96 -4.25
C VAL B 262 6.71 -35.39 -3.88
N LEU B 263 7.38 -35.94 -2.87
CA LEU B 263 7.09 -37.30 -2.43
C LEU B 263 5.69 -37.42 -1.86
N LEU B 264 5.25 -36.41 -1.09
CA LEU B 264 3.89 -36.44 -0.54
C LEU B 264 2.84 -36.39 -1.63
N GLY B 265 3.01 -35.51 -2.62
CA GLY B 265 2.06 -35.45 -3.71
C GLY B 265 2.05 -36.72 -4.54
N LEU B 266 3.23 -37.28 -4.82
CA LEU B 266 3.33 -38.52 -5.57
C LEU B 266 2.66 -39.66 -4.82
N ALA B 267 2.89 -39.75 -3.51
CA ALA B 267 2.27 -40.80 -2.71
C ALA B 267 0.77 -40.63 -2.65
N MET B 268 0.29 -39.38 -2.55
CA MET B 268 -1.15 -39.15 -2.54
C MET B 268 -1.78 -39.59 -3.85
N ALA B 269 -1.16 -39.24 -4.98
CA ALA B 269 -1.69 -39.63 -6.28
C ALA B 269 -1.67 -41.15 -6.44
N VAL B 270 -0.57 -41.79 -6.04
CA VAL B 270 -0.45 -43.24 -6.16
C VAL B 270 -1.49 -43.94 -5.28
N ALA B 271 -1.68 -43.45 -4.06
CA ALA B 271 -2.67 -44.06 -3.17
C ALA B 271 -4.09 -43.89 -3.71
N HIS B 272 -4.39 -42.72 -4.28
CA HIS B 272 -5.69 -42.54 -4.90
C HIS B 272 -5.89 -43.48 -6.08
N ARG B 273 -4.85 -43.64 -6.91
CA ARG B 273 -4.96 -44.54 -8.06
C ARG B 273 -5.16 -45.97 -7.61
N MET B 274 -4.43 -46.41 -6.58
CA MET B 274 -4.57 -47.76 -6.06
C MET B 274 -5.80 -47.93 -5.19
N GLN B 275 -6.39 -46.84 -4.70
CA GLN B 275 -7.57 -46.92 -3.86
C GLN B 275 -8.60 -45.86 -4.26
N GLN C 22 20.92 53.52 -10.85
CA GLN C 22 21.62 52.26 -10.69
C GLN C 22 21.29 51.64 -9.33
N ASN C 23 21.50 50.34 -9.21
CA ASN C 23 21.23 49.63 -7.96
C ASN C 23 22.27 50.00 -6.92
N PRO C 24 21.89 50.55 -5.77
CA PRO C 24 22.88 50.83 -4.73
C PRO C 24 23.63 49.62 -4.25
N ILE C 25 22.99 48.45 -4.25
CA ILE C 25 23.64 47.21 -3.83
C ILE C 25 24.32 46.64 -5.07
N SER C 26 25.59 46.97 -5.25
CA SER C 26 26.36 46.54 -6.41
C SER C 26 27.13 45.24 -6.17
N TRP C 27 27.08 44.69 -4.96
CA TRP C 27 27.82 43.49 -4.62
C TRP C 27 26.84 42.36 -4.29
N GLU C 28 27.38 41.15 -4.22
CA GLU C 28 26.60 39.98 -3.83
C GLU C 28 26.44 39.99 -2.32
N VAL C 29 25.21 40.18 -1.84
CA VAL C 29 24.95 40.28 -0.41
C VAL C 29 25.32 38.96 0.26
N GLN C 30 26.10 39.05 1.33
CA GLN C 30 26.49 37.86 2.08
C GLN C 30 25.30 37.23 2.76
N ARG C 31 25.20 35.91 2.67
CA ARG C 31 24.09 35.20 3.28
C ARG C 31 24.26 35.13 4.79
N PHE C 32 23.13 35.15 5.51
CA PHE C 32 23.18 35.11 6.96
C PHE C 32 23.51 33.71 7.48
N ASP C 33 23.18 32.68 6.71
CA ASP C 33 23.37 31.30 7.15
C ASP C 33 24.75 30.75 6.81
N GLY C 34 25.59 31.52 6.14
CA GLY C 34 26.92 31.07 5.79
C GLY C 34 27.00 30.16 4.59
N TRP C 35 25.88 29.89 3.93
CA TRP C 35 25.86 29.03 2.75
C TRP C 35 26.44 29.74 1.55
N TYR C 36 26.99 28.96 0.62
CA TYR C 36 27.53 29.43 -0.65
C TYR C 36 28.64 30.45 -0.49
N ASN C 37 29.34 30.44 0.65
CA ASN C 37 30.50 31.30 0.81
C ASN C 37 31.68 30.76 0.00
N ASN C 38 31.89 29.46 0.03
CA ASN C 38 32.92 28.82 -0.79
C ASN C 38 32.31 28.34 -2.10
N LEU C 39 33.10 28.42 -3.17
CA LEU C 39 32.57 28.14 -4.51
C LEU C 39 32.11 26.69 -4.63
N MET C 40 32.91 25.75 -4.13
CA MET C 40 32.61 24.33 -4.30
C MET C 40 32.17 23.63 -3.03
N GLU C 41 32.44 24.19 -1.85
CA GLU C 41 32.02 23.63 -0.58
C GLU C 41 30.98 24.59 0.02
N HIS C 42 29.71 24.37 -0.35
CA HIS C 42 28.65 25.28 0.05
C HIS C 42 28.33 25.18 1.54
N ARG C 43 28.65 24.07 2.19
CA ARG C 43 28.35 23.88 3.60
C ARG C 43 29.47 24.35 4.52
N TRP C 44 30.58 24.84 3.98
CA TRP C 44 31.66 25.33 4.82
C TRP C 44 31.23 26.58 5.56
N GLY C 45 31.43 26.60 6.87
CA GLY C 45 31.08 27.74 7.69
C GLY C 45 29.60 28.00 7.83
N SER C 46 28.76 27.10 7.35
CA SER C 46 27.31 27.30 7.41
C SER C 46 26.77 26.84 8.76
N LYS C 47 25.56 27.30 9.07
CA LYS C 47 24.91 26.90 10.31
C LYS C 47 24.55 25.42 10.26
N GLY C 48 24.91 24.69 11.31
CA GLY C 48 24.64 23.28 11.39
C GLY C 48 25.74 22.38 10.83
N SER C 49 26.76 22.95 10.22
CA SER C 49 27.84 22.15 9.67
C SER C 49 28.72 21.58 10.79
N ARG C 50 29.38 20.47 10.48
CA ARG C 50 30.21 19.80 11.47
C ARG C 50 31.49 20.59 11.72
N LEU C 51 32.10 20.35 12.88
CA LEU C 51 33.35 20.99 13.25
C LEU C 51 34.52 20.17 12.75
N GLN C 52 35.64 20.85 12.50
CA GLN C 52 36.86 20.20 12.07
C GLN C 52 37.55 19.52 13.26
N ARG C 53 38.52 18.67 12.95
CA ARG C 53 39.30 17.98 13.96
C ARG C 53 40.77 18.00 13.58
N LEU C 54 41.61 18.48 14.50
CA LEU C 54 43.06 18.41 14.30
C LEU C 54 43.57 17.00 14.50
N VAL C 55 42.95 16.22 15.38
CA VAL C 55 43.33 14.84 15.68
C VAL C 55 42.08 13.99 15.51
N PRO C 56 42.20 12.71 15.11
CA PRO C 56 41.01 11.86 15.06
C PRO C 56 40.32 11.76 16.42
N ALA C 57 39.00 11.63 16.37
CA ALA C 57 38.19 11.67 17.58
C ALA C 57 38.62 10.59 18.57
N SER C 58 38.69 10.97 19.84
CA SER C 58 39.11 10.08 20.93
C SER C 58 37.86 9.72 21.73
N TYR C 59 37.37 8.49 21.53
CA TYR C 59 36.20 7.99 22.23
C TYR C 59 36.53 6.65 22.86
N ALA C 60 35.78 6.32 23.92
CA ALA C 60 36.00 5.05 24.61
C ALA C 60 35.73 3.87 23.70
N ASP C 61 34.63 3.92 22.94
CA ASP C 61 34.30 2.88 21.98
C ASP C 61 34.83 3.18 20.59
N GLY C 62 35.46 4.34 20.40
CA GLY C 62 35.99 4.73 19.11
C GLY C 62 34.99 5.35 18.17
N VAL C 63 33.72 5.48 18.56
CA VAL C 63 32.71 6.06 17.69
C VAL C 63 32.08 7.28 18.34
N TYR C 64 31.43 7.10 19.49
CA TYR C 64 30.72 8.22 20.12
C TYR C 64 30.77 8.21 21.65
N GLN C 65 31.12 7.10 22.28
CA GLN C 65 31.08 7.02 23.74
C GLN C 65 32.27 7.77 24.33
N PRO C 66 32.04 8.80 25.15
CA PRO C 66 33.16 9.61 25.66
C PRO C 66 34.05 8.82 26.60
N LEU C 67 35.32 9.21 26.63
CA LEU C 67 36.25 8.69 27.62
C LEU C 67 35.95 9.32 28.98
N GLY C 68 35.85 8.48 30.02
CA GLY C 68 35.60 8.98 31.36
C GLY C 68 36.21 8.15 32.47
N GLU C 69 35.59 8.18 33.65
CA GLU C 69 36.11 7.42 34.76
C GLU C 69 35.99 5.92 34.49
N PRO C 70 36.92 5.10 35.00
CA PRO C 70 38.08 5.51 35.80
C PRO C 70 39.32 5.83 34.98
N HIS C 71 39.21 5.70 33.65
CA HIS C 71 40.35 5.96 32.78
C HIS C 71 40.79 7.42 32.87
N LEU C 72 39.84 8.34 33.05
CA LEU C 72 40.14 9.75 33.24
C LEU C 72 39.69 10.19 34.64
N PRO C 73 40.35 11.18 35.23
CA PRO C 73 39.94 11.65 36.54
C PRO C 73 38.57 12.31 36.51
N ASN C 74 37.94 12.34 37.68
CA ASN C 74 36.61 12.94 37.79
C ASN C 74 36.67 14.42 37.41
N PRO C 75 35.73 14.91 36.59
CA PRO C 75 35.80 16.32 36.16
C PRO C 75 35.78 17.30 37.32
N ARG C 76 34.98 17.03 38.36
CA ARG C 76 34.93 17.94 39.50
C ARG C 76 36.23 17.89 40.31
N ASP C 77 36.79 16.70 40.51
CA ASP C 77 38.08 16.59 41.19
C ASP C 77 39.17 17.32 40.42
N LEU C 78 39.20 17.14 39.09
CA LEU C 78 40.20 17.81 38.27
C LEU C 78 40.03 19.33 38.34
N SER C 79 38.79 19.80 38.27
CA SER C 79 38.53 21.24 38.34
C SER C 79 38.96 21.81 39.70
N ASN C 80 38.64 21.10 40.79
CA ASN C 80 39.05 21.56 42.11
C ASN C 80 40.57 21.55 42.25
N THR C 81 41.22 20.54 41.68
CA THR C 81 42.68 20.44 41.79
C THR C 81 43.37 21.54 41.01
N ILE C 82 42.87 21.88 39.83
CA ILE C 82 43.58 22.81 38.95
C ILE C 82 43.17 24.25 39.19
N SER C 83 41.87 24.54 39.23
CA SER C 83 41.37 25.90 39.17
C SER C 83 41.15 26.55 40.53
N ARG C 84 41.38 25.84 41.63
CA ARG C 84 41.20 26.44 42.94
C ARG C 84 42.38 27.36 43.26
N GLY C 85 42.07 28.60 43.63
CA GLY C 85 43.08 29.57 43.96
C GLY C 85 42.47 30.90 44.37
N PRO C 86 43.32 31.85 44.76
CA PRO C 86 42.81 33.15 45.21
C PRO C 86 42.43 34.04 44.04
N ALA C 87 41.31 34.75 44.19
CA ALA C 87 40.89 35.72 43.20
C ALA C 87 41.61 37.05 43.41
N GLY C 88 41.60 37.88 42.38
CA GLY C 88 42.24 39.18 42.43
C GLY C 88 43.62 39.25 41.83
N LEU C 89 44.06 38.22 41.12
CA LEU C 89 45.36 38.25 40.47
C LEU C 89 45.25 38.97 39.14
N ALA C 90 45.92 40.11 39.02
CA ALA C 90 45.83 40.93 37.82
C ALA C 90 46.52 40.25 36.64
N SER C 91 46.08 40.59 35.44
CA SER C 91 46.70 40.07 34.23
C SER C 91 48.12 40.59 34.11
N LEU C 92 49.05 39.70 33.77
CA LEU C 92 50.45 40.09 33.62
C LEU C 92 50.68 40.98 32.41
N ARG C 93 49.76 40.96 31.43
CA ARG C 93 49.82 41.85 30.29
C ARG C 93 48.88 43.04 30.42
N ASN C 94 48.24 43.19 31.58
CA ASN C 94 47.29 44.28 31.84
C ASN C 94 46.15 44.28 30.81
N ARG C 95 45.71 43.09 30.42
CA ARG C 95 44.55 42.98 29.54
C ARG C 95 43.28 43.35 30.29
N THR C 96 42.35 43.97 29.57
CA THR C 96 41.15 44.51 30.18
C THR C 96 39.99 43.52 30.11
N VAL C 97 39.02 43.72 31.01
CA VAL C 97 37.83 42.89 31.04
C VAL C 97 37.01 43.08 29.78
N LEU C 98 36.98 44.31 29.25
CA LEU C 98 36.31 44.57 27.99
C LEU C 98 36.86 43.66 26.89
N GLY C 99 38.17 43.43 26.88
CA GLY C 99 38.74 42.50 25.92
C GLY C 99 38.25 41.08 26.12
N VAL C 100 38.13 40.64 27.37
CA VAL C 100 37.67 39.29 27.65
C VAL C 100 36.25 39.10 27.14
N PHE C 101 35.37 40.06 27.41
CA PHE C 101 33.99 39.88 26.96
C PHE C 101 33.81 40.15 25.47
N PHE C 102 34.68 40.97 24.87
CA PHE C 102 34.68 41.07 23.41
C PHE C 102 35.11 39.75 22.78
N GLY C 103 36.08 39.08 23.38
CA GLY C 103 36.44 37.76 22.90
C GLY C 103 35.32 36.75 23.08
N TYR C 104 34.58 36.86 24.19
CA TYR C 104 33.40 36.03 24.38
C TYR C 104 32.36 36.28 23.28
N HIS C 105 32.15 37.54 22.91
CA HIS C 105 31.24 37.86 21.83
C HIS C 105 31.74 37.29 20.50
N VAL C 106 33.05 37.37 20.26
CA VAL C 106 33.63 36.79 19.04
C VAL C 106 33.41 35.28 19.02
N LEU C 107 33.61 34.62 20.15
CA LEU C 107 33.38 33.18 20.23
C LEU C 107 31.92 32.84 19.97
N SER C 108 30.99 33.61 20.54
CA SER C 108 29.57 33.40 20.26
C SER C 108 29.29 33.59 18.77
N ASP C 109 29.99 34.51 18.14
CA ASP C 109 29.86 34.70 16.69
C ASP C 109 30.39 33.50 15.93
N LEU C 110 31.47 32.88 16.42
CA LEU C 110 32.15 31.84 15.65
C LEU C 110 31.51 30.47 15.86
N VAL C 111 31.48 29.99 17.11
CA VAL C 111 31.07 28.63 17.39
C VAL C 111 30.02 28.62 18.50
N SER C 112 29.18 27.60 18.50
CA SER C 112 28.16 27.42 19.53
C SER C 112 27.84 25.93 19.61
N VAL C 113 28.33 25.28 20.66
CA VAL C 113 28.10 23.85 20.85
C VAL C 113 27.50 23.59 22.23
N GLU C 114 26.72 24.55 22.72
CA GLU C 114 26.18 24.47 24.07
C GLU C 114 24.82 23.78 24.12
N THR C 115 23.97 24.00 23.12
CA THR C 115 22.62 23.45 23.16
C THR C 115 22.66 21.94 22.98
N PRO C 116 21.88 21.19 23.76
CA PRO C 116 21.93 19.73 23.67
C PRO C 116 21.36 19.20 22.37
N GLY C 117 21.82 18.01 21.99
CA GLY C 117 21.38 17.35 20.78
C GLY C 117 20.30 16.32 21.03
N CYS C 118 19.82 15.72 19.93
CA CYS C 118 18.80 14.70 19.98
C CYS C 118 19.30 13.41 19.35
N PRO C 119 19.04 12.25 19.96
CA PRO C 119 18.27 12.08 21.20
C PRO C 119 19.04 12.55 22.44
N ALA C 120 18.30 12.84 23.52
CA ALA C 120 18.89 13.37 24.73
C ALA C 120 19.87 12.39 25.36
N GLU C 121 21.15 12.75 25.34
CA GLU C 121 22.19 11.95 25.96
C GLU C 121 22.80 12.73 27.12
N PHE C 122 22.95 12.06 28.26
CA PHE C 122 23.44 12.69 29.47
C PHE C 122 24.79 12.11 29.85
N LEU C 123 25.78 12.98 30.01
CA LEU C 123 27.10 12.61 30.50
C LEU C 123 27.26 13.30 31.86
N ASN C 124 26.74 12.66 32.89
CA ASN C 124 26.62 13.29 34.20
C ASN C 124 27.97 13.41 34.88
N ILE C 125 28.16 14.52 35.59
CA ILE C 125 29.38 14.77 36.35
C ILE C 125 29.14 14.29 37.78
N ARG C 126 29.86 13.25 38.18
CA ARG C 126 29.72 12.69 39.53
C ARG C 126 30.44 13.61 40.51
N ILE C 127 29.67 14.25 41.39
CA ILE C 127 30.24 15.13 42.41
C ILE C 127 30.85 14.26 43.50
N PRO C 128 32.14 14.43 43.81
CA PRO C 128 32.74 13.65 44.87
C PRO C 128 32.09 13.97 46.21
N PRO C 129 32.00 12.99 47.10
CA PRO C 129 31.37 13.25 48.41
C PRO C 129 32.13 14.31 49.18
N GLY C 130 31.38 15.14 49.90
CA GLY C 130 31.98 16.20 50.71
C GLY C 130 32.48 17.40 49.92
N ASP C 131 31.98 17.60 48.71
CA ASP C 131 32.40 18.77 47.93
C ASP C 131 31.91 20.04 48.62
N PRO C 132 32.77 21.04 48.81
CA PRO C 132 32.34 22.24 49.56
C PRO C 132 31.17 22.98 48.92
N MET C 133 31.04 22.94 47.59
CA MET C 133 30.01 23.70 46.90
C MET C 133 28.76 22.89 46.59
N PHE C 134 28.92 21.69 46.04
CA PHE C 134 27.77 20.93 45.53
C PHE C 134 27.32 19.81 46.45
N ASP C 135 28.20 19.29 47.32
CA ASP C 135 27.83 18.24 48.27
C ASP C 135 28.32 18.62 49.66
N PRO C 136 27.75 19.67 50.27
CA PRO C 136 28.22 20.08 51.60
C PRO C 136 27.76 19.14 52.72
N ASP C 137 26.74 18.32 52.47
CA ASP C 137 26.17 17.44 53.48
C ASP C 137 26.78 16.05 53.47
N GLN C 138 27.80 15.81 52.63
CA GLN C 138 28.45 14.50 52.52
C GLN C 138 27.47 13.41 52.14
N ARG C 139 26.49 13.75 51.30
CA ARG C 139 25.52 12.76 50.86
C ARG C 139 26.18 11.67 50.03
N GLY C 140 27.12 12.05 49.16
CA GLY C 140 27.84 11.09 48.34
C GLY C 140 27.14 10.67 47.06
N ASP C 141 25.93 11.16 46.81
CA ASP C 141 25.19 10.82 45.59
C ASP C 141 24.86 12.05 44.75
N VAL C 142 25.45 13.20 45.06
CA VAL C 142 25.18 14.41 44.29
C VAL C 142 25.74 14.24 42.88
N VAL C 143 24.91 14.53 41.88
CA VAL C 143 25.26 14.37 40.48
C VAL C 143 24.85 15.65 39.74
N LEU C 144 25.81 16.29 39.09
CA LEU C 144 25.51 17.45 38.25
C LEU C 144 25.13 16.97 36.85
N PRO C 145 23.89 17.21 36.41
CA PRO C 145 23.50 16.74 35.06
C PRO C 145 24.19 17.55 33.98
N PHE C 146 24.61 16.84 32.93
CA PHE C 146 25.29 17.44 31.78
C PHE C 146 24.81 16.72 30.54
N GLN C 147 24.47 17.48 29.51
CA GLN C 147 23.89 16.92 28.29
C GLN C 147 24.84 17.12 27.11
N ARG C 148 24.93 16.10 26.26
CA ARG C 148 25.79 16.17 25.08
C ARG C 148 25.21 17.11 24.04
N SER C 149 26.09 17.71 23.25
CA SER C 149 25.71 18.72 22.28
C SER C 149 25.22 18.08 20.98
N ARG C 150 24.72 18.93 20.09
CA ARG C 150 24.29 18.48 18.77
C ARG C 150 25.47 17.97 17.96
N TRP C 151 25.21 16.97 17.13
CA TRP C 151 26.25 16.34 16.32
C TRP C 151 25.73 16.14 14.90
N ASP C 152 26.67 15.99 13.97
CA ASP C 152 26.35 15.79 12.57
C ASP C 152 25.58 14.48 12.40
N PRO C 153 24.36 14.51 11.84
CA PRO C 153 23.58 13.27 11.71
C PRO C 153 24.25 12.22 10.84
N GLU C 154 25.18 12.60 9.97
CA GLU C 154 25.84 11.65 9.08
C GLU C 154 27.00 10.92 9.75
N THR C 155 27.33 11.25 10.99
CA THR C 155 28.46 10.69 11.71
C THR C 155 27.97 10.02 13.00
N GLY C 156 28.92 9.41 13.72
CA GLY C 156 28.63 8.87 15.03
C GLY C 156 27.99 7.50 15.05
N ARG C 157 28.27 6.66 14.05
CA ARG C 157 27.71 5.31 14.01
C ARG C 157 28.72 4.23 13.71
N SER C 158 29.87 4.54 13.13
CA SER C 158 30.85 3.54 12.74
C SER C 158 32.25 4.06 13.03
N PRO C 159 33.22 3.15 13.25
CA PRO C 159 34.55 3.60 13.68
C PRO C 159 35.27 4.51 12.70
N SER C 160 35.10 4.30 11.39
CA SER C 160 35.81 5.12 10.42
C SER C 160 35.26 6.53 10.33
N ASN C 161 34.03 6.76 10.81
CA ASN C 161 33.40 8.07 10.81
C ASN C 161 32.85 8.34 12.19
N PRO C 162 33.70 8.71 13.15
CA PRO C 162 33.23 8.96 14.51
C PRO C 162 32.35 10.22 14.56
N ARG C 163 31.73 10.40 15.72
CA ARG C 163 30.82 11.53 15.91
C ARG C 163 31.55 12.85 15.83
N ASP C 164 30.93 13.82 15.15
CA ASP C 164 31.47 15.16 15.01
C ASP C 164 30.43 16.17 15.45
N PRO C 165 30.77 17.12 16.31
CA PRO C 165 29.78 18.12 16.74
C PRO C 165 29.38 19.04 15.60
N ALA C 166 28.16 19.56 15.69
CA ALA C 166 27.61 20.48 14.70
C ALA C 166 27.57 21.88 15.28
N ASN C 167 28.12 22.84 14.55
CA ASN C 167 28.15 24.23 14.99
C ASN C 167 26.77 24.85 14.76
N GLN C 168 26.19 25.41 15.82
CA GLN C 168 24.85 25.96 15.75
C GLN C 168 24.81 27.40 15.26
N VAL C 169 25.97 28.02 15.05
CA VAL C 169 26.06 29.34 14.42
C VAL C 169 26.98 29.21 13.21
N THR C 170 26.97 30.24 12.36
CA THR C 170 27.82 30.23 11.19
C THR C 170 29.28 30.34 11.62
N GLY C 171 30.11 29.43 11.11
CA GLY C 171 31.52 29.43 11.45
C GLY C 171 32.27 30.65 10.96
N TRP C 172 31.71 31.37 9.99
CA TRP C 172 32.36 32.57 9.48
C TRP C 172 32.35 33.67 10.52
N LEU C 173 33.35 34.56 10.42
CA LEU C 173 33.35 35.79 11.20
C LEU C 173 32.58 36.86 10.42
N ASP C 174 31.28 36.63 10.31
CA ASP C 174 30.41 37.40 9.44
C ASP C 174 29.35 38.17 10.23
N GLY C 175 29.66 38.52 11.48
CA GLY C 175 28.70 39.24 12.30
C GLY C 175 27.42 38.49 12.58
N SER C 176 27.49 37.15 12.66
CA SER C 176 26.30 36.37 12.95
C SER C 176 25.77 36.64 14.36
N ALA C 177 26.66 36.95 15.30
CA ALA C 177 26.22 37.33 16.64
C ALA C 177 25.50 38.67 16.66
N ILE C 178 25.56 39.44 15.57
CA ILE C 178 24.89 40.73 15.48
C ILE C 178 23.60 40.63 14.69
N TYR C 179 23.62 39.93 13.55
CA TYR C 179 22.49 39.88 12.65
C TYR C 179 21.78 38.52 12.61
N GLY C 180 22.34 37.50 13.23
CA GLY C 180 21.73 36.19 13.25
C GLY C 180 22.37 35.23 12.26
N SER C 181 22.06 33.95 12.44
CA SER C 181 22.59 32.89 11.60
C SER C 181 21.59 32.43 10.54
N SER C 182 20.52 33.17 10.32
CA SER C 182 19.56 32.85 9.27
C SER C 182 18.89 34.13 8.81
N HIS C 183 18.34 34.10 7.61
CA HIS C 183 17.68 35.27 7.05
C HIS C 183 16.41 35.63 7.84
N SER C 184 15.66 34.61 8.26
CA SER C 184 14.47 34.87 9.07
C SER C 184 14.86 35.49 10.41
N TRP C 185 16.00 35.05 10.98
CA TRP C 185 16.50 35.67 12.19
C TRP C 185 16.81 37.14 11.97
N SER C 186 17.45 37.47 10.85
CA SER C 186 17.73 38.86 10.53
C SER C 186 16.45 39.67 10.39
N ASP C 187 15.45 39.11 9.72
CA ASP C 187 14.18 39.82 9.58
C ASP C 187 13.52 40.04 10.93
N ALA C 188 13.60 39.05 11.82
CA ALA C 188 13.09 39.23 13.17
C ALA C 188 13.84 40.31 13.93
N LEU C 189 15.14 40.47 13.66
CA LEU C 189 15.92 41.50 14.32
C LEU C 189 15.77 42.88 13.71
N ARG C 190 15.20 42.98 12.51
CA ARG C 190 15.12 44.25 11.79
C ARG C 190 13.78 44.93 12.02
N SER C 191 13.80 46.26 11.95
CA SER C 191 12.57 47.06 11.95
C SER C 191 12.09 47.40 10.56
N PHE C 192 12.90 47.14 9.53
CA PHE C 192 12.56 47.44 8.13
C PHE C 192 12.19 48.92 7.95
N SER C 193 12.94 49.79 8.62
CA SER C 193 12.75 51.23 8.48
C SER C 193 14.11 51.90 8.64
N ARG C 194 14.54 52.61 7.59
CA ARG C 194 15.82 53.31 7.56
C ARG C 194 17.02 52.37 7.73
N GLY C 195 16.83 51.08 7.43
CA GLY C 195 17.93 50.13 7.53
C GLY C 195 18.47 49.94 8.92
N GLN C 196 17.62 50.03 9.93
CA GLN C 196 18.04 49.92 11.32
C GLN C 196 17.53 48.64 11.94
N LEU C 197 18.32 48.08 12.86
CA LEU C 197 17.85 46.97 13.66
C LEU C 197 16.71 47.41 14.56
N ALA C 198 15.74 46.53 14.76
CA ALA C 198 14.55 46.88 15.53
C ALA C 198 14.92 47.24 16.96
N SER C 199 14.28 48.29 17.47
CA SER C 199 14.51 48.76 18.83
C SER C 199 13.18 48.94 19.53
N GLY C 200 13.21 48.81 20.86
CA GLY C 200 12.03 48.99 21.67
C GLY C 200 11.71 50.45 21.92
N PRO C 201 11.06 50.75 23.04
CA PRO C 201 10.78 52.16 23.37
C PRO C 201 12.05 52.99 23.49
N ASP C 202 13.12 52.41 24.01
CA ASP C 202 14.41 53.09 24.05
C ASP C 202 15.17 52.79 22.77
N PRO C 203 15.52 53.80 21.96
CA PRO C 203 16.22 53.52 20.69
C PRO C 203 17.58 52.86 20.88
N ALA C 204 18.17 52.93 22.07
CA ALA C 204 19.48 52.34 22.31
C ALA C 204 19.40 50.86 22.67
N PHE C 205 18.20 50.29 22.79
CA PHE C 205 18.04 48.88 23.10
C PHE C 205 17.15 48.22 22.05
N PRO C 206 17.49 47.01 21.61
CA PRO C 206 16.66 46.32 20.63
C PRO C 206 15.34 45.87 21.24
N ARG C 207 14.46 45.39 20.37
CA ARG C 207 13.15 44.92 20.81
C ARG C 207 13.31 43.73 21.75
N ASP C 208 12.42 43.66 22.74
CA ASP C 208 12.38 42.51 23.64
C ASP C 208 11.99 41.27 22.86
N SER C 209 12.65 40.15 23.16
CA SER C 209 12.27 38.87 22.58
C SER C 209 10.88 38.49 23.07
N GLN C 210 9.96 38.29 22.13
CA GLN C 210 8.59 37.92 22.49
C GLN C 210 8.31 36.45 22.19
N ASN C 211 8.54 36.01 20.96
CA ASN C 211 8.34 34.62 20.62
C ASN C 211 9.40 33.76 21.29
N PRO C 212 9.04 32.53 21.71
CA PRO C 212 10.01 31.67 22.39
C PRO C 212 11.08 31.09 21.48
N LEU C 213 10.99 31.31 20.17
CA LEU C 213 11.95 30.75 19.22
C LEU C 213 13.11 31.69 18.91
N LEU C 214 13.22 32.82 19.61
CA LEU C 214 14.21 33.84 19.28
C LEU C 214 15.43 33.79 20.21
N MET C 215 15.23 33.95 21.51
CA MET C 215 16.34 34.13 22.43
C MET C 215 16.34 33.08 23.52
N TRP C 216 17.54 32.63 23.90
CA TRP C 216 17.69 31.68 24.99
C TRP C 216 17.18 32.30 26.29
N ALA C 217 16.36 31.54 27.03
CA ALA C 217 15.67 32.08 28.19
C ALA C 217 16.03 31.31 29.46
N ALA C 218 17.31 31.08 29.69
CA ALA C 218 17.74 30.39 30.89
C ALA C 218 17.32 31.19 32.12
N PRO C 219 16.72 30.55 33.13
CA PRO C 219 16.26 31.30 34.31
C PRO C 219 17.43 31.91 35.08
N ASP C 220 17.15 33.02 35.74
CA ASP C 220 18.18 33.72 36.51
C ASP C 220 18.60 32.86 37.68
N PRO C 221 19.88 32.49 37.79
CA PRO C 221 20.32 31.67 38.94
C PRO C 221 20.11 32.36 40.27
N ALA C 222 20.22 33.69 40.34
CA ALA C 222 20.15 34.39 41.62
C ALA C 222 18.71 34.56 42.10
N THR C 223 17.84 35.09 41.25
CA THR C 223 16.48 35.42 41.65
C THR C 223 15.43 34.46 41.11
N GLY C 224 15.80 33.51 40.26
CA GLY C 224 14.83 32.60 39.70
C GLY C 224 13.92 33.20 38.66
N GLN C 225 14.21 34.41 38.18
CA GLN C 225 13.38 35.04 37.17
C GLN C 225 13.47 34.28 35.85
N ASN C 226 12.32 34.08 35.22
CA ASN C 226 12.23 33.44 33.91
C ASN C 226 11.44 34.34 32.98
N GLY C 227 11.31 33.92 31.73
CA GLY C 227 10.60 34.69 30.73
C GLY C 227 11.50 35.66 30.00
N PRO C 228 11.10 36.02 28.78
CA PRO C 228 11.93 36.92 27.97
C PRO C 228 11.64 38.39 28.23
N ARG C 229 10.99 38.68 29.37
CA ARG C 229 10.59 40.04 29.68
C ARG C 229 11.77 41.01 29.71
N GLY C 230 12.96 40.52 30.05
CA GLY C 230 14.11 41.39 30.14
C GLY C 230 15.27 40.96 29.26
N LEU C 231 15.01 40.08 28.31
CA LEU C 231 16.04 39.56 27.42
C LEU C 231 15.96 40.28 26.08
N TYR C 232 17.07 40.88 25.66
CA TYR C 232 17.10 41.59 24.39
C TYR C 232 17.39 40.63 23.25
N ALA C 233 16.92 40.99 22.06
CA ALA C 233 17.09 40.16 20.87
C ALA C 233 18.39 40.52 20.18
N PHE C 234 19.27 39.53 20.04
CA PHE C 234 20.55 39.70 19.37
C PHE C 234 20.71 38.63 18.29
N GLY C 235 21.78 38.76 17.51
CA GLY C 235 22.09 37.73 16.53
C GLY C 235 22.48 36.42 17.19
N ALA C 236 23.20 36.49 18.30
CA ALA C 236 23.56 35.30 19.06
C ALA C 236 22.40 34.92 19.98
N GLU C 237 22.08 33.62 20.00
CA GLU C 237 20.95 33.14 20.78
C GLU C 237 21.20 33.30 22.28
N ARG C 238 22.45 33.17 22.72
CA ARG C 238 22.82 33.28 24.13
C ARG C 238 23.44 34.63 24.46
N GLY C 239 22.96 35.70 23.82
CA GLY C 239 23.56 37.01 24.01
C GLY C 239 23.25 37.66 25.34
N ASN C 240 22.25 37.17 26.06
CA ASN C 240 21.85 37.72 27.35
C ASN C 240 22.38 36.90 28.52
N ARG C 241 23.48 36.17 28.32
CA ARG C 241 24.03 35.33 29.38
C ARG C 241 24.48 36.17 30.57
N GLU C 242 25.01 37.35 30.31
CA GLU C 242 25.51 38.26 31.35
C GLU C 242 25.42 39.68 30.85
N PRO C 243 25.33 40.66 31.74
CA PRO C 243 25.17 42.05 31.31
C PRO C 243 26.36 42.61 30.54
N PHE C 244 27.53 41.97 30.60
CA PHE C 244 28.74 42.41 29.91
C PHE C 244 28.79 41.92 28.46
N LEU C 245 28.51 40.62 28.24
CA LEU C 245 28.28 40.15 26.88
C LEU C 245 27.08 40.86 26.26
N GLN C 246 26.03 41.07 27.06
CA GLN C 246 24.89 41.85 26.60
C GLN C 246 25.30 43.27 26.25
N ALA C 247 26.22 43.85 27.03
CA ALA C 247 26.70 45.20 26.74
C ALA C 247 27.45 45.24 25.42
N LEU C 248 28.26 44.22 25.14
CA LEU C 248 28.93 44.14 23.84
C LEU C 248 27.91 44.03 22.70
N GLY C 249 26.88 43.20 22.89
CA GLY C 249 25.83 43.09 21.88
C GLY C 249 25.11 44.41 21.65
N LEU C 250 24.79 45.12 22.73
CA LEU C 250 24.16 46.43 22.60
C LEU C 250 25.08 47.42 21.90
N LEU C 251 26.39 47.35 22.20
CA LEU C 251 27.37 48.20 21.53
C LEU C 251 27.32 47.99 20.03
N TRP C 252 27.33 46.73 19.59
CA TRP C 252 27.31 46.48 18.15
C TRP C 252 25.97 46.81 17.51
N PHE C 253 24.87 46.58 18.24
CA PHE C 253 23.55 46.98 17.73
C PHE C 253 23.47 48.48 17.52
N ARG C 254 23.93 49.26 18.50
CA ARG C 254 23.94 50.71 18.36
C ARG C 254 24.91 51.16 17.27
N TYR C 255 26.03 50.46 17.09
CA TYR C 255 26.94 50.79 16.02
C TYR C 255 26.29 50.60 14.66
N HIS C 256 25.56 49.49 14.49
CA HIS C 256 24.83 49.28 13.23
C HIS C 256 23.80 50.37 13.00
N ASN C 257 23.05 50.73 14.05
CA ASN C 257 22.05 51.79 13.89
C ASN C 257 22.71 53.12 13.52
N LEU C 258 23.84 53.44 14.15
CA LEU C 258 24.55 54.67 13.85
C LEU C 258 25.04 54.68 12.41
N TRP C 259 25.58 53.55 11.93
CA TRP C 259 26.03 53.51 10.55
C TRP C 259 24.86 53.61 9.58
N ALA C 260 23.71 53.03 9.93
CA ALA C 260 22.52 53.19 9.10
C ALA C 260 22.11 54.66 9.02
N GLN C 261 22.16 55.36 10.16
CA GLN C 261 21.83 56.79 10.16
C GLN C 261 22.83 57.58 9.32
N ARG C 262 24.11 57.26 9.43
CA ARG C 262 25.13 57.94 8.63
C ARG C 262 24.88 57.74 7.14
N LEU C 263 24.58 56.51 6.73
CA LEU C 263 24.33 56.24 5.33
C LEU C 263 23.03 56.88 4.84
N ALA C 264 22.02 56.96 5.71
CA ALA C 264 20.80 57.69 5.36
C ALA C 264 21.09 59.16 5.12
N ARG C 265 21.94 59.75 5.97
CA ARG C 265 22.33 61.15 5.75
C ARG C 265 23.11 61.31 4.46
N GLN C 266 24.04 60.39 4.18
CA GLN C 266 24.83 60.49 2.96
C GLN C 266 23.98 60.26 1.71
N HIS C 267 23.04 59.32 1.78
CA HIS C 267 22.21 58.94 0.64
C HIS C 267 20.75 59.02 1.06
N PRO C 268 20.14 60.21 1.01
CA PRO C 268 18.74 60.35 1.42
C PRO C 268 17.77 59.54 0.58
N ASP C 269 18.13 59.20 -0.66
CA ASP C 269 17.24 58.48 -1.55
C ASP C 269 17.27 56.96 -1.36
N TRP C 270 18.19 56.44 -0.55
CA TRP C 270 18.28 55.01 -0.37
C TRP C 270 17.11 54.47 0.44
N GLU C 271 16.64 53.28 0.08
CA GLU C 271 15.54 52.65 0.76
C GLU C 271 16.03 51.95 2.03
N ASP C 272 15.11 51.27 2.72
CA ASP C 272 15.47 50.55 3.94
C ASP C 272 16.44 49.42 3.66
N GLU C 273 16.19 48.65 2.59
CA GLU C 273 17.01 47.47 2.30
C GLU C 273 18.45 47.86 1.98
N GLU C 274 18.64 48.88 1.14
CA GLU C 274 19.98 49.30 0.77
C GLU C 274 20.74 49.85 1.96
N LEU C 275 20.08 50.68 2.78
CA LEU C 275 20.72 51.20 3.97
C LEU C 275 21.12 50.08 4.92
N PHE C 276 20.23 49.12 5.14
CA PHE C 276 20.56 48.01 6.02
C PHE C 276 21.72 47.20 5.49
N GLN C 277 21.73 46.92 4.18
CA GLN C 277 22.81 46.11 3.62
C GLN C 277 24.15 46.82 3.69
N HIS C 278 24.19 48.11 3.37
CA HIS C 278 25.44 48.85 3.46
C HIS C 278 25.94 48.94 4.91
N ALA C 279 25.02 49.22 5.84
CA ALA C 279 25.40 49.29 7.24
C ALA C 279 25.90 47.94 7.74
N ARG C 280 25.24 46.85 7.35
CA ARG C 280 25.67 45.52 7.76
C ARG C 280 27.04 45.19 7.18
N LYS C 281 27.28 45.55 5.92
CA LYS C 281 28.59 45.31 5.31
C LYS C 281 29.68 46.05 6.08
N ARG C 282 29.46 47.33 6.37
CA ARG C 282 30.46 48.11 7.08
C ARG C 282 30.68 47.58 8.50
N VAL C 283 29.61 47.20 9.18
CA VAL C 283 29.73 46.70 10.55
C VAL C 283 30.46 45.36 10.57
N ILE C 284 30.16 44.48 9.61
CA ILE C 284 30.86 43.21 9.53
C ILE C 284 32.34 43.43 9.27
N ALA C 285 32.68 44.35 8.37
CA ALA C 285 34.09 44.64 8.10
C ALA C 285 34.79 45.17 9.35
N THR C 286 34.15 46.10 10.06
CA THR C 286 34.73 46.65 11.28
C THR C 286 34.91 45.57 12.33
N TYR C 287 33.90 44.69 12.49
CA TYR C 287 33.99 43.61 13.45
C TYR C 287 35.15 42.67 13.12
N GLN C 288 35.30 42.31 11.85
CA GLN C 288 36.40 41.45 11.45
C GLN C 288 37.74 42.11 11.73
N ASN C 289 37.87 43.39 11.37
CA ASN C 289 39.14 44.08 11.59
C ASN C 289 39.50 44.15 13.07
N ILE C 290 38.52 44.50 13.91
CA ILE C 290 38.80 44.60 15.34
C ILE C 290 39.12 43.24 15.94
N ALA C 291 38.36 42.21 15.56
CA ALA C 291 38.56 40.89 16.14
C ALA C 291 39.90 40.28 15.74
N VAL C 292 40.32 40.50 14.49
CA VAL C 292 41.51 39.81 13.99
C VAL C 292 42.77 40.63 14.23
N TYR C 293 42.75 41.94 13.99
CA TYR C 293 43.97 42.74 14.03
C TYR C 293 44.14 43.55 15.31
N GLU C 294 43.12 43.60 16.18
CA GLU C 294 43.25 44.33 17.43
C GLU C 294 43.11 43.44 18.66
N TRP C 295 42.02 42.67 18.76
CA TRP C 295 41.82 41.84 19.94
C TRP C 295 42.77 40.65 19.96
N LEU C 296 42.93 39.97 18.82
CA LEU C 296 43.78 38.79 18.78
C LEU C 296 45.24 39.10 19.09
N PRO C 297 45.88 40.11 18.49
CA PRO C 297 47.26 40.41 18.90
C PRO C 297 47.41 40.80 20.36
N SER C 298 46.41 41.49 20.94
CA SER C 298 46.51 41.92 22.32
C SER C 298 46.27 40.80 23.31
N PHE C 299 45.46 39.80 22.94
CA PHE C 299 45.09 38.75 23.88
C PHE C 299 45.84 37.43 23.66
N LEU C 300 46.47 37.24 22.50
CA LEU C 300 47.32 36.08 22.27
C LEU C 300 48.80 36.41 22.22
N GLN C 301 49.16 37.69 22.14
CA GLN C 301 50.53 38.14 21.92
C GLN C 301 51.10 37.60 20.60
N LYS C 302 50.23 37.19 19.69
CA LYS C 302 50.60 36.72 18.37
C LYS C 302 49.81 37.49 17.32
N THR C 303 50.44 37.77 16.19
CA THR C 303 49.83 38.51 15.11
C THR C 303 49.68 37.61 13.89
N LEU C 304 48.51 37.68 13.25
CA LEU C 304 48.30 36.92 12.03
C LEU C 304 49.26 37.39 10.95
N PRO C 305 49.71 36.49 10.08
CA PRO C 305 50.56 36.91 8.96
C PRO C 305 49.82 37.85 8.03
N GLU C 306 50.59 38.66 7.30
CA GLU C 306 50.01 39.65 6.41
C GLU C 306 49.08 38.98 5.40
N TYR C 307 47.92 39.59 5.19
CA TYR C 307 46.93 39.01 4.29
C TYR C 307 47.47 38.96 2.87
N THR C 308 47.41 37.76 2.28
CA THR C 308 47.94 37.53 0.94
C THR C 308 46.89 37.15 -0.08
N GLY C 309 45.61 37.14 0.29
CA GLY C 309 44.54 36.83 -0.64
C GLY C 309 43.62 35.76 -0.11
N TYR C 310 42.54 35.56 -0.86
CA TYR C 310 41.52 34.58 -0.51
C TYR C 310 41.94 33.19 -0.96
N ARG C 311 41.74 32.20 -0.10
CA ARG C 311 42.11 30.82 -0.38
C ARG C 311 40.84 29.98 -0.54
N PRO C 312 40.37 29.75 -1.77
CA PRO C 312 39.13 28.96 -1.94
C PRO C 312 39.25 27.52 -1.51
N PHE C 313 40.46 26.96 -1.47
CA PHE C 313 40.67 25.54 -1.19
C PHE C 313 41.03 25.27 0.26
N LEU C 314 41.01 26.29 1.12
CA LEU C 314 41.35 26.14 2.52
C LEU C 314 40.07 25.97 3.34
N ASP C 315 40.03 24.93 4.15
CA ASP C 315 38.85 24.67 4.97
C ASP C 315 38.89 25.56 6.21
N PRO C 316 37.92 26.47 6.37
CA PRO C 316 37.91 27.37 7.54
C PRO C 316 37.04 26.90 8.70
N SER C 317 36.50 25.68 8.65
CA SER C 317 35.57 25.23 9.67
C SER C 317 36.21 25.25 11.05
N ILE C 318 35.45 25.66 12.05
CA ILE C 318 35.94 25.72 13.41
C ILE C 318 36.30 24.31 13.88
N SER C 319 37.49 24.15 14.43
CA SER C 319 37.91 22.85 14.93
C SER C 319 37.32 22.61 16.32
N SER C 320 37.19 21.33 16.67
CA SER C 320 36.67 20.97 17.98
C SER C 320 37.60 21.43 19.09
N GLU C 321 38.91 21.39 18.84
CA GLU C 321 39.87 21.83 19.84
C GLU C 321 39.80 23.34 20.07
N PHE C 322 39.48 24.11 19.03
CA PHE C 322 39.43 25.56 19.15
C PHE C 322 38.36 26.00 20.14
N VAL C 323 37.22 25.29 20.16
CA VAL C 323 36.15 25.61 21.11
C VAL C 323 36.70 25.63 22.53
N ALA C 324 37.25 24.50 22.96
CA ALA C 324 37.76 24.38 24.32
C ALA C 324 38.91 25.36 24.56
N ALA C 325 39.83 25.47 23.59
CA ALA C 325 41.00 26.34 23.78
C ALA C 325 40.58 27.79 24.02
N SER C 326 39.75 28.33 23.13
CA SER C 326 39.30 29.71 23.27
C SER C 326 38.45 29.89 24.52
N GLU C 327 37.54 28.95 24.80
CA GLU C 327 36.67 29.08 25.95
C GLU C 327 37.48 29.14 27.24
N GLN C 328 38.47 28.26 27.40
CA GLN C 328 39.24 28.26 28.64
C GLN C 328 40.21 29.43 28.71
N PHE C 329 40.86 29.79 27.59
CA PHE C 329 41.77 30.93 27.62
C PHE C 329 41.03 32.23 27.89
N LEU C 330 39.72 32.29 27.62
CA LEU C 330 38.94 33.45 28.03
C LEU C 330 38.40 33.32 29.45
N SER C 331 37.96 32.13 29.85
CA SER C 331 37.40 31.95 31.18
C SER C 331 38.44 32.10 32.28
N THR C 332 39.72 31.90 31.96
CA THR C 332 40.75 32.08 32.98
C THR C 332 40.96 33.55 33.34
N MET C 333 40.34 34.48 32.62
CA MET C 333 40.52 35.91 32.86
C MET C 333 39.25 36.59 33.34
N VAL C 334 38.19 35.84 33.62
CA VAL C 334 36.92 36.44 34.05
C VAL C 334 37.06 36.97 35.46
N PRO C 335 36.78 38.26 35.69
CA PRO C 335 36.93 38.84 37.03
C PRO C 335 35.75 38.48 37.91
N PRO C 336 35.93 38.48 39.23
CA PRO C 336 34.78 38.29 40.12
C PRO C 336 33.74 39.39 40.00
N GLY C 337 34.16 40.62 39.72
CA GLY C 337 33.23 41.72 39.58
C GLY C 337 33.66 42.63 38.44
N VAL C 338 32.75 43.52 38.05
CA VAL C 338 32.97 44.44 36.94
C VAL C 338 32.64 45.85 37.40
N TYR C 339 33.57 46.77 37.16
CA TYR C 339 33.34 48.18 37.49
C TYR C 339 32.40 48.84 36.50
N MET C 340 31.70 49.87 36.97
CA MET C 340 30.95 50.78 36.12
C MET C 340 31.59 52.15 36.23
N ARG C 341 31.98 52.72 35.09
CA ARG C 341 32.81 53.91 35.07
C ARG C 341 32.11 55.05 34.36
N ASN C 342 32.22 56.25 34.94
CA ASN C 342 31.67 57.47 34.36
C ASN C 342 32.64 58.02 33.31
N ALA C 343 32.12 58.93 32.48
CA ALA C 343 32.95 59.54 31.44
C ALA C 343 34.07 60.38 32.03
N SER C 344 33.89 60.88 33.26
CA SER C 344 34.87 61.72 33.93
C SER C 344 35.76 60.93 34.90
N CYS C 345 36.04 59.66 34.57
CA CYS C 345 36.92 58.80 35.38
C CYS C 345 36.37 58.62 36.79
N HIS C 346 35.05 58.56 36.93
CA HIS C 346 34.40 58.33 38.22
C HIS C 346 33.80 56.94 38.24
N PHE C 347 34.17 56.15 39.23
CA PHE C 347 33.66 54.80 39.40
C PHE C 347 32.45 54.85 40.34
N GLN C 348 31.27 54.63 39.78
CA GLN C 348 30.04 54.73 40.55
C GLN C 348 29.83 53.48 41.40
N GLY C 349 28.96 53.61 42.41
CA GLY C 349 28.57 52.48 43.20
C GLY C 349 27.49 51.66 42.49
N VAL C 350 27.55 50.35 42.67
CA VAL C 350 26.61 49.44 42.02
C VAL C 350 25.57 49.04 43.05
N ILE C 351 24.30 49.28 42.72
CA ILE C 351 23.20 48.92 43.61
C ILE C 351 22.85 47.46 43.38
N ASN C 352 22.97 46.64 44.40
CA ASN C 352 22.63 45.23 44.30
C ASN C 352 21.11 45.05 44.37
N ARG C 353 20.67 43.86 43.98
CA ARG C 353 19.25 43.53 44.09
C ARG C 353 18.79 43.45 45.54
N ASN C 354 19.73 43.34 46.48
CA ASN C 354 19.47 43.42 47.90
C ASN C 354 19.29 44.86 48.38
N SER C 355 19.47 45.85 47.48
CA SER C 355 19.41 47.29 47.68
C SER C 355 20.70 47.80 48.33
N SER C 356 21.68 46.95 48.57
CA SER C 356 22.98 47.41 49.06
C SER C 356 23.79 48.01 47.93
N VAL C 357 24.79 48.81 48.29
CA VAL C 357 25.66 49.49 47.33
C VAL C 357 27.04 48.87 47.43
N SER C 358 27.52 48.33 46.31
CA SER C 358 28.85 47.74 46.21
C SER C 358 29.69 48.55 45.25
N ARG C 359 30.99 48.23 45.22
CA ARG C 359 31.93 48.92 44.35
C ARG C 359 31.93 48.38 42.92
N ALA C 360 31.31 47.22 42.68
CA ALA C 360 31.33 46.62 41.37
C ALA C 360 30.14 45.69 41.22
N LEU C 361 29.85 45.31 39.99
CA LEU C 361 28.75 44.41 39.67
C LEU C 361 29.23 42.97 39.77
N ARG C 362 28.65 42.21 40.69
CA ARG C 362 29.06 40.83 40.90
C ARG C 362 28.66 39.97 39.72
N VAL C 363 29.60 39.18 39.22
CA VAL C 363 29.36 38.39 38.01
C VAL C 363 28.38 37.25 38.27
N CYS C 364 28.57 36.53 39.39
CA CYS C 364 27.76 35.35 39.66
C CYS C 364 26.30 35.71 39.93
N ASN C 365 26.01 36.93 40.36
CA ASN C 365 24.64 37.35 40.64
C ASN C 365 23.99 38.07 39.47
N SER C 366 24.68 38.19 38.33
CA SER C 366 24.15 38.91 37.17
C SER C 366 23.92 37.98 35.98
N TYR C 367 24.06 36.67 36.16
CA TYR C 367 23.87 35.74 35.06
C TYR C 367 22.41 35.73 34.62
N TRP C 368 22.19 35.89 33.31
CA TRP C 368 20.85 35.89 32.73
C TRP C 368 19.93 36.88 33.44
N SER C 369 20.48 38.06 33.73
CA SER C 369 19.75 39.08 34.49
C SER C 369 18.67 39.71 33.61
N ARG C 370 17.41 39.47 33.95
CA ARG C 370 16.32 40.12 33.23
C ARG C 370 16.34 41.64 33.46
N GLU C 371 16.59 42.07 34.68
CA GLU C 371 16.67 43.48 35.01
C GLU C 371 17.56 43.67 36.22
N HIS C 372 18.26 44.81 36.25
CA HIS C 372 19.13 45.15 37.37
C HIS C 372 18.88 46.60 37.77
N PRO C 373 18.90 46.89 39.08
CA PRO C 373 18.64 48.27 39.52
C PRO C 373 19.65 49.28 39.00
N SER C 374 20.91 48.91 38.86
CA SER C 374 21.93 49.82 38.35
C SER C 374 22.11 49.71 36.85
N LEU C 375 21.31 48.89 36.17
CA LEU C 375 21.34 48.75 34.71
C LEU C 375 19.92 48.98 34.21
N GLN C 376 19.57 50.25 33.96
CA GLN C 376 18.22 50.61 33.55
C GLN C 376 18.16 51.49 32.31
N SER C 377 19.24 52.15 31.92
CA SER C 377 19.23 53.04 30.77
C SER C 377 20.46 52.78 29.92
N ALA C 378 20.55 53.49 28.79
CA ALA C 378 21.70 53.37 27.91
C ALA C 378 22.97 53.90 28.57
N GLU C 379 22.84 54.93 29.41
CA GLU C 379 24.00 55.47 30.10
C GLU C 379 24.62 54.42 31.03
N ASP C 380 23.80 53.55 31.61
CA ASP C 380 24.35 52.45 32.41
C ASP C 380 25.16 51.48 31.56
N VAL C 381 24.70 51.21 30.34
CA VAL C 381 25.46 50.35 29.42
C VAL C 381 26.79 51.03 29.06
N ASP C 382 26.75 52.33 28.80
CA ASP C 382 27.99 53.06 28.52
C ASP C 382 28.94 53.00 29.71
N ALA C 383 28.41 53.14 30.93
CA ALA C 383 29.23 53.05 32.13
C ALA C 383 29.83 51.66 32.27
N LEU C 384 29.06 50.62 31.98
CA LEU C 384 29.59 49.26 32.01
C LEU C 384 30.72 49.09 31.02
N LEU C 385 30.55 49.60 29.80
CA LEU C 385 31.60 49.49 28.79
C LEU C 385 32.86 50.22 29.22
N LEU C 386 32.71 51.43 29.76
CA LEU C 386 33.88 52.20 30.22
C LEU C 386 34.57 51.49 31.38
N GLY C 387 33.81 50.96 32.33
CA GLY C 387 34.41 50.23 33.43
C GLY C 387 35.15 49.00 32.98
N MET C 388 34.58 48.25 32.03
CA MET C 388 35.28 47.10 31.48
C MET C 388 36.55 47.52 30.76
N ALA C 389 36.51 48.65 30.07
CA ALA C 389 37.70 49.15 29.39
C ALA C 389 38.78 49.57 30.38
N SER C 390 38.39 50.07 31.56
CA SER C 390 39.36 50.54 32.54
C SER C 390 39.78 49.48 33.55
N GLN C 391 39.06 48.36 33.63
CA GLN C 391 39.34 47.33 34.63
C GLN C 391 40.30 46.28 34.06
N ILE C 392 41.27 45.89 34.88
CA ILE C 392 42.24 44.87 34.48
C ILE C 392 41.63 43.49 34.71
N ALA C 393 41.74 42.62 33.72
CA ALA C 393 41.19 41.28 33.81
C ALA C 393 42.06 40.42 34.74
N GLU C 394 41.57 39.21 35.00
CA GLU C 394 42.28 38.28 35.88
C GLU C 394 43.54 37.76 35.19
N ARG C 395 44.40 37.14 36.00
CA ARG C 395 45.66 36.60 35.49
C ARG C 395 45.41 35.41 34.57
N GLU C 396 46.23 35.31 33.53
CA GLU C 396 46.13 34.21 32.56
C GLU C 396 46.88 33.01 33.13
N ASP C 397 46.22 32.31 34.05
CA ASP C 397 46.81 31.16 34.73
C ASP C 397 45.75 30.08 34.86
N HIS C 398 46.05 29.08 35.70
CA HIS C 398 45.14 27.97 35.91
C HIS C 398 44.01 28.28 36.89
N VAL C 399 44.05 29.43 37.54
CA VAL C 399 43.09 29.76 38.59
C VAL C 399 41.85 30.38 37.97
N LEU C 400 40.67 29.88 38.37
CA LEU C 400 39.40 30.42 37.94
C LEU C 400 38.68 31.03 39.15
N VAL C 401 37.97 32.13 38.90
CA VAL C 401 37.18 32.74 39.97
C VAL C 401 35.98 31.84 40.30
N GLU C 402 35.45 32.01 41.52
CA GLU C 402 34.32 31.21 41.95
C GLU C 402 33.06 31.50 41.16
N ASP C 403 32.96 32.68 40.54
CA ASP C 403 31.81 32.98 39.69
C ASP C 403 31.74 32.03 38.49
N VAL C 404 32.89 31.52 38.06
CA VAL C 404 32.96 30.58 36.96
C VAL C 404 33.11 29.15 37.45
N ARG C 405 34.00 28.95 38.44
CA ARG C 405 34.30 27.60 38.89
C ARG C 405 33.16 26.98 39.70
N ASP C 406 32.40 27.81 40.43
CA ASP C 406 31.38 27.28 41.33
C ASP C 406 29.98 27.82 41.07
N PHE C 407 29.83 28.97 40.44
CA PHE C 407 28.51 29.57 40.31
C PHE C 407 28.15 29.86 38.86
N TRP C 408 28.65 29.05 37.93
CA TRP C 408 28.22 29.16 36.55
C TRP C 408 26.75 28.75 36.41
N PRO C 409 26.00 29.39 35.52
CA PRO C 409 24.58 29.02 35.38
C PRO C 409 24.40 27.55 35.05
N GLY C 410 23.64 26.86 35.90
CA GLY C 410 23.36 25.47 35.70
C GLY C 410 22.23 25.25 34.71
N PRO C 411 22.53 24.57 33.59
CA PRO C 411 21.52 24.38 32.55
C PRO C 411 20.44 23.38 32.91
N LEU C 412 20.59 22.61 33.99
CA LEU C 412 19.65 21.53 34.26
C LEU C 412 19.60 21.24 35.75
N LYS C 413 18.41 21.39 36.35
CA LYS C 413 18.09 20.89 37.68
C LYS C 413 18.87 21.58 38.79
N PHE C 414 19.81 22.45 38.41
CA PHE C 414 20.65 23.16 39.38
C PHE C 414 20.80 24.60 38.89
N SER C 415 20.64 25.56 39.80
CA SER C 415 20.83 26.95 39.44
C SER C 415 22.31 27.29 39.23
N ARG C 416 23.21 26.48 39.79
CA ARG C 416 24.64 26.71 39.68
C ARG C 416 25.33 25.43 39.23
N THR C 417 26.49 25.60 38.59
CA THR C 417 27.27 24.46 38.12
C THR C 417 28.72 24.89 37.98
N ASP C 418 29.59 23.91 37.78
CA ASP C 418 31.02 24.15 37.57
C ASP C 418 31.28 24.31 36.08
N HIS C 419 31.73 25.50 35.68
CA HIS C 419 31.99 25.75 34.26
C HIS C 419 33.21 24.99 33.78
N LEU C 420 34.25 24.86 34.62
CA LEU C 420 35.42 24.11 34.20
C LEU C 420 35.12 22.62 34.10
N ALA C 421 34.38 22.07 35.07
CA ALA C 421 33.98 20.68 34.97
C ALA C 421 33.08 20.45 33.76
N SER C 422 32.18 21.39 33.50
CA SER C 422 31.32 21.30 32.32
C SER C 422 32.14 21.33 31.03
N CYS C 423 33.17 22.17 30.99
CA CYS C 423 34.02 22.24 29.80
C CYS C 423 34.84 20.97 29.62
N LEU C 424 35.34 20.39 30.73
CA LEU C 424 36.04 19.11 30.64
C LEU C 424 35.11 18.01 30.13
N GLN C 425 33.89 17.97 30.67
CA GLN C 425 32.93 16.97 30.22
C GLN C 425 32.51 17.21 28.77
N ARG C 426 32.50 18.47 28.33
CA ARG C 426 32.24 18.78 26.93
C ARG C 426 33.36 18.28 26.04
N GLY C 427 34.61 18.53 26.44
CA GLY C 427 35.74 18.05 25.67
C GLY C 427 35.77 16.53 25.57
N ARG C 428 35.41 15.85 26.65
CA ARG C 428 35.26 14.40 26.59
C ARG C 428 34.08 14.02 25.68
N ASP C 429 32.99 14.78 25.74
CA ASP C 429 31.83 14.53 24.89
C ASP C 429 32.16 14.74 23.42
N LEU C 430 32.95 15.77 23.11
CA LEU C 430 33.33 16.06 21.74
C LEU C 430 34.47 15.16 21.25
N GLY C 431 34.98 14.29 22.10
CA GLY C 431 36.10 13.43 21.71
C GLY C 431 37.38 14.18 21.46
N LEU C 432 37.70 15.16 22.29
CA LEU C 432 38.91 15.94 22.11
C LEU C 432 40.14 15.05 22.36
N PRO C 433 41.23 15.30 21.64
CA PRO C 433 42.44 14.48 21.80
C PRO C 433 43.14 14.78 23.11
N SER C 434 44.13 13.95 23.42
CA SER C 434 44.97 14.16 24.59
C SER C 434 45.91 15.34 24.35
N TYR C 435 46.51 15.81 25.45
CA TYR C 435 47.42 16.94 25.38
C TYR C 435 48.63 16.61 24.50
N THR C 436 49.21 15.41 24.68
CA THR C 436 50.39 15.03 23.90
C THR C 436 50.04 14.87 22.43
N LYS C 437 48.93 14.20 22.11
CA LYS C 437 48.54 14.04 20.71
C LYS C 437 48.20 15.38 20.08
N ALA C 438 47.54 16.26 20.83
CA ALA C 438 47.23 17.59 20.31
C ALA C 438 48.50 18.37 20.00
N ARG C 439 49.50 18.29 20.88
CA ARG C 439 50.79 18.94 20.60
C ARG C 439 51.45 18.32 19.38
N ALA C 440 51.42 16.99 19.25
CA ALA C 440 52.07 16.32 18.14
C ALA C 440 51.43 16.70 16.81
N ALA C 441 50.10 16.79 16.77
CA ALA C 441 49.41 17.12 15.52
C ALA C 441 49.73 18.53 15.04
N LEU C 442 50.04 19.44 15.97
CA LEU C 442 50.36 20.82 15.62
C LEU C 442 51.84 21.06 15.37
N GLY C 443 52.67 20.03 15.44
CA GLY C 443 54.09 20.19 15.22
C GLY C 443 54.86 20.77 16.39
N LEU C 444 54.25 20.86 17.57
CA LEU C 444 54.93 21.37 18.75
C LEU C 444 55.90 20.31 19.30
N SER C 445 56.86 20.79 20.07
CA SER C 445 57.85 19.89 20.67
C SER C 445 57.16 18.97 21.67
N PRO C 446 57.44 17.66 21.63
CA PRO C 446 56.79 16.74 22.57
C PRO C 446 57.21 17.02 24.01
N ILE C 447 56.26 16.82 24.92
CA ILE C 447 56.48 16.98 26.36
C ILE C 447 56.49 15.59 26.97
N THR C 448 57.58 15.26 27.67
CA THR C 448 57.75 13.93 28.24
C THR C 448 57.67 13.91 29.76
N ARG C 449 57.88 15.03 30.43
CA ARG C 449 57.80 15.11 31.89
C ARG C 449 56.72 16.10 32.29
N TRP C 450 56.13 15.87 33.47
CA TRP C 450 55.03 16.72 33.92
C TRP C 450 55.50 18.14 34.21
N GLN C 451 56.74 18.31 34.68
CA GLN C 451 57.24 19.64 35.01
C GLN C 451 57.64 20.45 33.79
N ASP C 452 57.75 19.82 32.62
CA ASP C 452 58.03 20.57 31.40
C ASP C 452 56.78 21.18 30.78
N ILE C 453 55.60 20.89 31.31
CA ILE C 453 54.38 21.52 30.82
C ILE C 453 54.43 23.03 31.06
N ASN C 454 54.89 23.43 32.25
CA ASN C 454 55.04 24.85 32.58
C ASN C 454 56.23 24.97 33.51
N PRO C 455 57.43 25.20 32.96
CA PRO C 455 58.61 25.31 33.83
C PRO C 455 58.51 26.41 34.87
N ALA C 456 57.91 27.55 34.52
CA ALA C 456 57.74 28.61 35.49
C ALA C 456 56.80 28.20 36.62
N LEU C 457 55.73 27.47 36.28
CA LEU C 457 54.80 27.02 37.31
C LEU C 457 55.46 26.03 38.27
N SER C 458 56.26 25.11 37.74
CA SER C 458 56.99 24.18 38.59
C SER C 458 58.13 24.85 39.35
N ARG C 459 58.61 25.99 38.86
CA ARG C 459 59.67 26.71 39.57
C ARG C 459 59.18 27.21 40.92
N SER C 460 57.96 27.73 40.97
CA SER C 460 57.41 28.30 42.20
C SER C 460 56.93 27.18 43.13
N ASN C 461 56.26 27.56 44.22
CA ASN C 461 55.78 26.61 45.22
C ASN C 461 54.40 26.06 44.89
N ASP C 462 53.82 26.43 43.75
CA ASP C 462 52.52 25.89 43.36
C ASP C 462 52.66 24.41 43.04
N THR C 463 51.86 23.58 43.71
CA THR C 463 51.91 22.13 43.55
C THR C 463 50.78 21.62 42.66
N VAL C 464 50.22 22.48 41.80
CA VAL C 464 49.13 22.05 40.94
C VAL C 464 49.61 21.00 39.93
N LEU C 465 50.85 21.12 39.46
CA LEU C 465 51.37 20.14 38.52
C LEU C 465 51.47 18.75 39.14
N GLU C 466 52.01 18.67 40.35
CA GLU C 466 52.16 17.37 41.00
C GLU C 466 50.80 16.75 41.32
N ALA C 467 49.86 17.56 41.81
CA ALA C 467 48.52 17.05 42.11
C ALA C 467 47.80 16.60 40.85
N THR C 468 47.94 17.36 39.76
CA THR C 468 47.34 16.98 38.49
C THR C 468 47.93 15.68 37.98
N ALA C 469 49.25 15.51 38.10
CA ALA C 469 49.89 14.26 37.73
C ALA C 469 49.38 13.10 38.58
N ALA C 470 49.18 13.34 39.88
CA ALA C 470 48.64 12.31 40.75
C ALA C 470 47.23 11.92 40.34
N LEU C 471 46.42 12.90 39.92
CA LEU C 471 45.07 12.59 39.45
C LEU C 471 45.10 11.73 38.19
N TYR C 472 46.10 11.93 37.33
CA TYR C 472 46.23 11.15 36.11
C TYR C 472 47.12 9.92 36.28
N ASN C 473 47.44 9.56 37.52
CA ASN C 473 48.29 8.39 37.81
C ASN C 473 49.65 8.51 37.13
N GLN C 474 50.19 9.73 37.09
CA GLN C 474 51.50 10.05 36.52
C GLN C 474 51.59 9.72 35.03
N ASP C 475 50.47 9.44 34.37
CA ASP C 475 50.46 9.10 32.95
C ASP C 475 50.26 10.38 32.15
N LEU C 476 51.36 10.90 31.60
CA LEU C 476 51.29 12.13 30.82
C LEU C 476 50.55 11.94 29.50
N SER C 477 50.52 10.71 28.98
CA SER C 477 49.81 10.45 27.72
C SER C 477 48.30 10.57 27.88
N TRP C 478 47.79 10.45 29.10
CA TRP C 478 46.35 10.56 29.34
C TRP C 478 45.90 11.98 29.69
N LEU C 479 46.82 12.92 29.84
CA LEU C 479 46.44 14.29 30.13
C LEU C 479 45.62 14.85 28.98
N GLU C 480 44.46 15.42 29.31
CA GLU C 480 43.55 15.92 28.31
C GLU C 480 44.02 17.29 27.81
N LEU C 481 43.45 17.70 26.67
CA LEU C 481 43.85 18.96 26.05
C LEU C 481 43.54 20.15 26.96
N LEU C 482 42.35 20.16 27.56
CA LEU C 482 41.96 21.32 28.37
C LEU C 482 42.84 21.50 29.61
N PRO C 483 43.07 20.49 30.45
CA PRO C 483 43.98 20.70 31.59
C PRO C 483 45.39 21.08 31.18
N GLY C 484 45.90 20.48 30.10
CA GLY C 484 47.23 20.83 29.64
C GLY C 484 47.32 22.28 29.19
N GLY C 485 46.31 22.74 28.44
CA GLY C 485 46.29 24.13 28.03
C GLY C 485 46.14 25.08 29.21
N LEU C 486 45.35 24.70 30.21
CA LEU C 486 45.21 25.52 31.40
C LEU C 486 46.54 25.62 32.15
N LEU C 487 47.27 24.51 32.26
CA LEU C 487 48.54 24.52 32.97
C LEU C 487 49.65 25.19 32.17
N GLU C 488 49.54 25.23 30.84
CA GLU C 488 50.59 25.84 30.02
C GLU C 488 50.61 27.36 30.10
N SER C 489 49.50 27.98 30.50
CA SER C 489 49.39 29.43 30.42
C SER C 489 50.29 30.11 31.44
N HIS C 490 51.07 31.10 30.98
CA HIS C 490 51.91 31.90 31.86
C HIS C 490 52.15 33.25 31.17
N ARG C 491 51.42 34.27 31.62
CA ARG C 491 51.48 35.64 31.10
C ARG C 491 50.84 35.71 29.72
N ASP C 492 50.53 34.55 29.16
CA ASP C 492 49.95 34.42 27.83
C ASP C 492 49.33 33.03 27.73
N PRO C 493 48.41 32.82 26.78
CA PRO C 493 47.93 31.47 26.53
C PRO C 493 49.08 30.55 26.13
N GLY C 494 48.99 29.30 26.55
CA GLY C 494 50.04 28.33 26.33
C GLY C 494 50.28 28.10 24.86
N PRO C 495 51.44 27.52 24.52
CA PRO C 495 51.76 27.30 23.10
C PRO C 495 50.71 26.49 22.36
N LEU C 496 50.12 25.48 23.01
CA LEU C 496 49.08 24.69 22.37
C LEU C 496 47.85 25.53 22.06
N PHE C 497 47.32 26.23 23.08
CA PHE C 497 46.13 27.04 22.87
C PHE C 497 46.41 28.20 21.91
N SER C 498 47.57 28.84 22.06
CA SER C 498 47.93 29.94 21.16
C SER C 498 48.00 29.46 19.72
N THR C 499 48.66 28.31 19.49
CA THR C 499 48.74 27.77 18.14
C THR C 499 47.37 27.43 17.60
N ILE C 500 46.51 26.81 18.42
CA ILE C 500 45.18 26.42 17.95
C ILE C 500 44.40 27.66 17.52
N VAL C 501 44.35 28.67 18.38
CA VAL C 501 43.56 29.86 18.08
C VAL C 501 44.14 30.61 16.89
N LEU C 502 45.48 30.70 16.83
CA LEU C 502 46.12 31.42 15.73
C LEU C 502 45.83 30.76 14.39
N GLU C 503 45.97 29.42 14.33
CA GLU C 503 45.72 28.74 13.06
C GLU C 503 44.24 28.78 12.70
N GLN C 504 43.36 28.70 13.70
CA GLN C 504 41.94 28.79 13.42
C GLN C 504 41.58 30.14 12.83
N PHE C 505 42.12 31.23 13.39
CA PHE C 505 41.82 32.55 12.85
C PHE C 505 42.48 32.77 11.50
N VAL C 506 43.66 32.20 11.28
CA VAL C 506 44.29 32.29 9.95
C VAL C 506 43.41 31.61 8.91
N ARG C 507 42.91 30.42 9.23
CA ARG C 507 42.04 29.71 8.30
C ARG C 507 40.71 30.45 8.10
N LEU C 508 40.18 31.06 9.17
CA LEU C 508 38.95 31.84 9.04
C LEU C 508 39.14 33.03 8.12
N ARG C 509 40.26 33.74 8.26
CA ARG C 509 40.49 34.93 7.43
C ARG C 509 40.78 34.53 5.98
N ASP C 510 41.67 33.55 5.78
CA ASP C 510 42.08 33.19 4.43
C ASP C 510 40.98 32.45 3.68
N GLY C 511 40.18 31.65 4.38
CA GLY C 511 39.14 30.86 3.78
C GLY C 511 37.82 31.58 3.56
N ASP C 512 37.72 32.85 3.94
CA ASP C 512 36.47 33.60 3.84
C ASP C 512 36.48 34.42 2.56
N ARG C 513 35.49 34.16 1.70
CA ARG C 513 35.36 34.95 0.47
C ARG C 513 34.88 36.36 0.76
N TYR C 514 34.14 36.55 1.86
CA TYR C 514 33.59 37.84 2.23
C TYR C 514 34.47 38.61 3.20
N TRP C 515 35.73 38.22 3.33
CA TRP C 515 36.66 39.01 4.13
C TRP C 515 36.84 40.39 3.50
N PHE C 516 36.84 41.43 4.33
CA PHE C 516 36.85 42.79 3.82
C PHE C 516 38.13 43.13 3.06
N GLU C 517 39.23 42.43 3.34
CA GLU C 517 40.46 42.67 2.61
C GLU C 517 40.51 41.94 1.27
N ASN C 518 39.61 40.97 1.05
CA ASN C 518 39.54 40.28 -0.23
C ASN C 518 38.96 41.21 -1.27
N THR C 519 39.83 41.75 -2.14
CA THR C 519 39.39 42.72 -3.14
C THR C 519 38.54 42.09 -4.24
N ARG C 520 38.55 40.76 -4.37
CA ARG C 520 37.81 40.12 -5.45
C ARG C 520 36.31 40.08 -5.21
N ASN C 521 35.85 40.23 -3.97
CA ASN C 521 34.41 40.17 -3.70
C ASN C 521 33.70 41.48 -4.00
N GLY C 522 34.43 42.58 -4.21
CA GLY C 522 33.81 43.84 -4.53
C GLY C 522 33.06 44.50 -3.39
N LEU C 523 33.31 44.07 -2.15
CA LEU C 523 32.60 44.67 -1.01
C LEU C 523 33.07 46.10 -0.76
N PHE C 524 34.37 46.34 -0.79
CA PHE C 524 34.93 47.65 -0.47
C PHE C 524 36.02 48.01 -1.47
N SER C 525 36.21 49.32 -1.64
CA SER C 525 37.32 49.82 -2.42
C SER C 525 38.58 49.86 -1.56
N LYS C 526 39.71 50.22 -2.18
CA LYS C 526 40.97 50.28 -1.44
C LYS C 526 40.91 51.32 -0.32
N LYS C 527 40.33 52.49 -0.61
CA LYS C 527 40.20 53.53 0.41
C LYS C 527 39.27 53.09 1.53
N GLU C 528 38.17 52.41 1.19
CA GLU C 528 37.27 51.88 2.22
C GLU C 528 37.98 50.82 3.06
N ILE C 529 38.79 49.98 2.43
CA ILE C 529 39.53 48.97 3.18
C ILE C 529 40.50 49.63 4.15
N GLU C 530 41.17 50.70 3.70
CA GLU C 530 42.05 51.44 4.60
C GLU C 530 41.27 52.06 5.76
N GLU C 531 40.10 52.61 5.48
CA GLU C 531 39.26 53.16 6.54
C GLU C 531 38.91 52.09 7.57
N ILE C 532 38.52 50.91 7.09
CA ILE C 532 38.14 49.82 7.98
C ILE C 532 39.33 49.37 8.81
N ARG C 533 40.51 49.27 8.18
CA ARG C 533 41.71 48.88 8.92
C ARG C 533 42.05 49.90 9.99
N ASN C 534 41.83 51.19 9.72
CA ASN C 534 42.12 52.22 10.71
C ASN C 534 41.15 52.18 11.88
N THR C 535 39.99 51.53 11.75
CA THR C 535 38.99 51.55 12.79
C THR C 535 39.35 50.55 13.90
N THR C 536 39.27 51.02 15.14
CA THR C 536 39.50 50.20 16.32
C THR C 536 38.25 50.17 17.19
N LEU C 537 38.26 49.34 18.22
CA LEU C 537 37.12 49.27 19.13
C LEU C 537 36.94 50.58 19.88
N GLN C 538 38.02 51.33 20.11
CA GLN C 538 37.89 52.64 20.73
C GLN C 538 37.07 53.58 19.87
N ASP C 539 37.25 53.50 18.55
CA ASP C 539 36.45 54.32 17.64
C ASP C 539 34.97 53.95 17.73
N VAL C 540 34.67 52.65 17.79
CA VAL C 540 33.27 52.22 17.92
C VAL C 540 32.67 52.70 19.23
N LEU C 541 33.43 52.59 20.32
CA LEU C 541 32.93 53.05 21.62
C LEU C 541 32.69 54.55 21.61
N VAL C 542 33.62 55.32 21.05
CA VAL C 542 33.44 56.77 20.97
C VAL C 542 32.23 57.11 20.11
N ALA C 543 32.03 56.35 19.03
CA ALA C 543 30.94 56.66 18.10
C ALA C 543 29.58 56.38 18.73
N VAL C 544 29.42 55.24 19.39
CA VAL C 544 28.09 54.87 19.90
C VAL C 544 27.81 55.47 21.28
N ILE C 545 28.83 55.67 22.12
CA ILE C 545 28.62 56.29 23.42
C ILE C 545 28.49 57.81 23.30
N ASN C 546 28.95 58.39 22.19
CA ASN C 546 28.99 59.84 22.00
C ASN C 546 29.81 60.50 23.11
N ILE C 547 31.09 60.10 23.16
CA ILE C 547 32.00 60.49 24.23
C ILE C 547 33.27 61.04 23.59
N ASP C 548 34.00 61.82 24.38
CA ASP C 548 35.26 62.38 23.90
C ASP C 548 36.29 61.26 23.74
N PRO C 549 37.08 61.28 22.66
CA PRO C 549 38.07 60.21 22.46
C PRO C 549 39.09 60.10 23.57
N SER C 550 39.43 61.20 24.25
CA SER C 550 40.43 61.16 25.31
C SER C 550 39.97 60.39 26.54
N ALA C 551 38.68 60.10 26.65
CA ALA C 551 38.17 59.34 27.80
C ALA C 551 38.53 57.86 27.73
N LEU C 552 39.03 57.37 26.60
CA LEU C 552 39.41 55.98 26.43
C LEU C 552 40.80 55.89 25.84
N GLN C 553 41.54 54.86 26.25
CA GLN C 553 42.86 54.63 25.71
C GLN C 553 42.75 54.17 24.25
N PRO C 554 43.78 54.38 23.44
CA PRO C 554 43.70 53.99 22.02
C PRO C 554 43.44 52.52 21.81
N ASN C 555 43.96 51.65 22.67
CA ASN C 555 43.72 50.21 22.60
C ASN C 555 42.99 49.80 23.87
N VAL C 556 41.67 49.75 23.80
CA VAL C 556 40.84 49.45 24.98
C VAL C 556 41.04 48.03 25.50
N PHE C 557 41.70 47.16 24.73
CA PHE C 557 41.94 45.80 25.17
C PHE C 557 43.05 45.69 26.22
N VAL C 558 43.95 46.67 26.28
CA VAL C 558 45.05 46.68 27.24
C VAL C 558 45.12 48.06 27.88
N TRP C 559 45.25 48.10 29.19
CA TRP C 559 45.39 49.36 29.93
C TRP C 559 46.83 49.52 30.38
N HIS C 560 47.44 50.65 30.01
CA HIS C 560 48.81 50.95 30.38
C HIS C 560 48.86 52.18 31.25
N LYS C 561 49.98 52.35 31.97
CA LYS C 561 50.15 53.49 32.85
C LYS C 561 50.08 54.79 32.04
N GLY C 562 49.28 55.73 32.54
CA GLY C 562 49.02 56.97 31.85
C GLY C 562 47.70 57.01 31.10
N ASP C 563 47.06 55.86 30.91
CA ASP C 563 45.77 55.81 30.26
C ASP C 563 44.71 56.43 31.18
N PRO C 564 43.63 56.97 30.61
CA PRO C 564 42.61 57.62 31.44
C PRO C 564 41.91 56.63 32.36
N CYS C 565 41.49 57.15 33.53
CA CYS C 565 40.68 56.44 34.51
C CYS C 565 41.28 55.11 34.94
N PRO C 566 42.34 55.10 35.75
CA PRO C 566 42.82 53.85 36.33
C PRO C 566 41.76 53.24 37.25
N GLN C 567 41.74 51.91 37.30
CA GLN C 567 40.80 51.23 38.18
C GLN C 567 41.15 51.53 39.63
N PRO C 568 40.14 51.64 40.51
CA PRO C 568 40.45 51.94 41.92
C PRO C 568 41.35 50.90 42.57
N ARG C 569 41.15 49.63 42.26
CA ARG C 569 41.96 48.54 42.80
C ARG C 569 41.64 47.29 42.00
N GLN C 570 42.51 46.29 42.10
CA GLN C 570 42.26 45.01 41.46
C GLN C 570 41.14 44.28 42.19
N LEU C 571 40.04 44.02 41.48
CA LEU C 571 38.85 43.47 42.12
C LEU C 571 39.09 42.05 42.60
N SER C 572 38.47 41.72 43.74
CA SER C 572 38.50 40.38 44.31
C SER C 572 37.13 40.08 44.90
N THR C 573 37.01 38.91 45.52
CA THR C 573 35.75 38.55 46.15
C THR C 573 35.43 39.46 47.34
N GLU C 574 36.47 40.01 47.99
CA GLU C 574 36.26 40.89 49.12
C GLU C 574 35.47 42.13 48.72
N GLY C 575 34.47 42.47 49.54
CA GLY C 575 33.66 43.65 49.31
C GLY C 575 32.55 43.49 48.30
N LEU C 576 32.40 42.32 47.70
CA LEU C 576 31.35 42.08 46.72
C LEU C 576 30.24 41.24 47.33
N PRO C 577 29.01 41.36 46.82
CA PRO C 577 27.92 40.53 47.34
C PRO C 577 28.22 39.05 47.17
N ALA C 578 27.82 38.26 48.17
CA ALA C 578 28.01 36.83 48.13
C ALA C 578 27.21 36.21 46.99
N CYS C 579 27.81 35.22 46.32
CA CYS C 579 27.11 34.56 45.23
C CYS C 579 25.87 33.85 45.74
N ALA C 580 24.81 33.90 44.95
CA ALA C 580 23.55 33.28 45.35
C ALA C 580 23.72 31.78 45.49
N PRO C 581 23.27 31.18 46.59
CA PRO C 581 23.43 29.73 46.77
C PRO C 581 22.68 28.95 45.69
N SER C 582 23.24 27.79 45.35
CA SER C 582 22.63 26.94 44.34
C SER C 582 21.26 26.44 44.79
N VAL C 583 20.30 26.45 43.87
CA VAL C 583 18.93 26.04 44.14
C VAL C 583 18.56 24.94 43.16
N VAL C 584 18.02 23.84 43.67
CA VAL C 584 17.59 22.73 42.83
C VAL C 584 16.17 23.02 42.33
N ARG C 585 16.00 23.01 41.00
CA ARG C 585 14.70 23.26 40.41
C ARG C 585 13.88 21.97 40.37
N ASP C 586 12.68 22.02 40.92
CA ASP C 586 11.76 20.88 40.91
C ASP C 586 10.62 21.21 39.95
N TYR C 587 10.45 20.35 38.93
CA TYR C 587 9.43 20.59 37.92
C TYR C 587 8.04 20.24 38.42
N PHE C 588 7.92 19.24 39.30
CA PHE C 588 6.64 18.72 39.73
C PHE C 588 6.18 19.29 41.06
N GLU C 589 6.85 20.31 41.57
CA GLU C 589 6.44 20.92 42.83
C GLU C 589 5.10 21.62 42.65
N GLY C 590 4.19 21.41 43.60
CA GLY C 590 2.87 21.99 43.53
C GLY C 590 1.92 21.30 42.57
N SER C 591 2.28 20.11 42.07
CA SER C 591 1.46 19.39 41.11
C SER C 591 1.08 17.98 41.54
N GLY C 592 1.63 17.48 42.64
CA GLY C 592 1.31 16.13 43.07
C GLY C 592 -0.14 15.97 43.48
N PHE C 593 -0.66 16.92 44.26
CA PHE C 593 -2.06 16.85 44.69
C PHE C 593 -3.01 16.89 43.51
N GLY C 594 -2.79 17.82 42.58
CA GLY C 594 -3.65 17.91 41.42
C GLY C 594 -3.56 16.71 40.50
N PHE C 595 -2.34 16.18 40.34
CA PHE C 595 -2.18 14.96 39.54
C PHE C 595 -2.93 13.79 40.17
N GLY C 596 -2.82 13.65 41.49
CA GLY C 596 -3.58 12.62 42.18
C GLY C 596 -5.09 12.80 42.05
N VAL C 597 -5.55 14.06 42.10
CA VAL C 597 -6.97 14.35 41.94
C VAL C 597 -7.43 13.97 40.53
N THR C 598 -6.62 14.29 39.53
CA THR C 598 -6.97 13.91 38.16
C THR C 598 -7.05 12.40 37.99
N ILE C 599 -6.08 11.68 38.57
CA ILE C 599 -6.11 10.21 38.50
C ILE C 599 -7.34 9.68 39.22
N GLY C 600 -7.69 10.30 40.36
CA GLY C 600 -8.88 9.87 41.09
C GLY C 600 -10.15 10.09 40.30
N THR C 601 -10.26 11.22 39.60
CA THR C 601 -11.43 11.46 38.77
C THR C 601 -11.50 10.48 37.61
N LEU C 602 -10.35 10.18 37.00
CA LEU C 602 -10.33 9.18 35.93
C LEU C 602 -10.78 7.81 36.44
N CYS C 603 -10.34 7.45 37.64
CA CYS C 603 -10.76 6.17 38.21
C CYS C 603 -12.20 6.20 38.73
N CYS C 604 -12.74 7.38 39.02
CA CYS C 604 -14.10 7.51 39.49
C CYS C 604 -15.11 7.68 38.36
N PHE C 605 -14.66 7.88 37.13
CA PHE C 605 -15.57 7.86 35.99
C PHE C 605 -16.47 6.63 35.98
N PRO C 606 -15.97 5.39 36.13
CA PRO C 606 -16.89 4.26 36.25
C PRO C 606 -17.81 4.35 37.46
N LEU C 607 -17.33 4.91 38.58
CA LEU C 607 -18.20 5.07 39.74
C LEU C 607 -19.32 6.06 39.47
N VAL C 608 -19.01 7.16 38.79
CA VAL C 608 -20.05 8.14 38.43
C VAL C 608 -21.07 7.50 37.48
N SER C 609 -20.58 6.74 36.49
CA SER C 609 -21.49 6.08 35.57
C SER C 609 -22.36 5.05 36.30
N LEU C 610 -21.78 4.32 37.25
CA LEU C 610 -22.56 3.36 38.03
C LEU C 610 -23.62 4.05 38.88
N LEU C 611 -23.28 5.17 39.49
CA LEU C 611 -24.25 5.93 40.26
C LEU C 611 -25.40 6.42 39.37
N SER C 612 -25.06 6.95 38.19
CA SER C 612 -26.09 7.41 37.28
C SER C 612 -26.98 6.25 36.81
N ALA C 613 -26.37 5.10 36.55
CA ALA C 613 -27.14 3.93 36.14
C ALA C 613 -28.09 3.46 37.24
N TRP C 614 -27.62 3.46 38.48
CA TRP C 614 -28.49 3.10 39.60
C TRP C 614 -29.64 4.09 39.73
N ILE C 615 -29.35 5.39 39.58
CA ILE C 615 -30.39 6.41 39.71
C ILE C 615 -31.44 6.24 38.63
N VAL C 616 -30.99 6.02 37.38
CA VAL C 616 -31.96 5.89 36.29
C VAL C 616 -32.72 4.57 36.39
N ALA C 617 -32.09 3.53 36.93
CA ALA C 617 -32.80 2.27 37.16
C ALA C 617 -33.89 2.45 38.22
N ARG C 618 -33.61 3.24 39.26
CA ARG C 618 -34.62 3.52 40.28
C ARG C 618 -35.82 4.24 39.69
N LEU C 619 -35.57 5.22 38.82
CA LEU C 619 -36.65 5.96 38.17
C LEU C 619 -37.17 5.24 36.94
N MET C 644 -52.96 -2.65 47.78
CA MET C 644 -52.17 -1.43 47.67
C MET C 644 -50.81 -1.71 47.06
N GLU C 645 -50.12 -0.65 46.65
CA GLU C 645 -48.84 -0.78 45.99
C GLU C 645 -47.73 -1.10 46.98
N ALA C 646 -46.74 -1.84 46.51
CA ALA C 646 -45.57 -2.23 47.30
C ALA C 646 -44.48 -2.69 46.36
N LEU C 647 -43.31 -2.99 46.93
CA LEU C 647 -42.17 -3.49 46.17
C LEU C 647 -41.82 -4.88 46.67
N GLU C 648 -41.64 -5.82 45.74
CA GLU C 648 -41.36 -7.21 46.06
C GLU C 648 -39.90 -7.52 45.74
N TRP C 649 -39.22 -8.12 46.71
CA TRP C 649 -37.78 -8.41 46.65
C TRP C 649 -37.58 -9.90 46.46
N GLN C 650 -36.79 -10.28 45.45
CA GLN C 650 -36.58 -11.67 45.08
C GLN C 650 -35.10 -12.03 45.14
N GLY C 651 -34.38 -11.52 46.13
CA GLY C 651 -32.97 -11.81 46.26
C GLY C 651 -32.12 -10.60 45.90
N HIS C 652 -30.85 -10.68 46.29
CA HIS C 652 -29.91 -9.60 46.00
C HIS C 652 -29.66 -9.47 44.50
N LYS C 653 -29.56 -10.60 43.81
CA LYS C 653 -29.27 -10.58 42.37
C LYS C 653 -30.49 -10.18 41.55
N GLU C 654 -31.68 -10.64 41.95
CA GLU C 654 -32.88 -10.36 41.16
C GLU C 654 -33.49 -9.02 41.57
N PRO C 655 -33.77 -8.13 40.62
CA PRO C 655 -34.33 -6.83 40.97
C PRO C 655 -35.73 -6.94 41.58
N CYS C 656 -36.03 -5.99 42.46
CA CYS C 656 -37.37 -5.87 43.02
C CYS C 656 -38.34 -5.35 41.96
N ARG C 657 -39.63 -5.63 42.15
CA ARG C 657 -40.62 -5.18 41.19
C ARG C 657 -41.82 -4.58 41.89
N PRO C 658 -42.51 -3.64 41.25
CA PRO C 658 -43.72 -3.05 41.85
C PRO C 658 -44.91 -4.01 41.71
N VAL C 659 -45.58 -4.27 42.83
CA VAL C 659 -46.68 -5.22 42.91
C VAL C 659 -47.81 -4.58 43.71
N LEU C 660 -48.98 -5.21 43.66
CA LEU C 660 -50.14 -4.80 44.45
C LEU C 660 -50.59 -5.98 45.31
N VAL C 661 -51.00 -5.67 46.53
CA VAL C 661 -51.38 -6.69 47.51
C VAL C 661 -52.88 -6.59 47.77
N TYR C 662 -53.57 -7.72 47.63
CA TYR C 662 -54.98 -7.82 47.94
C TYR C 662 -55.18 -8.83 49.07
N LEU C 663 -56.18 -8.56 49.90
CA LEU C 663 -56.44 -9.37 51.10
C LEU C 663 -57.84 -9.95 51.03
N GLN C 664 -57.94 -11.19 50.54
CA GLN C 664 -59.17 -11.95 50.61
C GLN C 664 -59.39 -12.45 52.05
N PRO C 665 -60.62 -12.86 52.38
CA PRO C 665 -60.88 -13.28 53.77
C PRO C 665 -59.96 -14.38 54.28
N GLY C 666 -59.62 -15.35 53.43
CA GLY C 666 -58.75 -16.43 53.86
C GLY C 666 -57.47 -16.54 53.06
N GLN C 667 -57.43 -15.85 51.92
CA GLN C 667 -56.28 -15.88 51.02
C GLN C 667 -55.68 -14.51 50.88
N ILE C 668 -54.37 -14.47 50.61
CA ILE C 668 -53.65 -13.24 50.34
C ILE C 668 -53.08 -13.33 48.93
N ARG C 669 -53.28 -12.27 48.14
CA ARG C 669 -52.89 -12.27 46.74
C ARG C 669 -51.83 -11.20 46.51
N VAL C 670 -50.75 -11.59 45.84
CA VAL C 670 -49.70 -10.68 45.42
C VAL C 670 -49.73 -10.68 43.90
N VAL C 671 -50.23 -9.58 43.31
CA VAL C 671 -50.56 -9.53 41.90
C VAL C 671 -49.85 -8.34 41.27
N ASP C 672 -49.20 -8.55 40.14
CA ASP C 672 -48.48 -7.46 39.47
C ASP C 672 -49.42 -6.32 39.13
N GLY C 673 -48.83 -5.14 38.95
CA GLY C 673 -49.61 -3.94 38.65
C GLY C 673 -50.43 -4.05 37.37
N ARG C 674 -50.03 -4.94 36.46
CA ARG C 674 -50.80 -5.24 35.26
C ARG C 674 -52.05 -6.07 35.55
N LEU C 675 -52.30 -6.39 36.82
CA LEU C 675 -53.36 -7.30 37.27
C LEU C 675 -53.09 -8.74 36.88
N THR C 676 -51.83 -9.07 36.57
CA THR C 676 -51.43 -10.44 36.31
C THR C 676 -51.08 -11.11 37.64
N VAL C 677 -51.78 -12.19 37.96
CA VAL C 677 -51.61 -12.84 39.26
C VAL C 677 -50.22 -13.45 39.36
N LEU C 678 -49.51 -13.13 40.44
CA LEU C 678 -48.17 -13.66 40.69
C LEU C 678 -48.14 -14.72 41.77
N ARG C 679 -48.85 -14.52 42.89
CA ARG C 679 -48.81 -15.49 43.97
C ARG C 679 -50.11 -15.41 44.76
N THR C 680 -50.60 -16.57 45.21
CA THR C 680 -51.76 -16.65 46.08
C THR C 680 -51.44 -17.61 47.22
N ILE C 681 -51.61 -17.14 48.46
CA ILE C 681 -51.28 -17.92 49.64
C ILE C 681 -52.53 -18.09 50.49
N GLN C 682 -52.69 -19.28 51.07
CA GLN C 682 -53.84 -19.59 51.90
C GLN C 682 -53.41 -19.73 53.36
N LEU C 683 -54.25 -19.25 54.27
CA LEU C 683 -54.00 -19.32 55.70
C LEU C 683 -54.94 -20.32 56.34
N GLN C 684 -54.39 -21.25 57.11
CA GLN C 684 -55.18 -22.29 57.77
C GLN C 684 -54.74 -22.42 59.22
N PRO C 685 -55.68 -22.43 60.17
CA PRO C 685 -55.35 -22.58 61.60
C PRO C 685 -55.00 -24.02 61.97
N VAL C 689 -48.57 -17.80 60.74
CA VAL C 689 -47.50 -17.11 60.04
C VAL C 689 -46.87 -16.06 60.94
N ASN C 690 -45.61 -15.71 60.63
CA ASN C 690 -44.85 -14.77 61.42
C ASN C 690 -44.50 -13.54 60.58
N PHE C 691 -44.25 -12.42 61.26
CA PHE C 691 -43.94 -11.17 60.59
C PHE C 691 -42.64 -10.60 61.15
N VAL C 692 -41.89 -9.93 60.28
CA VAL C 692 -40.66 -9.22 60.66
C VAL C 692 -40.78 -7.79 60.14
N LEU C 693 -40.52 -6.82 61.02
CA LEU C 693 -40.64 -5.41 60.70
C LEU C 693 -39.26 -4.77 60.66
N SER C 694 -39.02 -3.94 59.66
CA SER C 694 -37.76 -3.23 59.55
C SER C 694 -37.97 -1.79 59.06
N ARG C 700 -39.27 0.09 56.59
CA ARG C 700 -40.19 0.01 55.47
C ARG C 700 -40.16 -1.38 54.83
N THR C 701 -39.71 -2.36 55.60
CA THR C 701 -39.60 -3.74 55.14
C THR C 701 -40.50 -4.63 55.98
N LEU C 702 -41.34 -5.42 55.31
CA LEU C 702 -42.25 -6.36 55.97
C LEU C 702 -41.97 -7.75 55.43
N LEU C 703 -41.49 -8.65 56.29
CA LEU C 703 -41.16 -10.01 55.92
C LEU C 703 -42.22 -10.94 56.52
N LEU C 704 -43.12 -11.43 55.68
CA LEU C 704 -44.11 -12.42 56.07
C LEU C 704 -43.55 -13.80 55.79
N LYS C 705 -43.35 -14.59 56.85
CA LYS C 705 -42.72 -15.90 56.74
C LYS C 705 -43.79 -16.95 56.53
N ILE C 706 -43.77 -17.59 55.36
CA ILE C 706 -44.69 -18.68 55.04
C ILE C 706 -44.07 -19.98 55.55
N PRO C 707 -44.76 -20.73 56.42
CA PRO C 707 -44.14 -21.95 56.97
C PRO C 707 -43.78 -22.99 55.93
N LYS C 708 -44.54 -23.10 54.84
CA LYS C 708 -44.31 -24.12 53.83
C LYS C 708 -43.65 -23.58 52.57
N GLU C 709 -44.11 -22.45 52.05
CA GLU C 709 -43.54 -21.88 50.84
C GLU C 709 -42.45 -20.87 51.19
N TYR C 710 -41.89 -20.23 50.16
CA TYR C 710 -40.86 -19.22 50.39
C TYR C 710 -41.48 -17.94 50.94
N ASP C 711 -40.70 -17.25 51.77
CA ASP C 711 -41.20 -16.06 52.46
C ASP C 711 -41.49 -14.94 51.48
N LEU C 712 -42.48 -14.11 51.84
CA LEU C 712 -42.90 -12.98 51.03
C LEU C 712 -42.46 -11.70 51.73
N VAL C 713 -41.52 -10.98 51.12
CA VAL C 713 -40.99 -9.75 51.69
C VAL C 713 -41.39 -8.58 50.82
N LEU C 714 -41.74 -7.47 51.46
CA LEU C 714 -42.23 -6.27 50.78
C LEU C 714 -41.44 -5.06 51.24
N LEU C 715 -41.01 -4.24 50.29
CA LEU C 715 -40.39 -2.95 50.56
C LEU C 715 -41.38 -1.84 50.25
N PHE C 716 -41.25 -0.73 50.97
CA PHE C 716 -42.23 0.35 50.88
C PHE C 716 -41.53 1.70 50.78
N ASN C 717 -42.21 2.66 50.16
CA ASN C 717 -41.68 4.01 50.04
C ASN C 717 -41.51 4.66 51.40
N LEU C 718 -42.49 4.50 52.29
CA LEU C 718 -42.48 5.11 53.61
C LEU C 718 -42.83 4.06 54.65
N GLU C 719 -42.37 4.31 55.89
CA GLU C 719 -42.71 3.43 56.99
C GLU C 719 -44.20 3.42 57.28
N GLU C 720 -44.88 4.55 57.02
CA GLU C 720 -46.30 4.65 57.30
C GLU C 720 -47.12 3.69 56.44
N GLU C 721 -46.74 3.52 55.16
CA GLU C 721 -47.45 2.58 54.30
C GLU C 721 -47.31 1.15 54.81
N ARG C 722 -46.11 0.78 55.24
CA ARG C 722 -45.90 -0.55 55.82
C ARG C 722 -46.69 -0.73 57.10
N GLN C 723 -46.75 0.32 57.94
CA GLN C 723 -47.54 0.24 59.16
C GLN C 723 -49.02 0.07 58.86
N ALA C 724 -49.53 0.79 57.85
CA ALA C 724 -50.92 0.63 57.46
C ALA C 724 -51.20 -0.77 56.94
N LEU C 725 -50.29 -1.30 56.12
CA LEU C 725 -50.49 -2.65 55.59
C LEU C 725 -50.47 -3.69 56.71
N VAL C 726 -49.55 -3.57 57.66
CA VAL C 726 -49.50 -4.56 58.74
C VAL C 726 -50.71 -4.42 59.65
N GLU C 727 -51.19 -3.18 59.86
CA GLU C 727 -52.39 -2.99 60.67
C GLU C 727 -53.61 -3.63 60.01
N ASN C 728 -53.74 -3.47 58.69
CA ASN C 728 -54.85 -4.11 57.99
C ASN C 728 -54.70 -5.64 57.98
N LEU C 729 -53.47 -6.13 57.77
CA LEU C 729 -53.25 -7.56 57.66
C LEU C 729 -53.45 -8.28 58.99
N ARG C 730 -53.12 -7.61 60.11
CA ARG C 730 -53.36 -8.22 61.42
C ARG C 730 -54.84 -8.49 61.62
N GLY C 731 -55.69 -7.51 61.29
CA GLY C 731 -57.12 -7.72 61.38
C GLY C 731 -57.64 -8.73 60.39
N ALA C 732 -57.09 -8.72 59.16
CA ALA C 732 -57.53 -9.67 58.15
C ALA C 732 -57.22 -11.10 58.55
N LEU C 733 -56.03 -11.35 59.09
CA LEU C 733 -55.64 -12.69 59.50
C LEU C 733 -56.30 -13.11 60.81
N LYS C 734 -56.54 -12.16 61.71
CA LYS C 734 -57.20 -12.49 62.98
C LYS C 734 -58.65 -12.90 62.76
N GLU C 735 -59.24 -12.57 61.61
CA GLU C 735 -60.61 -12.97 61.35
C GLU C 735 -60.74 -14.47 61.20
N SER C 736 -59.67 -15.15 60.84
CA SER C 736 -59.69 -16.59 60.68
C SER C 736 -58.55 -17.23 61.47
N ILE C 740 -50.03 -15.62 65.65
CA ILE C 740 -49.65 -14.31 65.16
C ILE C 740 -48.50 -13.75 65.99
N GLN C 741 -47.30 -13.77 65.42
CA GLN C 741 -46.10 -13.28 66.10
C GLN C 741 -45.37 -12.31 65.18
N GLU C 742 -44.80 -11.27 65.79
CA GLU C 742 -44.07 -10.23 65.06
C GLU C 742 -42.75 -9.95 65.74
N TRP C 743 -41.72 -9.70 64.93
CA TRP C 743 -40.39 -9.37 65.39
C TRP C 743 -39.97 -8.02 64.83
N GLU C 744 -39.00 -7.39 65.49
CA GLU C 744 -38.42 -6.12 65.06
C GLU C 744 -36.95 -6.35 64.78
N LEU C 745 -36.58 -6.39 63.51
CA LEU C 745 -35.22 -6.66 63.09
C LEU C 745 -34.76 -5.61 62.08
N ARG C 746 -33.45 -5.54 61.88
CA ARG C 746 -32.87 -4.59 60.95
C ARG C 746 -33.12 -5.04 59.51
N GLU C 747 -32.83 -4.14 58.57
CA GLU C 747 -33.03 -4.45 57.16
C GLU C 747 -32.16 -5.61 56.72
N GLN C 748 -30.87 -5.59 57.11
CA GLN C 748 -29.99 -6.70 56.77
C GLN C 748 -30.42 -8.00 57.44
N GLU C 749 -30.82 -7.92 58.71
CA GLU C 749 -31.26 -9.11 59.42
C GLU C 749 -32.52 -9.70 58.80
N LEU C 750 -33.49 -8.84 58.45
CA LEU C 750 -34.71 -9.30 57.81
C LEU C 750 -34.41 -9.89 56.43
N MET C 751 -33.50 -9.25 55.68
CA MET C 751 -33.14 -9.75 54.36
C MET C 751 -32.49 -11.13 54.46
N ARG C 752 -31.60 -11.32 55.42
CA ARG C 752 -30.91 -12.59 55.57
C ARG C 752 -31.80 -13.67 56.20
N ALA C 753 -32.85 -13.28 56.91
CA ALA C 753 -33.73 -14.25 57.56
C ALA C 753 -34.77 -14.86 56.62
N ALA C 754 -34.83 -14.42 55.38
CA ALA C 754 -35.81 -14.89 54.42
C ALA C 754 -35.19 -15.90 53.47
N VAL C 755 -35.99 -16.90 53.08
CA VAL C 755 -35.60 -17.85 52.04
C VAL C 755 -36.38 -17.50 50.78
N THR C 756 -35.65 -17.20 49.71
CA THR C 756 -36.25 -16.70 48.48
C THR C 756 -36.51 -17.86 47.52
N ARG C 757 -36.90 -17.52 46.28
CA ARG C 757 -37.24 -18.54 45.30
C ARG C 757 -36.03 -19.36 44.89
N GLU C 758 -34.87 -18.72 44.74
CA GLU C 758 -33.67 -19.44 44.33
C GLU C 758 -33.22 -20.43 45.40
N GLN C 759 -33.26 -20.02 46.66
CA GLN C 759 -32.91 -20.93 47.74
C GLN C 759 -33.91 -22.08 47.83
N ARG C 760 -35.19 -21.79 47.59
CA ARG C 760 -36.17 -22.87 47.52
C ARG C 760 -35.87 -23.83 46.37
N ARG C 761 -35.43 -23.31 45.23
CA ARG C 761 -35.08 -24.18 44.11
C ARG C 761 -33.89 -25.06 44.44
N HIS C 762 -32.87 -24.51 45.10
CA HIS C 762 -31.73 -25.33 45.52
C HIS C 762 -32.15 -26.39 46.53
N LEU C 763 -32.99 -26.01 47.49
CA LEU C 763 -33.47 -26.96 48.49
C LEU C 763 -34.29 -28.07 47.84
N LEU C 764 -35.13 -27.72 46.87
CA LEU C 764 -35.88 -28.73 46.13
C LEU C 764 -34.95 -29.60 45.29
N GLU C 765 -33.86 -29.04 44.76
CA GLU C 765 -32.91 -29.83 44.00
C GLU C 765 -32.28 -30.91 44.86
N THR C 766 -31.79 -30.53 46.05
CA THR C 766 -31.21 -31.56 46.93
C THR C 766 -32.28 -32.52 47.46
N PHE C 767 -33.50 -32.01 47.69
CA PHE C 767 -34.62 -32.86 48.07
C PHE C 767 -34.85 -33.96 47.03
N PHE C 768 -34.96 -33.57 45.76
CA PHE C 768 -35.18 -34.54 44.69
C PHE C 768 -33.97 -35.47 44.55
N ARG C 769 -32.76 -34.93 44.73
CA ARG C 769 -31.57 -35.77 44.64
C ARG C 769 -31.62 -36.90 45.66
N HIS C 770 -31.91 -36.56 46.92
CA HIS C 770 -32.01 -37.59 47.95
C HIS C 770 -33.17 -38.54 47.69
N LEU C 771 -34.31 -38.01 47.25
CA LEU C 771 -35.48 -38.86 47.00
C LEU C 771 -35.18 -39.89 45.91
N PHE C 772 -34.56 -39.45 44.81
CA PHE C 772 -34.26 -40.37 43.72
C PHE C 772 -33.09 -41.28 44.06
N SER C 773 -32.18 -40.84 44.91
CA SER C 773 -31.14 -41.74 45.39
C SER C 773 -31.73 -42.86 46.24
N GLN C 774 -32.74 -42.53 47.05
CA GLN C 774 -33.37 -43.56 47.88
C GLN C 774 -34.28 -44.47 47.06
N VAL C 775 -34.91 -43.95 46.01
CA VAL C 775 -35.86 -44.76 45.26
C VAL C 775 -35.17 -45.87 44.44
N LEU C 776 -33.88 -45.72 44.15
CA LEU C 776 -33.18 -46.71 43.35
C LEU C 776 -31.83 -47.07 43.96
N SER C 791 -24.92 -33.35 57.02
CA SER C 791 -26.27 -33.76 56.69
C SER C 791 -27.29 -32.74 57.15
N GLN C 792 -26.81 -31.58 57.59
CA GLN C 792 -27.72 -30.52 58.04
C GLN C 792 -28.57 -30.01 56.88
N LYS C 793 -27.94 -29.75 55.74
CA LYS C 793 -28.70 -29.32 54.56
C LYS C 793 -29.64 -30.42 54.08
N VAL C 794 -29.19 -31.68 54.16
CA VAL C 794 -30.04 -32.80 53.75
C VAL C 794 -31.29 -32.87 54.62
N ARG C 795 -31.11 -32.74 55.94
CA ARG C 795 -32.26 -32.79 56.85
C ARG C 795 -33.17 -31.58 56.63
N GLU C 796 -32.59 -30.41 56.40
CA GLU C 796 -33.40 -29.22 56.16
C GLU C 796 -34.22 -29.36 54.89
N ALA C 797 -33.63 -29.91 53.83
CA ALA C 797 -34.36 -30.10 52.58
C ALA C 797 -35.43 -31.18 52.71
N LEU C 798 -35.12 -32.27 53.40
CA LEU C 798 -36.07 -33.37 53.54
C LEU C 798 -37.27 -32.98 54.39
N THR C 799 -37.18 -31.92 55.19
CA THR C 799 -38.27 -31.46 56.04
C THR C 799 -39.13 -30.41 55.36
N CYS C 800 -39.19 -30.40 54.02
CA CYS C 800 -39.97 -29.43 53.27
C CYS C 800 -41.09 -30.13 52.52
N GLU C 801 -42.24 -29.47 52.44
CA GLU C 801 -43.41 -29.99 51.75
C GLU C 801 -43.58 -29.26 50.43
N LEU C 802 -43.77 -30.01 49.36
CA LEU C 802 -43.91 -29.45 48.02
C LEU C 802 -45.35 -29.05 47.76
N SER C 803 -45.54 -27.80 47.31
CA SER C 803 -46.86 -27.34 46.92
C SER C 803 -47.26 -27.95 45.58
N ARG C 804 -48.53 -27.80 45.22
CA ARG C 804 -49.02 -28.31 43.95
C ARG C 804 -48.34 -27.60 42.78
N ALA C 805 -48.16 -26.28 42.89
CA ALA C 805 -47.51 -25.53 41.81
C ALA C 805 -46.07 -25.98 41.62
N GLU C 806 -45.34 -26.17 42.72
CA GLU C 806 -43.96 -26.65 42.63
C GLU C 806 -43.90 -28.05 42.05
N PHE C 807 -44.83 -28.92 42.45
CA PHE C 807 -44.89 -30.28 41.91
C PHE C 807 -45.13 -30.27 40.41
N ALA C 808 -46.08 -29.43 39.96
CA ALA C 808 -46.37 -29.34 38.53
C ALA C 808 -45.18 -28.77 37.76
N GLU C 809 -44.53 -27.74 38.31
CA GLU C 809 -43.38 -27.14 37.63
C GLU C 809 -42.22 -28.12 37.52
N SER C 810 -41.96 -28.88 38.59
CA SER C 810 -40.90 -29.89 38.54
C SER C 810 -41.28 -31.03 37.59
N LEU C 811 -42.57 -31.31 37.45
CA LEU C 811 -43.01 -32.28 36.45
C LEU C 811 -42.95 -31.73 35.03
N GLY C 812 -42.77 -30.42 34.86
CA GLY C 812 -42.81 -29.84 33.54
C GLY C 812 -44.19 -29.72 32.94
N LEU C 813 -45.23 -29.74 33.77
CA LEU C 813 -46.60 -29.64 33.32
C LEU C 813 -47.30 -28.47 33.99
N LYS C 814 -48.44 -28.09 33.42
CA LYS C 814 -49.22 -26.99 33.94
C LYS C 814 -49.86 -27.38 35.28
N PRO C 815 -50.09 -26.40 36.16
CA PRO C 815 -50.77 -26.72 37.43
C PRO C 815 -52.14 -27.33 37.25
N GLN C 816 -52.88 -26.90 36.23
CA GLN C 816 -54.21 -27.44 35.95
C GLN C 816 -54.12 -28.49 34.85
N ASP C 817 -53.48 -29.61 35.20
CA ASP C 817 -53.34 -30.74 34.30
C ASP C 817 -53.82 -32.00 34.98
N MET C 818 -54.39 -32.91 34.18
CA MET C 818 -55.02 -34.10 34.75
C MET C 818 -54.00 -34.98 35.48
N PHE C 819 -52.83 -35.20 34.88
CA PHE C 819 -51.83 -36.06 35.52
C PHE C 819 -51.35 -35.46 36.83
N VAL C 820 -51.05 -34.16 36.84
CA VAL C 820 -50.51 -33.54 38.05
C VAL C 820 -51.55 -33.53 39.16
N GLU C 821 -52.80 -33.22 38.83
CA GLU C 821 -53.84 -33.22 39.86
C GLU C 821 -54.10 -34.62 40.39
N SER C 822 -54.17 -35.61 39.49
CA SER C 822 -54.42 -36.98 39.92
C SER C 822 -53.30 -37.47 40.82
N MET C 823 -52.03 -37.29 40.40
CA MET C 823 -50.92 -37.80 41.19
C MET C 823 -50.77 -37.03 42.50
N PHE C 824 -51.03 -35.73 42.50
CA PHE C 824 -50.92 -34.95 43.73
C PHE C 824 -51.99 -35.33 44.73
N SER C 825 -53.24 -35.50 44.28
CA SER C 825 -54.31 -35.90 45.19
C SER C 825 -54.12 -37.32 45.67
N LEU C 826 -53.64 -38.22 44.80
CA LEU C 826 -53.45 -39.61 45.19
C LEU C 826 -52.27 -39.75 46.15
N ALA C 827 -51.21 -38.97 45.94
CA ALA C 827 -50.03 -39.05 46.79
C ALA C 827 -50.18 -38.31 48.10
N ASP C 828 -51.15 -37.40 48.21
CA ASP C 828 -51.36 -36.62 49.43
C ASP C 828 -52.16 -37.48 50.40
N LYS C 829 -51.44 -38.21 51.26
CA LYS C 829 -52.12 -39.10 52.21
C LYS C 829 -52.95 -38.33 53.22
N ASP C 830 -52.36 -37.29 53.81
CA ASP C 830 -53.09 -36.49 54.81
C ASP C 830 -53.98 -35.43 54.17
N GLY C 831 -53.79 -35.13 52.89
CA GLY C 831 -54.64 -34.17 52.21
C GLY C 831 -54.56 -32.77 52.77
N ASN C 832 -53.36 -32.30 53.09
CA ASN C 832 -53.16 -30.97 53.64
C ASN C 832 -52.85 -29.92 52.58
N GLY C 833 -52.89 -30.31 51.31
CA GLY C 833 -52.56 -29.41 50.22
C GLY C 833 -51.09 -29.32 49.88
N TYR C 834 -50.23 -30.00 50.63
CA TYR C 834 -48.81 -30.03 50.38
C TYR C 834 -48.31 -31.47 50.43
N LEU C 835 -47.29 -31.76 49.63
CA LEU C 835 -46.74 -33.11 49.52
C LEU C 835 -45.40 -33.16 50.22
N SER C 836 -45.26 -34.07 51.19
CA SER C 836 -44.07 -34.18 52.01
C SER C 836 -43.12 -35.25 51.44
N PHE C 837 -41.97 -35.39 52.09
CA PHE C 837 -40.98 -36.37 51.63
C PHE C 837 -41.49 -37.80 51.78
N ARG C 838 -42.18 -38.09 52.88
CA ARG C 838 -42.59 -39.46 53.17
C ARG C 838 -43.57 -39.97 52.12
N GLU C 839 -44.60 -39.17 51.80
CA GLU C 839 -45.60 -39.59 50.82
C GLU C 839 -44.97 -39.79 49.45
N PHE C 840 -44.09 -38.87 49.04
CA PHE C 840 -43.42 -38.99 47.76
C PHE C 840 -42.55 -40.25 47.71
N LEU C 841 -41.81 -40.53 48.79
CA LEU C 841 -40.98 -41.72 48.83
C LEU C 841 -41.83 -42.99 48.75
N ASP C 842 -42.94 -43.03 49.48
CA ASP C 842 -43.80 -44.21 49.46
C ASP C 842 -44.40 -44.44 48.09
N ILE C 843 -44.91 -43.37 47.46
CA ILE C 843 -45.52 -43.56 46.15
C ILE C 843 -44.47 -43.92 45.11
N LEU C 844 -43.25 -43.38 45.23
CA LEU C 844 -42.20 -43.70 44.26
C LEU C 844 -41.73 -45.15 44.41
N VAL C 845 -41.60 -45.64 45.65
CA VAL C 845 -41.21 -47.03 45.82
C VAL C 845 -42.34 -47.96 45.39
N VAL C 846 -43.60 -47.51 45.53
CA VAL C 846 -44.71 -48.28 44.96
C VAL C 846 -44.60 -48.35 43.45
N PHE C 847 -44.27 -47.21 42.81
CA PHE C 847 -44.12 -47.19 41.36
C PHE C 847 -42.98 -48.09 40.89
N MET C 848 -41.86 -48.08 41.60
CA MET C 848 -40.68 -48.79 41.12
C MET C 848 -40.71 -50.26 41.48
N LYS C 849 -40.90 -50.59 42.75
CA LYS C 849 -40.80 -51.96 43.23
C LYS C 849 -42.16 -52.64 43.45
N GLY C 850 -43.26 -51.94 43.18
CA GLY C 850 -44.56 -52.53 43.41
C GLY C 850 -44.84 -53.70 42.50
N SER C 851 -45.62 -54.65 43.01
CA SER C 851 -46.04 -55.80 42.22
C SER C 851 -47.03 -55.35 41.15
N PRO C 852 -47.16 -56.12 40.07
CA PRO C 852 -48.11 -55.73 39.01
C PRO C 852 -49.53 -55.54 39.51
N GLU C 853 -49.96 -56.37 40.46
CA GLU C 853 -51.26 -56.14 41.09
C GLU C 853 -51.28 -54.82 41.85
N GLU C 854 -50.20 -54.52 42.57
CA GLU C 854 -50.12 -53.25 43.29
C GLU C 854 -50.04 -52.07 42.34
N LYS C 855 -49.33 -52.22 41.21
CA LYS C 855 -49.31 -51.16 40.22
C LYS C 855 -50.70 -50.92 39.63
N SER C 856 -51.43 -52.00 39.34
CA SER C 856 -52.79 -51.84 38.85
C SER C 856 -53.68 -51.17 39.89
N ARG C 857 -53.49 -51.52 41.17
CA ARG C 857 -54.26 -50.87 42.23
C ARG C 857 -53.95 -49.38 42.30
N LEU C 858 -52.66 -49.02 42.18
CA LEU C 858 -52.28 -47.61 42.20
C LEU C 858 -52.89 -46.87 41.01
N MET C 859 -52.86 -47.48 39.82
CA MET C 859 -53.46 -46.86 38.65
C MET C 859 -54.97 -46.69 38.83
N PHE C 860 -55.63 -47.69 39.39
CA PHE C 860 -57.06 -47.59 39.64
C PHE C 860 -57.37 -46.47 40.63
N ARG C 861 -56.55 -46.34 41.68
CA ARG C 861 -56.75 -45.28 42.65
C ARG C 861 -56.51 -43.90 42.04
N MET C 862 -55.56 -43.80 41.11
CA MET C 862 -55.28 -42.52 40.47
C MET C 862 -56.33 -42.17 39.42
N TYR C 863 -56.96 -43.17 38.81
CA TYR C 863 -57.86 -42.92 37.69
C TYR C 863 -59.20 -42.35 38.12
N ASP C 864 -59.75 -42.81 39.24
CA ASP C 864 -61.09 -42.43 39.66
C ASP C 864 -61.05 -41.14 40.46
N PHE C 865 -61.79 -40.13 39.99
CA PHE C 865 -61.86 -38.86 40.70
C PHE C 865 -62.59 -39.02 42.03
N ASP C 866 -63.78 -39.65 42.01
CA ASP C 866 -64.54 -39.81 43.24
C ASP C 866 -63.93 -40.86 44.16
N GLY C 867 -63.27 -41.87 43.60
CA GLY C 867 -62.67 -42.92 44.40
C GLY C 867 -63.66 -43.76 45.16
N ASN C 868 -64.75 -44.16 44.51
CA ASN C 868 -65.78 -44.98 45.15
C ASN C 868 -65.59 -46.47 44.87
N GLY C 869 -64.41 -46.88 44.40
CA GLY C 869 -64.14 -48.27 44.12
C GLY C 869 -64.57 -48.76 42.76
N LEU C 870 -65.13 -47.89 41.92
CA LEU C 870 -65.54 -48.27 40.57
C LEU C 870 -65.30 -47.09 39.64
N ILE C 871 -65.16 -47.41 38.35
CA ILE C 871 -64.90 -46.41 37.31
C ILE C 871 -66.14 -46.29 36.46
N SER C 872 -66.71 -45.09 36.41
CA SER C 872 -67.87 -44.83 35.57
C SER C 872 -67.47 -44.75 34.11
N LYS C 873 -68.43 -45.02 33.22
CA LYS C 873 -68.17 -44.89 31.79
C LYS C 873 -67.79 -43.47 31.43
N ASP C 874 -68.52 -42.49 31.96
CA ASP C 874 -68.13 -41.09 31.78
C ASP C 874 -66.79 -40.82 32.45
N GLU C 875 -66.57 -41.37 33.64
CA GLU C 875 -65.29 -41.19 34.33
C GLU C 875 -64.16 -41.89 33.60
N PHE C 876 -64.41 -43.09 33.06
CA PHE C 876 -63.39 -43.78 32.28
C PHE C 876 -63.05 -43.01 31.02
N ILE C 877 -64.07 -42.44 30.36
CA ILE C 877 -63.82 -41.62 29.18
C ILE C 877 -63.04 -40.37 29.55
N ARG C 878 -63.32 -39.80 30.72
CA ARG C 878 -62.56 -38.66 31.21
C ARG C 878 -61.10 -39.02 31.42
N MET C 879 -60.84 -40.19 32.01
CA MET C 879 -59.46 -40.65 32.18
C MET C 879 -58.78 -40.86 30.83
N LEU C 880 -59.51 -41.44 29.87
CA LEU C 880 -58.96 -41.64 28.53
C LEU C 880 -58.60 -40.32 27.87
N ARG C 881 -59.49 -39.32 27.99
CA ARG C 881 -59.19 -38.00 27.44
C ARG C 881 -58.04 -37.34 28.19
N SER C 882 -57.89 -37.63 29.48
CA SER C 882 -56.72 -37.17 30.22
C SER C 882 -55.45 -37.76 29.62
N PHE C 883 -55.48 -39.05 29.28
CA PHE C 883 -54.37 -39.62 28.52
C PHE C 883 -54.27 -39.03 27.12
N ILE C 884 -55.39 -38.55 26.58
CA ILE C 884 -55.44 -37.93 25.25
C ILE C 884 -54.90 -38.87 24.17
N LYS C 893 -66.17 -36.25 21.54
CA LYS C 893 -66.95 -36.84 22.61
C LYS C 893 -67.45 -38.23 22.22
N ALA C 894 -67.99 -38.34 21.01
CA ALA C 894 -68.49 -39.62 20.53
C ALA C 894 -67.37 -40.63 20.35
N GLN C 895 -66.20 -40.17 19.89
CA GLN C 895 -65.08 -41.08 19.68
C GLN C 895 -64.62 -41.70 20.99
N LEU C 896 -64.53 -40.89 22.05
CA LEU C 896 -64.12 -41.41 23.35
C LEU C 896 -65.14 -42.41 23.89
N ALA C 897 -66.44 -42.11 23.73
CA ALA C 897 -67.48 -43.03 24.18
C ALA C 897 -67.42 -44.35 23.41
N GLU C 898 -67.19 -44.28 22.10
CA GLU C 898 -67.08 -45.49 21.30
C GLU C 898 -65.86 -46.32 21.70
N VAL C 899 -64.74 -45.64 21.98
CA VAL C 899 -63.54 -46.33 22.42
C VAL C 899 -63.77 -47.02 23.76
N VAL C 900 -64.44 -46.32 24.68
CA VAL C 900 -64.72 -46.90 26.00
C VAL C 900 -65.69 -48.06 25.88
N GLU C 901 -66.64 -48.01 24.95
CA GLU C 901 -67.61 -49.08 24.80
C GLU C 901 -66.95 -50.39 24.39
N SER C 902 -65.80 -50.33 23.73
CA SER C 902 -65.09 -51.53 23.32
C SER C 902 -63.64 -51.49 23.78
N GLU C 914 -70.42 -51.21 35.55
CA GLU C 914 -69.14 -50.50 35.63
C GLU C 914 -67.98 -51.49 35.53
N LEU C 915 -66.76 -50.97 35.65
CA LEU C 915 -65.55 -51.77 35.61
C LEU C 915 -64.85 -51.62 36.95
N THR C 916 -64.92 -52.65 37.79
CA THR C 916 -64.35 -52.61 39.13
C THR C 916 -62.85 -52.86 39.06
N TRP C 917 -62.25 -53.11 40.23
CA TRP C 917 -60.81 -53.36 40.30
C TRP C 917 -60.41 -54.54 39.43
N GLU C 918 -61.10 -55.67 39.59
CA GLU C 918 -60.77 -56.87 38.82
C GLU C 918 -61.04 -56.65 37.34
N ASP C 919 -62.14 -55.99 37.00
CA ASP C 919 -62.45 -55.71 35.60
C ASP C 919 -61.40 -54.80 34.98
N PHE C 920 -61.00 -53.74 35.69
CA PHE C 920 -59.99 -52.84 35.16
C PHE C 920 -58.66 -53.55 34.98
N HIS C 921 -58.29 -54.41 35.93
CA HIS C 921 -57.06 -55.19 35.77
C HIS C 921 -57.14 -56.13 34.58
N PHE C 922 -58.31 -56.74 34.37
CA PHE C 922 -58.49 -57.64 33.23
C PHE C 922 -58.40 -56.88 31.91
N MET C 923 -58.91 -55.65 31.86
CA MET C 923 -58.84 -54.86 30.63
C MET C 923 -57.40 -54.55 30.24
N LEU C 924 -56.49 -54.55 31.20
CA LEU C 924 -55.08 -54.29 30.93
C LEU C 924 -54.46 -55.38 30.06
N LEU C 1012 -35.79 -55.94 12.30
CA LEU C 1012 -36.47 -54.91 13.08
C LEU C 1012 -35.47 -53.84 13.52
N LEU C 1013 -35.99 -52.65 13.84
CA LEU C 1013 -35.13 -51.57 14.29
C LEU C 1013 -34.44 -51.93 15.61
N PHE C 1014 -33.13 -51.69 15.67
CA PHE C 1014 -32.36 -51.92 16.89
C PHE C 1014 -32.18 -50.59 17.60
N THR C 1015 -33.25 -50.16 18.26
CA THR C 1015 -33.25 -48.93 19.04
C THR C 1015 -33.07 -49.31 20.51
N GLU C 1016 -31.85 -49.19 21.02
CA GLU C 1016 -31.54 -49.55 22.39
C GLU C 1016 -30.36 -48.71 22.84
N ALA C 1017 -30.61 -47.75 23.72
CA ALA C 1017 -29.58 -46.84 24.19
C ALA C 1017 -28.51 -47.59 25.00
N HIS C 1018 -27.30 -47.06 24.98
CA HIS C 1018 -26.19 -47.67 25.71
C HIS C 1018 -26.32 -47.39 27.20
N ARG C 1019 -25.66 -48.23 27.99
CA ARG C 1019 -25.63 -48.06 29.43
C ARG C 1019 -24.53 -47.06 29.82
N GLU C 1020 -24.47 -46.74 31.11
CA GLU C 1020 -23.47 -45.82 31.64
C GLU C 1020 -22.47 -46.60 32.49
N LYS C 1021 -21.21 -46.54 32.12
CA LYS C 1021 -20.16 -47.25 32.84
C LYS C 1021 -19.56 -46.38 33.93
N PHE C 1022 -18.95 -47.04 34.91
CA PHE C 1022 -18.31 -46.34 36.02
C PHE C 1022 -17.03 -45.66 35.56
N GLN C 1023 -16.69 -44.56 36.20
CA GLN C 1023 -15.49 -43.79 35.88
C GLN C 1023 -14.84 -43.31 37.17
N ARG C 1024 -13.59 -42.88 37.05
CA ARG C 1024 -12.87 -42.35 38.20
C ARG C 1024 -13.56 -41.09 38.71
N SER C 1025 -13.72 -41.00 40.03
CA SER C 1025 -14.44 -39.88 40.62
C SER C 1025 -13.71 -38.56 40.47
N CYS C 1026 -12.39 -38.58 40.28
CA CYS C 1026 -11.62 -37.34 40.18
C CYS C 1026 -10.70 -37.26 38.97
N LEU C 1027 -10.55 -38.33 38.19
CA LEU C 1027 -9.66 -38.34 37.04
C LEU C 1027 -10.40 -38.49 35.72
N HIS C 1028 -11.19 -39.56 35.57
CA HIS C 1028 -11.84 -39.82 34.30
C HIS C 1028 -12.90 -38.76 33.98
N GLN C 1029 -13.64 -38.31 35.00
CA GLN C 1029 -14.67 -37.31 34.76
C GLN C 1029 -14.07 -35.99 34.28
N THR C 1030 -12.94 -35.59 34.85
CA THR C 1030 -12.31 -34.32 34.47
C THR C 1030 -11.86 -34.34 33.02
N VAL C 1031 -11.14 -35.40 32.61
CA VAL C 1031 -10.66 -35.47 31.24
C VAL C 1031 -11.83 -35.64 30.27
N GLN C 1032 -12.87 -36.37 30.68
CA GLN C 1032 -14.03 -36.52 29.81
C GLN C 1032 -14.74 -35.19 29.61
N GLN C 1033 -14.89 -34.40 30.68
CA GLN C 1033 -15.49 -33.08 30.55
C GLN C 1033 -14.64 -32.16 29.70
N PHE C 1034 -13.31 -32.24 29.84
CA PHE C 1034 -12.40 -31.45 29.01
C PHE C 1034 -12.58 -31.80 27.54
N LYS C 1035 -12.62 -33.10 27.22
CA LYS C 1035 -12.82 -33.54 25.85
C LYS C 1035 -14.18 -33.09 25.31
N ARG C 1036 -15.22 -33.18 26.14
CA ARG C 1036 -16.55 -32.74 25.72
C ARG C 1036 -16.56 -31.25 25.40
N PHE C 1037 -15.94 -30.44 26.28
CA PHE C 1037 -15.91 -29.00 26.05
C PHE C 1037 -15.16 -28.67 24.76
N ILE C 1038 -14.01 -29.31 24.54
CA ILE C 1038 -13.26 -29.00 23.32
C ILE C 1038 -14.03 -29.47 22.08
N GLU C 1039 -14.60 -30.68 22.12
CA GLU C 1039 -15.33 -31.19 20.97
C GLU C 1039 -16.55 -30.34 20.66
N ASN C 1040 -17.13 -29.69 21.67
CA ASN C 1040 -18.30 -28.85 21.43
C ASN C 1040 -17.91 -27.45 20.97
N TYR C 1041 -16.82 -26.89 21.50
CA TYR C 1041 -16.47 -25.49 21.23
C TYR C 1041 -15.12 -25.34 20.55
N ARG C 1042 -14.72 -26.31 19.72
CA ARG C 1042 -13.48 -26.16 18.97
C ARG C 1042 -13.54 -24.97 18.03
N ARG C 1043 -14.69 -24.73 17.39
CA ARG C 1043 -14.81 -23.56 16.52
C ARG C 1043 -14.64 -22.27 17.31
N HIS C 1044 -15.28 -22.18 18.48
CA HIS C 1044 -15.13 -20.99 19.32
C HIS C 1044 -13.69 -20.81 19.76
N ILE C 1045 -13.04 -21.90 20.17
CA ILE C 1045 -11.65 -21.83 20.61
C ILE C 1045 -10.75 -21.34 19.48
N GLY C 1046 -10.96 -21.88 18.27
CA GLY C 1046 -10.14 -21.46 17.14
C GLY C 1046 -10.34 -20.00 16.78
N CYS C 1047 -11.60 -19.55 16.74
CA CYS C 1047 -11.86 -18.16 16.41
C CYS C 1047 -11.29 -17.22 17.46
N VAL C 1048 -11.50 -17.53 18.74
CA VAL C 1048 -10.95 -16.70 19.81
C VAL C 1048 -9.43 -16.70 19.76
N ALA C 1049 -8.82 -17.85 19.50
CA ALA C 1049 -7.38 -17.94 19.41
C ALA C 1049 -6.84 -17.08 18.27
N VAL C 1050 -7.50 -17.12 17.10
CA VAL C 1050 -7.05 -16.30 15.98
C VAL C 1050 -7.18 -14.82 16.29
N PHE C 1051 -8.32 -14.42 16.88
CA PHE C 1051 -8.55 -13.01 17.20
C PHE C 1051 -7.52 -12.51 18.21
N TYR C 1052 -7.35 -13.23 19.32
CA TYR C 1052 -6.37 -12.83 20.32
C TYR C 1052 -4.94 -12.93 19.79
N ALA C 1053 -4.69 -13.83 18.85
CA ALA C 1053 -3.37 -13.93 18.24
C ALA C 1053 -3.07 -12.69 17.40
N ILE C 1054 -4.06 -12.21 16.65
CA ILE C 1054 -3.85 -10.97 15.88
C ILE C 1054 -3.63 -9.79 16.82
N ALA C 1055 -4.44 -9.70 17.88
CA ALA C 1055 -4.28 -8.61 18.84
C ALA C 1055 -2.92 -8.64 19.50
N GLY C 1056 -2.50 -9.83 19.96
CA GLY C 1056 -1.19 -9.97 20.57
C GLY C 1056 -0.05 -9.74 19.61
N GLY C 1057 -0.25 -10.10 18.33
CA GLY C 1057 0.78 -9.83 17.34
C GLY C 1057 0.98 -8.34 17.12
N LEU C 1058 -0.11 -7.57 17.05
CA LEU C 1058 0.03 -6.12 16.96
C LEU C 1058 0.69 -5.55 18.22
N PHE C 1059 0.27 -6.03 19.39
CA PHE C 1059 0.88 -5.58 20.64
C PHE C 1059 2.38 -5.87 20.65
N LEU C 1060 2.76 -7.07 20.23
CA LEU C 1060 4.17 -7.46 20.22
C LEU C 1060 4.94 -6.69 19.17
N GLU C 1061 4.34 -6.37 18.04
CA GLU C 1061 5.03 -5.57 17.03
C GLU C 1061 5.36 -4.19 17.58
N ARG C 1062 4.38 -3.53 18.21
CA ARG C 1062 4.65 -2.22 18.78
C ARG C 1062 5.66 -2.31 19.93
N ALA C 1063 5.53 -3.34 20.78
CA ALA C 1063 6.45 -3.50 21.89
C ALA C 1063 7.87 -3.74 21.40
N TYR C 1064 8.03 -4.57 20.37
CA TYR C 1064 9.36 -4.79 19.79
C TYR C 1064 9.92 -3.51 19.19
N TYR C 1065 9.08 -2.75 18.47
CA TYR C 1065 9.58 -1.52 17.88
C TYR C 1065 10.07 -0.56 18.94
N TYR C 1066 9.35 -0.45 20.05
CA TYR C 1066 9.75 0.49 21.08
C TYR C 1066 10.77 -0.08 22.07
N ALA C 1067 11.04 -1.38 22.03
CA ALA C 1067 12.04 -1.96 22.93
C ALA C 1067 13.36 -2.27 22.23
N PHE C 1068 13.38 -2.37 20.91
CA PHE C 1068 14.60 -2.75 20.21
C PHE C 1068 14.94 -1.82 19.05
N ALA C 1069 13.93 -1.18 18.45
CA ALA C 1069 14.11 -0.42 17.22
C ALA C 1069 13.72 1.05 17.36
N ALA C 1070 13.75 1.60 18.57
CA ALA C 1070 13.40 2.99 18.79
C ALA C 1070 14.46 3.72 19.60
N HIS C 1071 15.71 3.27 19.51
CA HIS C 1071 16.78 3.89 20.29
C HIS C 1071 17.17 5.25 19.73
N HIS C 1072 17.02 5.45 18.42
CA HIS C 1072 17.38 6.72 17.81
C HIS C 1072 16.51 7.87 18.27
N THR C 1073 15.31 7.59 18.77
CA THR C 1073 14.43 8.63 19.28
C THR C 1073 14.65 8.93 20.76
N GLY C 1074 15.22 7.99 21.50
CA GLY C 1074 15.44 8.19 22.92
C GLY C 1074 14.17 8.22 23.76
N ILE C 1075 13.09 7.65 23.25
CA ILE C 1075 11.82 7.66 23.99
C ILE C 1075 11.92 6.79 25.23
N THR C 1076 12.67 5.69 25.15
CA THR C 1076 12.76 4.76 26.28
C THR C 1076 13.70 5.25 27.38
N ASP C 1077 14.54 6.25 27.09
CA ASP C 1077 15.39 6.81 28.13
C ASP C 1077 14.58 7.54 29.20
N THR C 1078 13.36 7.96 28.88
CA THR C 1078 12.47 8.62 29.83
C THR C 1078 11.37 7.70 30.31
N THR C 1079 10.66 7.05 29.38
CA THR C 1079 9.63 6.07 29.72
C THR C 1079 9.92 4.79 28.96
N ARG C 1080 10.23 3.72 29.69
CA ARG C 1080 10.51 2.42 29.09
C ARG C 1080 9.34 1.45 29.19
N VAL C 1081 8.63 1.45 30.31
CA VAL C 1081 7.48 0.59 30.48
C VAL C 1081 6.19 1.27 30.02
N GLY C 1082 6.07 2.56 30.30
CA GLY C 1082 4.84 3.27 29.95
C GLY C 1082 4.61 3.35 28.45
N ILE C 1083 5.65 3.67 27.68
CA ILE C 1083 5.47 3.87 26.24
C ILE C 1083 5.17 2.53 25.55
N ILE C 1084 5.83 1.46 25.98
CA ILE C 1084 5.58 0.14 25.38
C ILE C 1084 4.14 -0.28 25.62
N LEU C 1085 3.69 -0.19 26.88
CA LEU C 1085 2.33 -0.55 27.20
C LEU C 1085 1.34 0.31 26.43
N SER C 1086 1.57 1.62 26.40
CA SER C 1086 0.65 2.53 25.73
C SER C 1086 0.55 2.21 24.24
N ARG C 1087 1.69 2.03 23.57
CA ARG C 1087 1.66 1.82 22.13
C ARG C 1087 1.10 0.45 21.76
N GLY C 1088 1.51 -0.61 22.46
CA GLY C 1088 0.97 -1.92 22.15
C GLY C 1088 -0.52 -2.01 22.42
N THR C 1089 -0.96 -1.47 23.56
CA THR C 1089 -2.39 -1.44 23.85
C THR C 1089 -3.13 -0.55 22.87
N ALA C 1090 -2.49 0.51 22.36
CA ALA C 1090 -3.12 1.35 21.36
C ALA C 1090 -3.37 0.57 20.07
N ALA C 1091 -2.37 -0.18 19.62
CA ALA C 1091 -2.54 -0.97 18.40
C ALA C 1091 -3.63 -2.03 18.58
N SER C 1092 -3.56 -2.78 19.68
CA SER C 1092 -4.56 -3.81 19.93
C SER C 1092 -5.95 -3.22 20.08
N ILE C 1093 -6.05 -2.07 20.77
CA ILE C 1093 -7.32 -1.41 20.99
C ILE C 1093 -7.91 -0.91 19.67
N SER C 1094 -7.07 -0.32 18.82
CA SER C 1094 -7.56 0.12 17.52
C SER C 1094 -8.10 -1.06 16.72
N PHE C 1095 -7.34 -2.16 16.67
CA PHE C 1095 -7.80 -3.33 15.91
C PHE C 1095 -9.11 -3.86 16.46
N MET C 1096 -9.22 -4.00 17.79
CA MET C 1096 -10.39 -4.64 18.37
C MET C 1096 -11.62 -3.75 18.30
N PHE C 1097 -11.47 -2.45 18.57
CA PHE C 1097 -12.60 -1.54 18.44
C PHE C 1097 -13.04 -1.41 16.98
N SER C 1098 -12.10 -1.53 16.04
CA SER C 1098 -12.49 -1.50 14.63
C SER C 1098 -13.26 -2.76 14.24
N TYR C 1099 -12.77 -3.93 14.62
CA TYR C 1099 -13.33 -5.19 14.16
C TYR C 1099 -14.44 -5.72 15.06
N ILE C 1100 -14.80 -5.01 16.13
CA ILE C 1100 -15.97 -5.40 16.91
C ILE C 1100 -17.26 -5.16 16.11
N LEU C 1101 -17.20 -4.33 15.08
CA LEU C 1101 -18.38 -4.07 14.26
C LEU C 1101 -18.79 -5.29 13.45
N LEU C 1102 -17.83 -6.16 13.11
CA LEU C 1102 -18.16 -7.35 12.33
C LEU C 1102 -19.08 -8.30 13.07
N THR C 1103 -19.07 -8.25 14.41
CA THR C 1103 -19.96 -9.09 15.19
C THR C 1103 -21.42 -8.63 15.14
N MET C 1104 -21.68 -7.42 14.64
CA MET C 1104 -23.02 -6.88 14.56
C MET C 1104 -23.53 -6.76 13.13
N CYS C 1105 -22.83 -7.37 12.17
CA CYS C 1105 -23.30 -7.42 10.78
C CYS C 1105 -24.34 -8.53 10.69
N ARG C 1106 -25.59 -8.18 11.02
CA ARG C 1106 -26.65 -9.20 11.11
C ARG C 1106 -26.88 -9.89 9.76
N ASN C 1107 -26.92 -9.11 8.68
CA ASN C 1107 -27.21 -9.70 7.37
C ASN C 1107 -26.06 -10.57 6.88
N LEU C 1108 -24.81 -10.10 7.04
CA LEU C 1108 -23.67 -10.90 6.63
C LEU C 1108 -23.56 -12.19 7.45
N ILE C 1109 -23.80 -12.09 8.76
CA ILE C 1109 -23.79 -13.28 9.61
C ILE C 1109 -24.89 -14.24 9.20
N THR C 1110 -26.07 -13.71 8.88
CA THR C 1110 -27.17 -14.56 8.42
C THR C 1110 -26.81 -15.27 7.11
N PHE C 1111 -26.18 -14.55 6.17
CA PHE C 1111 -25.79 -15.16 4.92
C PHE C 1111 -24.73 -16.24 5.13
N LEU C 1112 -23.76 -15.98 6.00
CA LEU C 1112 -22.69 -16.94 6.27
C LEU C 1112 -23.11 -18.04 7.23
N ARG C 1113 -24.31 -17.97 7.81
CA ARG C 1113 -24.73 -18.96 8.79
C ARG C 1113 -24.92 -20.34 8.16
N GLU C 1114 -25.42 -20.40 6.94
CA GLU C 1114 -25.71 -21.67 6.29
C GLU C 1114 -24.58 -22.18 5.41
N THR C 1115 -23.54 -21.38 5.18
CA THR C 1115 -22.45 -21.80 4.30
C THR C 1115 -21.55 -22.78 5.04
N PHE C 1116 -20.54 -23.29 4.33
CA PHE C 1116 -19.58 -24.21 4.93
C PHE C 1116 -18.76 -23.56 6.04
N LEU C 1117 -18.62 -22.23 6.01
CA LEU C 1117 -17.84 -21.52 7.02
C LEU C 1117 -18.39 -21.74 8.42
N ASN C 1118 -19.67 -22.11 8.55
CA ASN C 1118 -20.22 -22.40 9.86
C ASN C 1118 -19.58 -23.60 10.52
N ARG C 1119 -18.97 -24.49 9.75
CA ARG C 1119 -18.23 -25.61 10.35
C ARG C 1119 -16.89 -25.16 10.92
N TYR C 1120 -16.45 -23.94 10.64
CA TYR C 1120 -15.22 -23.40 11.18
C TYR C 1120 -15.44 -22.20 12.09
N VAL C 1121 -16.50 -21.42 11.85
CA VAL C 1121 -16.78 -20.21 12.60
C VAL C 1121 -18.18 -20.33 13.21
N PRO C 1122 -18.32 -20.24 14.54
CA PRO C 1122 -19.65 -20.31 15.15
C PRO C 1122 -20.37 -18.96 15.11
N PHE C 1123 -21.03 -18.68 13.99
CA PHE C 1123 -21.66 -17.37 13.81
C PHE C 1123 -22.76 -17.10 14.84
N ASP C 1124 -23.45 -18.14 15.29
CA ASP C 1124 -24.54 -17.94 16.25
C ASP C 1124 -24.05 -17.37 17.58
N ALA C 1125 -22.76 -17.52 17.89
CA ALA C 1125 -22.19 -16.97 19.10
C ALA C 1125 -21.67 -15.56 18.93
N ALA C 1126 -21.87 -14.96 17.76
CA ALA C 1126 -21.28 -13.66 17.45
C ALA C 1126 -21.56 -12.63 18.53
N VAL C 1127 -22.83 -12.49 18.92
CA VAL C 1127 -23.20 -11.53 19.96
C VAL C 1127 -22.39 -11.79 21.22
N ASP C 1128 -22.35 -13.06 21.66
CA ASP C 1128 -21.52 -13.41 22.80
C ASP C 1128 -20.07 -13.02 22.54
N PHE C 1129 -19.54 -13.43 21.39
CA PHE C 1129 -18.18 -13.04 21.02
C PHE C 1129 -18.03 -11.52 21.10
N HIS C 1130 -19.05 -10.79 20.65
CA HIS C 1130 -19.02 -9.34 20.73
C HIS C 1130 -18.71 -8.88 22.14
N ARG C 1131 -19.50 -9.37 23.11
CA ARG C 1131 -19.26 -9.02 24.51
C ARG C 1131 -17.82 -9.34 24.88
N LEU C 1132 -17.36 -10.53 24.52
CA LEU C 1132 -16.00 -10.93 24.82
C LEU C 1132 -15.01 -9.88 24.33
N ILE C 1133 -15.15 -9.47 23.07
CA ILE C 1133 -14.24 -8.46 22.52
C ILE C 1133 -14.28 -7.21 23.39
N ALA C 1134 -15.50 -6.74 23.69
CA ALA C 1134 -15.62 -5.56 24.52
C ALA C 1134 -14.98 -5.79 25.89
N SER C 1135 -15.23 -6.96 26.48
CA SER C 1135 -14.66 -7.25 27.78
C SER C 1135 -13.15 -7.23 27.73
N THR C 1136 -12.56 -7.62 26.59
CA THR C 1136 -11.12 -7.50 26.46
C THR C 1136 -10.72 -6.04 26.28
N ALA C 1137 -11.44 -5.32 25.39
CA ALA C 1137 -10.97 -4.01 24.96
C ALA C 1137 -10.79 -3.08 26.14
N ILE C 1138 -11.83 -2.94 26.97
CA ILE C 1138 -11.75 -2.03 28.10
C ILE C 1138 -10.55 -2.36 28.96
N VAL C 1139 -10.30 -3.65 29.19
CA VAL C 1139 -9.12 -4.06 29.97
C VAL C 1139 -7.87 -3.45 29.36
N LEU C 1140 -7.62 -3.78 28.08
CA LEU C 1140 -6.47 -3.19 27.41
C LEU C 1140 -6.54 -1.68 27.46
N THR C 1141 -7.73 -1.13 27.21
CA THR C 1141 -7.91 0.33 27.27
C THR C 1141 -7.41 0.86 28.59
N VAL C 1142 -7.82 0.24 29.69
CA VAL C 1142 -7.37 0.71 31.00
C VAL C 1142 -5.86 0.69 31.06
N LEU C 1143 -5.25 -0.43 30.68
CA LEU C 1143 -3.79 -0.52 30.64
C LEU C 1143 -3.23 0.64 29.82
N HIS C 1144 -3.79 0.83 28.63
CA HIS C 1144 -3.36 1.93 27.77
C HIS C 1144 -3.36 3.23 28.55
N SER C 1145 -4.51 3.58 29.12
CA SER C 1145 -4.61 4.82 29.88
C SER C 1145 -3.55 4.86 30.96
N VAL C 1146 -3.43 3.76 31.72
CA VAL C 1146 -2.46 3.72 32.81
C VAL C 1146 -1.07 4.03 32.27
N GLY C 1147 -0.70 3.40 31.16
CA GLY C 1147 0.61 3.66 30.58
C GLY C 1147 0.82 5.13 30.32
N HIS C 1148 -0.14 5.76 29.65
CA HIS C 1148 0.02 7.18 29.33
C HIS C 1148 0.08 8.00 30.61
N VAL C 1149 -0.70 7.61 31.62
CA VAL C 1149 -0.60 8.26 32.93
C VAL C 1149 0.85 8.31 33.36
N VAL C 1150 1.50 7.15 33.39
CA VAL C 1150 2.92 7.11 33.76
C VAL C 1150 3.71 8.03 32.85
N ASN C 1151 3.49 7.91 31.54
CA ASN C 1151 4.19 8.77 30.59
C ASN C 1151 4.01 10.23 30.96
N VAL C 1152 2.75 10.63 31.22
CA VAL C 1152 2.49 12.02 31.55
C VAL C 1152 3.34 12.45 32.74
N TYR C 1153 3.34 11.63 33.79
CA TYR C 1153 4.13 11.98 34.97
C TYR C 1153 5.59 12.15 34.61
N LEU C 1154 6.13 11.21 33.82
CA LEU C 1154 7.51 11.35 33.39
C LEU C 1154 7.67 12.59 32.51
N PHE C 1155 6.71 12.83 31.61
CA PHE C 1155 6.76 14.03 30.81
C PHE C 1155 6.61 15.29 31.66
N SER C 1156 6.06 15.15 32.86
CA SER C 1156 5.95 16.27 33.78
C SER C 1156 7.22 16.49 34.59
N ILE C 1157 8.16 15.55 34.59
CA ILE C 1157 9.41 15.69 35.32
C ILE C 1157 10.63 15.64 34.41
N SER C 1158 10.44 15.56 33.10
CA SER C 1158 11.54 15.61 32.16
C SER C 1158 11.84 17.07 31.77
N PRO C 1159 13.09 17.39 31.50
CA PRO C 1159 13.45 18.77 31.15
C PRO C 1159 12.94 19.14 29.77
N LEU C 1160 13.01 20.45 29.48
CA LEU C 1160 12.50 20.95 28.21
C LEU C 1160 13.30 20.41 27.03
N SER C 1161 14.61 20.25 27.19
CA SER C 1161 15.43 19.71 26.12
C SER C 1161 15.02 18.29 25.76
N VAL C 1162 14.77 17.46 26.77
CA VAL C 1162 14.35 16.08 26.53
C VAL C 1162 13.01 16.04 25.82
N LEU C 1163 12.05 16.85 26.27
CA LEU C 1163 10.75 16.88 25.61
C LEU C 1163 10.84 17.40 24.19
N SER C 1164 11.72 18.40 23.96
CA SER C 1164 11.92 18.91 22.61
C SER C 1164 12.48 17.84 21.69
N CYS C 1165 13.42 17.03 22.20
CA CYS C 1165 13.94 15.93 21.40
C CYS C 1165 12.87 14.87 21.16
N LEU C 1166 12.04 14.59 22.17
CA LEU C 1166 11.00 13.57 22.00
C LEU C 1166 9.86 14.08 21.13
N PHE C 1167 9.48 15.34 21.28
CA PHE C 1167 8.36 15.93 20.54
C PHE C 1167 8.85 17.22 19.87
N PRO C 1168 9.58 17.10 18.76
CA PRO C 1168 10.11 18.31 18.10
C PRO C 1168 9.03 19.29 17.66
N GLY C 1169 7.90 18.79 17.19
CA GLY C 1169 6.82 19.66 16.75
C GLY C 1169 5.97 20.22 17.87
N LEU C 1170 6.22 19.82 19.10
CA LEU C 1170 5.44 20.24 20.26
C LEU C 1170 6.19 21.18 21.19
N PHE C 1171 7.50 20.96 21.38
CA PHE C 1171 8.30 21.75 22.28
C PHE C 1171 9.57 22.23 21.58
N HIS C 1172 10.05 23.39 22.01
CA HIS C 1172 11.31 23.96 21.53
C HIS C 1172 12.16 24.34 22.73
N ASP C 1173 13.40 23.89 22.75
CA ASP C 1173 14.31 24.17 23.86
C ASP C 1173 14.83 25.59 23.73
N ASP C 1174 14.20 26.52 24.44
CA ASP C 1174 14.61 27.91 24.47
C ASP C 1174 15.34 28.28 25.76
N GLY C 1175 15.71 27.30 26.57
CA GLY C 1175 16.43 27.53 27.80
C GLY C 1175 15.57 27.71 29.02
N SER C 1176 14.25 27.82 28.87
CA SER C 1176 13.38 27.97 30.04
C SER C 1176 13.46 26.74 30.94
N GLU C 1177 13.69 25.56 30.36
CA GLU C 1177 14.08 24.35 31.09
C GLU C 1177 12.93 23.78 31.92
N PHE C 1178 11.79 24.49 31.96
CA PHE C 1178 10.65 24.04 32.73
C PHE C 1178 9.64 23.38 31.80
N PRO C 1179 9.29 22.11 32.02
CA PRO C 1179 8.34 21.43 31.14
C PRO C 1179 6.92 21.90 31.38
N GLN C 1180 6.02 21.41 30.53
CA GLN C 1180 4.61 21.65 30.72
C GLN C 1180 4.08 20.84 31.90
N LYS C 1181 2.99 21.33 32.48
CA LYS C 1181 2.39 20.66 33.63
C LYS C 1181 1.58 19.45 33.18
N TYR C 1182 1.18 18.64 34.16
CA TYR C 1182 0.39 17.44 33.88
C TYR C 1182 -0.94 17.79 33.25
N TYR C 1183 -1.60 18.85 33.74
CA TYR C 1183 -2.90 19.22 33.21
C TYR C 1183 -2.80 19.75 31.79
N TRP C 1184 -1.63 20.24 31.37
CA TRP C 1184 -1.45 20.58 29.96
C TRP C 1184 -1.53 19.34 29.08
N TRP C 1185 -0.90 18.24 29.52
CA TRP C 1185 -1.00 16.99 28.78
C TRP C 1185 -2.42 16.45 28.82
N PHE C 1186 -3.07 16.49 29.98
CA PHE C 1186 -4.36 15.83 30.14
C PHE C 1186 -5.51 16.61 29.52
N PHE C 1187 -5.44 17.94 29.50
CA PHE C 1187 -6.57 18.77 29.08
C PHE C 1187 -6.24 19.83 28.06
N GLN C 1188 -4.97 20.20 27.88
CA GLN C 1188 -4.57 21.18 26.86
C GLN C 1188 -3.90 20.51 25.67
N THR C 1189 -4.09 19.20 25.52
CA THR C 1189 -3.50 18.42 24.44
C THR C 1189 -4.59 17.54 23.85
N VAL C 1190 -4.65 17.50 22.52
CA VAL C 1190 -5.76 16.80 21.85
C VAL C 1190 -5.84 15.33 22.24
N PRO C 1191 -4.74 14.55 22.20
CA PRO C 1191 -4.84 13.18 22.73
C PRO C 1191 -5.30 13.12 24.18
N GLY C 1192 -4.86 14.03 25.04
CA GLY C 1192 -5.26 13.97 26.44
C GLY C 1192 -6.75 14.18 26.63
N LEU C 1193 -7.29 15.26 26.06
CA LEU C 1193 -8.71 15.55 26.19
C LEU C 1193 -9.56 14.46 25.53
N THR C 1194 -9.16 14.03 24.33
CA THR C 1194 -9.92 12.99 23.66
C THR C 1194 -9.90 11.69 24.46
N GLY C 1195 -8.76 11.36 25.06
CA GLY C 1195 -8.70 10.15 25.88
C GLY C 1195 -9.55 10.25 27.13
N VAL C 1196 -9.59 11.42 27.76
CA VAL C 1196 -10.43 11.58 28.95
C VAL C 1196 -11.91 11.41 28.58
N VAL C 1197 -12.33 12.06 27.49
CA VAL C 1197 -13.73 11.95 27.08
C VAL C 1197 -14.05 10.52 26.63
N LEU C 1198 -13.09 9.86 25.98
CA LEU C 1198 -13.29 8.48 25.57
C LEU C 1198 -13.42 7.56 26.79
N LEU C 1199 -12.63 7.82 27.83
CA LEU C 1199 -12.75 7.04 29.06
C LEU C 1199 -14.12 7.23 29.68
N LEU C 1200 -14.62 8.47 29.72
CA LEU C 1200 -15.95 8.70 30.26
C LEU C 1200 -17.02 7.97 29.45
N ILE C 1201 -16.93 8.05 28.11
CA ILE C 1201 -17.90 7.39 27.25
C ILE C 1201 -17.85 5.88 27.43
N LEU C 1202 -16.64 5.32 27.52
CA LEU C 1202 -16.49 3.88 27.74
C LEU C 1202 -17.08 3.46 29.07
N ALA C 1203 -16.84 4.26 30.13
CA ALA C 1203 -17.43 3.94 31.42
C ALA C 1203 -18.95 3.91 31.33
N ILE C 1204 -19.54 4.92 30.70
CA ILE C 1204 -20.99 4.98 30.58
C ILE C 1204 -21.51 3.76 29.80
N MET C 1205 -20.89 3.48 28.64
CA MET C 1205 -21.36 2.39 27.80
C MET C 1205 -21.24 1.05 28.51
N TYR C 1206 -20.08 0.78 29.12
CA TYR C 1206 -19.86 -0.53 29.74
C TYR C 1206 -20.73 -0.71 30.98
N VAL C 1207 -20.93 0.34 31.77
CA VAL C 1207 -21.78 0.21 32.95
C VAL C 1207 -23.23 0.01 32.55
N PHE C 1208 -23.72 0.78 31.58
CA PHE C 1208 -25.12 0.66 31.20
C PHE C 1208 -25.39 -0.60 30.38
N ALA C 1209 -24.41 -1.09 29.64
CA ALA C 1209 -24.58 -2.29 28.84
C ALA C 1209 -24.38 -3.58 29.63
N SER C 1210 -24.05 -3.48 30.92
CA SER C 1210 -23.84 -4.66 31.73
C SER C 1210 -25.14 -5.44 31.90
N HIS C 1211 -24.99 -6.70 32.31
CA HIS C 1211 -26.15 -7.57 32.47
C HIS C 1211 -27.13 -7.02 33.51
N HIS C 1212 -26.60 -6.52 34.63
CA HIS C 1212 -27.45 -6.00 35.69
C HIS C 1212 -28.34 -4.87 35.20
N PHE C 1213 -27.75 -3.85 34.59
CA PHE C 1213 -28.52 -2.69 34.15
C PHE C 1213 -29.25 -2.94 32.84
N ARG C 1214 -28.87 -3.97 32.08
CA ARG C 1214 -29.71 -4.38 30.96
C ARG C 1214 -30.99 -5.03 31.46
N ARG C 1215 -30.90 -5.79 32.55
CA ARG C 1215 -32.11 -6.26 33.22
C ARG C 1215 -32.91 -5.10 33.80
N ARG C 1216 -32.22 -4.12 34.40
CA ARG C 1216 -32.92 -3.01 35.04
C ARG C 1216 -33.72 -2.19 34.02
N SER C 1217 -33.10 -1.87 32.89
CA SER C 1217 -33.74 -1.00 31.90
C SER C 1217 -33.32 -1.41 30.50
N PHE C 1218 -34.15 -1.05 29.54
CA PHE C 1218 -33.89 -1.28 28.12
C PHE C 1218 -33.62 0.00 27.34
N ARG C 1219 -34.41 1.05 27.58
CA ARG C 1219 -34.21 2.30 26.87
C ARG C 1219 -32.87 2.93 27.22
N GLY C 1220 -32.48 2.88 28.50
CA GLY C 1220 -31.18 3.41 28.88
C GLY C 1220 -30.04 2.65 28.23
N PHE C 1221 -30.18 1.33 28.09
CA PHE C 1221 -29.15 0.52 27.45
C PHE C 1221 -28.85 1.03 26.05
N TRP C 1222 -29.88 1.18 25.21
CA TRP C 1222 -29.66 1.63 23.84
C TRP C 1222 -29.30 3.10 23.78
N LEU C 1223 -29.85 3.93 24.68
CA LEU C 1223 -29.50 5.34 24.71
C LEU C 1223 -28.01 5.53 24.94
N THR C 1224 -27.45 4.79 25.90
CA THR C 1224 -26.02 4.86 26.15
C THR C 1224 -25.22 4.11 25.10
N HIS C 1225 -25.81 3.09 24.49
CA HIS C 1225 -25.07 2.26 23.54
C HIS C 1225 -24.91 2.94 22.18
N HIS C 1226 -25.82 3.83 21.81
CA HIS C 1226 -25.64 4.58 20.57
C HIS C 1226 -24.50 5.59 20.66
N LEU C 1227 -23.78 5.65 21.79
CA LEU C 1227 -22.60 6.48 21.94
C LEU C 1227 -21.39 5.92 21.20
N TYR C 1228 -21.50 4.76 20.54
CA TYR C 1228 -20.36 4.24 19.80
C TYR C 1228 -20.03 5.11 18.60
N ILE C 1229 -21.00 5.86 18.07
CA ILE C 1229 -20.72 6.83 17.03
C ILE C 1229 -19.74 7.88 17.54
N LEU C 1230 -20.05 8.47 18.69
CA LEU C 1230 -19.15 9.45 19.29
C LEU C 1230 -17.83 8.81 19.70
N LEU C 1231 -17.86 7.55 20.14
CA LEU C 1231 -16.63 6.84 20.49
C LEU C 1231 -15.70 6.74 19.28
N TYR C 1232 -16.25 6.34 18.13
CA TYR C 1232 -15.43 6.21 16.93
C TYR C 1232 -14.96 7.57 16.42
N VAL C 1233 -15.83 8.60 16.52
CA VAL C 1233 -15.41 9.94 16.11
C VAL C 1233 -14.25 10.43 16.96
N LEU C 1234 -14.33 10.23 18.29
CA LEU C 1234 -13.26 10.65 19.17
C LEU C 1234 -12.03 9.76 19.05
N LEU C 1235 -12.19 8.52 18.58
CA LEU C 1235 -11.02 7.70 18.29
C LEU C 1235 -10.30 8.19 17.04
N ILE C 1236 -11.06 8.62 16.04
CA ILE C 1236 -10.45 9.22 14.85
C ILE C 1236 -9.73 10.50 15.22
N ILE C 1237 -10.38 11.36 16.01
CA ILE C 1237 -9.77 12.62 16.41
C ILE C 1237 -8.60 12.39 17.35
N HIS C 1238 -8.65 11.32 18.14
CA HIS C 1238 -7.72 11.15 19.25
C HIS C 1238 -6.29 11.00 18.77
N GLY C 1239 -6.04 10.08 17.84
CA GLY C 1239 -4.72 9.87 17.32
C GLY C 1239 -4.33 10.76 16.16
N SER C 1240 -5.20 11.70 15.78
CA SER C 1240 -4.95 12.50 14.60
C SER C 1240 -3.75 13.44 14.78
N PHE C 1241 -3.51 13.92 15.99
CA PHE C 1241 -2.44 14.90 16.20
C PHE C 1241 -1.07 14.34 15.88
N ALA C 1242 -0.91 13.02 15.87
CA ALA C 1242 0.36 12.36 15.60
C ALA C 1242 1.43 12.81 16.59
N LEU C 1243 1.11 12.70 17.88
CA LEU C 1243 2.04 13.12 18.92
C LEU C 1243 3.28 12.23 18.95
N ILE C 1244 3.08 10.92 18.90
CA ILE C 1244 4.18 9.96 18.95
C ILE C 1244 4.38 9.27 17.61
N GLN C 1245 3.30 8.77 17.00
CA GLN C 1245 3.38 8.06 15.74
C GLN C 1245 2.25 8.53 14.83
N LEU C 1246 2.31 8.08 13.58
CA LEU C 1246 1.26 8.38 12.63
C LEU C 1246 -0.04 7.69 13.04
N PRO C 1247 -1.19 8.35 12.86
CA PRO C 1247 -2.47 7.70 13.21
C PRO C 1247 -2.73 6.50 12.32
N ARG C 1248 -2.97 5.35 12.95
CA ARG C 1248 -3.27 4.12 12.23
C ARG C 1248 -4.68 3.63 12.47
N PHE C 1249 -5.47 4.31 13.31
CA PHE C 1249 -6.79 3.81 13.67
C PHE C 1249 -7.73 3.81 12.47
N HIS C 1250 -7.61 4.81 11.59
CA HIS C 1250 -8.47 4.85 10.41
C HIS C 1250 -8.21 3.67 9.49
N ILE C 1251 -6.95 3.22 9.39
CA ILE C 1251 -6.64 2.05 8.57
C ILE C 1251 -7.36 0.82 9.10
N PHE C 1252 -7.31 0.62 10.42
CA PHE C 1252 -8.03 -0.50 11.02
C PHE C 1252 -9.53 -0.36 10.87
N PHE C 1253 -10.04 0.87 10.97
CA PHE C 1253 -11.47 1.13 11.04
C PHE C 1253 -12.13 1.17 9.67
N LEU C 1254 -11.37 1.32 8.59
CA LEU C 1254 -11.94 1.54 7.27
C LEU C 1254 -12.87 0.41 6.81
N VAL C 1255 -12.33 -0.78 6.57
CA VAL C 1255 -13.10 -1.88 6.01
C VAL C 1255 -14.19 -2.36 6.97
N PRO C 1256 -13.96 -2.50 8.29
CA PRO C 1256 -15.06 -2.96 9.15
C PRO C 1256 -16.21 -1.98 9.22
N ALA C 1257 -15.92 -0.67 9.22
CA ALA C 1257 -16.99 0.32 9.21
C ALA C 1257 -17.79 0.26 7.92
N ILE C 1258 -17.10 0.07 6.79
CA ILE C 1258 -17.80 -0.05 5.51
C ILE C 1258 -18.71 -1.28 5.51
N ILE C 1259 -18.21 -2.41 6.00
CA ILE C 1259 -19.02 -3.63 6.04
C ILE C 1259 -20.23 -3.43 6.96
N TYR C 1260 -20.01 -2.82 8.13
CA TYR C 1260 -21.11 -2.60 9.07
C TYR C 1260 -22.15 -1.65 8.48
N GLY C 1261 -21.71 -0.59 7.81
CA GLY C 1261 -22.64 0.33 7.19
C GLY C 1261 -23.43 -0.32 6.07
N GLY C 1262 -22.77 -1.15 5.25
CA GLY C 1262 -23.48 -1.87 4.21
C GLY C 1262 -24.51 -2.82 4.78
N ASP C 1263 -24.15 -3.53 5.86
CA ASP C 1263 -25.11 -4.43 6.49
C ASP C 1263 -26.29 -3.66 7.09
N LYS C 1264 -26.01 -2.50 7.69
CA LYS C 1264 -27.09 -1.68 8.23
C LYS C 1264 -28.02 -1.19 7.12
N LEU C 1265 -27.45 -0.79 5.98
CA LEU C 1265 -28.28 -0.35 4.85
C LEU C 1265 -29.11 -1.51 4.32
N VAL C 1266 -28.53 -2.71 4.25
CA VAL C 1266 -29.29 -3.87 3.80
C VAL C 1266 -30.45 -4.17 4.75
N SER C 1267 -30.20 -4.07 6.05
CA SER C 1267 -31.26 -4.28 7.03
C SER C 1267 -32.35 -3.23 6.89
N LEU C 1268 -31.96 -1.97 6.66
CA LEU C 1268 -32.95 -0.91 6.46
C LEU C 1268 -33.74 -1.12 5.17
N SER C 1269 -33.14 -1.76 4.17
CA SER C 1269 -33.84 -1.98 2.90
C SER C 1269 -35.08 -2.86 3.09
N ARG C 1270 -34.96 -3.90 3.91
CA ARG C 1270 -36.11 -4.75 4.18
C ARG C 1270 -37.17 -3.97 4.95
N LYS C 1271 -38.43 -4.26 4.64
CA LYS C 1271 -39.56 -3.65 5.34
C LYS C 1271 -40.06 -4.63 6.40
N LYS C 1272 -40.07 -4.18 7.65
CA LYS C 1272 -40.50 -5.01 8.76
C LYS C 1272 -42.02 -4.95 8.86
N VAL C 1273 -42.68 -6.10 8.70
CA VAL C 1273 -44.12 -6.14 8.85
C VAL C 1273 -44.50 -5.90 10.31
N GLU C 1274 -45.75 -5.50 10.53
CA GLU C 1274 -46.26 -5.28 11.89
C GLU C 1274 -47.55 -6.09 12.04
N ILE C 1275 -47.58 -6.99 13.03
CA ILE C 1275 -48.69 -7.91 13.19
C ILE C 1275 -49.12 -7.93 14.66
N SER C 1276 -50.21 -8.65 14.92
CA SER C 1276 -50.78 -8.78 16.25
C SER C 1276 -50.74 -10.23 16.70
N VAL C 1277 -50.68 -10.43 18.01
CA VAL C 1277 -50.59 -11.76 18.60
C VAL C 1277 -51.98 -12.30 18.84
N VAL C 1278 -52.26 -13.49 18.29
CA VAL C 1278 -53.56 -14.11 18.48
C VAL C 1278 -53.68 -14.68 19.89
N LYS C 1279 -52.64 -15.38 20.37
CA LYS C 1279 -52.72 -16.09 21.64
C LYS C 1279 -51.34 -16.13 22.28
N ALA C 1280 -51.32 -16.06 23.61
CA ALA C 1280 -50.11 -16.18 24.41
C ALA C 1280 -50.30 -17.25 25.46
N GLU C 1281 -49.34 -18.17 25.56
CA GLU C 1281 -49.37 -19.25 26.53
C GLU C 1281 -48.09 -19.25 27.35
N LEU C 1282 -48.23 -19.32 28.67
CA LEU C 1282 -47.08 -19.42 29.57
C LEU C 1282 -46.83 -20.90 29.87
N LEU C 1283 -46.18 -21.56 28.93
CA LEU C 1283 -45.87 -22.98 29.08
C LEU C 1283 -44.79 -23.16 30.16
N PRO C 1284 -44.84 -24.28 30.89
CA PRO C 1284 -43.93 -24.48 32.02
C PRO C 1284 -42.47 -24.50 31.59
N SER C 1285 -41.59 -24.55 32.59
CA SER C 1285 -40.15 -24.42 32.40
C SER C 1285 -39.79 -23.08 31.76
N GLY C 1286 -40.59 -22.06 32.04
CA GLY C 1286 -40.31 -20.71 31.56
C GLY C 1286 -40.35 -20.56 30.06
N VAL C 1287 -41.37 -21.10 29.40
CA VAL C 1287 -41.50 -21.04 27.95
C VAL C 1287 -42.71 -20.19 27.61
N THR C 1288 -42.60 -19.40 26.55
CA THR C 1288 -43.70 -18.57 26.06
C THR C 1288 -44.06 -19.02 24.65
N HIS C 1289 -45.30 -19.46 24.47
CA HIS C 1289 -45.81 -19.85 23.17
C HIS C 1289 -46.66 -18.70 22.62
N LEU C 1290 -46.22 -18.13 21.49
CA LEU C 1290 -46.90 -16.99 20.89
C LEU C 1290 -47.46 -17.40 19.54
N ARG C 1291 -48.78 -17.29 19.39
CA ARG C 1291 -49.46 -17.44 18.11
C ARG C 1291 -49.85 -16.04 17.63
N PHE C 1292 -49.39 -15.67 16.44
CA PHE C 1292 -49.67 -14.34 15.92
C PHE C 1292 -50.07 -14.43 14.46
N GLN C 1293 -50.70 -13.34 13.99
CA GLN C 1293 -51.26 -13.28 12.65
C GLN C 1293 -50.17 -13.44 11.60
N ARG C 1294 -50.43 -14.30 10.63
CA ARG C 1294 -49.50 -14.51 9.52
C ARG C 1294 -49.65 -13.37 8.51
N PRO C 1295 -48.55 -12.75 8.08
CA PRO C 1295 -48.66 -11.74 7.02
C PRO C 1295 -49.25 -12.33 5.76
N GLN C 1296 -49.93 -11.47 4.99
CA GLN C 1296 -50.72 -11.94 3.86
C GLN C 1296 -49.86 -12.67 2.84
N GLY C 1297 -48.68 -12.14 2.55
CA GLY C 1297 -47.81 -12.78 1.57
C GLY C 1297 -46.65 -13.54 2.20
N PHE C 1298 -46.82 -13.97 3.44
CA PHE C 1298 -45.75 -14.62 4.19
C PHE C 1298 -45.68 -16.09 3.78
N GLU C 1299 -44.67 -16.45 3.01
CA GLU C 1299 -44.39 -17.83 2.62
C GLU C 1299 -43.04 -18.24 3.17
N TYR C 1300 -42.98 -19.42 3.79
CA TYR C 1300 -41.74 -19.89 4.40
C TYR C 1300 -41.70 -21.40 4.35
N LYS C 1301 -40.49 -21.93 4.50
CA LYS C 1301 -40.26 -23.37 4.53
C LYS C 1301 -39.95 -23.82 5.96
N SER C 1302 -39.98 -25.13 6.16
CA SER C 1302 -39.74 -25.70 7.48
C SER C 1302 -38.30 -25.45 7.92
N GLY C 1303 -38.13 -25.15 9.20
CA GLY C 1303 -36.82 -24.88 9.76
C GLY C 1303 -36.37 -23.43 9.66
N GLN C 1304 -37.09 -22.60 8.92
CA GLN C 1304 -36.72 -21.20 8.81
C GLN C 1304 -37.06 -20.45 10.10
N TRP C 1305 -36.40 -19.31 10.29
CA TRP C 1305 -36.57 -18.50 11.48
C TRP C 1305 -36.81 -17.06 11.08
N VAL C 1306 -37.51 -16.34 11.96
CA VAL C 1306 -37.83 -14.94 11.72
C VAL C 1306 -37.20 -14.10 12.84
N ARG C 1307 -37.35 -12.78 12.76
CA ARG C 1307 -36.94 -11.90 13.83
C ARG C 1307 -38.17 -11.17 14.38
N ILE C 1308 -38.22 -10.99 15.69
CA ILE C 1308 -39.35 -10.28 16.29
C ILE C 1308 -38.85 -9.16 17.19
N ALA C 1309 -39.65 -8.10 17.25
CA ALA C 1309 -39.43 -6.98 18.15
C ALA C 1309 -40.76 -6.63 18.82
N CYS C 1310 -40.68 -6.15 20.06
CA CYS C 1310 -41.87 -5.78 20.82
C CYS C 1310 -41.65 -4.40 21.43
N LEU C 1311 -42.39 -3.41 20.94
CA LEU C 1311 -42.25 -2.05 21.43
C LEU C 1311 -42.80 -1.87 22.84
N ALA C 1312 -43.53 -2.85 23.37
CA ALA C 1312 -44.03 -2.75 24.73
C ALA C 1312 -42.90 -2.67 25.73
N LEU C 1313 -41.75 -3.27 25.43
CA LEU C 1313 -40.58 -3.12 26.28
C LEU C 1313 -39.83 -1.83 26.04
N GLY C 1314 -40.21 -1.04 25.03
CA GLY C 1314 -39.50 0.19 24.70
C GLY C 1314 -38.07 -0.04 24.28
N THR C 1315 -37.83 -1.04 23.42
CA THR C 1315 -36.48 -1.41 23.04
C THR C 1315 -36.24 -1.43 21.54
N THR C 1316 -37.26 -1.79 20.73
CA THR C 1316 -37.13 -1.97 19.28
C THR C 1316 -36.07 -2.99 18.91
N GLU C 1317 -35.73 -3.88 19.84
CA GLU C 1317 -34.68 -4.86 19.63
C GLU C 1317 -35.24 -6.07 18.89
N TYR C 1318 -34.54 -6.51 17.86
CA TYR C 1318 -34.96 -7.65 17.06
C TYR C 1318 -34.20 -8.90 17.51
N HIS C 1319 -34.95 -9.95 17.83
CA HIS C 1319 -34.36 -11.20 18.25
C HIS C 1319 -34.81 -12.34 17.34
N PRO C 1320 -33.91 -13.27 17.02
CA PRO C 1320 -34.27 -14.37 16.11
C PRO C 1320 -34.96 -15.50 16.84
N PHE C 1321 -35.99 -16.05 16.21
CA PHE C 1321 -36.72 -17.19 16.75
C PHE C 1321 -37.17 -18.08 15.61
N THR C 1322 -37.02 -19.39 15.80
CA THR C 1322 -37.41 -20.37 14.79
C THR C 1322 -38.92 -20.52 14.76
N LEU C 1323 -39.49 -20.53 13.56
CA LEU C 1323 -40.92 -20.71 13.38
C LEU C 1323 -41.30 -22.14 13.72
N THR C 1324 -41.98 -22.32 14.85
CA THR C 1324 -42.45 -23.64 15.24
C THR C 1324 -43.72 -24.07 14.54
N SER C 1325 -44.36 -23.17 13.79
CA SER C 1325 -45.57 -23.48 13.06
C SER C 1325 -45.24 -24.04 11.69
N ALA C 1326 -46.07 -24.98 11.24
CA ALA C 1326 -45.90 -25.54 9.90
C ALA C 1326 -46.36 -24.53 8.85
N PRO C 1327 -45.75 -24.54 7.66
CA PRO C 1327 -46.14 -23.58 6.62
C PRO C 1327 -47.58 -23.72 6.15
N HIS C 1328 -48.20 -24.88 6.34
CA HIS C 1328 -49.59 -25.06 5.91
C HIS C 1328 -50.60 -24.44 6.85
N GLU C 1329 -50.17 -23.96 8.02
CA GLU C 1329 -51.07 -23.37 9.00
C GLU C 1329 -51.38 -21.92 8.61
N ASP C 1330 -52.37 -21.35 9.31
CA ASP C 1330 -52.82 -19.99 9.01
C ASP C 1330 -52.17 -18.93 9.89
N THR C 1331 -51.60 -19.31 11.03
CA THR C 1331 -50.93 -18.39 11.93
C THR C 1331 -49.51 -18.84 12.17
N LEU C 1332 -48.69 -17.94 12.73
CA LEU C 1332 -47.29 -18.23 13.01
C LEU C 1332 -47.08 -18.40 14.50
N SER C 1333 -46.31 -19.43 14.88
CA SER C 1333 -46.11 -19.77 16.28
C SER C 1333 -44.63 -19.74 16.61
N LEU C 1334 -44.31 -19.24 17.81
CA LEU C 1334 -42.95 -19.22 18.33
C LEU C 1334 -42.93 -19.75 19.75
N HIS C 1335 -41.94 -20.57 20.06
CA HIS C 1335 -41.71 -21.08 21.42
C HIS C 1335 -40.42 -20.46 21.92
N ILE C 1336 -40.56 -19.42 22.75
CA ILE C 1336 -39.45 -18.60 23.19
C ILE C 1336 -39.09 -18.99 24.61
N ARG C 1337 -37.83 -19.37 24.82
CA ARG C 1337 -37.35 -19.76 26.15
C ARG C 1337 -36.88 -18.52 26.91
N ALA C 1338 -37.05 -18.57 28.23
CA ALA C 1338 -36.62 -17.48 29.10
C ALA C 1338 -35.10 -17.59 29.27
N ALA C 1339 -34.36 -16.98 28.34
CA ALA C 1339 -32.91 -17.05 28.34
C ALA C 1339 -32.25 -15.88 29.04
N GLY C 1340 -32.83 -14.69 28.97
CA GLY C 1340 -32.24 -13.52 29.59
C GLY C 1340 -33.22 -12.38 29.76
N PRO C 1341 -32.70 -11.14 29.74
CA PRO C 1341 -33.58 -9.98 29.99
C PRO C 1341 -34.73 -9.84 29.00
N TRP C 1342 -34.44 -9.83 27.69
CA TRP C 1342 -35.49 -9.57 26.72
C TRP C 1342 -36.56 -10.64 26.74
N THR C 1343 -36.16 -11.92 26.82
CA THR C 1343 -37.13 -13.01 26.85
C THR C 1343 -37.97 -12.98 28.12
N THR C 1344 -37.34 -12.71 29.27
CA THR C 1344 -38.09 -12.62 30.52
C THR C 1344 -39.09 -11.48 30.49
N ARG C 1345 -38.67 -10.32 29.98
CA ARG C 1345 -39.59 -9.18 29.86
C ARG C 1345 -40.73 -9.50 28.91
N LEU C 1346 -40.43 -10.21 27.81
CA LEU C 1346 -41.49 -10.60 26.87
C LEU C 1346 -42.49 -11.53 27.54
N ARG C 1347 -42.00 -12.51 28.31
CA ARG C 1347 -42.90 -13.39 29.03
C ARG C 1347 -43.75 -12.63 30.03
N GLU C 1348 -43.15 -11.66 30.72
CA GLU C 1348 -43.90 -10.88 31.71
C GLU C 1348 -44.98 -10.03 31.04
N ILE C 1349 -44.66 -9.38 29.91
CA ILE C 1349 -45.66 -8.53 29.25
C ILE C 1349 -46.76 -9.39 28.65
N TYR C 1350 -46.43 -10.55 28.12
CA TYR C 1350 -47.45 -11.41 27.52
C TYR C 1350 -48.11 -12.35 28.52
N SER C 1351 -47.75 -12.26 29.81
CA SER C 1351 -48.41 -13.08 30.82
C SER C 1351 -49.89 -12.74 30.94
N ALA C 1352 -50.23 -11.43 30.90
CA ALA C 1352 -51.60 -11.01 31.11
C ALA C 1352 -52.31 -10.73 29.78
N PRO C 1353 -53.63 -10.95 29.72
CA PRO C 1353 -54.38 -10.66 28.49
C PRO C 1353 -54.51 -9.16 28.24
N THR C 1354 -55.22 -8.81 27.17
CA THR C 1354 -55.45 -7.43 26.77
C THR C 1354 -54.14 -6.65 26.62
N TYR C 1361 -53.10 -8.05 23.91
CA TYR C 1361 -51.71 -8.38 23.64
C TYR C 1361 -51.03 -7.30 22.80
N PRO C 1362 -49.79 -6.95 23.17
CA PRO C 1362 -49.04 -5.97 22.38
C PRO C 1362 -48.74 -6.47 20.99
N LYS C 1363 -48.59 -5.53 20.07
CA LYS C 1363 -48.30 -5.84 18.68
C LYS C 1363 -46.80 -6.07 18.49
N LEU C 1364 -46.47 -6.96 17.55
CA LEU C 1364 -45.08 -7.32 17.28
C LEU C 1364 -44.65 -6.81 15.91
N TYR C 1365 -43.34 -6.57 15.79
CA TYR C 1365 -42.71 -6.26 14.51
C TYR C 1365 -41.98 -7.51 14.03
N LEU C 1366 -42.29 -7.94 12.82
CA LEU C 1366 -41.80 -9.19 12.26
C LEU C 1366 -40.87 -8.91 11.10
N ASP C 1367 -39.68 -9.50 11.17
CA ASP C 1367 -38.73 -9.54 10.06
C ASP C 1367 -38.78 -10.95 9.46
N GLY C 1368 -39.03 -11.03 8.16
CA GLY C 1368 -39.38 -12.25 7.47
C GLY C 1368 -38.35 -13.37 7.58
N PRO C 1369 -38.66 -14.51 6.95
CA PRO C 1369 -37.83 -15.70 7.13
C PRO C 1369 -36.43 -15.51 6.56
N PHE C 1370 -35.43 -15.80 7.40
CA PHE C 1370 -34.03 -15.79 6.99
C PHE C 1370 -33.45 -17.20 6.93
N GLY C 1371 -34.30 -18.23 7.01
CA GLY C 1371 -33.80 -19.57 7.20
C GLY C 1371 -33.00 -20.12 6.04
N GLU C 1372 -33.45 -19.87 4.81
CA GLU C 1372 -32.93 -20.56 3.63
C GLU C 1372 -33.01 -22.08 3.84
N GLY C 1373 -34.27 -22.53 3.92
CA GLY C 1373 -34.62 -23.83 4.46
C GLY C 1373 -34.44 -25.02 3.53
N HIS C 1374 -33.20 -25.51 3.40
CA HIS C 1374 -32.94 -26.75 2.69
C HIS C 1374 -33.86 -27.85 3.19
N GLN C 1375 -34.52 -28.53 2.25
CA GLN C 1375 -35.43 -29.62 2.57
C GLN C 1375 -34.95 -30.89 1.88
N GLU C 1376 -33.65 -31.17 2.03
CA GLU C 1376 -33.01 -32.27 1.30
C GLU C 1376 -33.61 -33.63 1.64
N TRP C 1377 -34.33 -33.75 2.76
CA TRP C 1377 -34.92 -35.03 3.13
C TRP C 1377 -35.96 -35.47 2.11
N HIS C 1378 -36.62 -34.52 1.44
CA HIS C 1378 -37.54 -34.89 0.36
C HIS C 1378 -36.83 -35.51 -0.83
N LYS C 1379 -35.53 -35.25 -0.99
CA LYS C 1379 -34.75 -35.86 -2.06
C LYS C 1379 -34.49 -37.34 -1.81
N PHE C 1380 -34.69 -37.83 -0.59
CA PHE C 1380 -34.40 -39.20 -0.22
C PHE C 1380 -35.68 -39.92 0.16
N GLU C 1381 -35.78 -41.19 -0.25
CA GLU C 1381 -36.96 -41.98 0.08
C GLU C 1381 -37.05 -42.28 1.57
N VAL C 1382 -35.91 -42.52 2.21
CA VAL C 1382 -35.84 -42.75 3.65
C VAL C 1382 -34.85 -41.75 4.23
N SER C 1383 -35.27 -41.02 5.25
CA SER C 1383 -34.44 -40.00 5.88
C SER C 1383 -34.47 -40.16 7.39
N VAL C 1384 -33.36 -39.82 8.03
CA VAL C 1384 -33.22 -39.86 9.48
C VAL C 1384 -32.92 -38.45 9.96
N LEU C 1385 -33.84 -37.87 10.74
CA LEU C 1385 -33.68 -36.53 11.29
C LEU C 1385 -33.24 -36.64 12.74
N VAL C 1386 -32.07 -36.08 13.04
CA VAL C 1386 -31.48 -36.15 14.37
C VAL C 1386 -31.48 -34.75 14.97
N GLY C 1387 -32.06 -34.63 16.16
CA GLY C 1387 -32.10 -33.36 16.87
C GLY C 1387 -31.41 -33.48 18.22
N GLY C 1388 -30.69 -32.42 18.60
CA GLY C 1388 -29.96 -32.42 19.85
C GLY C 1388 -29.96 -31.10 20.57
N GLY C 1389 -30.33 -31.11 21.85
CA GLY C 1389 -30.34 -29.88 22.63
C GLY C 1389 -31.29 -28.85 22.05
N ILE C 1390 -30.82 -27.61 21.95
CA ILE C 1390 -31.63 -26.54 21.40
C ILE C 1390 -31.82 -26.66 19.90
N GLY C 1391 -31.06 -27.53 19.24
CA GLY C 1391 -31.19 -27.72 17.80
C GLY C 1391 -32.32 -28.66 17.43
N VAL C 1392 -33.39 -28.66 18.23
CA VAL C 1392 -34.56 -29.50 17.98
C VAL C 1392 -35.83 -28.68 17.77
N THR C 1393 -35.79 -27.37 18.01
CA THR C 1393 -36.97 -26.53 17.80
C THR C 1393 -37.47 -26.56 16.36
N PRO C 1394 -36.64 -26.42 15.31
CA PRO C 1394 -37.18 -26.46 13.95
C PRO C 1394 -37.82 -27.79 13.59
N PHE C 1395 -37.44 -28.88 14.25
CA PHE C 1395 -37.96 -30.20 13.90
C PHE C 1395 -39.44 -30.33 14.18
N ALA C 1396 -40.00 -29.52 15.08
CA ALA C 1396 -41.45 -29.52 15.27
C ALA C 1396 -42.17 -29.11 14.00
N SER C 1397 -41.78 -27.96 13.45
CA SER C 1397 -42.36 -27.50 12.18
C SER C 1397 -42.03 -28.49 11.06
N ILE C 1398 -40.82 -29.04 11.06
CA ILE C 1398 -40.44 -30.00 10.03
C ILE C 1398 -41.37 -31.21 10.04
N LEU C 1399 -41.60 -31.77 11.23
CA LEU C 1399 -42.44 -32.96 11.34
C LEU C 1399 -43.89 -32.64 11.00
N LYS C 1400 -44.41 -31.49 11.45
CA LYS C 1400 -45.79 -31.14 11.11
C LYS C 1400 -45.95 -30.96 9.60
N ASP C 1401 -44.99 -30.29 8.96
CA ASP C 1401 -45.04 -30.13 7.52
C ASP C 1401 -44.93 -31.47 6.80
N LEU C 1402 -44.07 -32.37 7.30
CA LEU C 1402 -43.93 -33.68 6.66
C LEU C 1402 -45.22 -34.48 6.75
N VAL C 1403 -45.87 -34.49 7.92
CA VAL C 1403 -47.09 -35.27 8.05
C VAL C 1403 -48.21 -34.66 7.23
N PHE C 1404 -48.28 -33.33 7.16
CA PHE C 1404 -49.28 -32.70 6.31
C PHE C 1404 -49.03 -33.02 4.84
N LYS C 1405 -47.77 -32.97 4.41
CA LYS C 1405 -47.43 -33.25 3.02
C LYS C 1405 -47.78 -34.69 2.65
N SER C 1406 -47.50 -35.63 3.55
CA SER C 1406 -47.85 -37.02 3.29
C SER C 1406 -49.35 -37.26 3.39
N SER C 1407 -50.07 -36.44 4.14
CA SER C 1407 -51.52 -36.59 4.21
C SER C 1407 -52.19 -36.08 2.93
N VAL C 1408 -51.75 -34.94 2.42
CA VAL C 1408 -52.41 -34.35 1.26
C VAL C 1408 -51.96 -35.02 -0.04
N SER C 1409 -50.69 -35.42 -0.12
CA SER C 1409 -50.14 -36.04 -1.32
C SER C 1409 -50.03 -37.54 -1.14
N CYS C 1410 -50.18 -38.28 -2.24
CA CYS C 1410 -50.19 -39.73 -2.22
C CYS C 1410 -48.83 -40.32 -2.56
N GLN C 1411 -48.27 -39.97 -3.72
CA GLN C 1411 -47.01 -40.55 -4.17
C GLN C 1411 -45.84 -39.63 -3.79
N VAL C 1412 -45.62 -39.52 -2.49
CA VAL C 1412 -44.48 -38.78 -1.97
C VAL C 1412 -43.26 -39.69 -2.01
N PHE C 1413 -42.15 -39.19 -2.56
CA PHE C 1413 -40.95 -40.01 -2.67
C PHE C 1413 -40.41 -40.40 -1.30
N CYS C 1414 -40.61 -39.56 -0.28
CA CYS C 1414 -40.15 -39.85 1.07
C CYS C 1414 -41.12 -40.84 1.71
N LYS C 1415 -40.70 -42.10 1.78
CA LYS C 1415 -41.59 -43.15 2.28
C LYS C 1415 -41.57 -43.26 3.79
N LYS C 1416 -40.45 -42.91 4.43
CA LYS C 1416 -40.32 -43.09 5.87
C LYS C 1416 -39.40 -42.03 6.43
N ILE C 1417 -39.80 -41.44 7.55
CA ILE C 1417 -39.01 -40.44 8.27
C ILE C 1417 -38.74 -40.98 9.67
N TYR C 1418 -37.47 -40.94 10.08
CA TYR C 1418 -37.08 -41.30 11.44
C TYR C 1418 -36.59 -40.04 12.14
N PHE C 1419 -37.24 -39.70 13.25
CA PHE C 1419 -36.90 -38.53 14.06
C PHE C 1419 -36.26 -39.00 15.36
N ILE C 1420 -34.94 -38.86 15.45
CA ILE C 1420 -34.19 -39.25 16.64
C ILE C 1420 -33.94 -37.98 17.45
N TRP C 1421 -34.74 -37.77 18.49
CA TRP C 1421 -34.55 -36.67 19.42
C TRP C 1421 -33.57 -37.12 20.48
N VAL C 1422 -32.53 -36.31 20.71
CA VAL C 1422 -31.51 -36.62 21.71
C VAL C 1422 -31.40 -35.42 22.64
N THR C 1423 -31.65 -35.64 23.93
CA THR C 1423 -31.56 -34.55 24.89
C THR C 1423 -31.12 -35.09 26.25
N ARG C 1424 -30.54 -34.20 27.05
CA ARG C 1424 -30.25 -34.53 28.43
C ARG C 1424 -31.53 -34.60 29.25
N THR C 1425 -32.27 -33.50 29.31
CA THR C 1425 -33.59 -33.46 29.92
C THR C 1425 -34.53 -32.72 28.99
N GLN C 1426 -35.83 -33.01 29.13
CA GLN C 1426 -36.86 -32.36 28.32
C GLN C 1426 -37.28 -31.02 28.90
N ARG C 1427 -36.50 -30.45 29.80
CA ARG C 1427 -36.82 -29.14 30.34
C ARG C 1427 -36.74 -28.08 29.25
N GLN C 1428 -37.69 -27.13 29.29
CA GLN C 1428 -37.87 -26.07 28.30
C GLN C 1428 -38.26 -26.60 26.93
N PHE C 1429 -38.47 -27.90 26.78
CA PHE C 1429 -38.90 -28.50 25.52
C PHE C 1429 -40.05 -29.48 25.75
N GLU C 1430 -40.82 -29.27 26.82
CA GLU C 1430 -41.98 -30.13 27.06
C GLU C 1430 -43.07 -29.93 26.02
N TRP C 1431 -43.14 -28.73 25.43
CA TRP C 1431 -44.09 -28.48 24.35
C TRP C 1431 -43.79 -29.36 23.14
N LEU C 1432 -42.52 -29.71 22.94
CA LEU C 1432 -42.18 -30.62 21.85
C LEU C 1432 -42.82 -31.99 22.03
N ALA C 1433 -43.04 -32.40 23.28
CA ALA C 1433 -43.74 -33.65 23.52
C ALA C 1433 -45.17 -33.59 23.01
N ASP C 1434 -45.86 -32.47 23.27
CA ASP C 1434 -47.23 -32.31 22.76
C ASP C 1434 -47.23 -32.23 21.24
N ILE C 1435 -46.24 -31.55 20.66
CA ILE C 1435 -46.16 -31.46 19.20
C ILE C 1435 -45.96 -32.83 18.60
N ILE C 1436 -45.08 -33.64 19.19
CA ILE C 1436 -44.85 -35.01 18.71
C ILE C 1436 -46.11 -35.85 18.90
N ARG C 1437 -46.84 -35.61 20.00
CA ARG C 1437 -48.10 -36.32 20.21
C ARG C 1437 -49.07 -36.05 19.08
N GLU C 1438 -49.26 -34.78 18.73
CA GLU C 1438 -50.18 -34.44 17.65
C GLU C 1438 -49.67 -34.97 16.31
N VAL C 1439 -48.36 -34.97 16.11
CA VAL C 1439 -47.79 -35.46 14.86
C VAL C 1439 -48.06 -36.95 14.71
N GLU C 1440 -47.82 -37.72 15.78
CA GLU C 1440 -48.05 -39.16 15.72
C GLU C 1440 -49.53 -39.50 15.66
N GLU C 1441 -50.39 -38.64 16.22
CA GLU C 1441 -51.82 -38.83 16.07
C GLU C 1441 -52.27 -38.61 14.64
N ASN C 1442 -51.70 -37.61 13.97
CA ASN C 1442 -52.05 -37.30 12.59
C ASN C 1442 -51.26 -38.12 11.57
N ASP C 1443 -50.32 -38.95 12.02
CA ASP C 1443 -49.52 -39.79 11.11
C ASP C 1443 -50.38 -40.98 10.69
N HIS C 1444 -51.16 -40.80 9.63
CA HIS C 1444 -52.05 -41.84 9.14
C HIS C 1444 -51.36 -42.81 8.18
N GLN C 1445 -50.08 -42.60 7.87
CA GLN C 1445 -49.34 -43.48 6.97
C GLN C 1445 -48.09 -44.06 7.62
N ASP C 1446 -47.92 -43.89 8.93
CA ASP C 1446 -46.73 -44.34 9.65
C ASP C 1446 -45.46 -43.76 9.03
N LEU C 1447 -45.54 -42.48 8.63
CA LEU C 1447 -44.39 -41.85 7.98
C LEU C 1447 -43.29 -41.53 8.98
N VAL C 1448 -43.66 -41.06 10.16
CA VAL C 1448 -42.70 -40.56 11.16
C VAL C 1448 -42.61 -41.57 12.29
N SER C 1449 -41.39 -42.02 12.57
CA SER C 1449 -41.08 -42.87 13.71
C SER C 1449 -40.18 -42.07 14.66
N VAL C 1450 -40.69 -41.78 15.85
CA VAL C 1450 -40.02 -40.89 16.80
C VAL C 1450 -39.34 -41.73 17.86
N HIS C 1451 -38.07 -41.41 18.13
CA HIS C 1451 -37.29 -42.09 19.18
C HIS C 1451 -36.62 -41.03 20.03
N ILE C 1452 -36.98 -40.98 21.31
CA ILE C 1452 -36.46 -40.00 22.25
C ILE C 1452 -35.37 -40.66 23.09
N TYR C 1453 -34.23 -39.99 23.23
CA TYR C 1453 -33.10 -40.49 23.99
C TYR C 1453 -32.75 -39.47 25.07
N ILE C 1454 -33.07 -39.81 26.31
CA ILE C 1454 -32.72 -38.99 27.47
C ILE C 1454 -31.35 -39.44 27.95
N THR C 1455 -30.34 -38.58 27.77
CA THR C 1455 -28.97 -38.92 28.10
C THR C 1455 -28.56 -38.48 29.49
N GLN C 1456 -29.48 -37.95 30.29
CA GLN C 1456 -29.14 -37.53 31.64
C GLN C 1456 -28.74 -38.72 32.50
N LEU C 1457 -27.73 -38.52 33.34
CA LEU C 1457 -27.32 -39.55 34.28
C LEU C 1457 -28.43 -39.83 35.30
N ALA C 1458 -28.52 -41.08 35.73
CA ALA C 1458 -29.61 -41.49 36.62
C ALA C 1458 -29.57 -40.75 37.94
N GLU C 1459 -28.38 -40.37 38.41
CA GLU C 1459 -28.26 -39.65 39.68
C GLU C 1459 -28.74 -38.21 39.57
N LYS C 1460 -28.72 -37.62 38.37
CA LYS C 1460 -29.08 -36.22 38.16
C LYS C 1460 -30.47 -36.06 37.60
N PHE C 1461 -31.33 -37.08 37.71
CA PHE C 1461 -32.69 -36.99 37.21
C PHE C 1461 -33.48 -35.94 37.98
N ASP C 1462 -34.35 -35.22 37.27
CA ASP C 1462 -35.34 -34.38 37.91
C ASP C 1462 -36.63 -35.18 38.08
N LEU C 1463 -37.72 -34.52 38.47
CA LEU C 1463 -38.98 -35.23 38.64
C LEU C 1463 -39.54 -35.72 37.31
N ARG C 1464 -39.46 -34.88 36.27
CA ARG C 1464 -40.00 -35.25 34.97
C ARG C 1464 -39.27 -36.45 34.38
N THR C 1465 -37.94 -36.48 34.51
CA THR C 1465 -37.18 -37.59 33.95
C THR C 1465 -37.49 -38.90 34.67
N THR C 1466 -37.60 -38.87 36.00
CA THR C 1466 -37.97 -40.08 36.74
C THR C 1466 -39.38 -40.53 36.38
N MET C 1467 -40.30 -39.58 36.22
CA MET C 1467 -41.66 -39.95 35.82
C MET C 1467 -41.67 -40.59 34.43
N LEU C 1468 -40.90 -40.03 33.50
CA LEU C 1468 -40.78 -40.64 32.17
C LEU C 1468 -40.22 -42.05 32.27
N TYR C 1469 -39.17 -42.22 33.09
CA TYR C 1469 -38.53 -43.53 33.21
C TYR C 1469 -39.51 -44.56 33.76
N ILE C 1470 -40.24 -44.22 34.82
CA ILE C 1470 -41.14 -45.18 35.43
C ILE C 1470 -42.34 -45.46 34.53
N CYS C 1471 -42.87 -44.43 33.87
CA CYS C 1471 -44.01 -44.67 32.97
C CYS C 1471 -43.59 -45.46 31.73
N GLU C 1472 -42.33 -45.35 31.32
CA GLU C 1472 -41.87 -46.10 30.17
C GLU C 1472 -41.55 -47.55 30.53
N ARG C 1473 -40.97 -47.79 31.71
CA ARG C 1473 -40.45 -49.12 32.04
C ARG C 1473 -40.96 -49.70 33.35
N HIS C 1474 -41.70 -48.93 34.17
CA HIS C 1474 -42.25 -49.45 35.41
C HIS C 1474 -43.75 -49.22 35.52
N PHE C 1475 -44.43 -49.06 34.39
CA PHE C 1475 -45.86 -48.80 34.38
C PHE C 1475 -46.42 -49.17 33.02
N GLN C 1476 -47.47 -49.98 33.00
CA GLN C 1476 -48.06 -50.41 31.74
C GLN C 1476 -48.74 -49.25 31.03
N LYS C 1477 -48.80 -49.34 29.70
CA LYS C 1477 -49.47 -48.34 28.89
C LYS C 1477 -50.98 -48.58 28.90
N VAL C 1478 -51.71 -47.71 28.20
CA VAL C 1478 -53.17 -47.83 28.08
C VAL C 1478 -53.55 -48.22 26.65
N LEU C 1479 -53.18 -47.40 25.67
CA LEU C 1479 -53.35 -47.73 24.26
C LEU C 1479 -51.99 -47.73 23.58
N ASN C 1480 -51.00 -48.37 24.21
CA ASN C 1480 -49.59 -48.29 23.85
C ASN C 1480 -49.04 -46.88 24.01
N ARG C 1481 -49.68 -46.06 24.84
CA ARG C 1481 -49.26 -44.70 25.12
C ARG C 1481 -48.92 -44.59 26.61
N SER C 1482 -47.78 -43.97 26.91
CA SER C 1482 -47.38 -43.79 28.29
C SER C 1482 -48.39 -42.91 29.03
N LEU C 1483 -48.65 -43.25 30.29
CA LEU C 1483 -49.63 -42.49 31.07
C LEU C 1483 -49.17 -41.07 31.34
N PHE C 1484 -47.85 -40.85 31.40
CA PHE C 1484 -47.33 -39.51 31.68
C PHE C 1484 -47.50 -38.58 30.50
N THR C 1485 -46.87 -38.92 29.37
CA THR C 1485 -46.88 -38.04 28.20
C THR C 1485 -48.03 -38.37 27.25
N GLY C 1486 -48.25 -39.64 26.96
CA GLY C 1486 -49.22 -40.04 25.97
C GLY C 1486 -48.66 -40.33 24.60
N LEU C 1487 -47.36 -40.60 24.49
CA LEU C 1487 -46.70 -40.84 23.22
C LEU C 1487 -46.60 -42.34 22.96
N ARG C 1488 -47.01 -42.76 21.76
CA ARG C 1488 -46.74 -44.12 21.33
C ARG C 1488 -45.26 -44.37 21.10
N SER C 1489 -44.47 -43.30 20.96
CA SER C 1489 -43.03 -43.42 20.75
C SER C 1489 -42.36 -43.98 21.98
N ILE C 1490 -41.26 -44.69 21.77
CA ILE C 1490 -40.49 -45.30 22.85
C ILE C 1490 -39.38 -44.34 23.25
N THR C 1491 -39.30 -44.06 24.55
CA THR C 1491 -38.27 -43.17 25.10
C THR C 1491 -37.17 -44.02 25.73
N HIS C 1492 -35.92 -43.75 25.33
CA HIS C 1492 -34.77 -44.48 25.82
C HIS C 1492 -33.95 -43.60 26.75
N PHE C 1493 -33.05 -44.26 27.50
CA PHE C 1493 -32.20 -43.59 28.48
C PHE C 1493 -30.76 -44.04 28.27
N GLY C 1494 -29.95 -43.17 27.66
CA GLY C 1494 -28.58 -43.48 27.35
C GLY C 1494 -28.16 -42.91 26.02
N ARG C 1495 -26.94 -43.23 25.59
CA ARG C 1495 -26.45 -42.69 24.31
C ARG C 1495 -27.17 -43.39 23.16
N PRO C 1496 -27.68 -42.65 22.18
CA PRO C 1496 -28.35 -43.28 21.05
C PRO C 1496 -27.37 -44.09 20.21
N PRO C 1497 -27.71 -45.33 19.86
CA PRO C 1497 -26.81 -46.19 19.07
C PRO C 1497 -26.91 -45.90 17.57
N PHE C 1498 -26.25 -44.83 17.13
CA PHE C 1498 -26.37 -44.40 15.74
C PHE C 1498 -25.84 -45.45 14.78
N GLU C 1499 -24.68 -46.03 15.08
CA GLU C 1499 -24.12 -47.05 14.20
C GLU C 1499 -25.00 -48.30 14.10
N PRO C 1500 -25.42 -48.93 15.20
CA PRO C 1500 -26.32 -50.08 15.06
C PRO C 1500 -27.67 -49.72 14.47
N PHE C 1501 -28.19 -48.53 14.76
CA PHE C 1501 -29.47 -48.11 14.18
C PHE C 1501 -29.36 -47.99 12.66
N PHE C 1502 -28.28 -47.36 12.18
CA PHE C 1502 -28.08 -47.25 10.74
C PHE C 1502 -27.86 -48.61 10.11
N ASN C 1503 -27.15 -49.50 10.81
CA ASN C 1503 -26.96 -50.85 10.29
C ASN C 1503 -28.29 -51.60 10.16
N SER C 1504 -29.16 -51.48 11.17
CA SER C 1504 -30.45 -52.17 11.14
C SER C 1504 -31.42 -51.51 10.17
N LEU C 1505 -31.22 -50.24 9.83
CA LEU C 1505 -32.04 -49.62 8.79
C LEU C 1505 -31.93 -50.35 7.47
N GLN C 1506 -30.76 -50.92 7.18
CA GLN C 1506 -30.58 -51.69 5.95
C GLN C 1506 -31.42 -52.97 5.97
N GLU C 1507 -31.65 -53.55 7.14
CA GLU C 1507 -32.46 -54.75 7.23
C GLU C 1507 -33.96 -54.43 7.26
N VAL C 1508 -34.34 -53.35 7.94
CA VAL C 1508 -35.74 -52.94 7.97
C VAL C 1508 -36.22 -52.58 6.56
N HIS C 1509 -35.43 -51.78 5.86
CA HIS C 1509 -35.72 -51.43 4.47
C HIS C 1509 -34.72 -52.11 3.56
N PRO C 1510 -35.11 -53.15 2.82
CA PRO C 1510 -34.13 -53.91 2.03
C PRO C 1510 -33.82 -53.27 0.68
N GLN C 1511 -34.76 -52.53 0.13
CA GLN C 1511 -34.64 -51.99 -1.22
C GLN C 1511 -34.06 -50.58 -1.28
N VAL C 1512 -33.68 -50.01 -0.15
CA VAL C 1512 -33.12 -48.66 -0.13
C VAL C 1512 -31.68 -48.71 -0.64
N ARG C 1513 -31.32 -47.71 -1.45
CA ARG C 1513 -29.96 -47.57 -1.95
C ARG C 1513 -29.27 -46.30 -1.49
N LYS C 1514 -30.02 -45.24 -1.19
CA LYS C 1514 -29.48 -44.02 -0.61
C LYS C 1514 -30.38 -43.56 0.53
N ILE C 1515 -29.79 -43.31 1.69
CA ILE C 1515 -30.53 -42.83 2.86
C ILE C 1515 -29.84 -41.56 3.36
N GLY C 1516 -30.61 -40.51 3.55
CA GLY C 1516 -30.10 -39.25 4.05
C GLY C 1516 -30.28 -39.13 5.55
N VAL C 1517 -29.23 -38.67 6.22
CA VAL C 1517 -29.24 -38.46 7.67
C VAL C 1517 -28.83 -37.02 7.94
N PHE C 1518 -29.73 -36.26 8.53
CA PHE C 1518 -29.53 -34.83 8.77
C PHE C 1518 -29.40 -34.58 10.26
N SER C 1519 -28.30 -33.94 10.67
CA SER C 1519 -27.98 -33.76 12.07
C SER C 1519 -27.98 -32.28 12.42
N CYS C 1520 -28.89 -31.88 13.31
CA CYS C 1520 -28.94 -30.52 13.85
C CYS C 1520 -28.82 -30.64 15.36
N GLY C 1521 -27.60 -30.46 15.88
CA GLY C 1521 -27.35 -30.57 17.29
C GLY C 1521 -25.96 -30.08 17.66
N PRO C 1522 -25.49 -30.47 18.84
CA PRO C 1522 -24.14 -30.07 19.24
C PRO C 1522 -23.12 -30.71 18.32
N PRO C 1523 -21.95 -30.07 18.17
CA PRO C 1523 -20.94 -30.61 17.22
C PRO C 1523 -20.54 -32.04 17.52
N GLY C 1524 -20.46 -32.42 18.79
CA GLY C 1524 -20.10 -33.80 19.12
C GLY C 1524 -21.14 -34.80 18.65
N MET C 1525 -22.43 -34.48 18.85
CA MET C 1525 -23.49 -35.40 18.43
C MET C 1525 -23.50 -35.57 16.91
N THR C 1526 -23.39 -34.47 16.17
CA THR C 1526 -23.36 -34.55 14.72
C THR C 1526 -22.11 -35.28 14.24
N LYS C 1527 -20.99 -35.07 14.93
CA LYS C 1527 -19.76 -35.80 14.61
C LYS C 1527 -19.96 -37.30 14.79
N ASN C 1528 -20.60 -37.70 15.89
CA ASN C 1528 -20.88 -39.12 16.11
C ASN C 1528 -21.81 -39.67 15.04
N VAL C 1529 -22.83 -38.90 14.65
CA VAL C 1529 -23.75 -39.37 13.63
C VAL C 1529 -23.03 -39.57 12.30
N GLU C 1530 -22.20 -38.60 11.91
CA GLU C 1530 -21.47 -38.73 10.65
C GLU C 1530 -20.46 -39.86 10.71
N LYS C 1531 -19.83 -40.07 11.87
CA LYS C 1531 -18.91 -41.19 12.03
C LYS C 1531 -19.63 -42.51 11.87
N ALA C 1532 -20.83 -42.64 12.46
CA ALA C 1532 -21.62 -43.84 12.27
C ALA C 1532 -22.00 -44.04 10.82
N CYS C 1533 -22.37 -42.95 10.13
CA CYS C 1533 -22.70 -43.03 8.72
C CYS C 1533 -21.50 -43.50 7.90
N GLN C 1534 -20.31 -42.99 8.19
CA GLN C 1534 -19.11 -43.43 7.48
C GLN C 1534 -18.79 -44.90 7.76
N LEU C 1535 -18.93 -45.32 9.02
CA LEU C 1535 -18.67 -46.72 9.35
C LEU C 1535 -19.64 -47.64 8.62
N ILE C 1536 -20.91 -47.24 8.53
CA ILE C 1536 -21.88 -48.05 7.80
C ILE C 1536 -21.56 -48.02 6.30
N ASN C 1537 -21.13 -46.87 5.78
CA ASN C 1537 -20.80 -46.77 4.36
C ASN C 1537 -19.54 -47.54 4.00
N ARG C 1538 -18.72 -47.89 4.98
CA ARG C 1538 -17.50 -48.65 4.68
C ARG C 1538 -17.83 -49.98 4.03
N GLN C 1539 -18.90 -50.63 4.46
CA GLN C 1539 -19.47 -51.73 3.69
C GLN C 1539 -20.36 -51.16 2.59
N ASP C 1540 -20.23 -51.71 1.39
CA ASP C 1540 -20.80 -51.09 0.19
C ASP C 1540 -22.20 -51.59 -0.14
N ARG C 1541 -22.98 -51.98 0.87
CA ARG C 1541 -24.35 -52.42 0.60
C ARG C 1541 -25.24 -51.25 0.22
N THR C 1542 -25.39 -50.29 1.13
CA THR C 1542 -26.20 -49.09 0.89
C THR C 1542 -25.38 -47.86 1.28
N HIS C 1543 -25.79 -46.72 0.73
CA HIS C 1543 -25.10 -45.45 0.97
C HIS C 1543 -25.90 -44.60 1.94
N PHE C 1544 -25.21 -44.04 2.93
CA PHE C 1544 -25.79 -43.13 3.91
C PHE C 1544 -25.11 -41.78 3.75
N SER C 1545 -25.84 -40.80 3.24
CA SER C 1545 -25.33 -39.46 3.04
C SER C 1545 -25.71 -38.58 4.22
N HIS C 1546 -24.72 -37.99 4.88
CA HIS C 1546 -24.93 -37.20 6.07
C HIS C 1546 -24.87 -35.71 5.75
N HIS C 1547 -25.69 -34.93 6.45
CA HIS C 1547 -25.75 -33.49 6.27
C HIS C 1547 -25.70 -32.78 7.61
N TYR C 1548 -24.95 -31.69 7.66
CA TYR C 1548 -24.92 -30.79 8.81
C TYR C 1548 -25.96 -29.70 8.58
N GLU C 1549 -27.03 -29.73 9.36
CA GLU C 1549 -28.11 -28.75 9.24
C GLU C 1549 -28.07 -27.78 10.40
N ASN C 1550 -28.30 -26.50 10.10
CA ASN C 1550 -28.17 -25.40 11.07
C ASN C 1550 -29.37 -24.48 10.98
N PHE C 1551 -30.57 -25.06 11.03
CA PHE C 1551 -31.80 -24.26 11.04
C PHE C 1551 -31.81 -23.28 12.23
N LEU D 4 14.43 7.01 -38.02
CA LEU D 4 15.67 7.51 -38.59
C LEU D 4 16.78 7.47 -37.55
N GLY D 5 17.95 7.07 -37.99
CA GLY D 5 19.11 6.96 -37.14
C GLY D 5 20.29 7.75 -37.68
N HIS D 6 21.50 7.22 -37.43
CA HIS D 6 22.77 7.77 -37.88
C HIS D 6 23.13 9.10 -37.22
N THR D 7 22.27 9.64 -36.35
CA THR D 7 22.55 10.86 -35.64
C THR D 7 22.02 10.73 -34.22
N PHE D 8 22.60 11.53 -33.31
CA PHE D 8 22.21 11.43 -31.91
C PHE D 8 21.97 12.82 -31.33
N PRO D 9 20.91 13.00 -30.53
CA PRO D 9 19.93 11.94 -30.24
C PRO D 9 18.90 11.78 -31.35
N PHE D 10 18.15 10.67 -31.33
CA PHE D 10 17.12 10.46 -32.34
C PHE D 10 16.04 11.53 -32.26
N TYR D 11 15.67 11.94 -31.04
CA TYR D 11 14.71 13.01 -30.82
C TYR D 11 15.43 14.12 -30.05
N ALA D 12 15.91 15.12 -30.78
CA ALA D 12 16.70 16.19 -30.19
C ALA D 12 15.86 17.39 -29.77
N GLY D 13 14.55 17.34 -29.94
CA GLY D 13 13.69 18.42 -29.54
C GLY D 13 13.61 18.58 -28.04
N PRO D 14 13.26 19.77 -27.56
CA PRO D 14 13.12 19.98 -26.13
C PRO D 14 12.01 19.11 -25.55
N LYS D 15 12.24 18.61 -24.34
CA LYS D 15 11.28 17.73 -23.69
C LYS D 15 10.15 18.55 -23.06
N PRO D 16 8.89 18.23 -23.36
CA PRO D 16 7.79 19.09 -22.89
C PRO D 16 7.59 19.03 -21.39
N THR D 17 7.02 20.11 -20.86
CA THR D 17 6.68 20.21 -19.45
C THR D 17 5.17 20.30 -19.30
N PHE D 18 4.63 19.61 -18.31
CA PHE D 18 3.18 19.60 -18.11
C PHE D 18 2.72 20.99 -17.70
N PRO D 19 1.68 21.54 -18.33
CA PRO D 19 1.33 22.96 -18.14
C PRO D 19 0.51 23.26 -16.89
N MET D 20 0.33 22.31 -15.98
CA MET D 20 -0.47 22.58 -14.78
C MET D 20 -0.13 21.54 -13.73
N ASP D 21 -0.81 21.62 -12.59
CA ASP D 21 -0.64 20.63 -11.54
C ASP D 21 -1.26 19.30 -11.97
N THR D 22 -0.55 18.21 -11.69
CA THR D 22 -0.97 16.90 -12.18
C THR D 22 -2.15 16.33 -11.40
N THR D 23 -2.20 16.57 -10.08
CA THR D 23 -3.32 16.09 -9.30
C THR D 23 -4.62 16.77 -9.71
N LEU D 24 -4.60 18.10 -9.86
CA LEU D 24 -5.78 18.82 -10.32
C LEU D 24 -6.17 18.39 -11.72
N ALA D 25 -5.18 18.20 -12.60
CA ALA D 25 -5.48 17.76 -13.96
C ALA D 25 -6.13 16.39 -13.97
N SER D 26 -5.63 15.46 -13.14
CA SER D 26 -6.22 14.13 -13.07
C SER D 26 -7.65 14.18 -12.53
N ILE D 27 -7.88 14.99 -11.49
CA ILE D 27 -9.23 15.11 -10.96
C ILE D 27 -10.18 15.67 -12.01
N ILE D 28 -9.74 16.72 -12.71
CA ILE D 28 -10.56 17.33 -13.75
C ILE D 28 -10.85 16.32 -14.86
N MET D 29 -9.83 15.56 -15.28
CA MET D 29 -10.04 14.57 -16.33
C MET D 29 -11.03 13.49 -15.91
N ILE D 30 -10.90 12.99 -14.68
CA ILE D 30 -11.80 11.93 -14.21
C ILE D 30 -13.24 12.44 -14.16
N PHE D 31 -13.44 13.63 -13.59
CA PHE D 31 -14.80 14.14 -13.46
C PHE D 31 -15.37 14.54 -14.81
N LEU D 32 -14.54 15.03 -15.73
CA LEU D 32 -15.02 15.32 -17.08
C LEU D 32 -15.39 14.05 -17.82
N THR D 33 -14.63 12.96 -17.61
CA THR D 33 -15.00 11.68 -18.21
C THR D 33 -16.34 11.19 -17.67
N ALA D 34 -16.55 11.32 -16.36
CA ALA D 34 -17.85 10.94 -15.78
C ALA D 34 -18.97 11.80 -16.36
N LEU D 35 -18.74 13.11 -16.48
CA LEU D 35 -19.75 14.00 -17.04
C LEU D 35 -20.05 13.64 -18.50
N ALA D 36 -19.01 13.30 -19.27
CA ALA D 36 -19.22 12.91 -20.65
C ALA D 36 -20.01 11.63 -20.77
N THR D 37 -19.72 10.65 -19.91
CA THR D 37 -20.52 9.42 -19.89
C THR D 37 -21.97 9.70 -19.56
N PHE D 38 -22.21 10.56 -18.57
CA PHE D 38 -23.58 10.90 -18.21
C PHE D 38 -24.29 11.65 -19.34
N ILE D 39 -23.58 12.54 -20.03
CA ILE D 39 -24.19 13.24 -21.16
C ILE D 39 -24.50 12.27 -22.30
N VAL D 40 -23.64 11.27 -22.51
CA VAL D 40 -23.89 10.26 -23.52
C VAL D 40 -25.16 9.47 -23.19
N ILE D 41 -25.31 9.07 -21.91
CA ILE D 41 -26.48 8.30 -21.51
C ILE D 41 -27.69 9.17 -21.23
N LEU D 42 -27.56 10.49 -21.33
CA LEU D 42 -28.67 11.40 -21.04
C LEU D 42 -29.95 11.11 -21.81
N PRO D 43 -29.93 10.86 -23.13
CA PRO D 43 -31.19 10.50 -23.81
C PRO D 43 -31.82 9.22 -23.29
N GLY D 44 -31.04 8.33 -22.68
CA GLY D 44 -31.59 7.15 -22.05
C GLY D 44 -32.40 7.45 -20.81
N ILE D 45 -32.16 8.58 -20.17
CA ILE D 45 -32.98 9.02 -19.04
C ILE D 45 -34.37 9.35 -19.58
N ARG D 46 -35.36 8.55 -19.24
CA ARG D 46 -36.68 8.66 -19.82
C ARG D 46 -37.49 9.76 -19.15
N GLY D 47 -38.41 10.35 -19.90
CA GLY D 47 -39.29 11.37 -19.38
C GLY D 47 -38.66 12.75 -19.37
N LYS D 48 -39.39 13.68 -18.76
CA LYS D 48 -38.92 15.05 -18.62
C LYS D 48 -38.02 15.25 -17.41
N THR D 49 -37.77 14.19 -16.64
CA THR D 49 -36.94 14.31 -15.44
C THR D 49 -35.50 14.64 -15.79
N ARG D 50 -35.09 14.30 -17.01
CA ARG D 50 -33.67 14.31 -17.37
C ARG D 50 -33.02 15.65 -17.04
N LEU D 51 -33.69 16.76 -17.36
CA LEU D 51 -33.18 18.09 -17.05
C LEU D 51 -32.80 18.19 -15.58
N PHE D 52 -33.77 17.97 -14.69
CA PHE D 52 -33.48 17.93 -13.26
C PHE D 52 -32.35 16.94 -12.99
N TRP D 53 -32.46 15.73 -13.55
CA TRP D 53 -31.41 14.73 -13.39
C TRP D 53 -30.06 15.32 -13.78
N LEU D 54 -30.00 15.94 -14.96
CA LEU D 54 -28.76 16.55 -15.41
C LEU D 54 -28.22 17.49 -14.34
N LEU D 55 -29.07 18.42 -13.87
CA LEU D 55 -28.64 19.36 -12.85
C LEU D 55 -28.04 18.61 -11.67
N ARG D 56 -28.80 17.65 -11.13
CA ARG D 56 -28.33 16.91 -9.97
C ARG D 56 -26.96 16.33 -10.26
N VAL D 57 -26.84 15.62 -11.38
CA VAL D 57 -25.59 14.95 -11.70
C VAL D 57 -24.47 15.99 -11.72
N VAL D 58 -24.68 17.07 -12.46
CA VAL D 58 -23.63 18.08 -12.58
C VAL D 58 -23.26 18.57 -11.19
N THR D 59 -24.28 18.96 -10.42
CA THR D 59 -24.02 19.48 -9.08
C THR D 59 -23.17 18.49 -8.30
N SER D 60 -23.62 17.23 -8.26
CA SER D 60 -22.91 16.24 -7.48
C SER D 60 -21.45 16.18 -7.91
N LEU D 61 -21.23 16.01 -9.21
CA LEU D 61 -19.87 15.89 -9.70
C LEU D 61 -19.06 17.11 -9.28
N PHE D 62 -19.62 18.30 -9.54
CA PHE D 62 -18.91 19.53 -9.21
C PHE D 62 -18.49 19.49 -7.75
N ILE D 63 -19.46 19.22 -6.87
CA ILE D 63 -19.16 19.21 -5.44
C ILE D 63 -17.98 18.30 -5.17
N GLY D 64 -18.09 17.04 -5.61
CA GLY D 64 -17.00 16.10 -5.39
C GLY D 64 -15.69 16.65 -5.90
N ALA D 65 -15.67 17.07 -7.16
CA ALA D 65 -14.44 17.59 -7.74
C ALA D 65 -13.91 18.72 -6.88
N ALA D 66 -14.78 19.67 -6.56
CA ALA D 66 -14.35 20.84 -5.79
C ALA D 66 -13.65 20.38 -4.53
N ILE D 67 -14.32 19.50 -3.76
CA ILE D 67 -13.75 19.05 -2.50
C ILE D 67 -12.34 18.50 -2.74
N LEU D 68 -12.23 17.54 -3.66
CA LEU D 68 -10.93 16.94 -3.92
C LEU D 68 -9.93 18.01 -4.35
N ALA D 69 -10.33 18.86 -5.28
CA ALA D 69 -9.42 19.90 -5.74
C ALA D 69 -9.03 20.79 -4.57
N VAL D 70 -10.01 21.21 -3.78
CA VAL D 70 -9.73 22.10 -2.66
C VAL D 70 -8.86 21.40 -1.63
N ASN D 71 -8.94 20.07 -1.56
CA ASN D 71 -8.10 19.35 -0.62
C ASN D 71 -6.66 19.26 -1.12
N PHE D 72 -6.46 19.28 -2.44
CA PHE D 72 -5.13 19.10 -3.00
C PHE D 72 -4.52 20.38 -3.58
N SER D 73 -5.30 21.45 -3.69
CA SER D 73 -4.77 22.69 -4.24
C SER D 73 -4.03 23.49 -3.17
N SER D 74 -2.90 24.07 -3.55
CA SER D 74 -2.16 24.97 -2.69
C SER D 74 -2.59 26.42 -2.91
N GLU D 75 -3.89 26.68 -2.82
CA GLU D 75 -4.46 27.99 -3.08
C GLU D 75 -5.20 28.53 -1.87
N TRP D 76 -4.77 28.16 -0.67
CA TRP D 76 -5.46 28.58 0.55
C TRP D 76 -4.99 29.95 1.04
N SER D 77 -3.68 30.16 1.11
CA SER D 77 -3.11 31.45 1.49
C SER D 77 -2.20 31.92 0.36
N VAL D 78 -2.66 32.88 -0.43
CA VAL D 78 -1.94 33.31 -1.61
C VAL D 78 -1.44 34.73 -1.43
N GLY D 79 -0.27 35.00 -2.00
CA GLY D 79 0.28 36.34 -2.04
C GLY D 79 1.24 36.47 -3.19
N GLN D 80 1.41 37.70 -3.68
CA GLN D 80 2.26 37.93 -4.84
C GLN D 80 2.75 39.36 -4.85
N VAL D 81 4.05 39.54 -5.11
CA VAL D 81 4.65 40.86 -5.24
C VAL D 81 5.54 40.87 -6.47
N SER D 82 5.81 42.08 -6.97
CA SER D 82 6.77 42.30 -8.04
C SER D 82 7.96 43.04 -7.46
N THR D 83 9.15 42.45 -7.55
CA THR D 83 10.32 42.96 -6.85
C THR D 83 11.57 42.83 -7.71
N ASN D 84 12.61 43.55 -7.31
CA ASN D 84 13.98 43.34 -7.77
C ASN D 84 14.74 42.68 -6.64
N THR D 85 15.30 41.50 -6.90
CA THR D 85 15.96 40.72 -5.85
C THR D 85 17.17 40.00 -6.41
N SER D 86 18.09 39.65 -5.50
CA SER D 86 19.23 38.83 -5.87
C SER D 86 18.74 37.46 -6.33
N TYR D 87 19.42 36.90 -7.34
CA TYR D 87 18.95 35.69 -8.00
C TYR D 87 19.72 34.44 -7.55
N LYS D 88 21.04 34.46 -7.69
CA LYS D 88 21.84 33.27 -7.41
C LYS D 88 23.13 33.67 -6.71
N ALA D 89 23.77 32.68 -6.09
CA ALA D 89 25.03 32.91 -5.40
C ALA D 89 26.15 33.11 -6.42
N PHE D 90 27.24 33.72 -5.93
CA PHE D 90 28.41 34.03 -6.75
C PHE D 90 28.02 34.91 -7.94
N SER D 91 27.06 35.80 -7.72
CA SER D 91 26.56 36.69 -8.77
C SER D 91 25.87 37.87 -8.10
N SER D 92 26.33 39.08 -8.40
CA SER D 92 25.74 40.28 -7.83
C SER D 92 24.60 40.84 -8.66
N GLU D 93 24.26 40.19 -9.78
CA GLU D 93 23.18 40.67 -10.62
C GLU D 93 21.83 40.42 -9.97
N TRP D 94 20.91 41.36 -10.13
CA TRP D 94 19.55 41.25 -9.62
C TRP D 94 18.57 41.01 -10.75
N ILE D 95 17.46 40.37 -10.42
CA ILE D 95 16.40 40.07 -11.37
C ILE D 95 15.12 40.78 -10.93
N SER D 96 14.33 41.19 -11.92
CA SER D 96 12.99 41.70 -11.71
C SER D 96 12.01 40.56 -11.93
N ALA D 97 11.24 40.21 -10.90
CA ALA D 97 10.39 39.04 -10.99
C ALA D 97 9.19 39.19 -10.06
N ASP D 98 8.15 38.44 -10.37
CA ASP D 98 7.02 38.26 -9.47
C ASP D 98 7.30 37.08 -8.56
N ILE D 99 7.29 37.32 -7.26
CA ILE D 99 7.49 36.30 -6.24
C ILE D 99 6.15 36.06 -5.57
N GLY D 100 5.71 34.81 -5.55
CA GLY D 100 4.41 34.47 -5.02
C GLY D 100 4.50 33.30 -4.06
N LEU D 101 3.64 33.37 -3.04
CA LEU D 101 3.51 32.34 -2.03
C LEU D 101 2.13 31.73 -2.14
N GLN D 102 2.07 30.40 -2.13
CA GLN D 102 0.81 29.65 -2.25
C GLN D 102 0.82 28.58 -1.17
N VAL D 103 0.30 28.92 0.01
CA VAL D 103 0.28 28.01 1.14
C VAL D 103 -0.99 27.16 1.06
N GLY D 104 -0.80 25.84 0.96
CA GLY D 104 -1.89 24.89 0.95
C GLY D 104 -1.99 24.11 2.24
N LEU D 105 -2.76 23.02 2.18
CA LEU D 105 -2.96 22.20 3.37
C LEU D 105 -1.74 21.35 3.67
N GLY D 106 -1.13 20.76 2.65
CA GLY D 106 -0.01 19.86 2.83
C GLY D 106 1.36 20.46 2.61
N GLY D 107 1.45 21.74 2.29
CA GLY D 107 2.74 22.35 2.05
C GLY D 107 2.57 23.73 1.45
N VAL D 108 3.69 24.29 1.01
CA VAL D 108 3.74 25.64 0.44
C VAL D 108 4.42 25.57 -0.91
N ASN D 109 3.84 26.24 -1.91
CA ASN D 109 4.41 26.38 -3.24
C ASN D 109 4.93 27.79 -3.40
N ILE D 110 6.22 27.92 -3.69
CA ILE D 110 6.88 29.20 -3.88
C ILE D 110 7.13 29.37 -5.37
N THR D 111 6.58 30.45 -5.95
CA THR D 111 6.71 30.72 -7.36
C THR D 111 7.60 31.94 -7.57
N LEU D 112 8.51 31.84 -8.53
CA LEU D 112 9.40 32.94 -8.90
C LEU D 112 9.37 33.03 -10.42
N THR D 113 8.61 33.99 -10.95
CA THR D 113 8.42 34.13 -12.38
C THR D 113 9.09 35.43 -12.83
N GLY D 114 10.13 35.30 -13.66
CA GLY D 114 10.84 36.46 -14.13
C GLY D 114 9.96 37.35 -14.99
N THR D 115 10.23 38.66 -14.92
CA THR D 115 9.53 39.66 -15.72
C THR D 115 10.56 40.54 -16.41
N PRO D 116 10.99 40.16 -17.64
CA PRO D 116 10.53 39.01 -18.41
C PRO D 116 11.12 37.68 -17.93
N VAL D 117 10.57 36.57 -18.41
CA VAL D 117 11.03 35.25 -17.97
C VAL D 117 12.51 35.07 -18.30
N GLN D 118 12.94 35.53 -19.46
CA GLN D 118 14.33 35.41 -19.89
C GLN D 118 15.11 36.60 -19.34
N GLN D 119 15.79 36.40 -18.22
CA GLN D 119 16.65 37.40 -17.61
C GLN D 119 18.00 36.79 -17.29
N LEU D 120 19.07 37.56 -17.52
CA LEU D 120 20.45 37.12 -17.28
C LEU D 120 20.77 35.81 -18.00
N ASN D 121 20.22 35.63 -19.21
CA ASN D 121 20.39 34.40 -20.00
C ASN D 121 19.91 33.17 -19.26
N GLU D 122 18.86 33.33 -18.43
CA GLU D 122 18.30 32.22 -17.67
C GLU D 122 16.79 32.28 -17.74
N THR D 123 16.16 31.12 -17.60
CA THR D 123 14.71 30.98 -17.59
C THR D 123 14.24 30.98 -16.14
N ILE D 124 13.48 32.01 -15.76
CA ILE D 124 13.03 32.14 -14.39
C ILE D 124 11.52 31.91 -14.32
N ASN D 125 11.13 30.65 -14.12
CA ASN D 125 9.73 30.27 -13.96
C ASN D 125 9.60 29.21 -12.87
N TYR D 126 10.29 29.41 -11.76
CA TYR D 126 10.33 28.41 -10.70
C TYR D 126 8.97 28.26 -10.03
N ASN D 127 8.60 27.02 -9.72
CA ASN D 127 7.44 26.72 -8.89
C ASN D 127 7.84 25.53 -8.01
N GLU D 128 8.39 25.83 -6.84
CA GLU D 128 8.92 24.82 -5.94
C GLU D 128 7.89 24.47 -4.87
N GLU D 129 7.97 23.24 -4.37
CA GLU D 129 7.07 22.77 -3.32
C GLU D 129 7.87 22.34 -2.10
N PHE D 130 7.39 22.73 -0.93
CA PHE D 130 7.97 22.32 0.34
C PHE D 130 6.83 21.83 1.23
N THR D 131 6.81 20.52 1.49
CA THR D 131 5.69 19.88 2.16
C THR D 131 6.00 19.65 3.63
N TRP D 132 5.01 19.95 4.48
CA TRP D 132 5.08 19.67 5.91
C TRP D 132 4.08 18.59 6.32
N ARG D 133 3.65 17.75 5.38
CA ARG D 133 2.71 16.69 5.69
C ARG D 133 3.30 15.71 6.70
N LEU D 134 2.42 15.06 7.46
CA LEU D 134 2.86 14.10 8.46
C LEU D 134 3.68 13.00 7.80
N GLY D 135 4.83 12.70 8.40
CA GLY D 135 5.80 11.78 7.82
C GLY D 135 6.81 12.43 6.91
N GLU D 136 6.63 13.69 6.56
CA GLU D 136 7.56 14.43 5.73
C GLU D 136 8.30 15.44 6.59
N ASN D 137 9.62 15.53 6.42
CA ASN D 137 10.47 16.41 7.21
C ASN D 137 10.70 17.69 6.41
N TYR D 138 10.13 18.81 6.89
CA TYR D 138 10.30 20.07 6.19
C TYR D 138 11.75 20.53 6.22
N ALA D 139 12.44 20.32 7.34
CA ALA D 139 13.84 20.73 7.44
C ALA D 139 14.71 19.97 6.44
N GLU D 140 14.44 18.67 6.27
CA GLU D 140 15.19 17.89 5.29
C GLU D 140 14.95 18.41 3.87
N GLU D 141 13.70 18.75 3.53
CA GLU D 141 13.42 19.29 2.22
C GLU D 141 14.09 20.64 2.00
N TYR D 142 14.11 21.49 3.03
CA TYR D 142 14.79 22.77 2.90
C TYR D 142 16.30 22.58 2.74
N ALA D 143 16.88 21.61 3.45
CA ALA D 143 18.30 21.32 3.29
C ALA D 143 18.59 20.81 1.89
N LYS D 144 17.72 19.95 1.36
CA LYS D 144 17.89 19.47 -0.02
C LYS D 144 17.77 20.61 -1.03
N ALA D 145 16.87 21.55 -0.77
CA ALA D 145 16.76 22.73 -1.63
C ALA D 145 18.03 23.57 -1.57
N LEU D 146 18.59 23.75 -0.37
CA LEU D 146 19.84 24.48 -0.24
C LEU D 146 20.97 23.79 -1.00
N GLU D 147 21.06 22.47 -0.89
CA GLU D 147 22.09 21.74 -1.62
C GLU D 147 21.85 21.78 -3.13
N LYS D 148 20.58 21.84 -3.56
CA LYS D 148 20.29 21.92 -4.98
C LYS D 148 20.68 23.28 -5.56
N GLY D 149 20.62 24.34 -4.76
CA GLY D 149 21.04 25.65 -5.20
C GLY D 149 19.92 26.51 -5.74
N LEU D 150 18.75 26.44 -5.10
CA LEU D 150 17.59 27.18 -5.58
C LEU D 150 17.84 28.68 -5.48
N PRO D 151 17.14 29.49 -6.28
CA PRO D 151 17.37 30.94 -6.26
C PRO D 151 17.06 31.54 -4.90
N ASP D 152 17.66 32.71 -4.65
CA ASP D 152 17.59 33.32 -3.33
C ASP D 152 16.18 33.60 -2.84
N PRO D 153 15.26 34.17 -3.63
CA PRO D 153 13.89 34.36 -3.11
C PRO D 153 13.21 33.08 -2.70
N VAL D 154 13.40 32.00 -3.48
CA VAL D 154 12.77 30.72 -3.14
C VAL D 154 13.33 30.18 -1.82
N LEU D 155 14.66 30.25 -1.65
CA LEU D 155 15.27 29.79 -0.42
C LEU D 155 14.82 30.63 0.77
N TYR D 156 14.69 31.94 0.57
CA TYR D 156 14.24 32.82 1.64
C TYR D 156 12.82 32.48 2.07
N LEU D 157 11.90 32.35 1.12
CA LEU D 157 10.53 32.02 1.46
C LEU D 157 10.40 30.62 2.05
N ALA D 158 11.27 29.68 1.63
CA ALA D 158 11.24 28.34 2.21
C ALA D 158 11.77 28.34 3.63
N GLU D 159 12.83 29.10 3.89
CA GLU D 159 13.38 29.20 5.24
C GLU D 159 12.41 29.93 6.16
N LYS D 160 11.57 30.79 5.61
CA LYS D 160 10.54 31.44 6.43
C LYS D 160 9.57 30.42 7.04
N PHE D 161 9.38 29.28 6.38
CA PHE D 161 8.46 28.26 6.84
C PHE D 161 9.15 27.07 7.51
N THR D 162 10.44 27.19 7.79
CA THR D 162 11.14 26.11 8.48
C THR D 162 10.64 26.00 9.92
N PRO D 163 10.68 24.79 10.50
CA PRO D 163 10.20 24.63 11.88
C PRO D 163 10.95 25.48 12.90
N ARG D 164 12.24 25.72 12.68
CA ARG D 164 13.05 26.48 13.63
C ARG D 164 13.15 27.95 13.29
N SER D 165 12.44 28.42 12.26
CA SER D 165 12.47 29.84 11.93
C SER D 165 11.85 30.66 13.07
N PRO D 166 12.34 31.88 13.31
CA PRO D 166 11.84 32.66 14.45
C PRO D 166 10.34 32.87 14.45
N CYS D 167 9.72 33.08 13.29
CA CYS D 167 8.28 33.28 13.23
C CYS D 167 7.59 31.93 13.05
N GLY D 168 6.58 31.68 13.87
CA GLY D 168 5.96 30.37 13.95
C GLY D 168 4.90 30.11 12.91
N LEU D 169 5.22 30.35 11.63
CA LEU D 169 4.29 30.01 10.57
C LEU D 169 4.22 28.51 10.35
N TYR D 170 5.33 27.80 10.57
CA TYR D 170 5.37 26.37 10.26
C TYR D 170 4.37 25.59 11.10
N ARG D 171 4.41 25.76 12.42
CA ARG D 171 3.56 24.95 13.30
C ARG D 171 2.08 25.23 13.05
N GLN D 172 1.72 26.51 13.04
CA GLN D 172 0.30 26.86 12.87
C GLN D 172 -0.21 26.45 11.50
N TYR D 173 0.57 26.69 10.45
CA TYR D 173 0.13 26.32 9.11
C TYR D 173 0.03 24.81 8.96
N ARG D 174 0.97 24.07 9.55
CA ARG D 174 0.92 22.61 9.49
C ARG D 174 -0.31 22.08 10.20
N LEU D 175 -0.60 22.60 11.40
CA LEU D 175 -1.79 22.18 12.13
C LEU D 175 -3.06 22.50 11.35
N ALA D 176 -3.16 23.73 10.84
CA ALA D 176 -4.34 24.15 10.09
C ALA D 176 -4.55 23.29 8.86
N GLY D 177 -3.48 23.08 8.08
CA GLY D 177 -3.59 22.27 6.89
C GLY D 177 -3.96 20.83 7.19
N HIS D 178 -3.35 20.25 8.22
CA HIS D 178 -3.64 18.86 8.58
C HIS D 178 -5.11 18.68 8.96
N TYR D 179 -5.61 19.53 9.86
CA TYR D 179 -6.99 19.32 10.31
C TYR D 179 -8.00 19.77 9.24
N THR D 180 -7.66 20.77 8.43
CA THR D 180 -8.53 21.13 7.32
C THR D 180 -8.61 20.01 6.29
N SER D 181 -7.48 19.34 6.01
CA SER D 181 -7.50 18.20 5.11
C SER D 181 -8.31 17.05 5.69
N ALA D 182 -8.19 16.81 6.99
CA ALA D 182 -8.99 15.77 7.63
C ALA D 182 -10.49 16.07 7.50
N MET D 183 -10.87 17.32 7.77
CA MET D 183 -12.28 17.70 7.65
C MET D 183 -12.76 17.59 6.21
N LEU D 184 -11.90 17.95 5.25
CA LEU D 184 -12.27 17.84 3.84
C LEU D 184 -12.42 16.40 3.41
N TRP D 185 -11.57 15.50 3.92
CA TRP D 185 -11.74 14.08 3.63
C TRP D 185 -13.04 13.55 4.24
N VAL D 186 -13.38 13.99 5.44
CA VAL D 186 -14.66 13.62 6.03
C VAL D 186 -15.81 14.12 5.17
N ALA D 187 -15.69 15.35 4.66
CA ALA D 187 -16.72 15.89 3.78
C ALA D 187 -16.84 15.10 2.48
N PHE D 188 -15.71 14.67 1.93
CA PHE D 188 -15.73 13.85 0.72
C PHE D 188 -16.41 12.49 0.98
N LEU D 189 -16.10 11.88 2.13
CA LEU D 189 -16.77 10.63 2.49
C LEU D 189 -18.28 10.84 2.65
N CYS D 190 -18.67 11.96 3.28
CA CYS D 190 -20.09 12.26 3.42
C CYS D 190 -20.73 12.50 2.06
N TRP D 191 -20.00 13.11 1.12
CA TRP D 191 -20.51 13.29 -0.23
C TRP D 191 -20.73 11.95 -0.93
N LEU D 192 -19.78 11.02 -0.77
CA LEU D 192 -19.94 9.69 -1.32
C LEU D 192 -21.17 9.00 -0.73
N LEU D 193 -21.34 9.09 0.58
CA LEU D 193 -22.48 8.46 1.23
C LEU D 193 -23.80 9.11 0.80
N ALA D 194 -23.81 10.43 0.64
CA ALA D 194 -25.01 11.12 0.16
C ALA D 194 -25.37 10.69 -1.25
N ASN D 195 -24.36 10.57 -2.13
CA ASN D 195 -24.63 10.10 -3.48
C ASN D 195 -25.17 8.68 -3.47
N VAL D 196 -24.63 7.83 -2.61
CA VAL D 196 -25.11 6.44 -2.53
C VAL D 196 -26.55 6.40 -2.03
N MET D 197 -26.85 7.17 -0.98
CA MET D 197 -28.15 7.08 -0.33
C MET D 197 -29.24 7.89 -1.04
N LEU D 198 -28.89 8.80 -1.94
CA LEU D 198 -29.93 9.48 -2.72
C LEU D 198 -30.61 8.53 -3.69
N SER D 199 -29.92 7.46 -4.11
CA SER D 199 -30.56 6.45 -4.94
C SER D 199 -31.51 5.58 -4.13
N MET D 200 -31.24 5.42 -2.84
CA MET D 200 -32.09 4.63 -1.97
C MET D 200 -33.44 5.32 -1.76
N PRO D 201 -34.48 4.57 -1.39
CA PRO D 201 -35.80 5.20 -1.21
C PRO D 201 -35.82 6.29 -0.15
N VAL D 202 -34.93 6.24 0.84
CA VAL D 202 -34.89 7.23 1.91
C VAL D 202 -34.08 8.43 1.41
N LEU D 203 -34.77 9.44 0.88
CA LEU D 203 -34.12 10.66 0.44
C LEU D 203 -33.74 11.58 1.60
N VAL D 204 -34.40 11.42 2.75
CA VAL D 204 -34.13 12.30 3.89
C VAL D 204 -32.70 12.11 4.38
N TYR D 205 -32.23 10.86 4.47
CA TYR D 205 -30.88 10.60 4.94
C TYR D 205 -29.84 11.12 3.94
N GLY D 206 -30.15 11.02 2.65
CA GLY D 206 -29.27 11.62 1.65
C GLY D 206 -29.17 13.12 1.78
N GLY D 207 -30.31 13.78 2.01
CA GLY D 207 -30.28 15.23 2.22
C GLY D 207 -29.50 15.61 3.47
N TYR D 208 -29.69 14.85 4.55
CA TYR D 208 -28.94 15.11 5.77
C TYR D 208 -27.45 14.88 5.57
N MET D 209 -27.08 13.88 4.76
CA MET D 209 -25.67 13.63 4.47
C MET D 209 -25.07 14.77 3.64
N LEU D 210 -25.84 15.29 2.69
CA LEU D 210 -25.36 16.46 1.93
C LEU D 210 -25.19 17.67 2.84
N LEU D 211 -26.13 17.87 3.77
CA LEU D 211 -26.00 18.94 4.74
C LEU D 211 -24.76 18.74 5.61
N ALA D 212 -24.48 17.50 5.99
CA ALA D 212 -23.27 17.21 6.76
C ALA D 212 -22.01 17.49 5.96
N THR D 213 -22.04 17.19 4.66
CA THR D 213 -20.91 17.55 3.79
C THR D 213 -20.66 19.06 3.81
N GLY D 214 -21.74 19.83 3.65
CA GLY D 214 -21.59 21.29 3.73
C GLY D 214 -21.08 21.75 5.08
N ILE D 215 -21.59 21.14 6.15
CA ILE D 215 -21.16 21.50 7.50
C ILE D 215 -19.68 21.23 7.68
N PHE D 216 -19.20 20.08 7.19
CA PHE D 216 -17.78 19.76 7.33
C PHE D 216 -16.91 20.67 6.49
N GLN D 217 -17.38 21.06 5.30
CA GLN D 217 -16.64 22.04 4.52
C GLN D 217 -16.52 23.37 5.26
N LEU D 218 -17.63 23.84 5.84
CA LEU D 218 -17.59 25.08 6.59
C LEU D 218 -16.71 24.96 7.84
N LEU D 219 -16.72 23.79 8.47
CA LEU D 219 -15.85 23.58 9.63
C LEU D 219 -14.39 23.58 9.23
N ALA D 220 -14.05 23.01 8.08
CA ALA D 220 -12.68 23.08 7.58
C ALA D 220 -12.28 24.53 7.34
N LEU D 221 -13.18 25.31 6.72
CA LEU D 221 -12.92 26.74 6.53
C LEU D 221 -12.65 27.44 7.86
N LEU D 222 -13.53 27.21 8.84
CA LEU D 222 -13.40 27.90 10.13
C LEU D 222 -12.12 27.50 10.84
N PHE D 223 -11.78 26.21 10.82
CA PHE D 223 -10.55 25.77 11.47
C PHE D 223 -9.32 26.38 10.79
N PHE D 224 -9.30 26.40 9.46
CA PHE D 224 -8.16 26.99 8.77
C PHE D 224 -8.02 28.47 9.11
N SER D 225 -9.14 29.20 9.10
CA SER D 225 -9.09 30.62 9.43
C SER D 225 -8.59 30.85 10.85
N MET D 226 -9.15 30.11 11.82
CA MET D 226 -8.79 30.32 13.21
C MET D 226 -7.33 29.94 13.48
N ALA D 227 -6.87 28.85 12.87
CA ALA D 227 -5.50 28.39 13.14
C ALA D 227 -4.46 29.23 12.41
N THR D 228 -4.79 29.78 11.23
CA THR D 228 -3.85 30.64 10.53
C THR D 228 -3.93 32.10 10.98
N SER D 229 -4.96 32.47 11.73
CA SER D 229 -5.07 33.83 12.25
C SER D 229 -4.36 34.00 13.60
N LEU D 230 -4.17 32.93 14.35
CA LEU D 230 -3.50 33.00 15.65
C LEU D 230 -2.01 33.28 15.54
N THR D 231 -1.43 33.18 14.34
CA THR D 231 0.00 33.36 14.17
C THR D 231 0.40 34.80 14.44
N SER D 232 1.58 34.97 15.06
CA SER D 232 2.14 36.30 15.20
C SER D 232 2.56 36.83 13.83
N PRO D 233 2.57 38.15 13.65
CA PRO D 233 2.91 38.71 12.33
C PRO D 233 4.33 38.36 11.92
N CYS D 234 4.46 37.65 10.80
CA CYS D 234 5.77 37.32 10.24
C CYS D 234 6.01 38.19 9.03
N PRO D 235 6.90 39.19 9.12
CA PRO D 235 7.13 40.11 8.00
C PRO D 235 7.95 39.43 6.91
N LEU D 236 7.36 39.30 5.72
CA LEU D 236 8.03 38.78 4.55
C LEU D 236 8.48 39.98 3.70
N HIS D 237 9.78 40.25 3.69
CA HIS D 237 10.33 41.39 2.96
C HIS D 237 11.29 40.87 1.89
N LEU D 238 10.95 41.14 0.63
CA LEU D 238 11.80 40.79 -0.50
C LEU D 238 12.14 42.06 -1.27
N GLY D 239 13.43 42.27 -1.50
CA GLY D 239 13.86 43.48 -2.18
C GLY D 239 13.44 44.71 -1.40
N ALA D 240 12.66 45.57 -2.05
CA ALA D 240 12.12 46.77 -1.42
C ALA D 240 10.61 46.69 -1.25
N SER D 241 10.07 45.48 -1.13
CA SER D 241 8.62 45.30 -1.00
C SER D 241 8.33 44.22 0.04
N VAL D 242 7.07 44.16 0.44
CA VAL D 242 6.59 43.26 1.49
C VAL D 242 5.47 42.39 0.92
N LEU D 243 5.53 41.10 1.21
CA LEU D 243 4.54 40.14 0.73
C LEU D 243 3.44 39.98 1.77
N HIS D 244 2.21 40.26 1.36
CA HIS D 244 1.03 40.10 2.20
C HIS D 244 0.19 38.95 1.67
N THR D 245 -0.16 38.02 2.55
CA THR D 245 -0.95 36.86 2.18
C THR D 245 -2.42 37.09 2.49
N HIS D 246 -3.28 36.38 1.76
CA HIS D 246 -4.72 36.48 1.96
C HIS D 246 -5.35 35.16 1.52
N HIS D 247 -6.61 34.96 1.92
CA HIS D 247 -7.32 33.74 1.56
C HIS D 247 -7.45 33.64 0.05
N GLY D 248 -6.94 32.55 -0.51
CA GLY D 248 -6.87 32.38 -1.94
C GLY D 248 -8.12 31.78 -2.54
N PRO D 249 -8.05 31.42 -3.82
CA PRO D 249 -9.24 30.86 -4.50
C PRO D 249 -9.74 29.57 -3.86
N ALA D 250 -8.86 28.76 -3.28
CA ALA D 250 -9.30 27.52 -2.65
C ALA D 250 -10.22 27.82 -1.47
N PHE D 251 -9.90 28.84 -0.68
CA PHE D 251 -10.73 29.20 0.47
C PHE D 251 -12.14 29.59 0.02
N TRP D 252 -12.24 30.43 -1.01
CA TRP D 252 -13.55 30.89 -1.46
C TRP D 252 -14.32 29.78 -2.19
N ILE D 253 -13.61 28.91 -2.90
CA ILE D 253 -14.26 27.75 -3.50
C ILE D 253 -14.84 26.84 -2.43
N THR D 254 -14.08 26.61 -1.36
CA THR D 254 -14.60 25.83 -0.24
C THR D 254 -15.81 26.52 0.37
N LEU D 255 -15.75 27.84 0.52
CA LEU D 255 -16.88 28.58 1.09
C LEU D 255 -18.13 28.39 0.25
N THR D 256 -18.03 28.63 -1.06
CA THR D 256 -19.21 28.56 -1.91
C THR D 256 -19.73 27.12 -2.01
N THR D 257 -18.83 26.13 -2.07
CA THR D 257 -19.28 24.74 -2.17
C THR D 257 -19.95 24.29 -0.88
N GLY D 258 -19.38 24.66 0.27
CA GLY D 258 -20.01 24.31 1.54
C GLY D 258 -21.35 24.98 1.73
N LEU D 259 -21.45 26.27 1.36
CA LEU D 259 -22.73 26.96 1.44
C LEU D 259 -23.75 26.32 0.49
N LEU D 260 -23.32 25.93 -0.71
CA LEU D 260 -24.23 25.27 -1.64
C LEU D 260 -24.73 23.95 -1.08
N CYS D 261 -23.83 23.14 -0.50
CA CYS D 261 -24.25 21.87 0.08
C CYS D 261 -25.19 22.08 1.26
N VAL D 262 -24.89 23.06 2.12
CA VAL D 262 -25.75 23.33 3.27
C VAL D 262 -27.14 23.76 2.81
N LEU D 263 -27.19 24.66 1.83
CA LEU D 263 -28.48 25.13 1.32
C LEU D 263 -29.25 24.00 0.64
N LEU D 264 -28.55 23.15 -0.12
CA LEU D 264 -29.22 22.04 -0.78
C LEU D 264 -29.81 21.05 0.23
N GLY D 265 -29.03 20.71 1.27
CA GLY D 265 -29.55 19.82 2.29
C GLY D 265 -30.71 20.43 3.06
N LEU D 266 -30.60 21.72 3.40
CA LEU D 266 -31.68 22.40 4.11
C LEU D 266 -32.95 22.45 3.25
N ALA D 267 -32.80 22.75 1.96
CA ALA D 267 -33.95 22.79 1.06
C ALA D 267 -34.57 21.41 0.91
N MET D 268 -33.74 20.37 0.82
CA MET D 268 -34.28 19.01 0.71
C MET D 268 -35.08 18.65 1.96
N ALA D 269 -34.53 18.95 3.13
CA ALA D 269 -35.25 18.65 4.38
C ALA D 269 -36.55 19.44 4.48
N VAL D 270 -36.50 20.73 4.13
CA VAL D 270 -37.70 21.56 4.20
C VAL D 270 -38.76 21.07 3.22
N ALA D 271 -38.34 20.70 1.99
CA ALA D 271 -39.30 20.21 1.01
C ALA D 271 -39.92 18.90 1.45
N HIS D 272 -39.11 18.00 2.05
CA HIS D 272 -39.67 16.77 2.58
C HIS D 272 -40.67 17.04 3.69
N ARG D 273 -40.34 17.97 4.60
CA ARG D 273 -41.25 18.28 5.69
C ARG D 273 -42.56 18.87 5.17
N MET D 274 -42.47 19.76 4.17
CA MET D 274 -43.66 20.36 3.58
C MET D 274 -44.37 19.43 2.62
N GLN D 275 -43.70 18.39 2.13
CA GLN D 275 -44.30 17.45 1.20
C GLN D 275 -43.95 16.01 1.56
C1 NAG E . 21.07 -8.81 7.63
C2 NAG E . 20.32 -9.57 8.73
C3 NAG E . 19.13 -8.74 9.23
C4 NAG E . 19.57 -7.34 9.62
C5 NAG E . 20.34 -6.69 8.48
C6 NAG E . 20.90 -5.32 8.81
C7 NAG E . 20.23 -12.01 8.85
C8 NAG E . 19.68 -13.26 8.23
N2 NAG E . 19.89 -10.86 8.26
O3 NAG E . 18.53 -9.40 10.33
O4 NAG E . 18.41 -6.56 9.93
O5 NAG E . 21.45 -7.51 8.11
O6 NAG E . 21.84 -5.40 9.88
O7 NAG E . 20.94 -12.05 9.85
C1 NAG E . 18.57 -5.93 11.23
C2 NAG E . 17.58 -4.78 11.31
C3 NAG E . 17.08 -4.60 12.75
C4 NAG E . 18.18 -4.90 13.75
C5 NAG E . 18.74 -6.32 13.57
C6 NAG E . 18.26 -7.28 14.63
C7 NAG E . 17.81 -2.91 9.72
C8 NAG E . 16.70 -3.57 8.95
N2 NAG E . 18.19 -3.54 10.85
O3 NAG E . 15.98 -5.49 12.97
O4 NAG E . 19.24 -3.97 13.56
O5 NAG E . 18.33 -6.85 12.31
O6 NAG E . 18.53 -8.62 14.26
O7 NAG E . 18.35 -1.88 9.35
C1 BMA E . 19.92 -3.65 14.79
C2 BMA E . 21.31 -3.14 14.37
C3 BMA E . 22.05 -2.47 15.54
C4 BMA E . 21.13 -1.56 16.36
C5 BMA E . 19.82 -2.27 16.72
C6 BMA E . 18.87 -1.35 17.41
O2 BMA E . 21.19 -2.16 13.35
O3 BMA E . 23.12 -1.69 15.05
O4 BMA E . 21.80 -1.17 17.56
O5 BMA E . 19.20 -2.71 15.51
O6 BMA E . 18.43 -0.40 16.43
C1 MAN E . 24.36 -2.42 15.14
C2 MAN E . 25.49 -1.39 15.14
C3 MAN E . 25.47 -0.65 13.81
C4 MAN E . 25.60 -1.65 12.66
C5 MAN E . 24.50 -2.71 12.74
C6 MAN E . 24.66 -3.82 11.73
O2 MAN E . 26.75 -2.04 15.17
O3 MAN E . 26.49 0.34 13.73
O4 MAN E . 25.51 -0.97 11.42
O5 MAN E . 24.50 -3.31 14.06
O6 MAN E . 25.81 -4.58 12.10
C1 MAN E . 27.56 -1.49 16.24
C2 MAN E . 28.97 -2.07 16.06
C3 MAN E . 28.93 -3.57 16.33
C4 MAN E . 28.37 -3.83 17.73
C5 MAN E . 26.97 -3.22 17.85
C6 MAN E . 26.39 -3.32 19.25
O2 MAN E . 29.85 -1.56 17.05
O3 MAN E . 30.21 -4.16 16.19
O4 MAN E . 28.29 -5.22 17.97
O5 MAN E . 27.02 -1.80 17.52
O6 MAN E . 25.08 -2.77 19.23
C1 MAN E . 30.64 -0.49 16.49
C2 MAN E . 31.96 -0.47 17.29
C3 MAN E . 31.65 -0.10 18.74
C4 MAN E . 30.83 1.19 18.83
C5 MAN E . 29.57 1.09 17.94
C6 MAN E . 28.80 2.40 17.85
O2 MAN E . 32.84 0.56 16.81
O3 MAN E . 32.85 0.03 19.50
O4 MAN E . 30.42 1.42 20.17
O5 MAN E . 29.95 0.74 16.60
O6 MAN E . 27.67 2.19 17.03
C1 MAN E . 18.01 0.81 17.09
C2 MAN E . 17.39 1.76 16.02
C3 MAN E . 18.47 2.44 15.17
C4 MAN E . 19.59 3.02 16.05
C5 MAN E . 20.16 1.93 16.96
C6 MAN E . 21.23 2.44 17.88
O2 MAN E . 16.65 2.82 16.63
O3 MAN E . 17.91 3.48 14.37
O4 MAN E . 20.63 3.56 15.26
O5 MAN E . 19.10 1.41 17.79
O6 MAN E . 21.06 3.85 17.98
C1 MAN E . 21.82 4.35 19.10
C2 MAN E . 21.23 5.72 19.46
C3 MAN E . 21.47 6.68 18.31
C4 MAN E . 22.96 6.73 17.95
C5 MAN E . 23.48 5.32 17.66
C6 MAN E . 24.99 5.27 17.45
O2 MAN E . 21.92 6.29 20.58
O3 MAN E . 20.98 7.99 18.60
O4 MAN E . 23.16 7.56 16.81
O5 MAN E . 23.18 4.44 18.78
O6 MAN E . 25.38 3.91 17.37
C1 MAN E . 21.12 6.18 21.77
C2 MAN E . 21.67 7.19 22.80
C3 MAN E . 23.03 6.73 23.32
C4 MAN E . 22.95 5.28 23.82
C5 MAN E . 22.44 4.37 22.71
C6 MAN E . 22.27 2.93 23.14
O2 MAN E . 20.82 7.28 23.95
O3 MAN E . 23.53 7.58 24.33
O4 MAN E . 24.24 4.84 24.23
O5 MAN E . 21.15 4.85 22.27
O6 MAN E . 23.36 2.58 23.99
C1 MAN E . 18.38 3.35 13.01
C2 MAN E . 18.40 4.77 12.41
C3 MAN E . 16.98 5.30 12.25
C4 MAN E . 16.10 4.28 11.48
C5 MAN E . 16.17 2.91 12.18
C6 MAN E . 15.41 1.83 11.44
O2 MAN E . 18.97 4.79 11.09
O3 MAN E . 16.94 6.56 11.61
O4 MAN E . 14.76 4.73 11.44
O5 MAN E . 17.54 2.49 12.27
O6 MAN E . 16.25 1.36 10.37
C1 NAG F . 3.84 22.91 -6.40
C2 NAG F . 2.89 22.69 -7.58
C3 NAG F . 3.02 21.27 -8.11
C4 NAG F . 4.48 20.93 -8.43
C5 NAG F . 5.34 21.22 -7.19
C6 NAG F . 6.83 21.01 -7.43
C7 NAG F . 0.75 23.87 -7.81
C8 NAG F . -0.64 24.03 -7.29
N2 NAG F . 1.52 22.96 -7.19
O3 NAG F . 2.24 21.13 -9.29
O4 NAG F . 4.58 19.56 -8.79
O5 NAG F . 5.17 22.57 -6.78
O6 NAG F . 7.31 21.91 -8.42
O7 NAG F . 1.16 24.54 -8.75
C1 NAG F . 5.30 19.43 -10.04
C2 NAG F . 5.79 17.98 -10.14
C3 NAG F . 5.79 17.53 -11.60
C4 NAG F . 6.18 18.67 -12.54
C5 NAG F . 5.24 19.87 -12.37
C6 NAG F . 4.25 20.00 -13.50
C7 NAG F . 7.38 17.16 -8.46
C8 NAG F . 6.20 16.51 -7.80
N2 NAG F . 7.13 17.85 -9.57
O3 NAG F . 4.50 17.05 -11.94
O4 NAG F . 7.50 19.09 -12.22
O5 NAG F . 4.47 19.73 -11.17
O6 NAG F . 3.21 20.91 -13.18
O7 NAG F . 8.52 17.07 -7.99
C1 BMA F . 8.20 19.56 -13.38
C2 BMA F . 9.32 20.48 -12.85
C3 BMA F . 10.37 20.81 -13.91
C4 BMA F . 10.73 19.59 -14.76
C5 BMA F . 9.49 18.85 -15.26
C6 BMA F . 9.85 17.58 -15.97
O2 BMA F . 10.02 19.82 -11.79
O3 BMA F . 11.55 21.31 -13.31
O4 BMA F . 11.50 20.01 -15.89
O5 BMA F . 8.71 18.48 -14.11
O6 BMA F . 10.37 16.67 -14.98
C1 MAN F . 11.56 22.75 -13.34
C2 MAN F . 13.02 23.18 -13.20
C3 MAN F . 13.53 22.73 -11.85
C4 MAN F . 12.67 23.30 -10.74
C5 MAN F . 11.19 22.90 -10.95
C6 MAN F . 10.25 23.58 -9.98
O2 MAN F . 13.10 24.60 -13.17
O3 MAN F . 14.90 23.10 -11.65
O4 MAN F . 13.10 22.82 -9.47
O5 MAN F . 10.78 23.28 -12.30
O6 MAN F . 10.22 24.96 -10.29
C1 MAN F . 14.07 25.05 -14.15
C2 MAN F . 14.27 26.56 -13.89
C3 MAN F . 12.99 27.30 -14.22
C4 MAN F . 12.60 27.01 -15.67
C5 MAN F . 12.41 25.50 -15.88
C6 MAN F . 12.14 25.12 -17.32
O2 MAN F . 15.24 27.10 -14.78
O3 MAN F . 13.12 28.70 -14.01
O4 MAN F . 11.37 27.67 -15.98
O5 MAN F . 13.62 24.81 -15.47
O6 MAN F . 11.94 23.72 -17.38
C1 MAN F . 16.51 27.21 -14.12
C2 MAN F . 17.26 28.35 -14.82
C3 MAN F . 17.52 27.96 -16.28
C4 MAN F . 18.20 26.58 -16.37
C5 MAN F . 17.42 25.53 -15.56
C6 MAN F . 18.15 24.20 -15.48
O2 MAN F . 18.55 28.56 -14.23
O3 MAN F . 18.30 28.94 -16.94
O4 MAN F . 18.26 26.18 -17.72
O5 MAN F . 17.23 26.00 -14.22
O6 MAN F . 17.33 23.30 -14.75
C1 MAN F . 11.24 15.72 -15.62
C2 MAN F . 11.66 14.66 -14.55
C3 MAN F . 12.73 15.21 -13.60
C4 MAN F . 13.86 15.90 -14.37
C5 MAN F . 13.28 16.99 -15.26
C6 MAN F . 14.35 17.69 -16.09
O2 MAN F . 12.24 13.51 -15.17
O3 MAN F . 13.27 14.17 -12.79
O4 MAN F . 14.78 16.49 -13.46
O5 MAN F . 12.36 16.39 -16.19
O6 MAN F . 15.47 16.82 -16.15
C1 MAN F . 16.36 17.26 -17.18
C2 MAN F . 17.27 16.07 -17.53
C3 MAN F . 18.13 15.73 -16.31
C4 MAN F . 18.91 16.97 -15.84
C5 MAN F . 17.92 18.14 -15.58
C6 MAN F . 18.63 19.43 -15.26
O2 MAN F . 18.20 16.42 -18.56
O3 MAN F . 19.02 14.65 -16.57
O4 MAN F . 19.62 16.68 -14.66
O5 MAN F . 17.12 18.36 -16.75
O6 MAN F . 17.66 20.47 -15.21
C1 MAN F . 17.78 15.83 -19.81
C2 MAN F . 19.01 15.83 -20.75
C3 MAN F . 19.35 17.26 -21.18
C4 MAN F . 18.11 17.95 -21.75
C5 MAN F . 16.98 17.93 -20.72
C6 MAN F . 15.69 18.55 -21.23
O2 MAN F . 18.74 15.11 -21.95
O3 MAN F . 20.41 17.29 -22.12
O4 MAN F . 18.42 19.30 -22.08
O5 MAN F . 16.70 16.56 -20.37
O6 MAN F . 16.02 19.69 -22.01
C1 MAN F . 13.31 14.57 -11.41
C2 MAN F . 14.48 13.83 -10.75
C3 MAN F . 14.19 12.34 -10.68
C4 MAN F . 12.82 12.08 -10.02
C5 MAN F . 11.72 12.86 -10.78
C6 MAN F . 10.36 12.73 -10.13
O2 MAN F . 14.68 14.26 -9.40
O3 MAN F . 15.20 11.62 -9.98
O4 MAN F . 12.52 10.69 -10.06
O5 MAN F . 12.08 14.26 -10.78
O6 MAN F . 10.30 13.65 -9.04
CHA HEM G . -14.69 -18.54 -21.90
CHB HEM G . -10.59 -16.08 -21.09
CHC HEM G . -10.76 -14.38 -25.63
CHD HEM G . -15.22 -16.21 -26.13
C1A HEM G . -13.55 -18.07 -21.29
C2A HEM G . -13.06 -18.41 -19.96
C3A HEM G . -11.93 -17.74 -19.75
C4A HEM G . -11.66 -16.93 -20.92
CMA HEM G . -11.06 -17.81 -18.47
CAA HEM G . -13.72 -19.40 -18.98
CBA HEM G . -13.49 -20.83 -19.45
CGA HEM G . -14.12 -21.79 -18.47
O1A HEM G . -14.71 -21.32 -17.46
O2A HEM G . -14.01 -23.02 -18.68
C1B HEM G . -10.23 -15.47 -22.29
C2B HEM G . -8.95 -14.85 -22.58
C3B HEM G . -9.01 -14.37 -23.83
C4B HEM G . -10.32 -14.70 -24.38
CMB HEM G . -7.78 -14.78 -21.57
CAB HEM G . -7.95 -13.63 -24.68
CBB HEM G . -6.65 -13.57 -24.37
C1C HEM G . -11.99 -14.72 -26.18
C2C HEM G . -12.44 -14.41 -27.53
C3C HEM G . -13.68 -14.93 -27.66
C4C HEM G . -14.03 -15.56 -26.41
CMC HEM G . -11.59 -13.64 -28.55
CAC HEM G . -14.64 -14.89 -28.88
CBC HEM G . -14.39 -14.28 -30.04
C1D HEM G . -15.45 -17.05 -25.06
C2D HEM G . -16.58 -17.94 -24.90
C3D HEM G . -16.44 -18.58 -23.73
C4D HEM G . -15.22 -18.12 -23.11
CMD HEM G . -17.74 -18.11 -25.89
CAD HEM G . -17.44 -19.62 -23.16
CBD HEM G . -18.07 -19.10 -21.89
CGD HEM G . -19.04 -20.12 -21.35
O1D HEM G . -19.25 -21.16 -22.03
O2D HEM G . -19.60 -19.90 -20.24
NA HEM G . -12.67 -17.15 -21.84
NB HEM G . -11.03 -15.36 -23.39
NC HEM G . -12.98 -15.43 -25.54
ND HEM G . -14.63 -17.20 -23.95
FE HEM G . -12.82 -16.29 -23.68
CHA HEM H . 5.70 -5.30 -20.79
CHB HEM H . 8.03 -6.34 -24.92
CHC HEM H . 4.11 -8.71 -26.55
CHD HEM H . 1.71 -7.40 -22.54
C1A HEM H . 6.69 -5.42 -21.74
C2A HEM H . 8.07 -5.00 -21.61
C3A HEM H . 8.71 -5.29 -22.74
C4A HEM H . 7.76 -5.90 -23.65
CMA HEM H . 10.20 -5.02 -23.03
CAA HEM H . 8.70 -4.35 -20.36
CBA HEM H . 8.84 -5.43 -19.30
CGA HEM H . 9.99 -5.11 -18.40
O1A HEM H . 10.36 -3.91 -18.29
O2A HEM H . 10.55 -6.06 -17.78
C1B HEM H . 7.19 -7.08 -25.73
C2B HEM H . 7.50 -7.62 -27.03
C3B HEM H . 6.41 -8.27 -27.49
C4B HEM H . 5.38 -8.17 -26.47
CMB HEM H . 8.88 -7.42 -27.72
CAB HEM H . 6.20 -9.04 -28.83
CBB HEM H . 7.11 -9.17 -29.79
C1C HEM H . 3.15 -8.63 -25.57
C2C HEM H . 1.92 -9.39 -25.51
C3C HEM H . 1.25 -9.02 -24.41
C4C HEM H . 2.05 -8.03 -23.72
CMC HEM H . 1.51 -10.42 -26.59
CAC HEM H . -0.11 -9.51 -23.85
CBC HEM H . -0.75 -10.62 -24.24
C1D HEM H . 2.59 -6.80 -21.68
C2D HEM H . 2.34 -6.46 -20.30
C3D HEM H . 3.45 -5.87 -19.82
C4D HEM H . 4.43 -5.82 -20.87
CMD HEM H . 1.03 -6.74 -19.53
CAD HEM H . 3.64 -5.35 -18.37
CBD HEM H . 3.96 -6.52 -17.45
CGD HEM H . 4.12 -6.03 -16.04
O1D HEM H . 4.30 -6.88 -15.12
O2D HEM H . 4.06 -4.80 -15.82
NA HEM H . 6.55 -5.97 -23.01
NB HEM H . 5.89 -7.44 -25.42
NC HEM H . 3.19 -7.81 -24.46
ND HEM H . 3.87 -6.39 -22.00
FE HEM H . 4.89 -6.93 -23.70
PA NDP I . -37.65 -6.83 -28.47
O1A NDP I . -37.54 -7.74 -29.67
O2A NDP I . -37.21 -5.38 -28.59
O5B NDP I . -39.17 -6.85 -27.94
C5B NDP I . -39.53 -6.02 -26.84
C4B NDP I . -40.88 -5.36 -27.08
O4B NDP I . -40.94 -4.18 -26.28
C3B NDP I . -40.97 -4.93 -28.54
O3B NDP I . -42.27 -5.25 -29.06
C2B NDP I . -40.80 -3.43 -28.52
O2B NDP I . -41.69 -2.82 -29.45
C1B NDP I . -41.06 -3.01 -27.09
N9A NDP I . -40.02 -2.02 -26.69
C8A NDP I . -38.69 -2.22 -26.76
N7A NDP I . -38.01 -1.14 -26.32
C5A NDP I . -38.92 -0.21 -25.96
C6A NDP I . -38.87 1.16 -25.41
N6A NDP I . -37.69 1.78 -25.16
N1A NDP I . -40.05 1.78 -25.17
C2A NDP I . -41.23 1.18 -25.42
N3A NDP I . -41.34 -0.06 -25.91
C4A NDP I . -40.24 -0.80 -26.20
O3 NDP I . -36.87 -7.50 -27.24
PN NDP I . -35.28 -7.74 -27.33
O1N NDP I . -35.02 -9.22 -27.18
O2N NDP I . -34.75 -7.00 -28.55
O5D NDP I . -34.75 -6.99 -26.01
C5D NDP I . -33.75 -5.98 -26.12
C4D NDP I . -32.86 -5.99 -24.89
O4D NDP I . -33.67 -6.03 -23.70
C3D NDP I . -31.97 -7.22 -24.87
O3D NDP I . -30.60 -6.83 -25.05
C2D NDP I . -32.16 -7.84 -23.49
O2D NDP I . -30.89 -7.98 -22.85
C1D NDP I . -33.04 -6.87 -22.73
N1N NDP I . -34.04 -7.63 -21.95
C2N NDP I . -33.95 -7.63 -20.63
C3N NDP I . -34.86 -8.32 -19.83
C7N NDP I . -34.72 -8.29 -18.34
O7N NDP I . -33.74 -7.74 -17.86
N7N NDP I . -35.66 -8.84 -17.59
C4N NDP I . -35.99 -9.11 -20.46
C5N NDP I . -35.97 -9.03 -21.91
C6N NDP I . -35.00 -8.30 -22.59
P2B NDP I . -41.11 -1.92 -30.64
O1X NDP I . -39.78 -2.55 -30.96
O2X NDP I . -42.14 -2.05 -31.74
O3X NDP I . -41.01 -0.53 -30.04
PA FAD J . -23.80 -17.80 -29.33
O1A FAD J . -22.87 -18.02 -28.16
O2A FAD J . -23.24 -17.37 -30.66
O5B FAD J . -24.88 -16.68 -28.90
C5B FAD J . -24.49 -15.32 -28.77
C4B FAD J . -25.31 -14.67 -27.67
O4B FAD J . -25.67 -15.67 -26.70
C3B FAD J . -24.51 -13.60 -26.96
O3B FAD J . -25.26 -12.38 -26.93
C2B FAD J . -24.30 -14.11 -25.55
O2B FAD J . -24.57 -13.08 -24.60
C1B FAD J . -25.28 -15.26 -25.39
N9A FAD J . -24.60 -16.41 -24.71
C8A FAD J . -23.88 -17.37 -25.31
N7A FAD J . -23.41 -18.26 -24.41
C5A FAD J . -23.83 -17.88 -23.20
C6A FAD J . -23.70 -18.38 -21.82
N6A FAD J . -22.99 -19.51 -21.54
N1A FAD J . -24.30 -17.69 -20.83
C2A FAD J . -25.01 -16.58 -21.08
N3A FAD J . -25.18 -16.06 -22.32
C4A FAD J . -24.62 -16.66 -23.39
N1 FAD J . -32.38 -19.01 -24.49
C2 FAD J . -33.42 -19.80 -24.86
O2 FAD J . -33.56 -20.10 -26.06
N3 FAD J . -34.31 -20.27 -23.97
C4 FAD J . -34.25 -19.99 -22.66
O4 FAD J . -35.09 -20.44 -21.86
C4X FAD J . -33.14 -19.13 -22.18
N5 FAD J . -33.00 -18.81 -20.88
C5X FAD J . -31.98 -18.02 -20.47
C6 FAD J . -31.87 -17.70 -19.12
C7 FAD J . -30.83 -16.91 -18.67
C7M FAD J . -30.72 -16.57 -17.20
C8 FAD J . -29.83 -16.38 -19.63
C8M FAD J . -28.70 -15.51 -19.15
C9 FAD J . -29.95 -16.68 -20.98
C9A FAD J . -30.98 -17.49 -21.44
N10 FAD J . -31.10 -17.83 -22.82
C10 FAD J . -32.18 -18.64 -23.21
C1' FAD J . -30.17 -17.35 -23.85
C2' FAD J . -28.77 -17.96 -23.73
O2' FAD J . -27.80 -16.94 -24.00
C3' FAD J . -28.53 -19.14 -24.65
O3' FAD J . -27.86 -20.17 -23.94
C4' FAD J . -27.69 -18.70 -25.84
O4' FAD J . -28.54 -18.12 -26.83
C5' FAD J . -26.90 -19.85 -26.46
O5' FAD J . -26.09 -19.29 -27.49
P FAD J . -25.07 -20.15 -28.39
O1P FAD J . -23.82 -20.43 -27.58
O2P FAD J . -25.81 -21.31 -29.01
O3P FAD J . -24.75 -19.09 -29.55
CA CA K . -49.58 -22.02 -58.38
CA CA L . -67.59 -30.45 -48.27
C1 NAG M . 68.62 19.02 -28.83
C2 NAG M . 70.05 19.48 -28.56
C3 NAG M . 70.81 19.63 -29.88
C4 NAG M . 70.72 18.34 -30.69
C5 NAG M . 69.26 17.94 -30.87
C6 NAG M . 69.10 16.61 -31.57
C7 NAG M . 70.70 20.86 -26.63
C8 NAG M . 70.61 22.22 -26.00
N2 NAG M . 70.07 20.73 -27.82
O3 NAG M . 72.17 19.94 -29.60
O4 NAG M . 71.32 18.54 -31.97
O5 NAG M . 68.63 17.82 -29.59
O6 NAG M . 67.74 16.26 -31.73
O7 NAG M . 71.30 19.94 -26.11
C1 NAG N . 71.02 10.06 -2.40
C2 NAG N . 71.73 9.23 -1.31
C3 NAG N . 72.82 10.07 -0.65
C4 NAG N . 73.77 10.64 -1.69
C5 NAG N . 72.98 11.41 -2.74
C6 NAG N . 73.85 11.92 -3.88
C7 NAG N . 70.50 7.45 -0.17
C8 NAG N . 69.49 7.12 0.90
N2 NAG N . 70.79 8.74 -0.33
O3 NAG N . 73.54 9.25 0.27
O4 NAG N . 74.70 11.53 -1.07
O5 NAG N . 71.99 10.56 -3.33
O6 NAG N . 73.06 12.31 -4.99
O7 NAG N . 71.03 6.58 -0.85
C1 NAG O . 70.94 -4.71 -30.51
C2 NAG O . 71.87 -5.06 -31.67
C3 NAG O . 72.66 -6.34 -31.34
C4 NAG O . 73.38 -6.20 -30.01
C5 NAG O . 72.38 -5.81 -28.92
C6 NAG O . 73.03 -5.56 -27.59
C7 NAG O . 71.38 -4.53 -34.01
C8 NAG O . 70.49 -4.83 -35.18
N2 NAG O . 71.12 -5.23 -32.90
O3 NAG O . 73.60 -6.57 -32.38
O4 NAG O . 74.00 -7.43 -29.66
O5 NAG O . 71.70 -4.60 -29.29
O6 NAG O . 72.37 -4.51 -26.88
O7 NAG O . 72.26 -3.70 -34.06
NA NA P . 53.27 21.19 -31.54
NA NA Q . 44.82 8.30 -8.73
C1 NAG R . 46.08 -13.84 13.14
C2 NAG R . 46.47 -15.21 12.57
C3 NAG R . 46.78 -16.19 13.70
C4 NAG R . 47.82 -15.61 14.64
C5 NAG R . 47.37 -14.24 15.15
C6 NAG R . 48.42 -13.56 15.99
C7 NAG R . 45.64 -16.05 10.41
C8 NAG R . 44.46 -16.58 9.67
N2 NAG R . 45.43 -15.73 11.70
O3 NAG R . 47.25 -17.41 13.15
O4 NAG R . 48.00 -16.49 15.75
O5 NAG R . 47.11 -13.38 14.03
O6 NAG R . 49.65 -13.42 15.30
O7 NAG R . 46.75 -15.92 9.89
C1 NAG S . 40.64 -1.17 26.55
C2 NAG S . 40.12 -0.64 27.88
C3 NAG S . 41.12 -0.94 29.00
C4 NAG S . 41.46 -2.42 29.03
C5 NAG S . 41.91 -2.89 27.65
C6 NAG S . 42.15 -4.37 27.58
C7 NAG S . 40.74 1.73 27.54
C8 NAG S . 40.22 3.15 27.52
N2 NAG S . 39.83 0.79 27.81
O3 NAG S . 40.55 -0.55 30.25
O4 NAG S . 42.48 -2.68 29.98
O5 NAG S . 40.92 -2.57 26.66
O6 NAG S . 40.98 -5.07 27.18
O7 NAG S . 41.92 1.47 27.32
CHA HEM T . -25.02 -4.00 19.90
CHB HEM T . -20.74 -1.72 19.51
CHC HEM T . -19.74 -2.94 24.09
CHD HEM T . -23.60 -5.86 24.16
C1A HEM T . -23.98 -3.25 19.40
C2A HEM T . -23.93 -2.59 18.10
C3A HEM T . -22.75 -1.96 18.00
C4A HEM T . -22.01 -2.20 19.22
CMA HEM T . -22.28 -1.13 16.79
CAA HEM T . -25.04 -2.60 17.03
CBA HEM T . -26.18 -1.68 17.44
CGA HEM T . -27.24 -1.68 16.37
O1A HEM T . -27.06 -2.39 15.35
O2A HEM T . -28.26 -0.95 16.54
C1B HEM T . -20.14 -1.78 20.74
C2B HEM T . -18.99 -1.01 21.18
C3B HEM T . -18.70 -1.36 22.44
C4B HEM T . -19.69 -2.34 22.85
CMB HEM T . -18.25 0.00 20.26
CAB HEM T . -17.60 -0.85 23.40
CBB HEM T . -16.85 0.24 23.18
C1C HEM T . -20.70 -3.83 24.53
C2C HEM T . -20.78 -4.42 25.85
C3C HEM T . -21.85 -5.24 25.88
C4C HEM T . -22.47 -5.18 24.57
CMC HEM T . -19.76 -4.11 26.97
CAC HEM T . -22.41 -6.12 27.02
CBC HEM T . -21.85 -6.24 28.24
C1D HEM T . -24.37 -5.57 23.05
C2D HEM T . -25.69 -6.07 22.76
C3D HEM T . -26.08 -5.57 21.58
C4D HEM T . -25.01 -4.72 21.08
CMD HEM T . -26.50 -7.03 23.65
CAD HEM T . -27.44 -5.85 20.90
CBD HEM T . -27.23 -6.61 19.60
CGD HEM T . -28.55 -6.88 18.94
O1D HEM T . -29.61 -6.55 19.56
O2D HEM T . -28.56 -7.42 17.81
NA HEM T . -22.79 -2.99 20.04
NB HEM T . -20.54 -2.58 21.80
NC HEM T . -21.74 -4.31 23.78
ND HEM T . -23.99 -4.75 22.00
FE HEM T . -22.22 -3.75 21.86
CHA HEM U . -3.22 6.71 20.93
CHB HEM U . -3.22 9.03 25.19
CHC HEM U . -7.38 6.84 26.41
CHD HEM U . -7.21 4.32 22.26
C1A HEM U . -2.88 7.57 21.95
C2A HEM U . -1.81 8.54 21.94
C3A HEM U . -1.82 9.18 23.11
C4A HEM U . -2.88 8.64 23.91
CMA HEM U . -0.84 10.31 23.52
CAA HEM U . -0.84 8.81 20.77
CBA HEM U . -1.61 9.57 19.70
CGA HEM U . -0.66 10.41 18.89
O1A HEM U . 0.56 10.10 18.87
O2A HEM U . -1.13 11.38 18.25
C1B HEM U . -4.35 8.65 25.89
C2B HEM U . -4.75 9.17 27.18
C3B HEM U . -5.91 8.57 27.53
C4B HEM U . -6.26 7.66 26.45
CMB HEM U . -3.94 10.22 27.96
CAB HEM U . -6.78 8.73 28.80
CBB HEM U . -6.50 9.55 29.83
C1C HEM U . -7.74 6.02 25.35
C2C HEM U . -9.02 5.38 25.17
C3C HEM U . -8.97 4.66 24.02
C4C HEM U . -7.66 4.86 23.45
CMC HEM U . -10.19 5.50 26.17
CAC HEM U . -10.04 3.78 23.32
CBC HEM U . -11.34 3.80 23.61
C1D HEM U . -6.17 4.78 21.51
C2D HEM U . -5.89 4.46 20.12
C3D HEM U . -4.79 5.12 19.75
C4D HEM U . -4.33 5.89 20.89
CMD HEM U . -6.73 3.51 19.24
CAD HEM U . -4.13 5.07 18.36
CBD HEM U . -4.87 6.00 17.42
CGD HEM U . -4.26 5.95 16.05
O1D HEM U . -4.82 6.58 15.11
O2D HEM U . -3.21 5.28 15.89
NA HEM U . -3.52 7.65 23.18
NB HEM U . -5.29 7.74 25.48
NC HEM U . -6.94 5.69 24.28
ND HEM U . -5.19 5.66 21.94
FE HEM U . -5.30 6.72 23.69
PA NDP V . -27.19 -29.96 25.23
O1A NDP V . -28.01 -29.45 26.39
O2A NDP V . -25.73 -30.33 25.44
O5B NDP V . -27.94 -31.23 24.59
C5B NDP V . -27.33 -31.91 23.50
C4B NDP V . -27.46 -33.41 23.67
O4B NDP V . -26.42 -34.03 22.92
C3B NDP V . -27.25 -33.77 25.13
O3B NDP V . -28.23 -34.74 25.54
C2B NDP V . -25.87 -34.39 25.20
O2B NDP V . -25.88 -35.52 26.08
C1B NDP V . -25.53 -34.78 23.77
N9A NDP V . -24.14 -34.37 23.49
C8A NDP V . -23.64 -33.14 23.65
N7A NDP V . -22.32 -33.09 23.31
C5A NDP V . -21.96 -34.33 22.92
C6A NDP V . -20.73 -34.98 22.44
N6A NDP V . -19.58 -34.28 22.31
N1A NDP V . -20.78 -36.30 22.14
C2A NDP V . -21.92 -37.00 22.28
N3A NDP V . -23.07 -36.48 22.71
C4A NDP V . -23.17 -35.18 23.05
O3 NDP V . -27.27 -28.89 24.04
PN NDP V . -26.67 -27.41 24.25
O1N NDP V . -27.79 -26.42 24.03
O2N NDP V . -25.86 -27.39 25.52
O5D NDP V . -25.65 -27.27 23.00
C5D NDP V . -24.29 -26.94 23.23
C4D NDP V . -23.76 -26.14 22.06
O4D NDP V . -24.11 -26.75 20.82
C3D NDP V . -24.34 -24.73 22.05
O3D NDP V . -23.33 -23.77 22.35
C2D NDP V . -24.87 -24.52 20.65
O2D NDP V . -24.29 -23.34 20.09
C1D NDP V . -24.43 -25.74 19.86
N1N NDP V . -25.53 -26.17 18.98
C2N NDP V . -25.38 -26.04 17.66
C3N NDP V . -26.37 -26.43 16.78
C7N NDP V . -26.16 -26.27 15.30
O7N NDP V . -25.16 -25.69 14.91
N7N NDP V . -27.07 -26.75 14.46
C4N NDP V . -27.68 -27.01 17.27
C5N NDP V . -27.70 -27.10 18.73
C6N NDP V . -26.65 -26.68 19.51
P2B NDP V . -24.91 -35.53 27.36
O1X NDP V . -24.79 -34.08 27.74
O2X NDP V . -25.63 -36.39 28.36
O3X NDP V . -23.63 -36.13 26.82
PA FAD W . -29.59 -12.49 26.64
O1A FAD W . -29.21 -11.53 25.55
O2A FAD W . -29.04 -12.27 28.04
O5B FAD W . -29.15 -13.97 26.19
C5B FAD W . -27.77 -14.32 26.15
C4B FAD W . -27.56 -15.31 25.01
O4B FAD W . -28.52 -15.07 23.98
C3B FAD W . -26.18 -15.16 24.41
O3B FAD W . -25.50 -16.43 24.38
C2B FAD W . -26.39 -14.65 23.01
O2B FAD W . -25.58 -15.38 22.08
C1B FAD W . -27.87 -14.88 22.72
N9A FAD W . -28.45 -13.69 22.04
C8A FAD W . -28.95 -12.61 22.66
N7A FAD W . -29.41 -11.71 21.76
C5A FAD W . -29.21 -12.22 20.53
C6A FAD W . -29.47 -11.78 19.15
N6A FAD W . -30.05 -10.58 18.88
N1A FAD W . -29.11 -12.62 18.15
C2A FAD W . -28.53 -13.81 18.39
N3A FAD W . -28.26 -14.27 19.62
C4A FAD W . -28.58 -13.53 20.72
N1 FAD W . -34.62 -19.01 21.12
C2 FAD W . -35.86 -19.51 21.38
O2 FAD W . -36.28 -19.52 22.55
N3 FAD W . -36.66 -20.00 20.40
C4 FAD W . -36.28 -20.02 19.12
O4 FAD W . -37.04 -20.48 18.24
C4X FAD W . -34.94 -19.50 18.77
N5 FAD W . -34.49 -19.49 17.50
C5X FAD W . -33.27 -19.00 17.20
C6 FAD W . -32.84 -19.01 15.87
C7 FAD W . -31.59 -18.52 15.53
C7M FAD W . -31.13 -18.53 14.10
C8 FAD W . -30.70 -17.97 16.59
C8M FAD W . -29.34 -17.44 16.23
C9 FAD W . -31.13 -17.97 17.91
C9A FAD W . -32.37 -18.46 18.26
N10 FAD W . -32.84 -18.45 19.61
C10 FAD W . -34.12 -18.98 19.87
C1' FAD W . -32.02 -17.94 20.73
C2' FAD W . -31.83 -16.42 20.68
O2' FAD W . -30.49 -16.13 21.07
C3' FAD W . -32.79 -15.66 21.58
O3' FAD W . -33.28 -14.51 20.87
C4' FAD W . -32.08 -15.21 22.84
O4' FAD W . -32.10 -16.28 23.79
C5' FAD W . -32.71 -13.97 23.46
O5' FAD W . -31.90 -13.61 24.57
P FAD W . -32.18 -12.32 25.51
O1P FAD W . -31.72 -11.08 24.78
O2P FAD W . -33.60 -12.38 26.03
O3P FAD W . -31.19 -12.65 26.73
CA CA X . -48.57 -33.63 53.46
CA CA Y . -64.21 -44.31 41.65
C1 NAG Z . 49.13 47.81 34.76
C2 NAG Z . 50.27 48.81 34.61
C3 NAG Z . 50.68 49.33 35.98
C4 NAG Z . 49.48 49.88 36.74
C5 NAG Z . 48.37 48.83 36.79
C6 NAG Z . 47.10 49.35 37.41
C7 NAG Z . 51.93 48.73 32.81
C8 NAG Z . 53.10 48.00 32.23
N2 NAG Z . 51.40 48.22 33.92
O3 NAG Z . 51.66 50.35 35.84
O4 NAG Z . 49.85 50.24 38.06
O5 NAG Z . 48.04 48.41 35.46
O6 NAG Z . 46.09 48.35 37.45
O7 NAG Z . 51.48 49.75 32.28
C1 NAG AA . 44.71 55.59 8.21
C2 NAG AA . 44.44 56.66 7.15
C3 NAG AA . 45.76 57.19 6.59
C4 NAG AA . 46.66 57.67 7.73
C5 NAG AA . 46.83 56.56 8.76
C6 NAG AA . 47.62 56.99 9.98
C7 NAG AA . 42.37 56.57 5.83
C8 NAG AA . 41.66 55.92 4.68
N2 NAG AA . 43.61 56.14 6.07
O3 NAG AA . 45.50 58.27 5.70
O4 NAG AA . 47.93 58.04 7.22
O5 NAG AA . 45.55 56.12 9.23
O6 NAG AA . 47.48 56.07 11.05
O7 NAG AA . 41.84 57.44 6.51
C1 NAG BA . 29.85 61.93 35.54
C2 NAG BA . 29.92 62.86 36.75
C3 NAG BA . 29.27 64.20 36.44
C4 NAG BA . 29.85 64.79 35.17
C5 NAG BA . 29.75 63.78 34.02
C6 NAG BA . 30.40 64.27 32.75
C7 NAG BA . 29.95 62.05 39.08
C8 NAG BA . 29.16 61.41 40.16
N2 NAG BA . 29.31 62.24 37.91
O3 NAG BA . 29.46 65.09 37.53
O4 NAG BA . 29.13 65.98 34.81
O5 NAG BA . 30.42 62.57 34.40
O6 NAG BA . 31.03 63.20 32.05
O7 NAG BA . 31.12 62.39 39.23
NA NA CA . 42.94 33.42 36.39
NA NA DA . 29.34 33.77 12.46
C1 NAG EA . 12.70 47.15 -10.21
C2 NAG EA . 11.69 48.17 -9.68
C3 NAG EA . 11.08 48.97 -10.82
C4 NAG EA . 12.18 49.60 -11.66
C5 NAG EA . 13.17 48.54 -12.13
C6 NAG EA . 14.36 49.12 -12.87
C7 NAG EA . 10.37 47.79 -7.64
C8 NAG EA . 9.26 47.01 -7.01
N2 NAG EA . 10.65 47.50 -8.92
O3 NAG EA . 10.23 49.97 -10.29
O4 NAG EA . 11.62 50.26 -12.79
O5 NAG EA . 13.69 47.83 -11.00
O6 NAG EA . 15.04 50.07 -12.08
O7 NAG EA . 11.01 48.64 -7.02
C1 NAG FA . 21.81 36.53 -23.43
C2 NAG FA . 22.11 35.87 -24.77
C3 NAG FA . 22.45 36.93 -25.82
C4 NAG FA . 21.34 37.98 -25.88
C5 NAG FA . 21.08 38.56 -24.50
C6 NAG FA . 19.91 39.52 -24.47
C7 NAG FA . 24.43 35.16 -24.26
C8 NAG FA . 25.37 34.01 -24.20
N2 NAG FA . 23.18 34.89 -24.65
O3 NAG FA . 22.59 36.30 -27.08
O4 NAG FA . 21.73 39.02 -26.77
O5 NAG FA . 20.76 37.50 -23.58
O6 NAG FA . 18.70 38.84 -24.20
O7 NAG FA . 24.79 36.31 -23.96
#